data_6DFT
#
_entry.id   6DFT
#
_cell.length_a   64.358
_cell.length_b   242.162
_cell.length_c   266.303
_cell.angle_alpha   90.000
_cell.angle_beta   90.000
_cell.angle_gamma   90.000
#
_symmetry.space_group_name_H-M   'P 21 21 21'
#
loop_
_entity.id
_entity.type
_entity.pdbx_description
1 polymer 'Deoxyhypusine synthase'
2 polymer 'Deoxyhypusine synthase regulatory subunit'
3 non-polymer 'SODIUM ION'
4 non-polymer NICOTINAMIDE-ADENINE-DINUCLEOTIDE
#
loop_
_entity_poly.entity_id
_entity_poly.type
_entity_poly.pdbx_seq_one_letter_code
_entity_poly.pdbx_strand_id
1 'polypeptide(L)'
;MAELAKSAVLVSSCTDDLLGDAKQVVVGPNQEDLHSAEAVLNRYSTVGFQASNLARAFSICEMMLTPQSPSPSLMPTEGD
QASESPVMVQPTLFVGVTANLFGTGCREAIRFLCTECVPLPNGVEPATPLDDMAGISCDGTGALKPSPCDSRALIHVLVV
SGGAMEHDIRRACESYKLSRDGAEEEGEQFHHPVERDRSRSKGTDCHFGNVRYNSSGVASRNLFSCVMRCLVKRLAEAQR
KEKANREAAPIPEAYYDVCSWAITPSTLWYMAGLWMADIFTEALQETGEVTDEKVASEEGLKRAKSTVLYWAARNGVPIF
SPSLTDGDIMEFILTAGDTGVPLLQLDLVADIHRLNRLAMRSRRTGMMILGGGVVKHHVCNANLMRNGADYAVFLNNAQE
FDGSDAGARPGEAVSWGKLRLDSTAVKVYSEVTIVFPLIVVHVFVAWVRMMRSKGKENIRS
;
A,C,E,G,I,K
2 'polypeptide(L)'
;MSGVPFPSRVIGDLDYSNLLNIGQEEAIRCVLNAYPNIGLEATNLGRARRIVQRALNDNGMDGNKVMLAYTSNLISSGLR
DTFACLARENRIGAVVTTAGGVEEDVIKCLGDTLVGDFALNDHALRNNGLNRVGNLLVPNDNYRNFEDFFVPLLRRLHEQ
QRDSRWTTKTTPSQIIAEIGAALESVRPNDCGSSLIYWCYRNDIPVFSPAFTDGSMGDMIYFYNYSRKGLVVDPVPDVRR
LRQLGCKSTNVGRITCIVLGAGLPKHHLLRNVQADAVVYVTTGSDADGCESSCNVMADRANGLLSPNCDVVRVHGDATII
SPLLLLRSSDGKEKVGVREDGN
;
B,D,F,H,J,L
#
loop_
_chem_comp.id
_chem_comp.type
_chem_comp.name
_chem_comp.formula
NA non-polymer 'SODIUM ION' 'Na 1'
NAD non-polymer NICOTINAMIDE-ADENINE-DINUCLEOTIDE 'C21 H27 N7 O14 P2'
#
# COMPACT_ATOMS: atom_id res chain seq x y z
N ASP A 21 -44.16 -29.69 -22.50
CA ASP A 21 -43.35 -28.76 -21.71
C ASP A 21 -42.01 -29.38 -21.30
N ALA A 22 -41.06 -29.40 -22.22
CA ALA A 22 -39.69 -29.79 -21.93
C ALA A 22 -38.82 -28.55 -21.87
N LYS A 23 -37.93 -28.50 -20.89
CA LYS A 23 -37.15 -27.29 -20.65
C LYS A 23 -35.71 -27.65 -20.32
N GLN A 24 -34.78 -26.92 -20.94
CA GLN A 24 -33.34 -27.08 -20.71
C GLN A 24 -32.89 -26.18 -19.56
N VAL A 25 -31.73 -26.50 -19.00
CA VAL A 25 -31.18 -25.74 -17.88
C VAL A 25 -30.21 -24.70 -18.41
N VAL A 26 -30.04 -23.63 -17.64
CA VAL A 26 -29.19 -22.51 -18.03
C VAL A 26 -27.79 -22.77 -17.50
N VAL A 27 -26.85 -23.04 -18.40
CA VAL A 27 -25.45 -23.24 -18.07
C VAL A 27 -24.60 -22.52 -19.11
N GLY A 28 -23.60 -21.78 -18.64
CA GLY A 28 -22.73 -21.04 -19.52
C GLY A 28 -21.35 -21.66 -19.63
N PRO A 29 -20.44 -20.97 -20.35
CA PRO A 29 -19.08 -21.51 -20.57
C PRO A 29 -18.41 -22.00 -19.30
N ASN A 30 -18.14 -23.31 -19.26
CA ASN A 30 -17.67 -23.99 -18.08
C ASN A 30 -16.18 -23.68 -17.85
N GLN A 31 -15.64 -24.28 -16.79
CA GLN A 31 -14.20 -24.23 -16.56
C GLN A 31 -13.44 -24.90 -17.69
N GLU A 32 -13.94 -26.04 -18.18
CA GLU A 32 -13.19 -26.89 -19.10
C GLU A 32 -13.38 -26.53 -20.57
N ASP A 33 -14.29 -25.59 -20.89
CA ASP A 33 -14.58 -25.24 -22.26
C ASP A 33 -14.36 -23.75 -22.56
N LEU A 34 -13.59 -23.06 -21.71
CA LEU A 34 -13.08 -21.73 -22.04
C LEU A 34 -11.71 -21.79 -22.70
N HIS A 35 -11.23 -22.99 -23.02
CA HIS A 35 -9.96 -23.18 -23.71
C HIS A 35 -10.14 -23.55 -25.18
N SER A 36 -11.38 -23.70 -25.65
CA SER A 36 -11.66 -24.03 -27.04
C SER A 36 -12.88 -23.25 -27.50
N ALA A 37 -12.71 -22.49 -28.59
CA ALA A 37 -13.83 -21.71 -29.13
C ALA A 37 -14.96 -22.59 -29.64
N GLU A 38 -14.67 -23.85 -29.99
CA GLU A 38 -15.72 -24.73 -30.47
C GLU A 38 -16.77 -24.98 -29.41
N ALA A 39 -16.33 -25.21 -28.16
CA ALA A 39 -17.28 -25.53 -27.10
C ALA A 39 -17.94 -24.29 -26.52
N VAL A 40 -17.30 -23.13 -26.63
CA VAL A 40 -17.95 -21.88 -26.25
C VAL A 40 -19.16 -21.63 -27.14
N LEU A 41 -18.95 -21.66 -28.46
CA LEU A 41 -20.04 -21.45 -29.40
C LEU A 41 -21.09 -22.54 -29.31
N ASN A 42 -20.68 -23.77 -28.97
CA ASN A 42 -21.65 -24.85 -28.81
C ASN A 42 -22.54 -24.61 -27.60
N ARG A 43 -21.97 -24.10 -26.51
CA ARG A 43 -22.74 -23.86 -25.30
C ARG A 43 -23.56 -22.58 -25.35
N TYR A 44 -23.42 -21.79 -26.43
CA TYR A 44 -24.26 -20.60 -26.61
C TYR A 44 -25.74 -20.92 -26.55
N SER A 45 -26.12 -22.18 -26.75
CA SER A 45 -27.53 -22.56 -26.71
C SER A 45 -28.11 -22.37 -25.30
N THR A 46 -27.36 -22.74 -24.27
CA THR A 46 -27.87 -22.76 -22.91
C THR A 46 -27.37 -21.59 -22.07
N VAL A 47 -26.76 -20.58 -22.69
CA VAL A 47 -26.35 -19.40 -21.93
C VAL A 47 -27.58 -18.55 -21.61
N GLY A 48 -28.23 -18.04 -22.64
CA GLY A 48 -29.45 -17.27 -22.46
C GLY A 48 -29.57 -16.04 -23.35
N PHE A 49 -30.72 -15.36 -23.25
CA PHE A 49 -30.99 -14.11 -23.94
C PHE A 49 -30.75 -14.23 -25.44
N GLN A 50 -29.80 -13.47 -25.99
CA GLN A 50 -29.62 -13.40 -27.43
C GLN A 50 -28.50 -14.31 -27.94
N ALA A 51 -27.72 -14.95 -27.07
CA ALA A 51 -26.79 -15.96 -27.55
C ALA A 51 -27.50 -17.25 -27.91
N SER A 52 -28.64 -17.51 -27.28
CA SER A 52 -29.47 -18.65 -27.68
C SER A 52 -30.11 -18.39 -29.04
N ASN A 53 -30.47 -17.14 -29.33
CA ASN A 53 -30.95 -16.79 -30.65
C ASN A 53 -29.86 -17.01 -31.70
N LEU A 54 -28.61 -16.71 -31.35
CA LEU A 54 -27.51 -17.02 -32.25
C LEU A 54 -27.32 -18.52 -32.40
N ALA A 55 -27.57 -19.27 -31.33
CA ALA A 55 -27.46 -20.73 -31.41
C ALA A 55 -28.48 -21.30 -32.37
N ARG A 56 -29.71 -20.76 -32.36
CA ARG A 56 -30.68 -21.14 -33.38
C ARG A 56 -30.18 -20.76 -34.77
N ALA A 57 -29.67 -19.53 -34.91
CA ALA A 57 -29.14 -19.07 -36.20
C ALA A 57 -28.09 -20.04 -36.73
N PHE A 58 -27.28 -20.62 -35.86
CA PHE A 58 -26.36 -21.67 -36.26
C PHE A 58 -27.12 -22.86 -36.83
N SER A 59 -28.19 -23.27 -36.15
CA SER A 59 -28.90 -24.49 -36.53
C SER A 59 -29.71 -24.30 -37.81
N ILE A 60 -30.47 -23.20 -37.89
CA ILE A 60 -31.29 -22.96 -39.08
C ILE A 60 -30.40 -22.85 -40.32
N CYS A 61 -29.24 -22.23 -40.18
CA CYS A 61 -28.29 -22.18 -41.30
C CYS A 61 -27.83 -23.58 -41.69
N GLU A 62 -27.59 -24.44 -40.69
CA GLU A 62 -27.21 -25.81 -40.99
C GLU A 62 -28.32 -26.56 -41.71
N MET A 63 -29.58 -26.24 -41.37
CA MET A 63 -30.69 -26.83 -42.10
C MET A 63 -30.75 -26.30 -43.53
N MET A 64 -30.46 -25.01 -43.73
CA MET A 64 -30.47 -24.42 -45.05
C MET A 64 -29.45 -25.06 -45.98
N LEU A 65 -28.40 -25.67 -45.43
CA LEU A 65 -27.39 -26.36 -46.22
C LEU A 65 -27.61 -27.86 -46.29
N THR A 66 -28.67 -28.37 -45.68
CA THR A 66 -28.93 -29.81 -45.64
C THR A 66 -29.91 -30.21 -46.74
N PRO A 67 -29.64 -31.29 -47.49
CA PRO A 67 -30.57 -31.69 -48.55
C PRO A 67 -31.87 -32.24 -48.00
N GLN A 68 -32.98 -31.55 -48.21
CA GLN A 68 -34.25 -31.90 -47.58
C GLN A 68 -35.30 -32.21 -48.64
N SER A 69 -36.47 -32.58 -48.14
CA SER A 69 -37.60 -32.93 -48.97
C SER A 69 -38.23 -31.65 -49.53
N PRO A 70 -39.16 -31.77 -50.49
CA PRO A 70 -39.85 -30.57 -50.99
C PRO A 70 -40.68 -29.88 -49.93
N SER A 71 -41.33 -28.78 -50.31
CA SER A 71 -42.08 -27.98 -49.35
C SER A 71 -43.28 -28.77 -48.83
N PRO A 72 -43.46 -28.86 -47.51
CA PRO A 72 -44.68 -29.49 -46.97
C PRO A 72 -45.92 -28.76 -47.43
N SER A 73 -46.56 -29.28 -48.47
CA SER A 73 -47.72 -28.63 -49.08
C SER A 73 -49.02 -29.33 -48.70
N VAL A 87 -37.58 -37.46 -53.05
CA VAL A 87 -37.17 -36.40 -53.95
C VAL A 87 -36.53 -35.27 -53.16
N MET A 88 -35.25 -35.42 -52.85
CA MET A 88 -34.56 -34.47 -52.00
C MET A 88 -33.96 -33.32 -52.81
N VAL A 89 -33.94 -32.13 -52.22
CA VAL A 89 -33.51 -30.92 -52.90
C VAL A 89 -32.50 -30.18 -52.02
N GLN A 90 -31.63 -29.39 -52.69
CA GLN A 90 -30.70 -28.52 -52.00
C GLN A 90 -31.31 -27.13 -51.95
N PRO A 91 -31.73 -26.65 -50.77
CA PRO A 91 -32.50 -25.40 -50.71
C PRO A 91 -31.75 -24.24 -51.34
N THR A 92 -32.50 -23.38 -52.02
CA THR A 92 -31.93 -22.16 -52.59
C THR A 92 -31.85 -21.08 -51.51
N LEU A 93 -30.67 -20.48 -51.37
CA LEU A 93 -30.39 -19.56 -50.28
C LEU A 93 -30.49 -18.12 -50.77
N PHE A 94 -31.41 -17.36 -50.17
CA PHE A 94 -31.56 -15.94 -50.44
C PHE A 94 -30.79 -15.19 -49.37
N VAL A 95 -29.65 -14.61 -49.73
CA VAL A 95 -28.84 -13.85 -48.80
C VAL A 95 -29.06 -12.36 -49.06
N GLY A 96 -29.17 -11.59 -47.98
CA GLY A 96 -29.40 -10.16 -48.09
C GLY A 96 -28.39 -9.36 -47.30
N VAL A 97 -27.77 -8.37 -47.94
CA VAL A 97 -26.68 -7.60 -47.34
C VAL A 97 -26.98 -6.12 -47.51
N THR A 98 -26.84 -5.36 -46.42
CA THR A 98 -26.92 -3.91 -46.52
C THR A 98 -25.58 -3.35 -47.02
N ALA A 99 -25.63 -2.12 -47.51
CA ALA A 99 -24.52 -1.58 -48.31
C ALA A 99 -23.24 -1.45 -47.50
N ASN A 100 -23.32 -0.80 -46.34
CA ASN A 100 -22.11 -0.46 -45.59
C ASN A 100 -21.34 -1.68 -45.10
N LEU A 101 -21.95 -2.86 -45.10
CA LEU A 101 -21.27 -4.06 -44.64
C LEU A 101 -20.16 -4.52 -45.59
N PHE A 102 -20.19 -4.08 -46.84
CA PHE A 102 -19.07 -4.40 -47.73
C PHE A 102 -17.84 -3.59 -47.40
N GLY A 103 -17.95 -2.54 -46.57
CA GLY A 103 -16.78 -1.85 -46.10
C GLY A 103 -16.06 -2.61 -45.00
N THR A 104 -16.79 -3.32 -44.14
CA THR A 104 -16.19 -4.09 -43.07
C THR A 104 -15.86 -5.49 -43.56
N GLY A 105 -15.30 -6.32 -42.65
CA GLY A 105 -14.86 -7.65 -42.95
C GLY A 105 -15.92 -8.63 -43.40
N CYS A 106 -17.19 -8.25 -43.37
CA CYS A 106 -18.22 -9.17 -43.86
C CYS A 106 -18.08 -9.42 -45.35
N ARG A 107 -17.47 -8.47 -46.08
CA ARG A 107 -17.16 -8.67 -47.49
C ARG A 107 -16.32 -9.94 -47.69
N GLU A 108 -15.41 -10.21 -46.76
CA GLU A 108 -14.60 -11.42 -46.84
C GLU A 108 -15.45 -12.67 -46.68
N ALA A 109 -16.42 -12.64 -45.75
CA ALA A 109 -17.24 -13.82 -45.51
C ALA A 109 -18.25 -14.05 -46.63
N ILE A 110 -18.86 -12.96 -47.13
CA ILE A 110 -19.77 -13.08 -48.27
C ILE A 110 -19.02 -13.62 -49.48
N ARG A 111 -17.78 -13.19 -49.66
CA ARG A 111 -16.96 -13.69 -50.76
C ARG A 111 -16.76 -15.20 -50.65
N PHE A 112 -16.56 -15.70 -49.43
CA PHE A 112 -16.47 -17.15 -49.24
C PHE A 112 -17.74 -17.85 -49.67
N LEU A 113 -18.90 -17.27 -49.32
CA LEU A 113 -20.18 -17.88 -49.69
C LEU A 113 -20.34 -17.96 -51.20
N CYS A 114 -19.74 -17.03 -51.94
CA CYS A 114 -19.83 -17.02 -53.39
C CYS A 114 -18.68 -17.77 -54.05
N THR A 115 -17.61 -18.07 -53.33
CA THR A 115 -16.43 -18.68 -53.92
C THR A 115 -16.48 -20.21 -53.90
N GLU A 116 -16.66 -20.80 -52.72
CA GLU A 116 -16.57 -22.24 -52.59
C GLU A 116 -17.73 -22.94 -53.29
N CYS A 117 -17.41 -24.00 -54.03
CA CYS A 117 -18.38 -24.75 -54.83
C CYS A 117 -18.25 -26.23 -54.48
N VAL A 118 -19.08 -26.71 -53.56
CA VAL A 118 -19.16 -28.14 -53.26
C VAL A 118 -20.28 -28.72 -54.13
N PRO A 119 -20.04 -29.82 -54.82
CA PRO A 119 -21.06 -30.36 -55.73
C PRO A 119 -22.19 -31.04 -54.97
N LEU A 120 -23.31 -31.16 -55.67
CA LEU A 120 -24.48 -31.80 -55.09
C LEU A 120 -24.23 -33.30 -54.91
N PRO A 121 -24.65 -33.88 -53.79
CA PRO A 121 -24.48 -35.33 -53.59
C PRO A 121 -25.30 -36.18 -54.54
N ASN A 122 -25.55 -37.44 -54.16
CA ASN A 122 -26.21 -38.41 -55.03
C ASN A 122 -27.68 -38.51 -54.67
N GLY A 123 -28.54 -38.02 -55.55
CA GLY A 123 -29.98 -38.07 -55.33
C GLY A 123 -30.54 -36.78 -54.78
N VAL A 124 -30.05 -35.66 -55.31
CA VAL A 124 -30.43 -34.32 -54.87
C VAL A 124 -30.48 -33.40 -56.08
N GLU A 125 -31.60 -32.73 -56.26
CA GLU A 125 -31.75 -31.74 -57.32
C GLU A 125 -31.61 -30.34 -56.75
N PRO A 126 -31.19 -29.37 -57.57
CA PRO A 126 -31.27 -27.97 -57.15
C PRO A 126 -32.73 -27.61 -56.85
N ALA A 127 -32.93 -26.93 -55.73
CA ALA A 127 -34.29 -26.63 -55.28
C ALA A 127 -35.07 -25.88 -56.35
N THR A 128 -34.40 -25.00 -57.10
CA THR A 128 -35.02 -24.38 -58.27
C THR A 128 -34.71 -25.23 -59.50
N PRO A 129 -35.68 -25.95 -60.05
CA PRO A 129 -35.41 -26.74 -61.26
C PRO A 129 -35.08 -25.82 -62.42
N LEU A 130 -33.90 -26.03 -63.01
CA LEU A 130 -33.35 -25.10 -63.98
C LEU A 130 -34.32 -24.88 -65.14
N ASP A 131 -34.41 -23.63 -65.59
CA ASP A 131 -35.34 -23.24 -66.64
C ASP A 131 -35.10 -24.01 -67.93
N ALA A 143 -23.32 -7.09 -77.00
CA ALA A 143 -24.61 -7.47 -76.44
C ALA A 143 -24.59 -7.34 -74.92
N LEU A 144 -25.76 -7.52 -74.31
CA LEU A 144 -25.93 -7.39 -72.86
C LEU A 144 -26.36 -8.75 -72.32
N LYS A 145 -25.38 -9.64 -72.14
CA LYS A 145 -25.64 -10.98 -71.64
C LYS A 145 -26.28 -10.91 -70.25
N PRO A 146 -27.48 -11.46 -70.05
CA PRO A 146 -28.14 -11.34 -68.75
C PRO A 146 -27.45 -12.17 -67.67
N SER A 147 -28.03 -12.17 -66.46
CA SER A 147 -27.41 -12.85 -65.33
C SER A 147 -27.83 -14.31 -65.29
N PRO A 148 -26.88 -15.25 -65.26
CA PRO A 148 -27.24 -16.65 -65.08
C PRO A 148 -27.61 -16.94 -63.63
N CYS A 149 -28.64 -17.77 -63.46
CA CYS A 149 -29.16 -18.08 -62.13
C CYS A 149 -28.84 -19.51 -61.70
N ASP A 150 -27.79 -20.10 -62.26
CA ASP A 150 -27.31 -21.43 -61.85
C ASP A 150 -26.15 -21.21 -60.90
N SER A 151 -26.41 -21.30 -59.60
CA SER A 151 -25.40 -21.04 -58.58
C SER A 151 -24.76 -22.37 -58.16
N ARG A 152 -23.46 -22.49 -58.40
CA ARG A 152 -22.71 -23.68 -58.03
C ARG A 152 -22.11 -23.58 -56.63
N ALA A 153 -22.44 -22.53 -55.88
CA ALA A 153 -21.79 -22.23 -54.61
C ALA A 153 -22.73 -22.46 -53.44
N LEU A 154 -22.34 -21.92 -52.28
CA LEU A 154 -23.10 -22.15 -51.05
C LEU A 154 -24.42 -21.38 -51.06
N ILE A 155 -24.39 -20.12 -51.49
CA ILE A 155 -25.58 -19.31 -51.62
C ILE A 155 -25.99 -19.29 -53.08
N HIS A 156 -27.24 -18.90 -53.33
CA HIS A 156 -27.81 -18.99 -54.67
C HIS A 156 -28.28 -17.66 -55.25
N VAL A 157 -28.59 -16.67 -54.42
CA VAL A 157 -29.01 -15.36 -54.91
C VAL A 157 -28.69 -14.33 -53.84
N LEU A 158 -28.27 -13.14 -54.29
CA LEU A 158 -27.73 -12.13 -53.38
C LEU A 158 -28.39 -10.79 -53.70
N VAL A 159 -29.17 -10.27 -52.74
CA VAL A 159 -29.82 -8.97 -52.86
C VAL A 159 -29.08 -7.98 -51.96
N VAL A 160 -28.82 -6.78 -52.48
CA VAL A 160 -28.09 -5.75 -51.76
C VAL A 160 -28.75 -4.40 -52.01
N SER A 161 -28.39 -3.43 -51.17
CA SER A 161 -28.90 -2.07 -51.28
C SER A 161 -28.00 -1.26 -52.22
N GLY A 162 -28.41 -0.02 -52.47
CA GLY A 162 -27.63 0.86 -53.31
C GLY A 162 -26.36 1.32 -52.62
N GLY A 163 -25.27 1.39 -53.38
CA GLY A 163 -23.98 1.73 -52.83
C GLY A 163 -23.22 0.56 -52.24
N ALA A 164 -23.75 -0.65 -52.34
CA ALA A 164 -23.11 -1.83 -51.74
C ALA A 164 -21.90 -2.27 -52.57
N MET A 165 -22.14 -2.76 -53.79
CA MET A 165 -21.06 -3.26 -54.63
C MET A 165 -20.05 -2.16 -54.97
N GLU A 166 -20.43 -0.90 -54.84
CA GLU A 166 -19.47 0.18 -54.95
C GLU A 166 -18.39 0.08 -53.88
N HIS A 167 -18.81 -0.24 -52.65
CA HIS A 167 -17.84 -0.40 -51.55
C HIS A 167 -16.88 -1.55 -51.84
N ASP A 168 -17.37 -2.62 -52.47
CA ASP A 168 -16.51 -3.74 -52.80
C ASP A 168 -15.41 -3.32 -53.76
N ILE A 169 -15.79 -2.62 -54.84
CA ILE A 169 -14.81 -2.20 -55.83
C ILE A 169 -13.81 -1.23 -55.23
N ARG A 170 -14.29 -0.26 -54.44
CA ARG A 170 -13.38 0.72 -53.86
C ARG A 170 -12.55 0.16 -52.71
N ARG A 171 -12.71 -1.11 -52.36
CA ARG A 171 -11.87 -1.74 -51.34
C ARG A 171 -10.79 -2.62 -51.96
N ALA A 172 -10.73 -2.72 -53.28
CA ALA A 172 -9.56 -3.21 -53.96
C ALA A 172 -8.73 -2.08 -54.57
N CYS A 173 -9.32 -0.90 -54.73
CA CYS A 173 -8.60 0.27 -55.18
C CYS A 173 -7.94 1.03 -54.04
N GLU A 174 -8.45 0.89 -52.82
CA GLU A 174 -7.91 1.57 -51.65
C GLU A 174 -7.92 0.59 -50.47
N SER A 175 -7.70 1.13 -49.27
CA SER A 175 -7.74 0.35 -48.03
C SER A 175 -8.44 1.17 -46.96
N TYR A 176 -9.45 0.57 -46.33
CA TYR A 176 -10.25 1.28 -45.34
C TYR A 176 -9.49 1.41 -44.03
N LYS A 177 -9.46 2.63 -43.49
CA LYS A 177 -8.82 2.92 -42.22
C LYS A 177 -9.87 3.11 -41.13
N LEU A 178 -9.49 2.76 -39.91
CA LEU A 178 -10.40 2.84 -38.77
C LEU A 178 -10.06 4.04 -37.90
N SER A 179 -11.08 4.52 -37.18
CA SER A 179 -10.93 5.68 -36.30
C SER A 179 -9.95 5.40 -35.17
N GLY A 203 -9.17 15.37 -51.46
CA GLY A 203 -9.78 14.09 -51.15
C GLY A 203 -10.21 13.95 -49.70
N THR A 204 -11.39 14.48 -49.39
CA THR A 204 -11.91 14.40 -48.04
C THR A 204 -12.33 12.97 -47.70
N ASP A 205 -12.14 12.61 -46.44
CA ASP A 205 -12.41 11.26 -45.98
C ASP A 205 -13.86 11.11 -45.53
N CYS A 206 -14.47 10.00 -45.93
CA CYS A 206 -15.85 9.68 -45.58
C CYS A 206 -15.90 8.79 -44.34
N HIS A 207 -17.05 8.81 -43.68
CA HIS A 207 -17.29 8.02 -42.48
C HIS A 207 -18.58 7.23 -42.63
N PHE A 208 -18.53 5.94 -42.32
CA PHE A 208 -19.73 5.14 -42.12
C PHE A 208 -19.66 4.41 -40.79
N GLY A 209 -19.38 5.16 -39.73
CA GLY A 209 -19.31 4.61 -38.39
C GLY A 209 -17.91 4.54 -37.85
N ASN A 210 -17.49 3.34 -37.44
CA ASN A 210 -16.15 3.14 -36.91
C ASN A 210 -15.08 3.23 -38.00
N VAL A 211 -15.48 3.16 -39.27
CA VAL A 211 -14.54 3.04 -40.38
C VAL A 211 -14.50 4.34 -41.17
N ARG A 212 -13.37 4.58 -41.82
CA ARG A 212 -13.18 5.70 -42.73
C ARG A 212 -12.62 5.20 -44.04
N TYR A 213 -13.01 5.86 -45.14
CA TYR A 213 -12.41 5.65 -46.44
C TYR A 213 -12.26 6.99 -47.14
N ASN A 214 -11.55 6.98 -48.26
CA ASN A 214 -11.29 8.18 -49.04
C ASN A 214 -12.20 8.22 -50.26
N SER A 215 -12.91 9.32 -50.42
CA SER A 215 -13.81 9.53 -51.56
C SER A 215 -13.31 10.73 -52.34
N SER A 216 -12.62 10.48 -53.45
CA SER A 216 -12.08 11.54 -54.29
C SER A 216 -13.12 11.96 -55.31
N GLY A 217 -12.73 12.88 -56.20
CA GLY A 217 -13.66 13.42 -57.18
C GLY A 217 -14.16 12.36 -58.14
N VAL A 218 -15.29 12.68 -58.78
CA VAL A 218 -15.90 11.75 -59.73
C VAL A 218 -15.00 11.57 -60.95
N ALA A 219 -14.37 12.64 -61.41
CA ALA A 219 -13.44 12.60 -62.52
C ALA A 219 -11.99 12.68 -62.07
N SER A 220 -11.69 12.18 -60.87
CA SER A 220 -10.35 12.21 -60.34
C SER A 220 -9.48 11.13 -60.98
N ARG A 221 -8.19 11.18 -60.68
CA ARG A 221 -7.24 10.16 -61.13
C ARG A 221 -7.06 9.05 -60.11
N ASN A 222 -7.89 9.02 -59.08
CA ASN A 222 -7.88 7.90 -58.14
C ASN A 222 -8.14 6.59 -58.88
N LEU A 223 -7.48 5.53 -58.42
CA LEU A 223 -7.69 4.21 -59.02
C LEU A 223 -9.16 3.84 -59.00
N PHE A 224 -9.86 4.18 -57.92
CA PHE A 224 -11.29 3.87 -57.82
C PHE A 224 -12.09 4.64 -58.87
N SER A 225 -11.82 5.93 -59.01
CA SER A 225 -12.57 6.75 -59.97
C SER A 225 -12.34 6.26 -61.40
N CYS A 226 -11.13 5.78 -61.69
CA CYS A 226 -10.85 5.27 -63.03
C CYS A 226 -11.60 3.97 -63.30
N VAL A 227 -11.63 3.07 -62.31
CA VAL A 227 -12.30 1.78 -62.49
C VAL A 227 -13.78 1.98 -62.80
N MET A 228 -14.46 2.79 -61.98
CA MET A 228 -15.91 2.95 -62.09
C MET A 228 -16.29 4.12 -62.98
N ARG A 229 -15.44 4.50 -63.92
CA ARG A 229 -15.82 5.21 -65.13
C ARG A 229 -15.67 4.35 -66.36
N CYS A 230 -14.55 3.62 -66.47
CA CYS A 230 -14.42 2.60 -67.51
C CYS A 230 -15.54 1.59 -67.42
N LEU A 231 -16.05 1.33 -66.21
CA LEU A 231 -17.23 0.49 -66.07
C LEU A 231 -18.45 1.17 -66.68
N VAL A 232 -18.67 2.45 -66.35
CA VAL A 232 -19.80 3.18 -66.91
C VAL A 232 -19.65 3.33 -68.41
N LYS A 233 -18.44 3.63 -68.88
CA LYS A 233 -18.21 3.76 -70.32
C LYS A 233 -18.44 2.44 -71.04
N ARG A 234 -17.97 1.33 -70.46
CA ARG A 234 -18.21 0.03 -71.07
C ARG A 234 -19.70 -0.28 -71.14
N LEU A 235 -20.45 0.04 -70.08
CA LEU A 235 -21.89 -0.20 -70.08
C LEU A 235 -22.58 0.70 -71.10
N ALA A 236 -22.16 1.97 -71.19
CA ALA A 236 -22.79 2.89 -72.12
C ALA A 236 -22.58 2.47 -73.56
N GLU A 237 -21.36 2.01 -73.89
CA GLU A 237 -21.08 1.58 -75.24
C GLU A 237 -21.75 0.25 -75.56
N ALA A 238 -21.88 -0.63 -74.58
CA ALA A 238 -22.59 -1.89 -74.79
C ALA A 238 -24.08 -1.65 -74.95
N GLN A 239 -24.65 -0.71 -74.19
CA GLN A 239 -26.05 -0.36 -74.35
C GLN A 239 -26.30 0.28 -75.71
N ARG A 240 -25.34 1.08 -76.19
CA ARG A 240 -25.48 1.70 -77.51
C ARG A 240 -25.46 0.65 -78.61
N LYS A 241 -24.64 -0.39 -78.45
CA LYS A 241 -24.59 -1.45 -79.46
C LYS A 241 -25.91 -2.20 -79.55
N GLU A 242 -26.47 -2.58 -78.40
CA GLU A 242 -27.75 -3.30 -78.41
C GLU A 242 -28.87 -2.42 -78.91
N LYS A 243 -28.82 -1.11 -78.63
CA LYS A 243 -29.84 -0.20 -79.14
C LYS A 243 -29.75 -0.08 -80.66
N ALA A 244 -28.53 -0.03 -81.19
CA ALA A 244 -28.36 0.10 -82.64
C ALA A 244 -28.80 -1.16 -83.37
N ASN A 245 -28.59 -2.34 -82.77
CA ASN A 245 -28.96 -3.57 -83.45
C ASN A 245 -30.47 -3.75 -83.50
N ARG A 246 -31.17 -3.38 -82.42
CA ARG A 246 -32.63 -3.42 -82.42
C ARG A 246 -33.24 -2.22 -83.13
N GLU A 247 -32.45 -1.21 -83.47
CA GLU A 247 -32.96 -0.14 -84.32
C GLU A 247 -33.04 -0.57 -85.78
N ALA A 248 -32.04 -1.34 -86.24
CA ALA A 248 -32.01 -1.83 -87.61
C ALA A 248 -33.00 -2.97 -87.84
N ALA A 249 -33.42 -3.65 -86.80
CA ALA A 249 -34.35 -4.76 -86.90
C ALA A 249 -35.79 -4.24 -86.88
N PRO A 250 -36.74 -5.00 -87.42
CA PRO A 250 -38.15 -4.58 -87.33
C PRO A 250 -38.66 -4.67 -85.91
N ILE A 251 -39.68 -3.86 -85.64
CA ILE A 251 -40.31 -3.89 -84.31
C ILE A 251 -41.07 -5.21 -84.16
N PRO A 252 -40.95 -5.91 -83.02
CA PRO A 252 -41.69 -7.16 -82.81
C PRO A 252 -43.19 -6.94 -82.73
N ASP A 257 -42.16 -7.81 -77.91
CA ASP A 257 -41.46 -6.53 -77.98
C ASP A 257 -41.05 -6.06 -76.59
N VAL A 258 -39.76 -6.18 -76.27
CA VAL A 258 -39.22 -5.74 -75.00
C VAL A 258 -38.13 -4.71 -75.26
N CYS A 259 -37.88 -3.88 -74.25
CA CYS A 259 -36.80 -2.90 -74.31
C CYS A 259 -35.50 -3.60 -73.94
N SER A 260 -34.77 -4.05 -74.96
CA SER A 260 -33.59 -4.88 -74.75
C SER A 260 -32.33 -4.09 -74.47
N TRP A 261 -32.28 -2.81 -74.85
CA TRP A 261 -31.10 -2.00 -74.56
C TRP A 261 -31.06 -1.50 -73.12
N ALA A 262 -32.16 -1.62 -72.37
CA ALA A 262 -32.15 -1.24 -70.97
C ALA A 262 -31.44 -2.30 -70.14
N ILE A 263 -30.43 -1.88 -69.38
CA ILE A 263 -29.69 -2.79 -68.53
C ILE A 263 -30.33 -2.80 -67.15
N THR A 264 -30.46 -3.97 -66.59
CA THR A 264 -31.05 -4.10 -65.26
C THR A 264 -29.96 -4.33 -64.22
N PRO A 265 -30.19 -3.90 -62.97
CA PRO A 265 -29.12 -4.03 -61.95
C PRO A 265 -28.45 -5.38 -61.87
N SER A 266 -29.19 -6.48 -62.08
CA SER A 266 -28.57 -7.80 -62.07
C SER A 266 -27.54 -7.92 -63.18
N THR A 267 -27.89 -7.47 -64.39
CA THR A 267 -26.93 -7.50 -65.50
C THR A 267 -25.78 -6.53 -65.26
N LEU A 268 -26.07 -5.36 -64.69
CA LEU A 268 -25.02 -4.36 -64.47
C LEU A 268 -23.95 -4.92 -63.54
N TRP A 269 -24.36 -5.55 -62.44
CA TRP A 269 -23.37 -6.14 -61.54
C TRP A 269 -22.78 -7.42 -62.11
N TYR A 270 -23.55 -8.17 -62.90
CA TYR A 270 -23.01 -9.37 -63.52
C TYR A 270 -21.93 -9.03 -64.53
N MET A 271 -22.24 -8.14 -65.47
CA MET A 271 -21.24 -7.73 -66.45
C MET A 271 -20.09 -6.97 -65.80
N ALA A 272 -20.35 -6.29 -64.67
CA ALA A 272 -19.27 -5.67 -63.93
C ALA A 272 -18.28 -6.71 -63.43
N GLY A 273 -18.77 -7.73 -62.73
CA GLY A 273 -17.90 -8.78 -62.24
C GLY A 273 -17.17 -9.51 -63.35
N LEU A 274 -17.79 -9.61 -64.52
CA LEU A 274 -17.12 -10.18 -65.68
C LEU A 274 -15.94 -9.30 -66.11
N TRP A 275 -16.12 -7.98 -66.06
CA TRP A 275 -15.14 -7.04 -66.56
C TRP A 275 -14.11 -6.60 -65.52
N MET A 276 -14.33 -6.91 -64.24
CA MET A 276 -13.48 -6.40 -63.16
C MET A 276 -12.00 -6.63 -63.45
N ALA A 277 -11.65 -7.77 -64.05
CA ALA A 277 -10.26 -8.06 -64.36
C ALA A 277 -9.70 -7.03 -65.33
N ASP A 278 -10.26 -6.96 -66.54
CA ASP A 278 -9.72 -6.05 -67.56
C ASP A 278 -9.84 -4.60 -67.14
N ILE A 279 -10.89 -4.24 -66.38
CA ILE A 279 -11.04 -2.85 -65.96
C ILE A 279 -9.94 -2.47 -64.98
N PHE A 280 -9.56 -3.38 -64.08
CA PHE A 280 -8.47 -3.10 -63.16
C PHE A 280 -7.14 -2.98 -63.89
N THR A 281 -6.89 -3.87 -64.86
CA THR A 281 -5.66 -3.79 -65.63
C THR A 281 -5.58 -2.49 -66.41
N GLU A 282 -6.73 -2.00 -66.90
CA GLU A 282 -6.75 -0.75 -67.62
C GLU A 282 -6.59 0.44 -66.68
N ALA A 283 -7.30 0.43 -65.55
CA ALA A 283 -7.24 1.57 -64.63
C ALA A 283 -5.89 1.65 -63.92
N LEU A 284 -5.25 0.51 -63.65
CA LEU A 284 -3.92 0.54 -63.05
C LEU A 284 -2.92 1.25 -63.96
N GLN A 285 -3.13 1.19 -65.27
CA GLN A 285 -2.24 1.88 -66.21
C GLN A 285 -2.62 3.35 -66.36
N GLU A 286 -3.91 3.64 -66.49
CA GLU A 286 -4.35 5.02 -66.69
C GLU A 286 -4.02 5.88 -65.48
N THR A 287 -3.96 5.29 -64.29
CA THR A 287 -3.54 6.02 -63.11
C THR A 287 -2.01 6.06 -62.98
N GLY A 288 -1.30 5.19 -63.69
CA GLY A 288 0.15 5.21 -63.68
C GLY A 288 0.79 4.53 -62.48
N GLU A 289 0.04 3.71 -61.74
CA GLU A 289 0.62 3.05 -60.58
C GLU A 289 1.63 1.98 -60.98
N VAL A 290 1.38 1.26 -62.07
CA VAL A 290 2.33 0.31 -62.63
C VAL A 290 2.37 0.52 -64.15
N THR A 291 3.59 0.55 -64.71
CA THR A 291 3.80 0.92 -66.12
C THR A 291 3.98 -0.27 -67.04
N ASP A 292 4.08 -1.48 -66.50
CA ASP A 292 4.28 -2.68 -67.29
C ASP A 292 2.98 -3.44 -67.43
N GLU A 293 2.65 -3.86 -68.66
CA GLU A 293 1.34 -4.46 -68.92
C GLU A 293 1.24 -5.87 -68.37
N LYS A 294 2.28 -6.68 -68.56
CA LYS A 294 2.21 -8.09 -68.16
C LYS A 294 2.06 -8.25 -66.66
N VAL A 295 2.50 -7.27 -65.86
CA VAL A 295 2.30 -7.29 -64.43
C VAL A 295 1.26 -6.28 -63.97
N ALA A 296 0.75 -5.44 -64.88
CA ALA A 296 -0.51 -4.76 -64.61
C ALA A 296 -1.68 -5.67 -64.91
N SER A 297 -1.53 -6.57 -65.89
CA SER A 297 -2.55 -7.57 -66.15
C SER A 297 -2.61 -8.59 -65.02
N GLU A 298 -1.47 -8.94 -64.44
CA GLU A 298 -1.46 -9.89 -63.34
C GLU A 298 -1.96 -9.26 -62.05
N GLU A 299 -1.57 -8.02 -61.78
CA GLU A 299 -2.05 -7.33 -60.58
C GLU A 299 -3.53 -6.99 -60.69
N GLY A 300 -4.02 -6.71 -61.89
CA GLY A 300 -5.43 -6.42 -62.05
C GLY A 300 -6.31 -7.62 -61.73
N LEU A 301 -5.91 -8.80 -62.19
CA LEU A 301 -6.67 -10.01 -61.87
C LEU A 301 -6.60 -10.31 -60.37
N LYS A 302 -5.44 -10.09 -59.75
CA LYS A 302 -5.31 -10.34 -58.32
C LYS A 302 -6.19 -9.41 -57.51
N ARG A 303 -6.26 -8.13 -57.90
CA ARG A 303 -7.20 -7.21 -57.27
C ARG A 303 -8.64 -7.60 -57.59
N ALA A 304 -8.89 -8.04 -58.83
CA ALA A 304 -10.22 -8.40 -59.25
C ALA A 304 -10.69 -9.74 -58.69
N LYS A 305 -9.80 -10.54 -58.11
CA LYS A 305 -10.23 -11.76 -57.45
C LYS A 305 -10.60 -11.54 -55.99
N SER A 306 -10.43 -10.33 -55.47
CA SER A 306 -10.81 -10.02 -54.11
C SER A 306 -12.26 -9.53 -54.01
N THR A 307 -12.83 -9.02 -55.08
CA THR A 307 -14.20 -8.55 -55.05
C THR A 307 -15.16 -9.73 -55.08
N VAL A 308 -16.33 -9.53 -54.47
CA VAL A 308 -17.37 -10.55 -54.55
C VAL A 308 -18.04 -10.54 -55.91
N LEU A 309 -17.98 -9.43 -56.64
CA LEU A 309 -18.53 -9.38 -58.00
C LEU A 309 -17.91 -10.44 -58.89
N TYR A 310 -16.60 -10.65 -58.76
CA TYR A 310 -15.90 -11.64 -59.57
C TYR A 310 -16.45 -13.03 -59.32
N TRP A 311 -16.42 -13.47 -58.05
CA TRP A 311 -16.93 -14.80 -57.73
C TRP A 311 -18.44 -14.87 -57.91
N ALA A 312 -19.14 -13.74 -57.81
CA ALA A 312 -20.58 -13.75 -58.07
C ALA A 312 -20.87 -14.04 -59.54
N ALA A 313 -20.10 -13.43 -60.44
CA ALA A 313 -20.29 -13.71 -61.87
C ALA A 313 -19.76 -15.08 -62.24
N ARG A 314 -18.60 -15.46 -61.69
CA ARG A 314 -17.98 -16.72 -62.04
C ARG A 314 -18.88 -17.91 -61.69
N ASN A 315 -19.28 -18.00 -60.43
CA ASN A 315 -20.13 -19.11 -60.00
C ASN A 315 -21.60 -18.90 -60.33
N GLY A 316 -22.00 -17.68 -60.66
CA GLY A 316 -23.34 -17.45 -61.19
C GLY A 316 -24.41 -17.24 -60.15
N VAL A 317 -24.15 -16.39 -59.16
CA VAL A 317 -25.15 -15.94 -58.21
C VAL A 317 -25.57 -14.52 -58.61
N PRO A 318 -26.84 -14.29 -58.92
CA PRO A 318 -27.25 -12.96 -59.38
C PRO A 318 -27.27 -11.96 -58.25
N ILE A 319 -26.84 -10.73 -58.55
CA ILE A 319 -26.78 -9.64 -57.59
C ILE A 319 -27.94 -8.70 -57.92
N PHE A 320 -29.03 -8.82 -57.19
CA PHE A 320 -30.17 -7.94 -57.36
C PHE A 320 -30.04 -6.72 -56.46
N SER A 321 -30.55 -5.59 -56.96
CA SER A 321 -30.48 -4.33 -56.24
C SER A 321 -31.49 -3.33 -56.78
N PRO A 322 -32.69 -3.26 -56.21
CA PRO A 322 -33.66 -2.26 -56.65
C PRO A 322 -33.28 -0.84 -56.25
N SER A 323 -32.41 -0.68 -55.25
CA SER A 323 -31.98 0.63 -54.80
C SER A 323 -30.65 1.07 -55.44
N LEU A 324 -30.25 0.42 -56.53
CA LEU A 324 -29.00 0.78 -57.21
C LEU A 324 -28.96 2.25 -57.59
N THR A 325 -30.10 2.83 -57.94
CA THR A 325 -30.20 4.24 -58.31
C THR A 325 -29.71 5.18 -57.21
N ASP A 326 -29.49 4.67 -55.99
CA ASP A 326 -29.05 5.48 -54.86
C ASP A 326 -27.64 5.11 -54.41
N GLY A 327 -26.77 4.79 -55.36
CA GLY A 327 -25.40 4.41 -55.07
C GLY A 327 -24.39 5.42 -55.57
N ASP A 328 -23.12 5.13 -55.24
CA ASP A 328 -22.03 5.96 -55.75
C ASP A 328 -21.87 5.84 -57.26
N ILE A 329 -22.45 4.80 -57.86
CA ILE A 329 -22.42 4.66 -59.32
C ILE A 329 -23.05 5.88 -59.98
N MET A 330 -24.15 6.37 -59.41
CA MET A 330 -24.90 7.45 -60.04
C MET A 330 -24.08 8.72 -60.16
N GLU A 331 -23.07 8.90 -59.30
CA GLU A 331 -22.17 10.03 -59.45
C GLU A 331 -21.42 9.96 -60.77
N PHE A 332 -21.09 8.75 -61.21
CA PHE A 332 -20.40 8.55 -62.48
C PHE A 332 -21.37 8.44 -63.65
N ILE A 333 -22.57 7.90 -63.44
CA ILE A 333 -23.57 7.84 -64.50
C ILE A 333 -23.96 9.24 -64.95
N LEU A 334 -24.22 10.13 -63.99
CA LEU A 334 -24.67 11.47 -64.31
C LEU A 334 -23.57 12.30 -64.94
N THR A 335 -22.35 12.22 -64.39
CA THR A 335 -21.24 13.00 -64.94
C THR A 335 -20.84 12.50 -66.32
N ALA A 336 -20.96 11.19 -66.57
CA ALA A 336 -20.72 10.68 -67.92
C ALA A 336 -21.81 11.12 -68.89
N GLY A 337 -22.96 11.55 -68.39
CA GLY A 337 -24.01 12.11 -69.22
C GLY A 337 -23.93 13.61 -69.40
N ASP A 338 -23.11 14.29 -68.60
CA ASP A 338 -22.92 15.73 -68.73
C ASP A 338 -22.04 16.11 -69.91
N THR A 339 -21.48 15.14 -70.62
CA THR A 339 -20.69 15.43 -71.81
C THR A 339 -21.53 15.55 -73.08
N GLY A 340 -22.76 15.06 -73.06
CA GLY A 340 -23.63 15.14 -74.21
C GLY A 340 -24.43 13.88 -74.45
N VAL A 341 -23.80 12.72 -74.23
CA VAL A 341 -24.45 11.44 -74.45
C VAL A 341 -25.56 11.25 -73.41
N PRO A 342 -26.61 10.50 -73.72
CA PRO A 342 -27.68 10.30 -72.74
C PRO A 342 -27.24 9.38 -71.61
N LEU A 343 -28.02 9.38 -70.54
CA LEU A 343 -27.76 8.52 -69.41
C LEU A 343 -28.04 7.06 -69.78
N LEU A 344 -27.51 6.16 -68.96
CA LEU A 344 -27.87 4.76 -69.09
C LEU A 344 -29.35 4.57 -68.76
N GLN A 345 -29.95 3.54 -69.35
CA GLN A 345 -31.37 3.26 -69.14
C GLN A 345 -31.49 1.98 -68.34
N LEU A 346 -31.97 2.11 -67.10
CA LEU A 346 -32.17 0.96 -66.24
C LEU A 346 -33.60 0.44 -66.35
N ASP A 347 -33.77 -0.83 -66.00
CA ASP A 347 -35.08 -1.47 -65.94
C ASP A 347 -35.17 -2.27 -64.65
N LEU A 348 -36.26 -2.07 -63.91
CA LEU A 348 -36.46 -2.77 -62.65
C LEU A 348 -37.44 -3.93 -62.75
N VAL A 349 -38.27 -3.97 -63.79
CA VAL A 349 -39.24 -5.05 -63.92
C VAL A 349 -38.55 -6.36 -64.28
N ALA A 350 -37.38 -6.29 -64.93
CA ALA A 350 -36.67 -7.52 -65.29
C ALA A 350 -36.02 -8.15 -64.07
N ASP A 351 -35.62 -7.34 -63.09
CA ASP A 351 -35.00 -7.89 -61.88
C ASP A 351 -36.01 -8.63 -61.02
N ILE A 352 -37.16 -7.99 -60.74
CA ILE A 352 -38.15 -8.63 -59.90
C ILE A 352 -38.75 -9.85 -60.60
N HIS A 353 -38.84 -9.82 -61.92
CA HIS A 353 -39.32 -10.99 -62.66
C HIS A 353 -38.39 -12.17 -62.45
N ARG A 354 -37.07 -11.93 -62.57
CA ARG A 354 -36.11 -13.01 -62.35
C ARG A 354 -36.06 -13.41 -60.88
N LEU A 355 -36.09 -12.43 -59.98
CA LEU A 355 -36.01 -12.74 -58.55
C LEU A 355 -37.26 -13.46 -58.06
N ASN A 356 -38.44 -12.89 -58.33
CA ASN A 356 -39.68 -13.50 -57.86
C ASN A 356 -39.99 -14.82 -58.56
N ARG A 357 -39.37 -15.08 -59.71
CA ARG A 357 -39.52 -16.39 -60.36
C ARG A 357 -38.50 -17.39 -59.87
N LEU A 358 -37.30 -16.93 -59.50
CA LEU A 358 -36.33 -17.82 -58.84
C LEU A 358 -36.89 -18.33 -57.52
N ALA A 359 -37.69 -17.52 -56.84
CA ALA A 359 -38.27 -17.94 -55.57
C ALA A 359 -39.55 -18.75 -55.78
N MET A 360 -40.41 -18.32 -56.71
CA MET A 360 -41.68 -18.99 -56.92
C MET A 360 -41.47 -20.42 -57.40
N ARG A 361 -40.47 -20.64 -58.26
CA ARG A 361 -40.21 -21.94 -58.84
C ARG A 361 -39.50 -22.90 -57.90
N SER A 362 -38.93 -22.40 -56.81
CA SER A 362 -38.18 -23.25 -55.88
C SER A 362 -39.13 -24.12 -55.05
N ARG A 363 -38.54 -25.13 -54.40
CA ARG A 363 -39.31 -26.07 -53.58
C ARG A 363 -38.91 -26.05 -52.11
N ARG A 364 -37.76 -25.47 -51.76
CA ARG A 364 -37.47 -25.10 -50.38
C ARG A 364 -36.43 -23.99 -50.41
N THR A 365 -36.70 -22.92 -49.66
CA THR A 365 -35.92 -21.69 -49.75
C THR A 365 -35.36 -21.30 -48.40
N GLY A 366 -34.09 -20.92 -48.38
CA GLY A 366 -33.46 -20.37 -47.19
C GLY A 366 -33.30 -18.87 -47.32
N MET A 367 -33.27 -18.18 -46.19
CA MET A 367 -33.21 -16.73 -46.17
C MET A 367 -32.29 -16.29 -45.03
N MET A 368 -31.24 -15.55 -45.37
CA MET A 368 -30.34 -14.98 -44.37
C MET A 368 -30.02 -13.55 -44.78
N ILE A 369 -30.59 -12.58 -44.06
CA ILE A 369 -30.43 -11.18 -44.40
C ILE A 369 -29.60 -10.51 -43.32
N LEU A 370 -28.68 -9.65 -43.75
CA LEU A 370 -27.79 -8.92 -42.86
C LEU A 370 -28.27 -7.47 -42.79
N GLY A 371 -28.77 -7.06 -41.63
CA GLY A 371 -29.29 -5.73 -41.45
C GLY A 371 -30.77 -5.65 -41.77
N GLY A 372 -31.20 -4.52 -42.32
CA GLY A 372 -32.58 -4.36 -42.72
C GLY A 372 -32.73 -3.37 -43.85
N GLY A 373 -33.95 -2.93 -44.13
CA GLY A 373 -34.17 -1.93 -45.15
C GLY A 373 -34.75 -2.48 -46.43
N VAL A 374 -34.33 -1.91 -47.56
CA VAL A 374 -34.79 -2.38 -48.86
C VAL A 374 -34.45 -3.86 -49.05
N VAL A 375 -33.30 -4.27 -48.53
CA VAL A 375 -32.81 -5.62 -48.80
C VAL A 375 -33.61 -6.66 -48.04
N LYS A 376 -33.97 -6.36 -46.79
CA LYS A 376 -34.73 -7.32 -46.00
C LYS A 376 -36.13 -7.53 -46.57
N HIS A 377 -36.77 -6.45 -47.02
CA HIS A 377 -38.13 -6.57 -47.55
C HIS A 377 -38.15 -7.17 -48.95
N HIS A 378 -37.06 -7.02 -49.71
CA HIS A 378 -37.09 -7.47 -51.10
C HIS A 378 -37.00 -8.98 -51.22
N VAL A 379 -36.22 -9.63 -50.35
CA VAL A 379 -36.08 -11.08 -50.43
C VAL A 379 -37.32 -11.77 -49.89
N CYS A 380 -37.90 -11.24 -48.80
CA CYS A 380 -39.10 -11.87 -48.26
C CYS A 380 -40.31 -11.58 -49.13
N ASN A 381 -40.30 -10.47 -49.88
CA ASN A 381 -41.33 -10.26 -50.89
C ASN A 381 -41.16 -11.24 -52.04
N ALA A 382 -39.92 -11.56 -52.40
CA ALA A 382 -39.70 -12.57 -53.44
C ALA A 382 -40.25 -13.92 -52.99
N ASN A 383 -40.05 -14.28 -51.72
CA ASN A 383 -40.60 -15.51 -51.19
C ASN A 383 -42.09 -15.42 -50.92
N LEU A 384 -42.68 -14.22 -50.95
CA LEU A 384 -44.12 -14.08 -50.80
C LEU A 384 -44.85 -14.69 -51.98
N MET A 385 -44.28 -14.59 -53.18
CA MET A 385 -44.87 -15.24 -54.35
C MET A 385 -44.94 -16.75 -54.16
N ARG A 386 -44.21 -17.28 -53.18
CA ARG A 386 -44.09 -18.70 -52.93
C ARG A 386 -44.91 -19.15 -51.72
N ASN A 387 -45.78 -18.28 -51.21
CA ASN A 387 -46.61 -18.58 -50.05
C ASN A 387 -45.74 -18.88 -48.84
N GLY A 388 -44.60 -18.21 -48.79
CA GLY A 388 -43.81 -18.32 -47.58
C GLY A 388 -42.45 -18.97 -47.85
N ALA A 389 -41.47 -18.56 -47.05
CA ALA A 389 -40.15 -19.17 -47.08
C ALA A 389 -40.03 -20.18 -45.95
N ASP A 390 -39.17 -21.18 -46.16
CA ASP A 390 -39.05 -22.26 -45.19
C ASP A 390 -38.13 -21.90 -44.03
N TYR A 391 -36.99 -21.25 -44.33
CA TYR A 391 -36.00 -20.92 -43.31
C TYR A 391 -35.65 -19.44 -43.41
N ALA A 392 -35.31 -18.86 -42.26
CA ALA A 392 -34.99 -17.44 -42.21
C ALA A 392 -34.11 -17.16 -41.00
N VAL A 393 -33.05 -16.37 -41.21
CA VAL A 393 -32.20 -15.86 -40.14
C VAL A 393 -32.03 -14.37 -40.36
N PHE A 394 -32.54 -13.56 -39.45
CA PHE A 394 -32.47 -12.11 -39.52
C PHE A 394 -31.41 -11.63 -38.54
N LEU A 395 -30.48 -10.80 -39.03
CA LEU A 395 -29.34 -10.32 -38.23
C LEU A 395 -29.27 -8.80 -38.36
N ASN A 396 -30.08 -8.11 -37.57
CA ASN A 396 -30.04 -6.66 -37.47
C ASN A 396 -30.06 -6.26 -36.00
N ASN A 397 -29.87 -4.97 -35.75
CA ASN A 397 -30.06 -4.40 -34.42
C ASN A 397 -31.24 -3.43 -34.42
N ALA A 398 -32.25 -3.70 -35.23
CA ALA A 398 -33.42 -2.84 -35.28
C ALA A 398 -34.42 -3.23 -34.21
N GLN A 399 -35.23 -2.26 -33.79
CA GLN A 399 -36.23 -2.48 -32.76
C GLN A 399 -37.63 -2.36 -33.37
N GLU A 400 -38.59 -2.97 -32.69
CA GLU A 400 -39.93 -3.17 -33.23
C GLU A 400 -40.86 -1.99 -33.01
N PHE A 401 -40.59 -1.11 -32.04
CA PHE A 401 -41.59 -0.13 -31.63
C PHE A 401 -41.92 0.85 -32.76
N ASP A 402 -41.01 1.07 -33.70
CA ASP A 402 -41.28 1.99 -34.79
C ASP A 402 -42.13 1.37 -35.89
N GLY A 403 -42.36 0.06 -35.83
CA GLY A 403 -43.22 -0.61 -36.79
C GLY A 403 -42.72 -0.53 -38.22
N SER A 404 -41.42 -0.77 -38.42
CA SER A 404 -40.80 -0.69 -39.73
C SER A 404 -40.51 -2.10 -40.25
N ASP A 405 -40.35 -2.19 -41.57
CA ASP A 405 -39.98 -3.45 -42.20
C ASP A 405 -38.53 -3.83 -41.95
N ALA A 406 -37.79 -3.03 -41.17
CA ALA A 406 -36.47 -3.40 -40.68
C ALA A 406 -36.53 -4.00 -39.28
N GLY A 407 -37.23 -3.34 -38.36
CA GLY A 407 -37.41 -3.81 -37.00
C GLY A 407 -38.54 -4.79 -36.80
N ALA A 408 -39.16 -5.24 -37.89
CA ALA A 408 -40.26 -6.20 -37.77
C ALA A 408 -39.77 -7.53 -37.24
N ARG A 409 -40.61 -8.18 -36.45
CA ARG A 409 -40.31 -9.52 -35.97
C ARG A 409 -40.41 -10.52 -37.11
N PRO A 410 -39.84 -11.72 -36.95
CA PRO A 410 -40.13 -12.79 -37.91
C PRO A 410 -41.61 -13.12 -37.99
N GLY A 411 -42.36 -12.85 -36.92
CA GLY A 411 -43.80 -13.07 -36.97
C GLY A 411 -44.50 -12.12 -37.93
N GLU A 412 -44.08 -10.85 -37.96
CA GLU A 412 -44.68 -9.92 -38.91
C GLU A 412 -44.51 -10.39 -40.35
N ALA A 413 -43.52 -11.24 -40.61
CA ALA A 413 -43.35 -11.79 -41.95
C ALA A 413 -44.38 -12.88 -42.25
N VAL A 414 -44.69 -13.72 -41.28
CA VAL A 414 -45.64 -14.81 -41.51
C VAL A 414 -47.08 -14.31 -41.59
N SER A 415 -47.37 -13.13 -41.07
CA SER A 415 -48.72 -12.57 -41.22
C SER A 415 -49.01 -12.23 -42.67
N TRP A 416 -48.01 -11.70 -43.38
CA TRP A 416 -48.19 -11.42 -44.80
C TRP A 416 -48.20 -12.70 -45.64
N GLY A 417 -47.43 -13.69 -45.22
CA GLY A 417 -47.15 -14.85 -46.03
C GLY A 417 -45.76 -14.86 -46.65
N LYS A 418 -44.91 -13.91 -46.30
CA LYS A 418 -43.53 -13.92 -46.76
C LYS A 418 -42.77 -15.10 -46.17
N LEU A 419 -43.00 -15.36 -44.89
CA LEU A 419 -42.46 -16.52 -44.20
C LEU A 419 -43.63 -17.47 -43.93
N ARG A 420 -43.43 -18.77 -44.14
CA ARG A 420 -44.56 -19.67 -44.16
C ARG A 420 -44.97 -20.08 -42.74
N LEU A 421 -46.09 -20.79 -42.66
CA LEU A 421 -46.65 -21.20 -41.37
C LEU A 421 -45.93 -22.42 -40.79
N ASP A 422 -45.46 -23.32 -41.64
CA ASP A 422 -44.71 -24.50 -41.19
C ASP A 422 -43.21 -24.26 -41.32
N SER A 423 -42.74 -23.22 -40.62
CA SER A 423 -41.40 -22.70 -40.78
C SER A 423 -40.58 -22.91 -39.51
N THR A 424 -39.35 -22.37 -39.56
CA THR A 424 -38.53 -22.20 -38.36
C THR A 424 -37.53 -21.09 -38.66
N ALA A 425 -37.51 -20.06 -37.82
CA ALA A 425 -36.68 -18.89 -38.03
C ALA A 425 -36.19 -18.38 -36.69
N VAL A 426 -35.36 -17.34 -36.74
CA VAL A 426 -34.84 -16.71 -35.52
C VAL A 426 -34.29 -15.34 -35.91
N LYS A 427 -34.35 -14.40 -34.97
CA LYS A 427 -33.82 -13.06 -35.15
C LYS A 427 -32.79 -12.81 -34.06
N VAL A 428 -31.57 -12.49 -34.47
CA VAL A 428 -30.46 -12.25 -33.55
C VAL A 428 -30.33 -10.74 -33.40
N TYR A 429 -30.95 -10.20 -32.34
CA TYR A 429 -30.93 -8.76 -32.09
C TYR A 429 -29.55 -8.25 -31.71
N SER A 430 -28.60 -8.26 -32.65
CA SER A 430 -27.28 -7.72 -32.39
C SER A 430 -26.62 -7.37 -33.71
N GLU A 431 -25.57 -6.56 -33.64
CA GLU A 431 -24.92 -6.02 -34.82
C GLU A 431 -24.26 -7.14 -35.63
N VAL A 432 -24.09 -6.88 -36.93
CA VAL A 432 -23.71 -7.93 -37.87
C VAL A 432 -22.26 -8.36 -37.65
N THR A 433 -21.35 -7.39 -37.51
CA THR A 433 -19.92 -7.71 -37.49
C THR A 433 -19.54 -8.65 -36.35
N ILE A 434 -20.38 -8.76 -35.31
CA ILE A 434 -20.07 -9.67 -34.21
C ILE A 434 -20.46 -11.10 -34.58
N VAL A 435 -21.57 -11.26 -35.29
CA VAL A 435 -22.23 -12.55 -35.41
C VAL A 435 -21.98 -13.20 -36.77
N PHE A 436 -22.01 -12.43 -37.85
CA PHE A 436 -21.88 -13.03 -39.18
C PHE A 436 -20.53 -13.70 -39.41
N PRO A 437 -19.39 -13.13 -38.99
CA PRO A 437 -18.14 -13.90 -39.09
C PRO A 437 -18.18 -15.20 -38.29
N LEU A 438 -18.87 -15.22 -37.15
CA LEU A 438 -19.01 -16.45 -36.39
C LEU A 438 -19.90 -17.45 -37.13
N ILE A 439 -20.93 -16.96 -37.80
CA ILE A 439 -21.86 -17.84 -38.52
C ILE A 439 -21.11 -18.63 -39.60
N VAL A 440 -20.35 -17.92 -40.43
CA VAL A 440 -19.72 -18.57 -41.58
C VAL A 440 -18.64 -19.55 -41.14
N VAL A 441 -17.87 -19.17 -40.12
CA VAL A 441 -16.75 -20.02 -39.72
C VAL A 441 -17.19 -21.22 -38.88
N HIS A 442 -18.41 -21.21 -38.35
CA HIS A 442 -18.80 -22.31 -37.48
C HIS A 442 -19.54 -23.41 -38.24
N VAL A 443 -20.34 -23.06 -39.23
CA VAL A 443 -21.08 -24.03 -40.02
C VAL A 443 -20.61 -24.06 -41.48
N PHE A 444 -20.54 -22.90 -42.12
CA PHE A 444 -20.32 -22.86 -43.57
C PHE A 444 -18.98 -23.46 -43.94
N VAL A 445 -17.87 -22.92 -43.40
CA VAL A 445 -16.58 -23.53 -43.69
C VAL A 445 -16.53 -24.94 -43.15
N ALA A 446 -17.20 -25.21 -42.02
CA ALA A 446 -17.20 -26.54 -41.46
C ALA A 446 -18.02 -27.51 -42.30
N TRP A 447 -19.06 -27.01 -42.96
CA TRP A 447 -19.92 -27.88 -43.75
C TRP A 447 -19.33 -28.22 -45.12
N VAL A 448 -18.44 -27.39 -45.66
CA VAL A 448 -17.71 -27.82 -46.85
C VAL A 448 -16.49 -28.66 -46.48
N ARG A 449 -15.91 -28.45 -45.29
CA ARG A 449 -14.90 -29.37 -44.80
C ARG A 449 -15.46 -30.77 -44.60
N MET A 450 -16.74 -30.85 -44.18
CA MET A 450 -17.38 -32.15 -44.03
C MET A 450 -17.61 -32.82 -45.38
N MET A 451 -18.11 -32.06 -46.36
CA MET A 451 -18.45 -32.62 -47.66
C MET A 451 -17.21 -32.91 -48.51
N ARG A 452 -16.05 -32.40 -48.14
CA ARG A 452 -14.83 -32.60 -48.93
C ARG A 452 -13.85 -33.56 -48.28
N SER A 453 -13.54 -33.37 -46.99
CA SER A 453 -12.55 -34.23 -46.35
C SER A 453 -13.03 -35.66 -46.20
N LYS A 454 -14.34 -35.86 -46.00
CA LYS A 454 -14.90 -37.20 -45.84
C LYS A 454 -15.20 -37.77 -47.22
N GLY A 455 -14.22 -38.48 -47.77
CA GLY A 455 -14.36 -39.08 -49.09
C GLY A 455 -13.05 -39.24 -49.83
N SER B 8 -32.36 31.46 -23.36
CA SER B 8 -31.66 30.73 -24.41
C SER B 8 -30.43 30.02 -23.87
N ARG B 9 -30.02 28.96 -24.57
CA ARG B 9 -28.85 28.12 -24.23
C ARG B 9 -28.81 27.74 -22.75
N VAL B 10 -29.96 27.72 -22.08
CA VAL B 10 -30.03 27.38 -20.67
C VAL B 10 -31.35 26.66 -20.42
N ILE B 11 -31.31 25.66 -19.52
CA ILE B 11 -32.52 24.95 -19.14
C ILE B 11 -33.40 25.86 -18.30
N GLY B 12 -34.67 25.95 -18.66
CA GLY B 12 -35.62 26.82 -17.98
C GLY B 12 -36.29 26.13 -16.81
N ASP B 13 -37.28 26.83 -16.27
CA ASP B 13 -38.09 26.34 -15.16
C ASP B 13 -39.51 26.82 -15.38
N LEU B 14 -40.43 25.89 -15.64
CA LEU B 14 -41.81 26.19 -15.96
C LEU B 14 -42.69 25.90 -14.76
N ASP B 15 -43.42 26.92 -14.30
CA ASP B 15 -44.40 26.75 -13.23
C ASP B 15 -45.63 26.08 -13.83
N TYR B 16 -45.66 24.75 -13.77
CA TYR B 16 -46.78 23.99 -14.32
C TYR B 16 -48.10 24.38 -13.67
N SER B 17 -48.07 24.74 -12.38
CA SER B 17 -49.27 25.17 -11.70
C SER B 17 -49.86 26.44 -12.30
N ASN B 18 -49.05 27.22 -13.02
CA ASN B 18 -49.56 28.43 -13.66
C ASN B 18 -50.42 28.11 -14.87
N LEU B 19 -50.37 26.86 -15.37
CA LEU B 19 -51.19 26.46 -16.51
C LEU B 19 -52.64 26.19 -16.12
N LEU B 20 -52.95 26.10 -14.83
CA LEU B 20 -54.30 25.75 -14.41
C LEU B 20 -55.30 26.87 -14.75
N ASN B 21 -54.86 28.11 -14.73
CA ASN B 21 -55.73 29.24 -15.03
C ASN B 21 -55.81 29.53 -16.52
N ILE B 22 -54.69 29.34 -17.25
CA ILE B 22 -54.72 29.55 -18.69
C ILE B 22 -55.56 28.46 -19.35
N GLY B 23 -55.98 28.72 -20.59
CA GLY B 23 -56.77 27.74 -21.31
C GLY B 23 -56.02 26.44 -21.52
N GLN B 24 -56.78 25.35 -21.68
CA GLN B 24 -56.18 24.04 -21.85
C GLN B 24 -55.40 23.96 -23.17
N GLU B 25 -55.98 24.49 -24.25
CA GLU B 25 -55.28 24.52 -25.53
C GLU B 25 -54.00 25.34 -25.43
N GLU B 26 -54.09 26.53 -24.81
CA GLU B 26 -52.91 27.36 -24.65
C GLU B 26 -51.91 26.75 -23.68
N ALA B 27 -52.38 25.93 -22.73
CA ALA B 27 -51.48 25.29 -21.78
C ALA B 27 -50.57 24.28 -22.48
N ILE B 28 -51.15 23.43 -23.32
CA ILE B 28 -50.35 22.46 -24.07
C ILE B 28 -49.39 23.17 -25.01
N ARG B 29 -49.81 24.29 -25.59
CA ARG B 29 -48.93 25.03 -26.48
C ARG B 29 -47.83 25.75 -25.71
N CYS B 30 -48.15 26.26 -24.51
CA CYS B 30 -47.13 26.92 -23.70
C CYS B 30 -46.01 25.97 -23.31
N VAL B 31 -46.33 24.68 -23.14
CA VAL B 31 -45.31 23.70 -22.81
C VAL B 31 -44.55 23.27 -24.07
N LEU B 32 -45.27 23.07 -25.17
CA LEU B 32 -44.60 22.77 -26.44
C LEU B 32 -43.71 23.92 -26.88
N ASN B 33 -44.03 25.14 -26.46
CA ASN B 33 -43.18 26.30 -26.77
C ASN B 33 -41.95 26.37 -25.88
N ALA B 34 -42.01 25.79 -24.67
CA ALA B 34 -40.86 25.71 -23.79
C ALA B 34 -40.00 24.48 -24.04
N TYR B 35 -40.37 23.64 -25.01
CA TYR B 35 -39.59 22.47 -25.33
C TYR B 35 -38.13 22.75 -25.69
N PRO B 36 -37.77 23.84 -26.38
CA PRO B 36 -36.35 24.07 -26.67
C PRO B 36 -35.46 24.15 -25.43
N ASN B 37 -36.01 24.47 -24.25
CA ASN B 37 -35.21 24.57 -23.04
C ASN B 37 -35.70 23.63 -21.94
N ILE B 38 -36.39 22.55 -22.31
CA ILE B 38 -36.76 21.54 -21.32
C ILE B 38 -35.59 20.60 -21.06
N GLY B 39 -34.95 20.11 -22.12
CA GLY B 39 -33.74 19.33 -22.00
C GLY B 39 -33.69 18.18 -22.99
N LEU B 40 -32.45 17.73 -23.25
CA LEU B 40 -32.17 16.54 -24.05
C LEU B 40 -32.94 16.49 -25.37
N GLU B 41 -33.51 15.33 -25.69
CA GLU B 41 -34.17 15.10 -26.97
C GLU B 41 -35.57 15.73 -27.07
N ALA B 42 -35.93 16.60 -26.13
CA ALA B 42 -37.06 17.50 -26.32
C ALA B 42 -36.62 18.87 -26.80
N THR B 43 -35.40 19.29 -26.41
CA THR B 43 -34.78 20.47 -27.01
C THR B 43 -34.63 20.30 -28.51
N ASN B 44 -34.19 19.11 -28.94
CA ASN B 44 -34.11 18.83 -30.37
C ASN B 44 -35.48 18.93 -31.03
N LEU B 45 -36.54 18.53 -30.32
CA LEU B 45 -37.89 18.68 -30.85
C LEU B 45 -38.24 20.16 -30.99
N GLY B 46 -37.92 20.96 -29.98
CA GLY B 46 -38.22 22.38 -30.04
C GLY B 46 -37.46 23.09 -31.14
N ARG B 47 -36.18 22.78 -31.30
CA ARG B 47 -35.40 23.36 -32.38
C ARG B 47 -35.93 22.90 -33.74
N ALA B 48 -36.31 21.63 -33.84
CA ALA B 48 -36.85 21.12 -35.10
C ALA B 48 -38.17 21.78 -35.44
N ARG B 49 -39.02 22.02 -34.44
CA ARG B 49 -40.31 22.64 -34.69
C ARG B 49 -40.16 24.06 -35.23
N ARG B 50 -39.22 24.82 -34.68
CA ARG B 50 -39.00 26.19 -35.15
C ARG B 50 -38.51 26.19 -36.59
N ILE B 51 -37.67 25.23 -36.96
CA ILE B 51 -37.23 25.12 -38.35
C ILE B 51 -38.38 24.72 -39.25
N VAL B 52 -39.14 23.70 -38.84
CA VAL B 52 -40.23 23.19 -39.67
C VAL B 52 -41.32 24.24 -39.83
N GLN B 53 -41.71 24.88 -38.72
CA GLN B 53 -42.78 25.88 -38.77
C GLN B 53 -42.39 27.05 -39.67
N ARG B 54 -41.23 27.65 -39.41
CA ARG B 54 -40.80 28.80 -40.21
C ARG B 54 -40.56 28.42 -41.67
N ALA B 55 -40.20 27.16 -41.92
CA ALA B 55 -40.04 26.70 -43.29
C ALA B 55 -41.38 26.54 -43.98
N LEU B 56 -42.31 25.81 -43.35
CA LEU B 56 -43.63 25.59 -43.94
C LEU B 56 -44.38 26.89 -44.17
N ASN B 57 -43.99 27.97 -43.48
CA ASN B 57 -44.64 29.27 -43.68
C ASN B 57 -43.93 30.09 -44.74
N ASP B 58 -42.62 30.27 -44.62
CA ASP B 58 -41.88 31.06 -45.60
C ASP B 58 -41.79 30.34 -46.94
N ASN B 59 -41.31 29.09 -46.93
CA ASN B 59 -41.11 28.31 -48.15
C ASN B 59 -42.48 28.00 -48.75
N GLY B 60 -43.04 29.00 -49.43
CA GLY B 60 -44.30 28.83 -50.11
C GLY B 60 -44.21 29.15 -51.59
N MET B 61 -44.29 30.43 -51.93
CA MET B 61 -44.12 30.90 -53.29
C MET B 61 -43.30 32.19 -53.30
N ASP B 62 -42.20 32.19 -52.53
CA ASP B 62 -41.33 33.36 -52.45
C ASP B 62 -39.90 33.05 -52.86
N GLY B 63 -39.64 31.90 -53.46
CA GLY B 63 -38.34 31.57 -54.00
C GLY B 63 -37.61 30.46 -53.30
N ASN B 64 -38.13 29.97 -52.16
CA ASN B 64 -37.50 28.92 -51.38
C ASN B 64 -38.26 27.60 -51.57
N LYS B 65 -37.76 26.54 -50.91
CA LYS B 65 -38.29 25.20 -51.12
C LYS B 65 -38.28 24.40 -49.83
N VAL B 66 -39.32 23.58 -49.64
CA VAL B 66 -39.38 22.58 -48.58
C VAL B 66 -39.56 21.22 -49.24
N MET B 67 -38.71 20.26 -48.87
CA MET B 67 -38.72 18.91 -49.40
C MET B 67 -38.91 17.92 -48.27
N LEU B 68 -39.86 17.00 -48.44
CA LEU B 68 -40.24 16.05 -47.41
C LEU B 68 -39.73 14.66 -47.78
N ALA B 69 -39.10 13.99 -46.81
CA ALA B 69 -38.66 12.61 -46.95
C ALA B 69 -39.27 11.81 -45.81
N TYR B 70 -40.16 10.86 -46.15
CA TYR B 70 -40.82 10.04 -45.15
C TYR B 70 -40.69 8.57 -45.52
N THR B 71 -40.71 7.73 -44.50
CA THR B 71 -40.60 6.29 -44.70
C THR B 71 -41.98 5.67 -44.94
N SER B 72 -41.98 4.39 -45.33
CA SER B 72 -43.20 3.76 -45.79
C SER B 72 -44.19 3.52 -44.64
N ASN B 73 -43.69 3.17 -43.45
CA ASN B 73 -44.57 2.85 -42.34
C ASN B 73 -45.31 4.07 -41.81
N LEU B 74 -44.78 5.28 -42.02
CA LEU B 74 -45.39 6.48 -41.47
C LEU B 74 -46.71 6.82 -42.15
N ILE B 75 -46.90 6.41 -43.41
CA ILE B 75 -48.21 6.59 -44.05
C ILE B 75 -49.14 5.42 -43.77
N SER B 76 -48.61 4.25 -43.40
CA SER B 76 -49.46 3.20 -42.85
C SER B 76 -50.11 3.68 -41.57
N SER B 77 -49.43 4.54 -40.82
CA SER B 77 -49.99 5.18 -39.65
C SER B 77 -50.91 6.32 -40.11
N GLY B 78 -51.36 7.14 -39.16
CA GLY B 78 -52.26 8.24 -39.51
C GLY B 78 -51.59 9.45 -40.13
N LEU B 79 -50.26 9.53 -40.09
CA LEU B 79 -49.55 10.70 -40.60
C LEU B 79 -49.83 10.96 -42.07
N ARG B 80 -50.30 9.95 -42.81
CA ARG B 80 -50.64 10.14 -44.21
C ARG B 80 -51.61 11.30 -44.41
N ASP B 81 -52.60 11.42 -43.51
CA ASP B 81 -53.54 12.53 -43.61
C ASP B 81 -52.88 13.86 -43.27
N THR B 82 -51.94 13.85 -42.31
CA THR B 82 -51.19 15.06 -42.01
C THR B 82 -50.31 15.47 -43.19
N PHE B 83 -49.68 14.51 -43.85
CA PHE B 83 -48.87 14.83 -45.03
C PHE B 83 -49.74 15.37 -46.15
N ALA B 84 -50.94 14.81 -46.32
CA ALA B 84 -51.84 15.27 -47.36
C ALA B 84 -52.16 16.74 -47.20
N CYS B 85 -52.31 17.21 -45.96
CA CYS B 85 -52.53 18.63 -45.70
C CYS B 85 -51.35 19.46 -46.18
N LEU B 86 -50.13 18.93 -46.07
CA LEU B 86 -48.95 19.68 -46.48
C LEU B 86 -48.89 19.82 -48.00
N ALA B 87 -49.18 18.75 -48.73
CA ALA B 87 -49.15 18.82 -50.19
C ALA B 87 -50.39 19.51 -50.75
N ARG B 88 -51.53 19.40 -50.07
CA ARG B 88 -52.74 20.08 -50.52
C ARG B 88 -52.53 21.58 -50.53
N GLU B 89 -51.81 22.11 -49.54
CA GLU B 89 -51.56 23.54 -49.42
C GLU B 89 -50.35 24.00 -50.21
N ASN B 90 -49.73 23.12 -51.00
CA ASN B 90 -48.57 23.45 -51.81
C ASN B 90 -47.42 23.99 -50.96
N ARG B 91 -47.26 23.42 -49.76
CA ARG B 91 -46.15 23.78 -48.90
C ARG B 91 -44.92 22.92 -49.15
N ILE B 92 -45.11 21.69 -49.63
CA ILE B 92 -44.01 20.80 -49.97
C ILE B 92 -43.57 21.07 -51.40
N GLY B 93 -42.26 21.06 -51.63
CA GLY B 93 -41.73 21.25 -52.96
C GLY B 93 -41.44 19.93 -53.67
N ALA B 94 -41.09 18.91 -52.90
CA ALA B 94 -40.77 17.61 -53.46
C ALA B 94 -40.93 16.55 -52.38
N VAL B 95 -41.34 15.35 -52.80
CA VAL B 95 -41.59 14.23 -51.91
C VAL B 95 -40.65 13.09 -52.29
N VAL B 96 -40.03 12.47 -51.28
CA VAL B 96 -39.10 11.36 -51.48
C VAL B 96 -39.49 10.26 -50.51
N THR B 97 -40.19 9.24 -51.00
CA THR B 97 -40.53 8.03 -50.24
C THR B 97 -39.83 6.84 -50.85
N THR B 98 -39.80 5.73 -50.09
CA THR B 98 -39.21 4.47 -50.55
C THR B 98 -40.03 3.88 -51.69
N ALA B 99 -41.18 3.29 -51.38
CA ALA B 99 -42.03 2.66 -52.38
C ALA B 99 -43.40 2.40 -51.77
N GLY B 100 -43.42 2.06 -50.48
CA GLY B 100 -44.65 1.92 -49.74
C GLY B 100 -45.34 3.23 -49.42
N GLY B 101 -44.66 4.38 -49.58
CA GLY B 101 -45.30 5.66 -49.35
C GLY B 101 -46.24 6.08 -50.46
N VAL B 102 -46.16 5.45 -51.62
CA VAL B 102 -47.09 5.68 -52.71
C VAL B 102 -48.20 4.64 -52.71
N GLU B 103 -47.86 3.39 -52.45
CA GLU B 103 -48.82 2.29 -52.44
C GLU B 103 -49.94 2.52 -51.44
N GLU B 104 -49.62 2.41 -50.14
CA GLU B 104 -50.64 2.49 -49.11
C GLU B 104 -51.31 3.86 -49.04
N ASP B 105 -50.75 4.88 -49.67
CA ASP B 105 -51.47 6.15 -49.78
C ASP B 105 -52.63 6.03 -50.76
N VAL B 106 -52.42 5.31 -51.87
CA VAL B 106 -53.50 5.02 -52.80
C VAL B 106 -54.39 3.92 -52.25
N ILE B 107 -53.81 2.96 -51.50
CA ILE B 107 -54.61 1.87 -50.93
C ILE B 107 -55.69 2.43 -50.02
N LYS B 108 -55.34 3.37 -49.16
CA LYS B 108 -56.28 3.89 -48.17
C LYS B 108 -57.36 4.80 -48.77
N CYS B 109 -57.46 4.84 -50.10
CA CYS B 109 -58.66 5.30 -50.77
C CYS B 109 -59.56 4.15 -51.20
N LEU B 110 -59.01 2.94 -51.28
CA LEU B 110 -59.73 1.74 -51.67
C LEU B 110 -60.07 0.87 -50.47
N GLY B 111 -59.91 1.39 -49.26
CA GLY B 111 -60.12 0.61 -48.06
C GLY B 111 -59.49 1.31 -46.88
N ASP B 112 -59.59 0.66 -45.73
CA ASP B 112 -59.15 1.24 -44.47
C ASP B 112 -58.05 0.40 -43.83
N THR B 113 -57.09 1.07 -43.21
CA THR B 113 -56.13 0.45 -42.33
C THR B 113 -56.66 0.51 -40.90
N LEU B 114 -56.45 -0.57 -40.15
CA LEU B 114 -57.00 -0.69 -38.80
C LEU B 114 -55.88 -0.72 -37.78
N VAL B 115 -56.21 -0.35 -36.55
CA VAL B 115 -55.27 -0.41 -35.43
C VAL B 115 -55.42 -1.76 -34.75
N GLY B 116 -54.31 -2.30 -34.26
CA GLY B 116 -54.32 -3.57 -33.57
C GLY B 116 -53.39 -3.58 -32.38
N ASP B 117 -52.39 -4.45 -32.42
CA ASP B 117 -51.42 -4.55 -31.35
C ASP B 117 -50.27 -5.41 -31.83
N PHE B 118 -49.06 -5.11 -31.33
CA PHE B 118 -47.90 -5.93 -31.65
C PHE B 118 -48.06 -7.37 -31.14
N ALA B 119 -48.90 -7.59 -30.15
CA ALA B 119 -49.05 -8.90 -29.54
C ALA B 119 -49.94 -9.85 -30.33
N LEU B 120 -50.61 -9.36 -31.37
CA LEU B 120 -51.51 -10.21 -32.15
C LEU B 120 -50.77 -11.40 -32.73
N ASN B 121 -51.39 -12.57 -32.65
CA ASN B 121 -50.78 -13.79 -33.19
C ASN B 121 -50.73 -13.71 -34.71
N ASP B 122 -49.51 -13.77 -35.25
CA ASP B 122 -49.34 -13.59 -36.69
C ASP B 122 -49.82 -14.80 -37.48
N HIS B 123 -49.81 -15.99 -36.88
CA HIS B 123 -50.32 -17.17 -37.56
C HIS B 123 -51.83 -17.08 -37.71
N ALA B 124 -52.53 -16.55 -36.71
CA ALA B 124 -53.97 -16.35 -36.83
C ALA B 124 -54.28 -15.20 -37.78
N LEU B 125 -53.43 -14.17 -37.78
CA LEU B 125 -53.63 -13.06 -38.71
C LEU B 125 -53.50 -13.52 -40.16
N ARG B 126 -52.56 -14.43 -40.42
CA ARG B 126 -52.42 -14.98 -41.78
C ARG B 126 -53.66 -15.78 -42.17
N ASN B 127 -54.11 -16.67 -41.28
CA ASN B 127 -55.28 -17.48 -41.56
C ASN B 127 -56.56 -16.66 -41.68
N ASN B 128 -56.57 -15.45 -41.13
CA ASN B 128 -57.71 -14.55 -41.25
C ASN B 128 -57.49 -13.44 -42.27
N GLY B 129 -56.45 -13.56 -43.09
CA GLY B 129 -56.18 -12.58 -44.14
C GLY B 129 -55.95 -11.18 -43.62
N LEU B 130 -55.06 -11.02 -42.65
CA LEU B 130 -54.77 -9.73 -42.04
C LEU B 130 -53.26 -9.54 -42.01
N ASN B 131 -52.78 -8.55 -42.77
CA ASN B 131 -51.36 -8.25 -42.83
C ASN B 131 -51.00 -7.22 -41.76
N ARG B 132 -49.97 -7.52 -40.98
CA ARG B 132 -49.60 -6.71 -39.83
C ARG B 132 -48.49 -5.73 -40.20
N VAL B 133 -48.69 -4.47 -39.88
CA VAL B 133 -47.66 -3.44 -40.02
C VAL B 133 -47.41 -2.89 -38.60
N GLY B 134 -46.53 -3.56 -37.85
CA GLY B 134 -46.32 -3.21 -36.46
C GLY B 134 -47.55 -3.50 -35.61
N ASN B 135 -48.22 -2.44 -35.16
CA ASN B 135 -49.49 -2.58 -34.46
C ASN B 135 -50.67 -2.19 -35.35
N LEU B 136 -50.51 -2.25 -36.66
CA LEU B 136 -51.55 -1.92 -37.62
C LEU B 136 -51.87 -3.13 -38.47
N LEU B 137 -53.04 -3.09 -39.10
CA LEU B 137 -53.54 -4.22 -39.88
C LEU B 137 -54.03 -3.71 -41.23
N VAL B 138 -53.63 -4.41 -42.29
CA VAL B 138 -54.12 -4.14 -43.64
C VAL B 138 -54.77 -5.39 -44.17
N PRO B 139 -56.11 -5.43 -44.32
CA PRO B 139 -56.76 -6.62 -44.85
C PRO B 139 -56.35 -6.88 -46.30
N ASN B 140 -56.35 -8.17 -46.65
CA ASN B 140 -56.00 -8.56 -48.02
C ASN B 140 -56.96 -8.01 -49.05
N ASP B 141 -58.20 -7.68 -48.65
CA ASP B 141 -59.16 -7.12 -49.58
C ASP B 141 -58.68 -5.77 -50.12
N ASN B 142 -57.92 -5.03 -49.33
CA ASN B 142 -57.38 -3.75 -49.80
C ASN B 142 -56.46 -3.94 -51.00
N TYR B 143 -55.59 -4.96 -50.95
CA TYR B 143 -54.68 -5.21 -52.05
C TYR B 143 -55.38 -5.87 -53.24
N ARG B 144 -56.47 -6.60 -52.99
CA ARG B 144 -57.27 -7.13 -54.10
C ARG B 144 -57.88 -5.99 -54.90
N ASN B 145 -58.31 -4.93 -54.22
CA ASN B 145 -58.85 -3.76 -54.93
C ASN B 145 -57.74 -2.99 -55.63
N PHE B 146 -56.57 -2.87 -54.97
CA PHE B 146 -55.43 -2.22 -55.62
C PHE B 146 -55.02 -2.95 -56.88
N GLU B 147 -55.18 -4.27 -56.90
CA GLU B 147 -54.95 -5.03 -58.14
C GLU B 147 -55.95 -4.62 -59.21
N ASP B 148 -57.19 -4.29 -58.81
CA ASP B 148 -58.18 -3.83 -59.77
C ASP B 148 -57.90 -2.41 -60.22
N PHE B 149 -57.17 -1.63 -59.41
CA PHE B 149 -56.89 -0.23 -59.74
C PHE B 149 -55.59 -0.07 -60.50
N PHE B 150 -54.54 -0.77 -60.10
CA PHE B 150 -53.20 -0.52 -60.60
C PHE B 150 -52.89 -1.31 -61.86
N VAL B 151 -53.35 -2.56 -61.93
CA VAL B 151 -53.10 -3.38 -63.14
C VAL B 151 -53.62 -2.68 -64.39
N PRO B 152 -54.82 -2.07 -64.40
CA PRO B 152 -55.19 -1.30 -65.60
C PRO B 152 -54.27 -0.14 -65.89
N LEU B 153 -53.77 0.56 -64.86
CA LEU B 153 -52.90 1.70 -65.10
C LEU B 153 -51.58 1.28 -65.75
N LEU B 154 -51.05 0.13 -65.33
CA LEU B 154 -49.86 -0.41 -65.99
C LEU B 154 -50.16 -0.80 -67.43
N ARG B 155 -51.36 -1.32 -67.68
CA ARG B 155 -51.78 -1.65 -69.04
C ARG B 155 -51.77 -0.41 -69.92
N ARG B 156 -52.17 0.74 -69.37
CA ARG B 156 -52.11 1.98 -70.14
C ARG B 156 -50.66 2.45 -70.32
N LEU B 157 -49.87 2.41 -69.25
CA LEU B 157 -48.49 2.86 -69.32
C LEU B 157 -47.67 2.02 -70.29
N HIS B 158 -47.94 0.71 -70.34
CA HIS B 158 -47.23 -0.15 -71.28
C HIS B 158 -47.48 0.28 -72.73
N GLU B 159 -48.73 0.60 -73.05
CA GLU B 159 -49.03 1.11 -74.39
C GLU B 159 -48.38 2.46 -74.62
N GLN B 160 -48.39 3.34 -73.60
CA GLN B 160 -47.85 4.67 -73.77
C GLN B 160 -46.34 4.65 -73.93
N GLN B 161 -45.66 3.73 -73.23
CA GLN B 161 -44.22 3.60 -73.40
C GLN B 161 -43.87 3.03 -74.76
N ARG B 162 -44.60 2.00 -75.20
CA ARG B 162 -44.27 1.33 -76.45
C ARG B 162 -44.51 2.26 -77.65
N ASP B 163 -45.60 3.02 -77.63
CA ASP B 163 -45.86 3.98 -78.69
C ASP B 163 -44.81 5.08 -78.75
N SER B 164 -44.12 5.35 -77.64
CA SER B 164 -43.06 6.34 -77.59
C SER B 164 -41.67 5.73 -77.58
N ARG B 165 -41.57 4.40 -77.61
CA ARG B 165 -40.29 3.68 -77.56
C ARG B 165 -39.48 4.06 -76.32
N TRP B 166 -40.16 4.12 -75.18
CA TRP B 166 -39.54 4.30 -73.86
C TRP B 166 -38.76 5.61 -73.80
N THR B 167 -39.53 6.70 -73.88
CA THR B 167 -38.97 8.05 -73.77
C THR B 167 -39.77 9.00 -72.88
N THR B 168 -41.03 8.71 -72.57
CA THR B 168 -41.89 9.66 -71.86
C THR B 168 -42.27 9.21 -70.45
N LYS B 169 -42.68 7.94 -70.27
CA LYS B 169 -43.16 7.50 -68.98
C LYS B 169 -42.30 6.37 -68.43
N THR B 170 -40.99 6.63 -68.29
CA THR B 170 -40.06 5.61 -67.83
C THR B 170 -39.69 5.75 -66.36
N THR B 171 -39.81 6.94 -65.78
CA THR B 171 -39.32 7.16 -64.44
C THR B 171 -40.45 7.07 -63.42
N PRO B 172 -40.12 6.71 -62.17
CA PRO B 172 -41.16 6.72 -61.12
C PRO B 172 -41.84 8.06 -60.94
N SER B 173 -41.17 9.17 -61.26
CA SER B 173 -41.78 10.49 -61.11
C SER B 173 -43.03 10.60 -61.98
N GLN B 174 -42.90 10.33 -63.28
CA GLN B 174 -44.06 10.42 -64.17
C GLN B 174 -45.09 9.36 -63.84
N ILE B 175 -44.65 8.17 -63.43
CA ILE B 175 -45.59 7.11 -63.09
C ILE B 175 -46.43 7.50 -61.89
N ILE B 176 -45.78 7.97 -60.82
CA ILE B 176 -46.50 8.36 -59.61
C ILE B 176 -47.42 9.56 -59.89
N ALA B 177 -46.97 10.47 -60.76
CA ALA B 177 -47.79 11.61 -61.10
C ALA B 177 -49.08 11.18 -61.81
N GLU B 178 -48.98 10.20 -62.70
CA GLU B 178 -50.17 9.69 -63.37
C GLU B 178 -50.95 8.72 -62.49
N ILE B 179 -50.32 8.15 -61.45
CA ILE B 179 -51.07 7.37 -60.47
C ILE B 179 -52.08 8.26 -59.77
N GLY B 180 -51.64 9.44 -59.33
CA GLY B 180 -52.57 10.38 -58.73
C GLY B 180 -53.62 10.88 -59.72
N ALA B 181 -53.24 11.03 -60.98
CA ALA B 181 -54.20 11.40 -62.00
C ALA B 181 -55.22 10.28 -62.21
N ALA B 182 -54.75 9.04 -62.26
CA ALA B 182 -55.68 7.91 -62.38
C ALA B 182 -56.58 7.78 -61.16
N LEU B 183 -56.06 8.15 -59.98
CA LEU B 183 -56.88 8.10 -58.77
C LEU B 183 -58.00 9.14 -58.82
N GLU B 184 -57.74 10.30 -59.44
CA GLU B 184 -58.79 11.31 -59.60
C GLU B 184 -59.87 10.82 -60.55
N SER B 185 -59.48 10.12 -61.62
CA SER B 185 -60.45 9.67 -62.61
C SER B 185 -61.26 8.49 -62.10
N VAL B 186 -60.58 7.46 -61.58
CA VAL B 186 -61.27 6.24 -61.19
C VAL B 186 -62.10 6.48 -59.93
N ARG B 187 -61.52 7.11 -58.92
CA ARG B 187 -62.17 7.33 -57.63
C ARG B 187 -62.19 8.82 -57.34
N PRO B 188 -63.19 9.55 -57.84
CA PRO B 188 -63.20 11.01 -57.67
C PRO B 188 -63.58 11.49 -56.29
N ASN B 189 -64.11 10.63 -55.43
CA ASN B 189 -64.54 11.05 -54.10
C ASN B 189 -63.43 10.93 -53.07
N ASP B 190 -62.81 9.76 -52.96
CA ASP B 190 -61.82 9.50 -51.92
C ASP B 190 -60.44 10.05 -52.25
N CYS B 191 -60.24 10.60 -53.44
CA CYS B 191 -58.92 11.09 -53.84
C CYS B 191 -58.49 12.31 -53.03
N GLY B 192 -59.43 13.00 -52.38
CA GLY B 192 -59.09 14.21 -51.65
C GLY B 192 -58.20 13.99 -50.45
N SER B 193 -58.15 12.77 -49.92
CA SER B 193 -57.33 12.44 -48.76
C SER B 193 -56.00 11.80 -49.13
N SER B 194 -55.69 11.68 -50.42
CA SER B 194 -54.47 11.03 -50.89
C SER B 194 -53.37 12.07 -51.09
N LEU B 195 -52.17 11.76 -50.60
CA LEU B 195 -51.02 12.63 -50.82
C LEU B 195 -50.65 12.68 -52.29
N ILE B 196 -50.64 11.52 -52.97
CA ILE B 196 -50.24 11.45 -54.36
C ILE B 196 -51.19 12.25 -55.24
N TYR B 197 -52.47 12.32 -54.87
CA TYR B 197 -53.43 13.09 -55.65
C TYR B 197 -53.06 14.58 -55.68
N TRP B 198 -52.75 15.14 -54.50
CA TRP B 198 -52.38 16.55 -54.44
C TRP B 198 -51.02 16.82 -55.06
N CYS B 199 -50.10 15.85 -54.95
CA CYS B 199 -48.82 16.01 -55.62
C CYS B 199 -48.98 16.03 -57.14
N TYR B 200 -50.04 15.41 -57.65
CA TYR B 200 -50.34 15.52 -59.08
C TYR B 200 -51.03 16.83 -59.40
N ARG B 201 -52.05 17.20 -58.62
CA ARG B 201 -52.82 18.40 -58.94
C ARG B 201 -52.00 19.67 -58.73
N ASN B 202 -51.33 19.78 -57.58
CA ASN B 202 -50.49 20.93 -57.29
C ASN B 202 -49.09 20.83 -57.91
N ASP B 203 -48.82 19.76 -58.67
CA ASP B 203 -47.55 19.57 -59.37
C ASP B 203 -46.38 19.53 -58.37
N ILE B 204 -46.36 18.46 -57.60
CA ILE B 204 -45.29 18.17 -56.66
C ILE B 204 -44.66 16.85 -57.06
N PRO B 205 -43.40 16.81 -57.45
CA PRO B 205 -42.79 15.54 -57.89
C PRO B 205 -42.55 14.61 -56.72
N VAL B 206 -42.85 13.34 -56.94
CA VAL B 206 -42.61 12.28 -55.95
C VAL B 206 -41.53 11.37 -56.51
N PHE B 207 -40.52 11.07 -55.69
CA PHE B 207 -39.37 10.29 -56.11
C PHE B 207 -39.32 8.97 -55.32
N SER B 208 -39.10 7.88 -56.03
CA SER B 208 -39.03 6.54 -55.44
C SER B 208 -38.10 5.69 -56.28
N PRO B 209 -36.79 5.78 -56.01
CA PRO B 209 -35.82 5.05 -56.85
C PRO B 209 -35.93 3.53 -56.70
N ALA B 210 -36.30 3.02 -55.53
CA ALA B 210 -36.58 1.61 -55.35
C ALA B 210 -38.08 1.41 -55.47
N PHE B 211 -38.56 1.43 -56.71
CA PHE B 211 -40.00 1.46 -56.97
C PHE B 211 -40.64 0.08 -56.89
N THR B 212 -39.93 -0.95 -57.34
CA THR B 212 -40.50 -2.29 -57.40
C THR B 212 -40.47 -3.03 -56.07
N ASP B 213 -39.92 -2.42 -55.01
CA ASP B 213 -39.86 -3.05 -53.70
C ASP B 213 -41.16 -2.76 -52.97
N GLY B 214 -42.16 -3.61 -53.16
CA GLY B 214 -43.43 -3.47 -52.49
C GLY B 214 -44.53 -4.10 -53.32
N SER B 215 -45.77 -3.75 -52.97
CA SER B 215 -46.93 -4.31 -53.65
C SER B 215 -46.97 -3.90 -55.11
N MET B 216 -46.50 -2.69 -55.43
CA MET B 216 -46.48 -2.26 -56.83
C MET B 216 -45.61 -3.17 -57.68
N GLY B 217 -44.47 -3.60 -57.14
CA GLY B 217 -43.64 -4.55 -57.87
C GLY B 217 -44.32 -5.88 -58.09
N ASP B 218 -45.11 -6.32 -57.11
CA ASP B 218 -45.85 -7.57 -57.28
C ASP B 218 -46.94 -7.43 -58.34
N MET B 219 -47.61 -6.28 -58.38
CA MET B 219 -48.57 -6.03 -59.45
C MET B 219 -47.87 -6.00 -60.81
N ILE B 220 -46.67 -5.41 -60.86
CA ILE B 220 -45.88 -5.43 -62.08
C ILE B 220 -45.45 -6.85 -62.43
N TYR B 221 -45.14 -7.66 -61.41
CA TYR B 221 -44.73 -9.03 -61.65
C TYR B 221 -45.85 -9.84 -62.29
N PHE B 222 -47.09 -9.66 -61.82
CA PHE B 222 -48.23 -10.32 -62.47
C PHE B 222 -48.41 -9.81 -63.89
N TYR B 223 -48.30 -8.50 -64.09
CA TYR B 223 -48.54 -7.92 -65.40
C TYR B 223 -47.47 -8.34 -66.41
N ASN B 224 -46.20 -8.30 -66.00
CA ASN B 224 -45.12 -8.71 -66.90
C ASN B 224 -45.21 -10.19 -67.27
N TYR B 225 -45.71 -11.02 -66.35
CA TYR B 225 -45.80 -12.45 -66.61
C TYR B 225 -46.75 -12.78 -67.76
N SER B 226 -47.55 -11.81 -68.22
CA SER B 226 -48.41 -11.97 -69.38
C SER B 226 -47.99 -11.09 -70.55
N ARG B 227 -47.71 -9.81 -70.29
CA ARG B 227 -47.29 -8.85 -71.32
C ARG B 227 -45.96 -8.25 -70.88
N LYS B 228 -44.87 -8.69 -71.51
CA LYS B 228 -43.55 -8.17 -71.22
C LYS B 228 -43.27 -6.92 -72.06
N GLY B 229 -42.59 -5.95 -71.46
CA GLY B 229 -42.23 -4.75 -72.19
C GLY B 229 -42.13 -3.50 -71.34
N LEU B 230 -42.87 -3.46 -70.22
CA LEU B 230 -42.83 -2.31 -69.34
C LEU B 230 -41.42 -2.09 -68.81
N VAL B 231 -41.07 -0.82 -68.57
CA VAL B 231 -39.75 -0.45 -68.09
C VAL B 231 -39.89 0.63 -67.03
N VAL B 232 -39.15 0.48 -65.94
CA VAL B 232 -39.07 1.49 -64.88
C VAL B 232 -37.62 1.96 -64.82
N ASP B 233 -37.36 3.15 -65.35
CA ASP B 233 -36.02 3.72 -65.41
C ASP B 233 -35.90 4.82 -64.36
N PRO B 234 -35.24 4.56 -63.23
CA PRO B 234 -35.19 5.55 -62.14
C PRO B 234 -33.98 6.49 -62.16
N VAL B 235 -33.05 6.33 -63.09
CA VAL B 235 -31.86 7.19 -63.11
C VAL B 235 -32.15 8.62 -63.58
N PRO B 236 -33.15 8.90 -64.42
CA PRO B 236 -33.43 10.31 -64.72
C PRO B 236 -34.04 11.06 -63.56
N ASP B 237 -34.67 10.35 -62.62
CA ASP B 237 -35.18 11.01 -61.41
C ASP B 237 -34.06 11.60 -60.58
N VAL B 238 -32.85 11.05 -60.70
CA VAL B 238 -31.71 11.60 -59.96
C VAL B 238 -31.30 12.94 -60.56
N ARG B 239 -31.15 12.99 -61.89
CA ARG B 239 -30.89 14.27 -62.55
C ARG B 239 -32.01 15.26 -62.24
N ARG B 240 -33.25 14.78 -62.16
CA ARG B 240 -34.38 15.61 -61.79
C ARG B 240 -34.21 16.16 -60.38
N LEU B 241 -34.18 15.27 -59.38
CA LEU B 241 -34.09 15.69 -57.98
C LEU B 241 -32.89 16.60 -57.73
N ARG B 242 -31.78 16.38 -58.45
CA ARG B 242 -30.64 17.29 -58.33
C ARG B 242 -30.98 18.67 -58.89
N GLN B 243 -31.61 18.70 -60.06
CA GLN B 243 -31.98 19.98 -60.67
C GLN B 243 -32.92 20.79 -59.77
N LEU B 244 -33.72 20.09 -58.97
CA LEU B 244 -34.62 20.78 -58.03
C LEU B 244 -33.90 21.25 -56.78
N GLY B 245 -32.71 20.73 -56.51
CA GLY B 245 -31.98 21.11 -55.31
C GLY B 245 -30.84 22.08 -55.56
N CYS B 246 -30.49 22.29 -56.82
CA CYS B 246 -29.40 23.19 -57.17
C CYS B 246 -29.83 24.64 -56.93
N LYS B 247 -29.17 25.29 -55.98
CA LYS B 247 -29.49 26.69 -55.68
C LYS B 247 -29.05 27.62 -56.80
N VAL B 251 -33.24 33.87 -50.04
CA VAL B 251 -33.64 33.83 -51.43
C VAL B 251 -33.74 32.38 -51.90
N GLY B 252 -32.62 31.66 -51.80
CA GLY B 252 -32.57 30.23 -52.05
C GLY B 252 -32.38 29.46 -50.76
N ARG B 253 -33.48 29.22 -50.06
CA ARG B 253 -33.46 28.52 -48.78
C ARG B 253 -34.15 27.18 -48.95
N ILE B 254 -33.39 26.10 -48.84
CA ILE B 254 -33.89 24.75 -49.11
C ILE B 254 -33.92 24.00 -47.79
N THR B 255 -35.12 23.77 -47.27
CA THR B 255 -35.31 23.03 -46.03
C THR B 255 -35.75 21.61 -46.35
N CYS B 256 -35.16 20.64 -45.64
CA CYS B 256 -35.45 19.22 -45.84
C CYS B 256 -35.97 18.63 -44.54
N ILE B 257 -37.20 18.12 -44.59
CA ILE B 257 -37.83 17.47 -43.44
C ILE B 257 -37.78 15.97 -43.69
N VAL B 258 -36.92 15.27 -42.94
CA VAL B 258 -36.73 13.83 -43.10
C VAL B 258 -37.35 13.16 -41.88
N LEU B 259 -38.57 12.65 -42.04
CA LEU B 259 -39.23 11.88 -40.99
C LEU B 259 -38.96 10.40 -41.25
N GLY B 260 -38.11 9.81 -40.42
CA GLY B 260 -37.67 8.45 -40.64
C GLY B 260 -36.61 8.38 -41.73
N ALA B 261 -35.56 7.59 -41.49
CA ALA B 261 -34.44 7.50 -42.41
C ALA B 261 -34.46 6.20 -43.19
N GLY B 262 -33.57 6.10 -44.17
CA GLY B 262 -33.51 4.97 -45.07
C GLY B 262 -33.17 5.42 -46.48
N LEU B 263 -33.96 5.00 -47.45
CA LEU B 263 -33.83 5.54 -48.80
C LEU B 263 -34.41 6.95 -48.91
N PRO B 264 -35.45 7.32 -48.13
CA PRO B 264 -35.84 8.73 -48.11
C PRO B 264 -34.70 9.69 -47.77
N LYS B 265 -33.94 9.40 -46.71
CA LYS B 265 -32.95 10.35 -46.24
C LYS B 265 -31.79 10.49 -47.22
N HIS B 266 -31.17 9.38 -47.60
CA HIS B 266 -29.99 9.45 -48.46
C HIS B 266 -30.31 10.10 -49.80
N HIS B 267 -31.38 9.65 -50.46
CA HIS B 267 -31.69 10.15 -51.80
C HIS B 267 -31.95 11.65 -51.78
N LEU B 268 -32.58 12.15 -50.71
CA LEU B 268 -32.86 13.58 -50.62
C LEU B 268 -31.57 14.37 -50.37
N LEU B 269 -30.87 14.08 -49.27
CA LEU B 269 -29.74 14.88 -48.85
C LEU B 269 -28.49 14.64 -49.69
N ARG B 270 -28.43 13.55 -50.46
CA ARG B 270 -27.28 13.33 -51.33
C ARG B 270 -27.40 14.14 -52.61
N ASN B 271 -28.62 14.29 -53.13
CA ASN B 271 -28.85 14.99 -54.38
C ASN B 271 -29.31 16.44 -54.20
N VAL B 272 -29.80 16.79 -53.02
CA VAL B 272 -30.25 18.14 -52.72
C VAL B 272 -29.31 18.77 -51.71
N GLN B 273 -28.91 20.01 -51.97
CA GLN B 273 -28.08 20.79 -51.04
C GLN B 273 -29.01 21.66 -50.21
N ALA B 274 -29.26 21.23 -48.98
CA ALA B 274 -30.23 21.90 -48.11
C ALA B 274 -29.53 22.87 -47.18
N ASP B 275 -30.18 24.01 -46.94
CA ASP B 275 -29.71 24.96 -45.94
C ASP B 275 -30.21 24.62 -44.54
N ALA B 276 -31.31 23.89 -44.44
CA ALA B 276 -31.87 23.46 -43.17
C ALA B 276 -32.34 22.02 -43.28
N VAL B 277 -31.97 21.19 -42.31
CA VAL B 277 -32.33 19.78 -42.30
C VAL B 277 -32.85 19.42 -40.91
N VAL B 278 -33.87 18.56 -40.88
CA VAL B 278 -34.46 18.08 -39.63
C VAL B 278 -34.51 16.56 -39.68
N TYR B 279 -33.92 15.91 -38.69
CA TYR B 279 -33.92 14.47 -38.57
C TYR B 279 -34.90 14.02 -37.51
N VAL B 280 -35.68 12.98 -37.82
CA VAL B 280 -36.55 12.31 -36.85
C VAL B 280 -36.36 10.82 -37.08
N THR B 281 -35.41 10.22 -36.35
CA THR B 281 -35.00 8.85 -36.57
C THR B 281 -35.00 8.09 -35.25
N THR B 282 -34.72 6.79 -35.33
CA THR B 282 -34.58 5.94 -34.15
C THR B 282 -33.32 5.09 -34.15
N GLY B 283 -32.61 4.97 -35.27
CA GLY B 283 -31.44 4.12 -35.33
C GLY B 283 -30.30 4.65 -34.48
N SER B 284 -29.42 3.74 -34.09
CA SER B 284 -28.28 4.04 -33.24
C SER B 284 -27.00 4.01 -34.06
N ASP B 285 -26.05 4.86 -33.66
CA ASP B 285 -24.80 4.99 -34.41
C ASP B 285 -24.03 3.67 -34.51
N ALA B 286 -24.26 2.75 -33.56
CA ALA B 286 -23.53 1.49 -33.56
C ALA B 286 -23.82 0.65 -34.80
N ASP B 287 -24.96 0.87 -35.46
CA ASP B 287 -25.27 0.13 -36.67
C ASP B 287 -24.33 0.48 -37.81
N GLY B 288 -23.72 1.66 -37.78
CA GLY B 288 -22.82 2.07 -38.86
C GLY B 288 -23.51 2.19 -40.20
N CYS B 289 -24.76 2.67 -40.20
CA CYS B 289 -25.55 2.77 -41.41
C CYS B 289 -26.07 4.19 -41.57
N GLU B 290 -26.73 4.44 -42.69
CA GLU B 290 -27.25 5.77 -42.98
C GLU B 290 -28.41 6.13 -42.06
N SER B 291 -29.27 5.15 -41.74
CA SER B 291 -30.46 5.43 -40.94
C SER B 291 -30.10 5.98 -39.57
N SER B 292 -28.92 5.63 -39.06
CA SER B 292 -28.41 6.20 -37.81
C SER B 292 -27.90 7.60 -38.10
N CYS B 293 -28.85 8.54 -38.14
CA CYS B 293 -28.57 9.92 -38.52
C CYS B 293 -27.52 10.54 -37.62
N ASN B 294 -26.26 10.46 -38.03
CA ASN B 294 -25.15 11.09 -37.31
C ASN B 294 -24.87 12.43 -37.97
N VAL B 295 -25.00 13.51 -37.20
CA VAL B 295 -24.92 14.86 -37.77
C VAL B 295 -23.54 15.11 -38.36
N MET B 296 -22.49 14.84 -37.57
CA MET B 296 -21.14 15.12 -38.05
C MET B 296 -20.71 14.13 -39.12
N ALA B 297 -21.14 12.87 -39.01
CA ALA B 297 -20.76 11.88 -40.01
C ALA B 297 -21.43 12.15 -41.35
N ASP B 298 -22.69 12.58 -41.33
CA ASP B 298 -23.36 12.95 -42.58
C ASP B 298 -22.73 14.18 -43.21
N ARG B 299 -22.20 15.10 -42.40
CA ARG B 299 -21.44 16.22 -42.94
C ARG B 299 -20.15 15.74 -43.60
N ALA B 300 -19.55 14.67 -43.08
CA ALA B 300 -18.29 14.19 -43.63
C ALA B 300 -18.49 13.54 -44.99
N ASN B 301 -19.69 13.04 -45.28
CA ASN B 301 -19.97 12.34 -46.52
C ASN B 301 -20.61 13.22 -47.58
N GLY B 302 -20.77 14.51 -47.31
CA GLY B 302 -21.38 15.40 -48.27
C GLY B 302 -22.89 15.42 -48.27
N LEU B 303 -23.53 14.74 -47.32
CA LEU B 303 -24.98 14.80 -47.20
C LEU B 303 -25.44 16.15 -46.63
N LEU B 304 -24.64 16.73 -45.73
CA LEU B 304 -24.92 18.04 -45.16
C LEU B 304 -23.72 18.95 -45.37
N SER B 305 -23.99 20.21 -45.72
CA SER B 305 -22.90 21.17 -45.78
C SER B 305 -22.50 21.58 -44.37
N PRO B 306 -21.22 21.87 -44.14
CA PRO B 306 -20.79 22.21 -42.76
C PRO B 306 -21.42 23.47 -42.21
N ASN B 307 -21.99 24.32 -43.07
CA ASN B 307 -22.70 25.52 -42.62
C ASN B 307 -24.20 25.31 -42.58
N CYS B 308 -24.67 24.07 -42.77
CA CYS B 308 -26.09 23.80 -42.81
C CYS B 308 -26.68 23.74 -41.40
N ASP B 309 -27.78 24.45 -41.18
CA ASP B 309 -28.49 24.38 -39.92
C ASP B 309 -29.23 23.05 -39.83
N VAL B 310 -28.95 22.28 -38.78
CA VAL B 310 -29.49 20.92 -38.65
C VAL B 310 -29.79 20.63 -37.19
N VAL B 311 -30.85 19.88 -36.96
CA VAL B 311 -31.24 19.41 -35.62
C VAL B 311 -31.80 18.01 -35.77
N ARG B 312 -31.43 17.10 -34.87
CA ARG B 312 -31.84 15.71 -34.94
C ARG B 312 -32.65 15.34 -33.71
N VAL B 313 -33.88 14.85 -33.93
CA VAL B 313 -34.73 14.34 -32.86
C VAL B 313 -34.67 12.83 -32.90
N HIS B 314 -34.43 12.21 -31.74
CA HIS B 314 -34.42 10.76 -31.61
C HIS B 314 -35.74 10.30 -31.00
N GLY B 315 -36.52 9.56 -31.77
CA GLY B 315 -37.79 9.06 -31.31
C GLY B 315 -38.66 8.64 -32.47
N ASP B 316 -39.81 8.08 -32.13
CA ASP B 316 -40.76 7.62 -33.14
C ASP B 316 -41.44 8.83 -33.76
N ALA B 317 -41.29 8.98 -35.08
CA ALA B 317 -41.86 10.13 -35.79
C ALA B 317 -43.36 10.24 -35.62
N THR B 318 -44.03 9.14 -35.24
CA THR B 318 -45.47 9.20 -34.99
C THR B 318 -45.81 10.15 -33.86
N ILE B 319 -44.92 10.27 -32.87
CA ILE B 319 -45.12 11.24 -31.79
C ILE B 319 -44.50 12.59 -32.13
N ILE B 320 -43.42 12.61 -32.91
CA ILE B 320 -42.68 13.84 -33.17
C ILE B 320 -43.34 14.67 -34.26
N SER B 321 -43.65 14.04 -35.39
CA SER B 321 -44.12 14.80 -36.55
C SER B 321 -45.37 15.65 -36.27
N PRO B 322 -46.40 15.17 -35.57
CA PRO B 322 -47.52 16.07 -35.26
C PRO B 322 -47.13 17.28 -34.44
N LEU B 323 -46.18 17.13 -33.52
CA LEU B 323 -45.74 18.26 -32.72
C LEU B 323 -44.91 19.24 -33.53
N LEU B 324 -44.23 18.76 -34.58
CA LEU B 324 -43.46 19.64 -35.44
C LEU B 324 -44.33 20.34 -36.46
N LEU B 325 -45.39 19.69 -36.93
CA LEU B 325 -46.23 20.24 -37.99
C LEU B 325 -47.44 21.01 -37.44
N LEU B 326 -47.73 20.87 -36.16
CA LEU B 326 -48.85 21.59 -35.54
C LEU B 326 -48.74 23.08 -35.81
N ARG B 327 -49.81 23.64 -36.39
CA ARG B 327 -49.75 24.99 -36.91
C ARG B 327 -49.75 26.02 -35.77
N SER B 328 -49.25 27.21 -36.11
CA SER B 328 -49.13 28.31 -35.16
C SER B 328 -50.19 29.37 -35.40
N GLN C 24 -60.88 -0.18 -34.80
CA GLN C 24 -61.16 1.12 -35.39
C GLN C 24 -60.17 1.44 -36.52
N VAL C 25 -60.48 2.47 -37.29
CA VAL C 25 -59.73 2.84 -38.48
C VAL C 25 -58.55 3.72 -38.11
N VAL C 26 -57.49 3.64 -38.92
CA VAL C 26 -56.30 4.46 -38.73
C VAL C 26 -56.55 5.82 -39.38
N VAL C 27 -56.63 6.87 -38.57
CA VAL C 27 -56.82 8.24 -39.05
C VAL C 27 -55.87 9.14 -38.25
N GLY C 28 -55.18 10.03 -38.95
CA GLY C 28 -54.24 10.92 -38.31
C GLY C 28 -54.70 12.37 -38.33
N PRO C 29 -53.85 13.27 -37.80
CA PRO C 29 -54.23 14.70 -37.73
C PRO C 29 -54.73 15.26 -39.05
N ASN C 30 -55.99 15.66 -39.05
CA ASN C 30 -56.71 16.03 -40.27
C ASN C 30 -56.33 17.44 -40.71
N GLN C 31 -57.09 17.97 -41.66
CA GLN C 31 -56.94 19.36 -42.04
C GLN C 31 -57.40 20.28 -40.91
N GLU C 32 -58.62 20.05 -40.41
CA GLU C 32 -59.20 20.92 -39.39
C GLU C 32 -58.45 20.81 -38.06
N ASP C 33 -58.16 19.59 -37.61
CA ASP C 33 -57.57 19.35 -36.30
C ASP C 33 -56.05 19.34 -36.30
N LEU C 34 -55.43 20.14 -37.17
CA LEU C 34 -54.01 20.49 -37.04
C LEU C 34 -53.84 21.89 -36.46
N HIS C 35 -54.93 22.53 -36.07
CA HIS C 35 -54.91 23.88 -35.52
C HIS C 35 -55.05 23.92 -34.01
N SER C 36 -55.24 22.78 -33.35
CA SER C 36 -55.33 22.72 -31.90
C SER C 36 -54.58 21.50 -31.40
N ALA C 37 -53.71 21.70 -30.41
CA ALA C 37 -52.91 20.60 -29.89
C ALA C 37 -53.77 19.56 -29.18
N GLU C 38 -54.92 19.97 -28.65
CA GLU C 38 -55.80 19.01 -27.99
C GLU C 38 -56.24 17.91 -28.95
N ALA C 39 -56.79 18.30 -30.11
CA ALA C 39 -57.27 17.31 -31.07
C ALA C 39 -56.14 16.44 -31.60
N VAL C 40 -54.93 17.01 -31.71
CA VAL C 40 -53.78 16.20 -32.16
C VAL C 40 -53.45 15.14 -31.13
N LEU C 41 -53.28 15.54 -29.88
CA LEU C 41 -53.02 14.59 -28.80
C LEU C 41 -54.20 13.65 -28.58
N ASN C 42 -55.41 14.06 -28.95
CA ASN C 42 -56.55 13.17 -28.87
C ASN C 42 -56.54 12.15 -30.01
N ARG C 43 -56.10 12.58 -31.19
CA ARG C 43 -56.10 11.68 -32.35
C ARG C 43 -54.90 10.73 -32.35
N TYR C 44 -53.96 10.89 -31.42
CA TYR C 44 -52.88 9.90 -31.28
C TYR C 44 -53.41 8.49 -31.11
N SER C 45 -54.65 8.34 -30.63
CA SER C 45 -55.22 7.02 -30.46
C SER C 45 -55.38 6.30 -31.79
N THR C 46 -55.85 7.02 -32.82
CA THR C 46 -56.07 6.43 -34.13
C THR C 46 -54.85 6.50 -35.03
N VAL C 47 -53.77 7.10 -34.57
CA VAL C 47 -52.49 7.04 -35.28
C VAL C 47 -51.70 5.86 -34.72
N GLY C 48 -51.08 5.10 -35.60
CA GLY C 48 -50.46 3.85 -35.20
C GLY C 48 -49.18 4.01 -34.42
N PHE C 49 -48.50 2.87 -34.26
CA PHE C 49 -47.18 2.77 -33.64
C PHE C 49 -47.22 3.31 -32.22
N GLN C 50 -46.28 4.17 -31.82
CA GLN C 50 -46.14 4.58 -30.43
C GLN C 50 -47.00 5.78 -30.05
N ALA C 51 -47.77 6.36 -30.98
CA ALA C 51 -48.76 7.36 -30.56
C ALA C 51 -49.95 6.70 -29.89
N SER C 52 -50.36 5.52 -30.38
CA SER C 52 -51.41 4.76 -29.74
C SER C 52 -51.00 4.32 -28.34
N ASN C 53 -49.74 3.89 -28.17
CA ASN C 53 -49.23 3.56 -26.84
C ASN C 53 -49.23 4.79 -25.93
N LEU C 54 -48.92 5.95 -26.48
CA LEU C 54 -48.96 7.17 -25.68
C LEU C 54 -50.39 7.58 -25.36
N ALA C 55 -51.31 7.36 -26.30
CA ALA C 55 -52.73 7.62 -26.03
C ALA C 55 -53.27 6.68 -24.97
N ARG C 56 -52.81 5.42 -24.99
CA ARG C 56 -53.18 4.50 -23.91
C ARG C 56 -52.55 4.93 -22.61
N ALA C 57 -51.34 5.50 -22.65
CA ALA C 57 -50.72 6.05 -21.45
C ALA C 57 -51.53 7.21 -20.90
N PHE C 58 -52.09 8.04 -21.79
CA PHE C 58 -53.03 9.08 -21.37
C PHE C 58 -54.17 8.47 -20.56
N SER C 59 -54.80 7.42 -21.10
CA SER C 59 -55.99 6.87 -20.49
C SER C 59 -55.66 6.20 -19.16
N ILE C 60 -54.58 5.40 -19.12
CA ILE C 60 -54.23 4.69 -17.89
C ILE C 60 -53.89 5.67 -16.78
N CYS C 61 -53.29 6.81 -17.10
CA CYS C 61 -53.02 7.82 -16.08
C CYS C 61 -54.32 8.40 -15.53
N GLU C 62 -55.31 8.63 -16.40
CA GLU C 62 -56.61 9.09 -15.93
C GLU C 62 -57.31 8.03 -15.10
N MET C 63 -57.08 6.75 -15.42
CA MET C 63 -57.63 5.68 -14.60
C MET C 63 -57.00 5.65 -13.22
N MET C 64 -55.71 6.03 -13.13
CA MET C 64 -55.08 6.13 -11.82
C MET C 64 -55.69 7.27 -11.00
N LEU C 65 -56.26 8.26 -11.66
CA LEU C 65 -56.81 9.43 -10.99
C LEU C 65 -58.31 9.32 -10.72
N THR C 66 -58.96 8.27 -11.21
CA THR C 66 -60.41 8.14 -11.04
C THR C 66 -60.71 7.36 -9.77
N PRO C 67 -61.43 7.94 -8.81
CA PRO C 67 -61.81 7.19 -7.61
C PRO C 67 -62.72 6.02 -7.95
N GLN C 68 -62.36 4.85 -7.44
CA GLN C 68 -63.08 3.62 -7.77
C GLN C 68 -62.93 2.63 -6.62
N SER C 69 -63.49 1.44 -6.81
CA SER C 69 -63.51 0.41 -5.80
C SER C 69 -62.14 -0.25 -5.67
N PRO C 70 -61.85 -0.87 -4.52
CA PRO C 70 -60.56 -1.52 -4.34
C PRO C 70 -60.43 -2.74 -5.25
N SER C 71 -59.22 -3.30 -5.26
CA SER C 71 -58.91 -4.43 -6.13
C SER C 71 -59.79 -5.63 -5.76
N PRO C 72 -60.10 -6.50 -6.74
CA PRO C 72 -60.92 -7.70 -6.52
C PRO C 72 -60.34 -8.62 -5.45
N VAL C 87 -67.46 1.41 -1.19
CA VAL C 87 -66.17 1.50 -0.50
C VAL C 87 -65.10 1.93 -1.50
N MET C 88 -65.36 3.04 -2.20
CA MET C 88 -64.47 3.50 -3.25
C MET C 88 -63.22 4.15 -2.67
N VAL C 89 -62.11 4.00 -3.39
CA VAL C 89 -60.82 4.54 -2.99
C VAL C 89 -60.21 5.30 -4.16
N GLN C 90 -59.30 6.22 -3.85
CA GLN C 90 -58.49 6.86 -4.86
C GLN C 90 -57.12 6.20 -4.87
N PRO C 91 -56.66 5.69 -6.02
CA PRO C 91 -55.45 4.87 -6.03
C PRO C 91 -54.23 5.64 -5.54
N THR C 92 -53.36 4.94 -4.81
CA THR C 92 -52.07 5.49 -4.42
C THR C 92 -51.07 5.27 -5.54
N LEU C 93 -50.43 6.36 -5.97
CA LEU C 93 -49.60 6.35 -7.17
C LEU C 93 -48.12 6.27 -6.79
N PHE C 94 -47.46 5.21 -7.25
CA PHE C 94 -46.02 5.03 -7.08
C PHE C 94 -45.35 5.48 -8.37
N VAL C 95 -44.59 6.58 -8.32
CA VAL C 95 -43.90 7.10 -9.49
C VAL C 95 -42.39 6.98 -9.26
N GLY C 96 -41.70 6.37 -10.21
CA GLY C 96 -40.26 6.18 -10.14
C GLY C 96 -39.57 6.97 -11.25
N VAL C 97 -38.50 7.67 -10.88
CA VAL C 97 -37.85 8.62 -11.78
C VAL C 97 -36.36 8.29 -11.87
N THR C 98 -35.84 8.35 -13.09
CA THR C 98 -34.42 8.24 -13.34
C THR C 98 -33.69 9.46 -12.78
N ALA C 99 -32.43 9.24 -12.35
CA ALA C 99 -31.66 10.29 -11.70
C ALA C 99 -31.46 11.50 -12.60
N ASN C 100 -30.88 11.28 -13.79
CA ASN C 100 -30.55 12.39 -14.68
C ASN C 100 -31.79 13.14 -15.16
N LEU C 101 -32.98 12.54 -15.05
CA LEU C 101 -34.20 13.22 -15.47
C LEU C 101 -34.53 14.41 -14.60
N PHE C 102 -33.88 14.58 -13.45
CA PHE C 102 -34.03 15.81 -12.69
C PHE C 102 -33.10 16.91 -13.18
N GLY C 103 -32.14 16.58 -14.05
CA GLY C 103 -31.37 17.61 -14.71
C GLY C 103 -32.11 18.28 -15.84
N THR C 104 -33.02 17.55 -16.50
CA THR C 104 -33.83 18.11 -17.56
C THR C 104 -35.14 18.68 -16.98
N GLY C 105 -36.00 19.14 -17.88
CA GLY C 105 -37.24 19.81 -17.50
C GLY C 105 -38.28 18.95 -16.82
N CYS C 106 -38.05 17.64 -16.70
CA CYS C 106 -38.98 16.79 -15.95
C CYS C 106 -39.00 17.13 -14.48
N ARG C 107 -37.94 17.74 -13.96
CA ARG C 107 -37.94 18.24 -12.59
C ARG C 107 -39.08 19.21 -12.36
N GLU C 108 -39.41 20.00 -13.38
CA GLU C 108 -40.52 20.95 -13.27
C GLU C 108 -41.86 20.23 -13.15
N ALA C 109 -42.05 19.17 -13.94
CA ALA C 109 -43.33 18.47 -13.95
C ALA C 109 -43.52 17.61 -12.71
N ILE C 110 -42.45 16.92 -12.27
CA ILE C 110 -42.53 16.13 -11.04
C ILE C 110 -42.80 17.04 -9.85
N ARG C 111 -42.24 18.25 -9.86
CA ARG C 111 -42.54 19.22 -8.82
C ARG C 111 -44.03 19.56 -8.80
N PHE C 112 -44.65 19.68 -9.97
CA PHE C 112 -46.08 19.91 -10.04
C PHE C 112 -46.85 18.72 -9.46
N LEU C 113 -46.38 17.50 -9.71
CA LEU C 113 -47.04 16.33 -9.17
C LEU C 113 -46.96 16.28 -7.65
N CYS C 114 -45.96 16.94 -7.07
CA CYS C 114 -45.84 17.02 -5.62
C CYS C 114 -46.51 18.25 -5.03
N THR C 115 -46.74 19.28 -5.84
CA THR C 115 -47.28 20.54 -5.33
C THR C 115 -48.80 20.51 -5.22
N GLU C 116 -49.48 20.54 -6.37
CA GLU C 116 -50.93 20.66 -6.38
C GLU C 116 -51.58 19.43 -5.75
N CYS C 117 -52.67 19.67 -5.02
CA CYS C 117 -53.41 18.63 -4.33
C CYS C 117 -54.90 18.91 -4.43
N VAL C 118 -55.67 17.86 -4.64
CA VAL C 118 -57.13 17.93 -4.76
C VAL C 118 -57.74 17.20 -3.57
N PRO C 119 -58.63 17.83 -2.82
CA PRO C 119 -59.29 17.11 -1.72
C PRO C 119 -60.10 15.93 -2.24
N LEU C 120 -59.97 14.79 -1.56
CA LEU C 120 -60.71 13.61 -1.96
C LEU C 120 -62.20 13.83 -1.75
N PRO C 121 -63.04 13.38 -2.68
CA PRO C 121 -64.50 13.45 -2.47
C PRO C 121 -64.94 12.84 -1.16
N ASN C 122 -66.13 13.24 -0.69
CA ASN C 122 -66.58 12.85 0.64
C ASN C 122 -66.75 11.34 0.77
N GLY C 123 -67.07 10.66 -0.33
CA GLY C 123 -67.37 9.24 -0.25
C GLY C 123 -66.27 8.32 -0.76
N VAL C 124 -65.04 8.81 -0.80
CA VAL C 124 -63.89 8.00 -1.22
C VAL C 124 -62.81 8.12 -0.16
N GLU C 125 -62.13 7.00 0.13
CA GLU C 125 -61.13 6.89 1.17
C GLU C 125 -59.76 6.61 0.57
N PRO C 126 -58.70 7.24 1.08
CA PRO C 126 -57.35 6.92 0.57
C PRO C 126 -56.94 5.51 0.99
N ALA C 127 -56.28 4.80 0.07
CA ALA C 127 -55.87 3.42 0.31
C ALA C 127 -54.93 3.34 1.50
N THR C 128 -55.49 3.16 2.70
CA THR C 128 -54.70 3.09 3.92
C THR C 128 -55.31 2.10 4.91
N PRO C 146 -38.54 11.74 10.58
CA PRO C 146 -38.74 10.46 9.89
C PRO C 146 -39.75 10.58 8.76
N SER C 147 -39.55 9.80 7.69
CA SER C 147 -40.36 9.92 6.49
C SER C 147 -41.83 9.63 6.77
N PRO C 148 -42.72 10.60 6.58
CA PRO C 148 -44.16 10.33 6.71
C PRO C 148 -44.76 9.87 5.39
N CYS C 149 -45.88 9.17 5.50
CA CYS C 149 -46.58 8.61 4.35
C CYS C 149 -47.84 9.38 3.98
N ASP C 150 -48.16 10.45 4.70
CA ASP C 150 -49.38 11.21 4.44
C ASP C 150 -49.13 12.13 3.25
N SER C 151 -49.51 11.64 2.06
CA SER C 151 -49.34 12.38 0.82
C SER C 151 -50.70 12.95 0.40
N ARG C 152 -50.83 14.28 0.52
CA ARG C 152 -51.97 15.00 -0.04
C ARG C 152 -51.45 15.69 -1.30
N ALA C 153 -51.48 14.97 -2.42
CA ALA C 153 -50.99 15.47 -3.70
C ALA C 153 -51.43 14.49 -4.79
N LEU C 154 -50.98 14.76 -6.01
CA LEU C 154 -51.32 13.90 -7.14
C LEU C 154 -50.60 12.55 -7.04
N ILE C 155 -49.30 12.57 -6.75
CA ILE C 155 -48.54 11.36 -6.53
C ILE C 155 -48.43 11.13 -5.02
N HIS C 156 -48.10 9.90 -4.65
CA HIS C 156 -48.05 9.53 -3.24
C HIS C 156 -46.74 8.88 -2.80
N VAL C 157 -45.97 8.29 -3.70
CA VAL C 157 -44.64 7.75 -3.39
C VAL C 157 -43.70 8.12 -4.53
N LEU C 158 -42.46 8.47 -4.19
CA LEU C 158 -41.46 8.86 -5.17
C LEU C 158 -40.20 8.04 -4.95
N VAL C 159 -39.91 7.12 -5.87
CA VAL C 159 -38.70 6.32 -5.83
C VAL C 159 -37.74 6.86 -6.89
N VAL C 160 -36.58 7.34 -6.46
CA VAL C 160 -35.63 7.99 -7.36
C VAL C 160 -34.27 7.30 -7.26
N SER C 161 -33.49 7.45 -8.32
CA SER C 161 -32.17 6.82 -8.41
C SER C 161 -31.12 7.68 -7.73
N GLY C 162 -29.91 7.12 -7.61
CA GLY C 162 -28.83 7.83 -6.96
C GLY C 162 -28.36 9.00 -7.81
N GLY C 163 -28.19 10.16 -7.18
CA GLY C 163 -27.83 11.37 -7.88
C GLY C 163 -29.01 12.20 -8.36
N ALA C 164 -30.24 11.75 -8.11
CA ALA C 164 -31.41 12.48 -8.58
C ALA C 164 -31.61 13.76 -7.78
N MET C 165 -31.80 13.64 -6.47
CA MET C 165 -32.02 14.81 -5.63
C MET C 165 -30.79 15.71 -5.59
N GLU C 166 -29.60 15.17 -5.85
CA GLU C 166 -28.43 16.02 -5.99
C GLU C 166 -28.57 16.94 -7.20
N HIS C 167 -29.16 16.44 -8.29
CA HIS C 167 -29.49 17.31 -9.41
C HIS C 167 -30.59 18.29 -9.04
N ASP C 168 -31.56 17.85 -8.23
CA ASP C 168 -32.63 18.74 -7.79
C ASP C 168 -32.09 19.89 -6.98
N ILE C 169 -31.16 19.62 -6.07
CA ILE C 169 -30.53 20.67 -5.28
C ILE C 169 -29.76 21.62 -6.19
N ARG C 170 -28.96 21.06 -7.10
CA ARG C 170 -27.97 21.83 -7.85
C ARG C 170 -28.59 22.78 -8.88
N ARG C 171 -29.87 22.61 -9.21
CA ARG C 171 -30.47 23.46 -10.24
C ARG C 171 -31.04 24.76 -9.68
N ALA C 172 -31.23 24.86 -8.37
CA ALA C 172 -31.59 26.12 -7.74
C ALA C 172 -30.37 26.93 -7.33
N CYS C 173 -29.17 26.33 -7.38
CA CYS C 173 -27.93 27.03 -7.07
C CYS C 173 -27.34 27.68 -8.31
N GLU C 174 -27.29 26.94 -9.41
CA GLU C 174 -26.80 27.45 -10.69
C GLU C 174 -27.78 27.08 -11.79
N SER C 175 -27.40 27.35 -13.04
CA SER C 175 -28.25 27.07 -14.19
C SER C 175 -27.60 26.03 -15.08
N TYR C 176 -28.42 25.11 -15.60
CA TYR C 176 -27.95 24.06 -16.49
C TYR C 176 -27.90 24.59 -17.92
N LYS C 177 -26.76 24.39 -18.58
CA LYS C 177 -26.52 24.89 -19.93
C LYS C 177 -26.69 23.78 -20.96
N LEU C 178 -27.01 24.18 -22.19
CA LEU C 178 -27.19 23.24 -23.28
C LEU C 178 -26.11 23.43 -24.33
N SER C 179 -25.80 22.34 -25.03
CA SER C 179 -24.83 22.36 -26.11
C SER C 179 -25.53 22.80 -27.40
N ARG C 180 -24.82 22.73 -28.52
CA ARG C 180 -25.42 23.05 -29.82
C ARG C 180 -25.16 21.94 -30.81
N THR C 204 -14.82 21.22 -13.42
CA THR C 204 -15.03 21.23 -14.86
C THR C 204 -16.49 20.87 -15.16
N ASP C 205 -16.99 21.34 -16.31
CA ASP C 205 -18.37 21.11 -16.68
C ASP C 205 -18.62 19.65 -17.00
N CYS C 206 -19.75 19.14 -16.54
CA CYS C 206 -20.14 17.75 -16.73
C CYS C 206 -21.18 17.64 -17.85
N HIS C 207 -21.25 16.45 -18.44
CA HIS C 207 -22.17 16.17 -19.55
C HIS C 207 -23.13 15.05 -19.16
N PHE C 208 -24.37 15.16 -19.65
CA PHE C 208 -25.30 14.04 -19.69
C PHE C 208 -26.21 14.27 -20.91
N GLY C 209 -25.64 14.07 -22.09
CA GLY C 209 -26.34 14.35 -23.33
C GLY C 209 -25.99 15.71 -23.89
N ASN C 210 -26.99 16.45 -24.37
CA ASN C 210 -26.78 17.82 -24.85
C ASN C 210 -26.92 18.84 -23.74
N VAL C 211 -27.04 18.41 -22.49
CA VAL C 211 -27.11 19.31 -21.35
C VAL C 211 -25.78 19.26 -20.61
N ARG C 212 -25.38 20.40 -20.06
CA ARG C 212 -24.12 20.52 -19.34
C ARG C 212 -24.34 21.25 -18.03
N TYR C 213 -23.75 20.73 -16.96
CA TYR C 213 -23.75 21.38 -15.66
C TYR C 213 -22.33 21.42 -15.13
N ASN C 214 -22.12 22.22 -14.08
CA ASN C 214 -20.81 22.42 -13.48
C ASN C 214 -20.82 21.88 -12.05
N SER C 215 -20.15 20.75 -11.85
CA SER C 215 -19.92 20.20 -10.51
C SER C 215 -18.57 20.70 -10.04
N SER C 216 -18.58 21.70 -9.16
CA SER C 216 -17.35 22.25 -8.61
C SER C 216 -16.73 21.31 -7.57
N GLY C 217 -15.64 21.77 -6.96
CA GLY C 217 -14.91 20.95 -6.02
C GLY C 217 -15.76 20.56 -4.83
N VAL C 218 -15.35 19.46 -4.18
CA VAL C 218 -16.09 18.97 -3.01
C VAL C 218 -15.97 19.94 -1.85
N ALA C 219 -14.82 20.60 -1.70
CA ALA C 219 -14.58 21.59 -0.66
C ALA C 219 -14.46 22.99 -1.25
N SER C 220 -15.28 23.31 -2.25
CA SER C 220 -15.20 24.58 -2.96
C SER C 220 -16.06 25.64 -2.27
N ARG C 221 -15.97 26.86 -2.78
CA ARG C 221 -16.79 27.98 -2.30
C ARG C 221 -18.09 28.11 -3.09
N ASN C 222 -18.35 27.22 -4.04
CA ASN C 222 -19.53 27.33 -4.86
C ASN C 222 -20.79 27.13 -4.03
N LEU C 223 -21.91 27.61 -4.57
CA LEU C 223 -23.16 27.58 -3.81
C LEU C 223 -23.65 26.15 -3.60
N PHE C 224 -23.55 25.31 -4.64
CA PHE C 224 -24.01 23.93 -4.51
C PHE C 224 -23.19 23.17 -3.46
N SER C 225 -21.87 23.39 -3.44
CA SER C 225 -21.03 22.70 -2.46
C SER C 225 -21.35 23.13 -1.04
N CYS C 226 -21.68 24.41 -0.85
CA CYS C 226 -22.03 24.89 0.48
C CYS C 226 -23.35 24.31 0.95
N VAL C 227 -24.35 24.24 0.05
CA VAL C 227 -25.65 23.68 0.42
C VAL C 227 -25.51 22.21 0.82
N MET C 228 -24.75 21.45 0.03
CA MET C 228 -24.56 20.03 0.34
C MET C 228 -23.69 19.82 1.57
N ARG C 229 -22.81 20.78 1.89
CA ARG C 229 -22.00 20.63 3.11
C ARG C 229 -22.84 20.92 4.35
N CYS C 230 -23.64 22.00 4.32
CA CYS C 230 -24.55 22.26 5.42
C CYS C 230 -25.50 21.09 5.65
N LEU C 231 -25.98 20.47 4.57
CA LEU C 231 -26.87 19.33 4.69
C LEU C 231 -26.17 18.18 5.43
N VAL C 232 -24.99 17.79 4.95
CA VAL C 232 -24.27 16.68 5.58
C VAL C 232 -23.91 17.02 7.02
N LYS C 233 -23.51 18.26 7.28
CA LYS C 233 -23.18 18.66 8.65
C LYS C 233 -24.43 18.64 9.53
N ARG C 234 -25.56 19.11 9.00
CA ARG C 234 -26.81 19.05 9.77
C ARG C 234 -27.20 17.61 10.07
N LEU C 235 -27.05 16.71 9.10
CA LEU C 235 -27.41 15.31 9.31
C LEU C 235 -26.48 14.65 10.33
N ALA C 236 -25.19 14.96 10.26
CA ALA C 236 -24.23 14.36 11.19
C ALA C 236 -24.48 14.80 12.62
N GLU C 237 -24.77 16.08 12.81
CA GLU C 237 -25.04 16.59 14.16
C GLU C 237 -26.34 16.04 14.72
N ALA C 238 -27.37 15.93 13.88
CA ALA C 238 -28.64 15.34 14.32
C ALA C 238 -28.49 13.87 14.62
N GLN C 239 -27.63 13.17 13.87
CA GLN C 239 -27.42 11.74 14.12
C GLN C 239 -26.71 11.52 15.46
N ARG C 240 -25.78 12.40 15.81
CA ARG C 240 -25.07 12.26 17.08
C ARG C 240 -25.99 12.50 18.27
N LYS C 241 -26.94 13.43 18.14
CA LYS C 241 -27.84 13.73 19.25
C LYS C 241 -28.70 12.53 19.61
N GLU C 242 -29.32 11.90 18.60
CA GLU C 242 -30.11 10.70 18.86
C GLU C 242 -29.22 9.54 19.28
N LYS C 243 -27.98 9.49 18.78
CA LYS C 243 -27.03 8.49 19.25
C LYS C 243 -26.77 8.67 20.74
N ALA C 244 -26.43 9.88 21.16
CA ALA C 244 -26.19 10.15 22.57
C ALA C 244 -27.46 9.99 23.41
N ASN C 245 -28.63 10.23 22.80
CA ASN C 245 -29.88 10.10 23.55
C ASN C 245 -30.12 8.66 23.99
N ARG C 246 -29.99 7.71 23.06
CA ARG C 246 -30.24 6.31 23.36
C ARG C 246 -28.99 5.56 23.80
N GLU C 247 -27.89 6.26 24.06
CA GLU C 247 -26.68 5.61 24.58
C GLU C 247 -26.74 5.50 26.11
N ALA C 254 -35.61 -6.05 23.34
CA ALA C 254 -35.50 -6.88 22.13
C ALA C 254 -36.26 -6.26 20.97
N TYR C 255 -37.59 -6.35 21.03
CA TYR C 255 -38.45 -5.72 20.03
C TYR C 255 -38.39 -4.19 20.13
N TYR C 256 -37.92 -3.65 21.24
CA TYR C 256 -37.72 -2.22 21.41
C TYR C 256 -36.23 -1.86 21.41
N ASP C 257 -35.44 -2.47 20.51
CA ASP C 257 -33.99 -2.25 20.44
C ASP C 257 -33.62 -2.10 18.96
N VAL C 258 -33.79 -0.89 18.44
CA VAL C 258 -33.51 -0.58 17.05
C VAL C 258 -32.34 0.40 17.00
N CYS C 259 -31.58 0.34 15.90
CA CYS C 259 -30.50 1.29 15.64
C CYS C 259 -31.15 2.61 15.21
N SER C 260 -31.54 3.41 16.20
CA SER C 260 -32.30 4.62 15.93
C SER C 260 -31.46 5.76 15.39
N TRP C 261 -30.14 5.75 15.61
CA TRP C 261 -29.30 6.80 15.08
C TRP C 261 -28.96 6.62 13.60
N ALA C 262 -29.34 5.48 13.01
CA ALA C 262 -29.17 5.30 11.58
C ALA C 262 -30.20 6.12 10.82
N ILE C 263 -29.77 6.79 9.76
CA ILE C 263 -30.63 7.63 8.94
C ILE C 263 -30.90 6.91 7.63
N THR C 264 -32.16 6.84 7.25
CA THR C 264 -32.54 6.10 6.05
C THR C 264 -32.78 7.08 4.90
N PRO C 265 -32.55 6.63 3.65
CA PRO C 265 -32.68 7.55 2.49
C PRO C 265 -33.98 8.33 2.44
N SER C 266 -35.11 7.71 2.82
CA SER C 266 -36.37 8.43 2.81
C SER C 266 -36.37 9.55 3.84
N THR C 267 -35.79 9.31 5.02
CA THR C 267 -35.70 10.35 6.04
C THR C 267 -34.69 11.42 5.67
N LEU C 268 -33.59 11.02 5.03
CA LEU C 268 -32.55 11.98 4.66
C LEU C 268 -33.09 13.04 3.71
N TRP C 269 -33.75 12.60 2.62
CA TRP C 269 -34.31 13.56 1.68
C TRP C 269 -35.53 14.28 2.25
N TYR C 270 -36.25 13.64 3.18
CA TYR C 270 -37.34 14.32 3.85
C TYR C 270 -36.82 15.48 4.68
N MET C 271 -35.86 15.21 5.56
CA MET C 271 -35.26 16.28 6.37
C MET C 271 -34.60 17.33 5.51
N ALA C 272 -34.04 16.92 4.37
CA ALA C 272 -33.45 17.88 3.44
C ALA C 272 -34.50 18.85 2.92
N GLY C 273 -35.72 18.36 2.66
CA GLY C 273 -36.77 19.23 2.21
C GLY C 273 -37.23 20.21 3.28
N LEU C 274 -37.26 19.76 4.54
CA LEU C 274 -37.60 20.66 5.64
C LEU C 274 -36.56 21.75 5.81
N TRP C 275 -35.28 21.37 5.74
CA TRP C 275 -34.19 22.32 5.97
C TRP C 275 -33.83 23.14 4.74
N MET C 276 -34.45 22.86 3.59
CA MET C 276 -34.02 23.50 2.35
C MET C 276 -34.09 25.02 2.44
N ALA C 277 -35.06 25.55 3.16
CA ALA C 277 -35.15 26.99 3.33
C ALA C 277 -33.94 27.52 4.08
N ASP C 278 -33.70 27.02 5.29
CA ASP C 278 -32.62 27.55 6.12
C ASP C 278 -31.24 27.22 5.55
N ILE C 279 -31.11 26.08 4.86
CA ILE C 279 -29.81 25.71 4.31
C ILE C 279 -29.40 26.66 3.19
N PHE C 280 -30.36 27.06 2.35
CA PHE C 280 -30.05 28.01 1.29
C PHE C 280 -29.71 29.39 1.86
N THR C 281 -30.46 29.84 2.87
CA THR C 281 -30.20 31.15 3.46
C THR C 281 -28.82 31.20 4.09
N GLU C 282 -28.37 30.10 4.70
CA GLU C 282 -27.05 30.07 5.31
C GLU C 282 -25.95 29.96 4.26
N ALA C 283 -26.19 29.17 3.21
CA ALA C 283 -25.18 29.01 2.17
C ALA C 283 -25.03 30.28 1.33
N LEU C 284 -26.15 30.99 1.10
CA LEU C 284 -26.08 32.24 0.35
C LEU C 284 -25.22 33.27 1.08
N GLN C 285 -25.15 33.20 2.40
CA GLN C 285 -24.29 34.11 3.17
C GLN C 285 -22.84 33.63 3.16
N GLU C 286 -22.63 32.33 3.41
CA GLU C 286 -21.27 31.79 3.46
C GLU C 286 -20.55 31.90 2.12
N THR C 287 -21.29 31.98 1.01
CA THR C 287 -20.67 32.17 -0.29
C THR C 287 -20.38 33.63 -0.59
N GLY C 288 -21.11 34.56 0.03
CA GLY C 288 -20.90 35.97 -0.20
C GLY C 288 -21.75 36.59 -1.29
N GLU C 289 -22.65 35.82 -1.91
CA GLU C 289 -23.51 36.38 -2.95
C GLU C 289 -24.46 37.42 -2.38
N VAL C 290 -25.00 37.17 -1.19
CA VAL C 290 -25.86 38.12 -0.49
C VAL C 290 -25.49 38.08 0.98
N THR C 291 -24.92 39.16 1.50
CA THR C 291 -24.52 39.23 2.90
C THR C 291 -25.65 39.70 3.81
N ASP C 292 -26.70 40.32 3.26
CA ASP C 292 -27.81 40.79 4.07
C ASP C 292 -28.64 39.60 4.55
N GLU C 293 -28.93 39.58 5.86
CA GLU C 293 -29.72 38.49 6.43
C GLU C 293 -31.15 38.50 5.89
N LYS C 294 -31.71 39.69 5.63
CA LYS C 294 -33.08 39.77 5.17
C LYS C 294 -33.22 39.22 3.74
N VAL C 295 -32.39 39.74 2.82
CA VAL C 295 -32.46 39.30 1.43
C VAL C 295 -32.07 37.83 1.30
N ALA C 296 -31.08 37.39 2.07
CA ALA C 296 -30.69 35.98 2.04
C ALA C 296 -31.82 35.08 2.53
N SER C 297 -32.61 35.56 3.49
CA SER C 297 -33.74 34.76 3.97
C SER C 297 -34.82 34.66 2.91
N GLU C 298 -35.07 35.74 2.17
CA GLU C 298 -36.11 35.72 1.14
C GLU C 298 -35.65 34.96 -0.09
N GLU C 299 -34.41 35.20 -0.53
CA GLU C 299 -33.89 34.50 -1.70
C GLU C 299 -33.68 33.02 -1.42
N GLY C 300 -33.33 32.67 -0.18
CA GLY C 300 -33.18 31.26 0.16
C GLY C 300 -34.48 30.49 0.04
N LEU C 301 -35.58 31.11 0.46
CA LEU C 301 -36.89 30.46 0.33
C LEU C 301 -37.30 30.34 -1.13
N LYS C 302 -36.97 31.33 -1.95
CA LYS C 302 -37.31 31.26 -3.37
C LYS C 302 -36.58 30.13 -4.07
N ARG C 303 -35.28 29.96 -3.77
CA ARG C 303 -34.53 28.85 -4.35
C ARG C 303 -34.96 27.51 -3.77
N ALA C 304 -35.38 27.49 -2.50
CA ALA C 304 -35.80 26.25 -1.89
C ALA C 304 -37.16 25.78 -2.41
N LYS C 305 -38.08 26.72 -2.68
CA LYS C 305 -39.39 26.36 -3.18
C LYS C 305 -39.34 25.75 -4.58
N SER C 306 -38.24 25.94 -5.31
CA SER C 306 -38.13 25.41 -6.66
C SER C 306 -37.76 23.94 -6.69
N THR C 307 -37.19 23.41 -5.61
CA THR C 307 -36.76 22.02 -5.58
C THR C 307 -37.95 21.10 -5.36
N VAL C 308 -37.86 19.88 -5.91
CA VAL C 308 -38.87 18.87 -5.66
C VAL C 308 -38.83 18.44 -4.20
N LEU C 309 -37.66 18.55 -3.55
CA LEU C 309 -37.53 18.13 -2.16
C LEU C 309 -38.43 18.94 -1.23
N TYR C 310 -38.58 20.23 -1.51
CA TYR C 310 -39.40 21.09 -0.66
C TYR C 310 -40.86 20.64 -0.66
N TRP C 311 -41.47 20.60 -1.85
CA TRP C 311 -42.88 20.23 -1.94
C TRP C 311 -43.10 18.76 -1.60
N ALA C 312 -42.09 17.92 -1.82
CA ALA C 312 -42.20 16.52 -1.40
C ALA C 312 -42.27 16.40 0.11
N ALA C 313 -41.53 17.26 0.82
CA ALA C 313 -41.57 17.24 2.28
C ALA C 313 -42.80 17.99 2.81
N ARG C 314 -43.20 19.06 2.13
CA ARG C 314 -44.33 19.85 2.59
C ARG C 314 -45.63 19.07 2.50
N ASN C 315 -45.89 18.45 1.35
CA ASN C 315 -47.09 17.66 1.17
C ASN C 315 -46.92 16.21 1.60
N GLY C 316 -45.70 15.77 1.87
CA GLY C 316 -45.47 14.50 2.53
C GLY C 316 -45.43 13.27 1.64
N VAL C 317 -44.75 13.36 0.50
CA VAL C 317 -44.48 12.16 -0.29
C VAL C 317 -43.08 11.67 0.08
N PRO C 318 -42.92 10.40 0.40
CA PRO C 318 -41.59 9.90 0.77
C PRO C 318 -40.74 9.66 -0.47
N ILE C 319 -39.47 10.05 -0.36
CA ILE C 319 -38.53 9.96 -1.47
C ILE C 319 -37.58 8.81 -1.12
N PHE C 320 -37.93 7.62 -1.60
CA PHE C 320 -37.10 6.45 -1.39
C PHE C 320 -35.98 6.40 -2.43
N SER C 321 -34.85 5.82 -2.03
CA SER C 321 -33.69 5.71 -2.91
C SER C 321 -32.68 4.72 -2.32
N PRO C 322 -32.80 3.42 -2.62
CA PRO C 322 -31.79 2.48 -2.15
C PRO C 322 -30.44 2.66 -2.81
N SER C 323 -30.39 3.33 -3.96
CA SER C 323 -29.15 3.63 -4.65
C SER C 323 -28.54 4.97 -4.23
N LEU C 324 -29.02 5.55 -3.12
CA LEU C 324 -28.43 6.78 -2.61
C LEU C 324 -26.93 6.66 -2.40
N THR C 325 -26.46 5.46 -2.04
CA THR C 325 -25.04 5.24 -1.79
C THR C 325 -24.19 5.51 -3.02
N ASP C 326 -24.79 5.61 -4.20
CA ASP C 326 -24.09 5.97 -5.43
C ASP C 326 -24.67 7.27 -5.99
N GLY C 327 -24.33 8.38 -5.35
CA GLY C 327 -24.70 9.69 -5.85
C GLY C 327 -23.60 10.69 -5.53
N ASP C 328 -23.80 11.92 -6.00
CA ASP C 328 -22.87 13.00 -5.72
C ASP C 328 -22.84 13.35 -4.24
N ILE C 329 -23.89 13.01 -3.49
CA ILE C 329 -23.93 13.36 -2.07
C ILE C 329 -22.86 12.59 -1.30
N MET C 330 -22.48 11.40 -1.78
CA MET C 330 -21.46 10.61 -1.11
C MET C 330 -20.09 11.27 -1.16
N GLU C 331 -19.84 12.14 -2.14
CA GLU C 331 -18.59 12.88 -2.17
C GLU C 331 -18.44 13.77 -0.96
N PHE C 332 -19.55 14.31 -0.44
CA PHE C 332 -19.50 15.14 0.75
C PHE C 332 -19.54 14.30 2.01
N ILE C 333 -20.35 13.24 2.02
CA ILE C 333 -20.47 12.40 3.21
C ILE C 333 -19.15 11.69 3.51
N LEU C 334 -18.40 11.32 2.47
CA LEU C 334 -17.16 10.58 2.68
C LEU C 334 -16.05 11.48 3.21
N THR C 335 -15.82 12.62 2.57
CA THR C 335 -14.75 13.51 3.00
C THR C 335 -15.10 14.31 4.25
N ALA C 336 -16.38 14.47 4.55
CA ALA C 336 -16.75 15.00 5.86
C ALA C 336 -16.32 14.07 6.97
N GLY C 337 -16.13 12.79 6.67
CA GLY C 337 -15.52 11.84 7.59
C GLY C 337 -14.02 11.82 7.59
N ASP C 338 -13.39 12.48 6.60
CA ASP C 338 -11.94 12.58 6.55
C ASP C 338 -11.38 13.62 7.52
N THR C 339 -12.24 14.30 8.28
CA THR C 339 -11.79 15.27 9.27
C THR C 339 -11.98 14.77 10.71
N GLY C 340 -12.06 13.45 10.89
CA GLY C 340 -12.13 12.89 12.23
C GLY C 340 -13.46 12.26 12.60
N VAL C 341 -14.56 12.93 12.29
CA VAL C 341 -15.89 12.43 12.66
C VAL C 341 -16.19 11.19 11.83
N PRO C 342 -16.84 10.17 12.38
CA PRO C 342 -17.20 9.00 11.58
C PRO C 342 -18.19 9.35 10.48
N LEU C 343 -18.29 8.47 9.49
CA LEU C 343 -19.26 8.63 8.43
C LEU C 343 -20.69 8.50 8.99
N LEU C 344 -21.64 9.02 8.23
CA LEU C 344 -23.04 8.79 8.56
C LEU C 344 -23.35 7.31 8.50
N GLN C 345 -24.45 6.92 9.14
CA GLN C 345 -24.87 5.51 9.17
C GLN C 345 -26.23 5.41 8.48
N LEU C 346 -26.24 4.83 7.29
CA LEU C 346 -27.48 4.65 6.56
C LEU C 346 -28.19 3.38 7.01
N ASP C 347 -29.48 3.29 6.65
CA ASP C 347 -30.28 2.11 6.90
C ASP C 347 -31.19 1.89 5.70
N LEU C 348 -31.15 0.68 5.14
CA LEU C 348 -32.01 0.32 4.02
C LEU C 348 -33.20 -0.53 4.43
N VAL C 349 -33.15 -1.15 5.60
CA VAL C 349 -34.26 -2.00 6.05
C VAL C 349 -35.47 -1.15 6.39
N ALA C 350 -35.26 0.05 6.93
CA ALA C 350 -36.38 0.94 7.23
C ALA C 350 -37.07 1.39 5.95
N ASP C 351 -36.31 1.60 4.88
CA ASP C 351 -36.90 2.04 3.62
C ASP C 351 -37.73 0.93 2.98
N ILE C 352 -37.18 -0.27 2.91
CA ILE C 352 -37.91 -1.38 2.30
C ILE C 352 -39.14 -1.74 3.12
N HIS C 353 -39.09 -1.51 4.44
CA HIS C 353 -40.27 -1.79 5.26
C HIS C 353 -41.37 -0.78 5.00
N ARG C 354 -41.03 0.52 5.03
CA ARG C 354 -42.03 1.55 4.78
C ARG C 354 -42.58 1.46 3.36
N LEU C 355 -41.72 1.18 2.39
CA LEU C 355 -42.17 1.10 1.00
C LEU C 355 -43.04 -0.12 0.77
N ASN C 356 -42.56 -1.31 1.15
CA ASN C 356 -43.32 -2.53 0.94
C ASN C 356 -44.56 -2.61 1.82
N ARG C 357 -44.66 -1.77 2.84
CA ARG C 357 -45.88 -1.71 3.66
C ARG C 357 -46.91 -0.75 3.08
N LEU C 358 -46.46 0.38 2.53
CA LEU C 358 -47.38 1.26 1.81
C LEU C 358 -48.01 0.55 0.62
N ALA C 359 -47.32 -0.44 0.05
CA ALA C 359 -47.90 -1.18 -1.07
C ALA C 359 -48.75 -2.34 -0.58
N MET C 360 -48.32 -3.03 0.49
CA MET C 360 -49.07 -4.16 1.00
C MET C 360 -50.43 -3.72 1.52
N ARG C 361 -50.46 -2.68 2.34
CA ARG C 361 -51.72 -2.17 2.90
C ARG C 361 -52.52 -1.34 1.92
N SER C 362 -52.01 -1.11 0.71
CA SER C 362 -52.78 -0.40 -0.29
C SER C 362 -53.86 -1.31 -0.86
N ARG C 363 -54.92 -0.69 -1.39
CA ARG C 363 -56.04 -1.41 -1.97
C ARG C 363 -56.21 -1.16 -3.47
N ARG C 364 -55.64 -0.08 -3.99
CA ARG C 364 -55.64 0.18 -5.43
C ARG C 364 -54.42 1.05 -5.71
N THR C 365 -53.54 0.60 -6.60
CA THR C 365 -52.25 1.22 -6.77
C THR C 365 -51.96 1.50 -8.24
N GLY C 366 -51.29 2.61 -8.49
CA GLY C 366 -50.83 2.96 -9.83
C GLY C 366 -49.32 3.00 -9.91
N MET C 367 -48.76 2.94 -11.12
CA MET C 367 -47.32 2.85 -11.29
C MET C 367 -46.93 3.59 -12.55
N MET C 368 -46.14 4.66 -12.40
CA MET C 368 -45.61 5.42 -13.53
C MET C 368 -44.09 5.49 -13.38
N ILE C 369 -43.38 4.81 -14.27
CA ILE C 369 -41.93 4.68 -14.17
C ILE C 369 -41.30 5.44 -15.33
N LEU C 370 -40.49 6.45 -14.99
CA LEU C 370 -39.74 7.21 -15.99
C LEU C 370 -38.35 6.61 -16.09
N GLY C 371 -38.06 5.96 -17.21
CA GLY C 371 -36.81 5.26 -17.36
C GLY C 371 -36.87 3.86 -16.78
N GLY C 372 -35.69 3.31 -16.50
CA GLY C 372 -35.59 1.99 -15.92
C GLY C 372 -34.51 1.89 -14.87
N GLY C 373 -34.04 0.67 -14.60
CA GLY C 373 -32.96 0.47 -13.66
C GLY C 373 -33.43 0.15 -12.26
N VAL C 374 -32.78 0.77 -11.26
CA VAL C 374 -33.12 0.49 -9.87
C VAL C 374 -34.53 0.97 -9.55
N VAL C 375 -34.93 2.11 -10.11
CA VAL C 375 -36.21 2.70 -9.74
C VAL C 375 -37.36 1.82 -10.21
N LYS C 376 -37.25 1.25 -11.41
CA LYS C 376 -38.33 0.43 -11.94
C LYS C 376 -38.53 -0.83 -11.11
N HIS C 377 -37.44 -1.57 -10.87
CA HIS C 377 -37.56 -2.82 -10.13
C HIS C 377 -38.04 -2.57 -8.70
N HIS C 378 -37.62 -1.46 -8.09
CA HIS C 378 -37.98 -1.20 -6.70
C HIS C 378 -39.47 -0.95 -6.55
N VAL C 379 -40.08 -0.26 -7.51
CA VAL C 379 -41.51 0.00 -7.44
C VAL C 379 -42.29 -1.27 -7.76
N CYS C 380 -41.86 -2.02 -8.78
CA CYS C 380 -42.53 -3.28 -9.10
C CYS C 380 -42.39 -4.29 -7.96
N ASN C 381 -41.22 -4.34 -7.34
CA ASN C 381 -41.01 -5.26 -6.23
C ASN C 381 -41.80 -4.85 -5.00
N ALA C 382 -42.04 -3.55 -4.82
CA ALA C 382 -42.88 -3.11 -3.72
C ALA C 382 -44.31 -3.60 -3.90
N ASN C 383 -44.87 -3.44 -5.10
CA ASN C 383 -46.21 -3.92 -5.38
C ASN C 383 -46.31 -5.44 -5.44
N LEU C 384 -45.16 -6.14 -5.49
CA LEU C 384 -45.18 -7.60 -5.42
C LEU C 384 -45.78 -8.08 -4.11
N MET C 385 -45.56 -7.34 -3.02
CA MET C 385 -46.12 -7.68 -1.72
C MET C 385 -47.64 -7.52 -1.68
N ARG C 386 -48.23 -6.90 -2.70
CA ARG C 386 -49.68 -6.79 -2.82
C ARG C 386 -50.22 -7.65 -3.95
N ASN C 387 -49.57 -8.80 -4.19
CA ASN C 387 -49.82 -9.68 -5.32
C ASN C 387 -50.13 -8.93 -6.61
N GLY C 388 -49.37 -7.87 -6.89
CA GLY C 388 -49.51 -7.14 -8.14
C GLY C 388 -50.05 -5.74 -8.04
N ALA C 389 -49.76 -4.92 -9.05
CA ALA C 389 -50.32 -3.59 -9.18
C ALA C 389 -51.41 -3.57 -10.24
N ASP C 390 -52.28 -2.57 -10.15
CA ASP C 390 -53.44 -2.49 -11.03
C ASP C 390 -53.14 -1.73 -12.32
N TYR C 391 -52.51 -0.56 -12.23
CA TYR C 391 -52.22 0.27 -13.38
C TYR C 391 -50.72 0.52 -13.46
N ALA C 392 -50.21 0.61 -14.69
CA ALA C 392 -48.79 0.83 -14.90
C ALA C 392 -48.57 1.54 -16.21
N VAL C 393 -47.65 2.52 -16.20
CA VAL C 393 -47.23 3.23 -17.41
C VAL C 393 -45.71 3.33 -17.37
N PHE C 394 -45.04 2.69 -18.34
CA PHE C 394 -43.59 2.70 -18.42
C PHE C 394 -43.16 3.62 -19.56
N LEU C 395 -42.52 4.73 -19.21
CA LEU C 395 -41.95 5.66 -20.19
C LEU C 395 -40.45 5.48 -20.17
N ASN C 396 -39.92 4.72 -21.13
CA ASN C 396 -38.48 4.56 -21.26
C ASN C 396 -38.14 4.26 -22.71
N ASN C 397 -36.86 4.11 -22.97
CA ASN C 397 -36.33 3.89 -24.31
C ASN C 397 -35.42 2.67 -24.31
N ALA C 398 -35.81 1.64 -23.56
CA ALA C 398 -35.03 0.43 -23.40
C ALA C 398 -35.61 -0.71 -24.22
N GLN C 399 -34.76 -1.68 -24.54
CA GLN C 399 -35.11 -2.77 -25.44
C GLN C 399 -35.20 -4.08 -24.66
N GLU C 400 -35.93 -5.03 -25.25
CA GLU C 400 -36.24 -6.29 -24.60
C GLU C 400 -35.19 -7.38 -24.84
N PHE C 401 -34.36 -7.26 -25.87
CA PHE C 401 -33.49 -8.36 -26.23
C PHE C 401 -32.38 -8.60 -25.22
N ASP C 402 -32.02 -7.60 -24.41
CA ASP C 402 -30.96 -7.79 -23.43
C ASP C 402 -31.43 -8.49 -22.16
N GLY C 403 -32.71 -8.80 -22.06
CA GLY C 403 -33.21 -9.53 -20.90
C GLY C 403 -33.04 -8.83 -19.58
N SER C 404 -33.23 -7.51 -19.56
CA SER C 404 -33.05 -6.72 -18.36
C SER C 404 -34.39 -6.42 -17.70
N ASP C 405 -34.32 -5.95 -16.46
CA ASP C 405 -35.48 -5.40 -15.76
C ASP C 405 -35.72 -3.95 -16.12
N ALA C 406 -34.87 -3.36 -16.96
CA ALA C 406 -35.10 -2.01 -17.46
C ALA C 406 -35.83 -2.04 -18.80
N GLY C 407 -35.41 -2.92 -19.70
CA GLY C 407 -36.03 -3.10 -21.00
C GLY C 407 -37.14 -4.13 -21.04
N ALA C 408 -37.59 -4.61 -19.89
CA ALA C 408 -38.60 -5.65 -19.86
C ALA C 408 -39.93 -5.14 -20.38
N ARG C 409 -40.68 -6.04 -21.00
CA ARG C 409 -42.04 -5.72 -21.44
C ARG C 409 -42.95 -5.67 -20.22
N PRO C 410 -44.04 -4.88 -20.27
CA PRO C 410 -45.03 -4.94 -19.20
C PRO C 410 -45.50 -6.34 -18.87
N GLY C 411 -45.47 -7.26 -19.84
CA GLY C 411 -45.86 -8.63 -19.56
C GLY C 411 -44.95 -9.29 -18.53
N GLU C 412 -43.64 -9.09 -18.66
CA GLU C 412 -42.68 -9.70 -17.74
C GLU C 412 -42.95 -9.35 -16.29
N ALA C 413 -43.73 -8.30 -16.03
CA ALA C 413 -44.08 -7.93 -14.66
C ALA C 413 -45.11 -8.88 -14.07
N VAL C 414 -46.10 -9.30 -14.86
CA VAL C 414 -47.18 -10.14 -14.32
C VAL C 414 -46.71 -11.56 -14.05
N SER C 415 -45.63 -12.01 -14.69
CA SER C 415 -45.15 -13.36 -14.44
C SER C 415 -44.62 -13.49 -13.02
N TRP C 416 -43.91 -12.47 -12.54
CA TRP C 416 -43.45 -12.49 -11.15
C TRP C 416 -44.60 -12.32 -10.17
N GLY C 417 -45.67 -11.65 -10.59
CA GLY C 417 -46.71 -11.21 -9.68
C GLY C 417 -46.60 -9.77 -9.26
N LYS C 418 -45.67 -9.01 -9.84
CA LYS C 418 -45.55 -7.59 -9.53
C LYS C 418 -46.68 -6.78 -10.16
N LEU C 419 -47.33 -7.32 -11.18
CA LEU C 419 -48.45 -6.65 -11.85
C LEU C 419 -49.60 -7.64 -11.93
N ARG C 420 -50.79 -7.20 -11.54
CA ARG C 420 -51.93 -8.11 -11.41
C ARG C 420 -52.37 -8.63 -12.78
N LEU C 421 -53.22 -9.65 -12.74
CA LEU C 421 -53.82 -10.19 -13.95
C LEU C 421 -54.96 -9.31 -14.45
N ASP C 422 -55.77 -8.79 -13.53
CA ASP C 422 -56.88 -7.89 -13.87
C ASP C 422 -56.40 -6.47 -14.05
N SER C 423 -55.31 -6.29 -14.79
CA SER C 423 -54.61 -5.03 -14.85
C SER C 423 -54.69 -4.43 -16.25
N THR C 424 -54.33 -3.15 -16.33
CA THR C 424 -54.18 -2.45 -17.60
C THR C 424 -52.88 -1.65 -17.56
N ALA C 425 -51.98 -1.94 -18.50
CA ALA C 425 -50.68 -1.30 -18.53
C ALA C 425 -50.26 -1.08 -19.97
N VAL C 426 -49.22 -0.28 -20.15
CA VAL C 426 -48.67 0.00 -21.48
C VAL C 426 -47.27 0.54 -21.32
N LYS C 427 -46.43 0.30 -22.31
CA LYS C 427 -45.07 0.83 -22.35
C LYS C 427 -44.93 1.73 -23.58
N VAL C 428 -44.45 2.95 -23.36
CA VAL C 428 -44.27 3.93 -24.41
C VAL C 428 -42.78 3.95 -24.75
N TYR C 429 -42.42 3.27 -25.83
CA TYR C 429 -41.02 3.23 -26.27
C TYR C 429 -40.60 4.55 -26.89
N SER C 430 -40.10 5.46 -26.06
CA SER C 430 -39.62 6.76 -26.52
C SER C 430 -38.87 7.44 -25.39
N GLU C 431 -38.09 8.45 -25.74
CA GLU C 431 -37.39 9.25 -24.75
C GLU C 431 -38.40 9.89 -23.79
N VAL C 432 -38.04 9.91 -22.50
CA VAL C 432 -38.95 10.44 -21.48
C VAL C 432 -39.27 11.90 -21.74
N THR C 433 -38.25 12.70 -22.06
CA THR C 433 -38.43 14.14 -22.18
C THR C 433 -39.42 14.52 -23.28
N ILE C 434 -39.70 13.61 -24.19
CA ILE C 434 -40.69 13.90 -25.24
C ILE C 434 -42.10 13.58 -24.75
N VAL C 435 -42.27 12.46 -24.06
CA VAL C 435 -43.61 11.95 -23.76
C VAL C 435 -44.12 12.41 -22.40
N PHE C 436 -43.24 12.61 -21.43
CA PHE C 436 -43.66 12.91 -20.07
C PHE C 436 -44.29 14.30 -19.94
N PRO C 437 -43.74 15.34 -20.55
CA PRO C 437 -44.45 16.65 -20.51
C PRO C 437 -45.85 16.57 -21.07
N LEU C 438 -46.04 15.90 -22.21
CA LEU C 438 -47.37 15.75 -22.79
C LEU C 438 -48.32 15.10 -21.80
N ILE C 439 -47.86 14.04 -21.13
CA ILE C 439 -48.73 13.31 -20.20
C ILE C 439 -49.19 14.22 -19.06
N VAL C 440 -48.25 14.93 -18.44
CA VAL C 440 -48.60 15.79 -17.30
C VAL C 440 -49.57 16.87 -17.74
N VAL C 441 -49.30 17.52 -18.87
CA VAL C 441 -50.14 18.63 -19.31
C VAL C 441 -51.48 18.14 -19.82
N HIS C 442 -51.54 16.96 -20.41
CA HIS C 442 -52.75 16.56 -21.11
C HIS C 442 -53.79 15.92 -20.20
N VAL C 443 -53.36 15.20 -19.15
CA VAL C 443 -54.30 14.57 -18.21
C VAL C 443 -54.18 15.16 -16.82
N PHE C 444 -52.96 15.28 -16.29
CA PHE C 444 -52.79 15.70 -14.90
C PHE C 444 -53.18 17.16 -14.72
N VAL C 445 -52.68 18.05 -15.58
CA VAL C 445 -53.10 19.44 -15.53
C VAL C 445 -54.59 19.56 -15.83
N ALA C 446 -55.09 18.78 -16.78
CA ALA C 446 -56.51 18.85 -17.13
C ALA C 446 -57.39 18.22 -16.06
N TRP C 447 -56.91 17.17 -15.38
CA TRP C 447 -57.72 16.53 -14.35
C TRP C 447 -57.91 17.42 -13.13
N VAL C 448 -56.84 18.08 -12.69
CA VAL C 448 -56.92 19.00 -11.56
C VAL C 448 -57.69 20.27 -11.90
N ARG C 449 -57.89 20.55 -13.19
CA ARG C 449 -58.78 21.63 -13.59
C ARG C 449 -60.23 21.18 -13.71
N MET C 450 -60.46 19.94 -14.13
CA MET C 450 -61.82 19.40 -14.13
C MET C 450 -62.38 19.32 -12.71
N MET C 451 -61.56 18.87 -11.77
CA MET C 451 -61.99 18.76 -10.37
C MET C 451 -61.99 20.10 -9.64
N ARG C 452 -61.39 21.14 -10.22
CA ARG C 452 -61.43 22.48 -9.63
C ARG C 452 -62.37 23.39 -10.41
N ARG D 9 -4.98 -0.22 -37.60
CA ARG D 9 -5.74 0.98 -37.94
C ARG D 9 -6.34 0.87 -39.35
N VAL D 10 -6.27 -0.33 -39.93
CA VAL D 10 -6.70 -0.57 -41.30
C VAL D 10 -7.53 -1.86 -41.33
N ILE D 11 -8.57 -1.87 -42.16
CA ILE D 11 -9.39 -3.05 -42.32
C ILE D 11 -8.62 -4.10 -43.12
N GLY D 12 -8.63 -5.34 -42.64
CA GLY D 12 -7.90 -6.42 -43.28
C GLY D 12 -8.73 -7.13 -44.33
N ASP D 13 -8.11 -8.16 -44.90
CA ASP D 13 -8.74 -9.02 -45.89
C ASP D 13 -8.35 -10.46 -45.58
N LEU D 14 -9.30 -11.26 -45.12
CA LEU D 14 -9.05 -12.63 -44.70
C LEU D 14 -9.56 -13.59 -45.77
N ASP D 15 -8.68 -14.50 -46.19
CA ASP D 15 -9.06 -15.58 -47.11
C ASP D 15 -9.74 -16.66 -46.30
N TYR D 16 -11.08 -16.59 -46.25
CA TYR D 16 -11.84 -17.61 -45.52
C TYR D 16 -11.62 -19.00 -46.10
N SER D 17 -11.36 -19.09 -47.41
CA SER D 17 -11.09 -20.38 -48.03
C SER D 17 -9.81 -21.01 -47.49
N ASN D 18 -8.87 -20.17 -47.03
CA ASN D 18 -7.64 -20.69 -46.46
C ASN D 18 -7.86 -21.43 -45.15
N LEU D 19 -9.03 -21.26 -44.53
CA LEU D 19 -9.37 -21.94 -43.28
C LEU D 19 -9.74 -23.40 -43.48
N LEU D 20 -9.88 -23.85 -44.72
CA LEU D 20 -10.37 -25.21 -44.98
C LEU D 20 -9.30 -26.26 -44.71
N ASN D 21 -8.03 -25.92 -44.81
CA ASN D 21 -6.95 -26.86 -44.54
C ASN D 21 -6.46 -26.79 -43.09
N ILE D 22 -6.57 -25.64 -42.45
CA ILE D 22 -6.18 -25.51 -41.05
C ILE D 22 -7.27 -26.13 -40.17
N GLY D 23 -6.90 -26.44 -38.93
CA GLY D 23 -7.83 -27.06 -38.02
C GLY D 23 -9.04 -26.20 -37.74
N GLN D 24 -10.14 -26.86 -37.35
CA GLN D 24 -11.39 -26.15 -37.11
C GLN D 24 -11.29 -25.26 -35.87
N GLU D 25 -10.62 -25.75 -34.82
CA GLU D 25 -10.42 -24.93 -33.63
C GLU D 25 -9.62 -23.67 -33.95
N GLU D 26 -8.50 -23.85 -34.67
CA GLU D 26 -7.70 -22.69 -35.05
C GLU D 26 -8.43 -21.82 -36.08
N ALA D 27 -9.31 -22.40 -36.88
CA ALA D 27 -10.04 -21.62 -37.88
C ALA D 27 -10.98 -20.62 -37.21
N ILE D 28 -11.76 -21.08 -36.23
CA ILE D 28 -12.63 -20.17 -35.48
C ILE D 28 -11.80 -19.11 -34.77
N ARG D 29 -10.58 -19.47 -34.34
CA ARG D 29 -9.71 -18.48 -33.72
C ARG D 29 -9.10 -17.53 -34.76
N CYS D 30 -8.82 -18.03 -35.96
CA CYS D 30 -8.27 -17.16 -37.01
C CYS D 30 -9.20 -16.00 -37.32
N VAL D 31 -10.51 -16.18 -37.14
CA VAL D 31 -11.44 -15.07 -37.36
C VAL D 31 -11.53 -14.20 -36.12
N LEU D 32 -11.66 -14.83 -34.95
CA LEU D 32 -11.72 -14.07 -33.70
C LEU D 32 -10.43 -13.29 -33.46
N ASN D 33 -9.30 -13.82 -33.92
CA ASN D 33 -8.04 -13.05 -33.87
C ASN D 33 -8.09 -11.87 -34.83
N ALA D 34 -8.78 -12.02 -35.96
CA ALA D 34 -8.90 -10.95 -36.94
C ALA D 34 -9.99 -9.95 -36.61
N TYR D 35 -10.76 -10.19 -35.54
CA TYR D 35 -11.81 -9.26 -35.14
C TYR D 35 -11.36 -7.81 -34.98
N PRO D 36 -10.17 -7.49 -34.44
CA PRO D 36 -9.76 -6.09 -34.40
C PRO D 36 -9.70 -5.40 -35.76
N ASN D 37 -9.58 -6.15 -36.85
CA ASN D 37 -9.49 -5.55 -38.18
C ASN D 37 -10.69 -5.85 -39.06
N ILE D 38 -11.76 -6.44 -38.51
CA ILE D 38 -12.95 -6.72 -39.31
C ILE D 38 -13.71 -5.42 -39.61
N GLY D 39 -14.04 -4.67 -38.57
CA GLY D 39 -14.73 -3.41 -38.73
C GLY D 39 -15.95 -3.22 -37.83
N LEU D 40 -16.35 -1.96 -37.62
CA LEU D 40 -17.51 -1.62 -36.79
C LEU D 40 -17.35 -2.20 -35.39
N GLU D 41 -18.34 -2.91 -34.86
CA GLU D 41 -18.33 -3.32 -33.47
C GLU D 41 -17.67 -4.66 -33.24
N ALA D 42 -16.99 -5.22 -34.25
CA ALA D 42 -16.07 -6.35 -34.04
C ALA D 42 -14.66 -5.88 -33.72
N THR D 43 -14.27 -4.73 -34.28
CA THR D 43 -13.01 -4.10 -33.90
C THR D 43 -13.01 -3.75 -32.42
N ASN D 44 -14.10 -3.16 -31.94
CA ASN D 44 -14.21 -2.82 -30.52
C ASN D 44 -14.23 -4.07 -29.65
N LEU D 45 -14.76 -5.19 -30.18
CA LEU D 45 -14.67 -6.44 -29.45
C LEU D 45 -13.24 -6.96 -29.42
N GLY D 46 -12.53 -6.88 -30.56
CA GLY D 46 -11.16 -7.33 -30.61
C GLY D 46 -10.24 -6.50 -29.72
N ARG D 47 -10.45 -5.18 -29.71
CA ARG D 47 -9.70 -4.32 -28.81
C ARG D 47 -10.02 -4.65 -27.35
N ALA D 48 -11.29 -4.89 -27.06
CA ALA D 48 -11.69 -5.25 -25.69
C ALA D 48 -11.09 -6.59 -25.30
N ARG D 49 -11.03 -7.53 -26.24
CA ARG D 49 -10.45 -8.84 -25.94
C ARG D 49 -8.97 -8.72 -25.58
N ARG D 50 -8.22 -7.89 -26.31
CA ARG D 50 -6.81 -7.71 -26.01
C ARG D 50 -6.61 -7.11 -24.62
N ILE D 51 -7.51 -6.22 -24.20
CA ILE D 51 -7.40 -5.62 -22.88
C ILE D 51 -7.77 -6.63 -21.80
N VAL D 52 -8.87 -7.35 -22.00
CA VAL D 52 -9.34 -8.28 -20.98
C VAL D 52 -8.37 -9.44 -20.81
N GLN D 53 -7.90 -10.02 -21.92
CA GLN D 53 -7.01 -11.17 -21.84
C GLN D 53 -5.70 -10.80 -21.15
N ARG D 54 -5.09 -9.69 -21.54
CA ARG D 54 -3.85 -9.26 -20.90
C ARG D 54 -4.06 -8.93 -19.43
N ALA D 55 -5.24 -8.42 -19.07
CA ALA D 55 -5.53 -8.10 -17.68
C ALA D 55 -5.76 -9.37 -16.87
N LEU D 56 -6.49 -10.34 -17.43
CA LEU D 56 -6.77 -11.58 -16.70
C LEU D 56 -5.52 -12.41 -16.48
N ASN D 57 -4.47 -12.19 -17.27
CA ASN D 57 -3.22 -12.94 -17.15
C ASN D 57 -2.19 -12.19 -16.31
N ASP D 58 -1.87 -10.95 -16.69
CA ASP D 58 -0.82 -10.22 -15.99
C ASP D 58 -1.28 -9.77 -14.60
N ASN D 59 -2.55 -9.41 -14.46
CA ASN D 59 -3.07 -8.83 -13.22
C ASN D 59 -3.70 -9.89 -12.33
N GLY D 60 -2.91 -10.92 -12.02
CA GLY D 60 -3.35 -11.95 -11.10
C GLY D 60 -3.00 -11.62 -9.67
N MET D 61 -1.71 -11.37 -9.42
CA MET D 61 -1.23 -11.03 -8.09
C MET D 61 0.17 -10.43 -8.16
N ASP D 62 0.31 -9.33 -8.91
CA ASP D 62 1.59 -8.68 -9.10
C ASP D 62 1.40 -7.15 -9.03
N GLY D 63 0.87 -6.69 -7.90
CA GLY D 63 0.64 -5.28 -7.70
C GLY D 63 -0.42 -4.70 -8.62
N ASN D 64 -1.15 -5.59 -9.29
CA ASN D 64 -2.19 -5.23 -10.24
C ASN D 64 -3.52 -5.83 -9.78
N LYS D 65 -4.61 -5.24 -10.26
CA LYS D 65 -5.95 -5.65 -9.86
C LYS D 65 -6.90 -5.59 -11.03
N VAL D 66 -7.83 -6.54 -11.07
CA VAL D 66 -8.91 -6.58 -12.06
C VAL D 66 -10.23 -6.59 -11.32
N MET D 67 -11.10 -5.64 -11.64
CA MET D 67 -12.40 -5.51 -10.99
C MET D 67 -13.50 -5.72 -12.02
N LEU D 68 -14.47 -6.56 -11.67
CA LEU D 68 -15.55 -6.95 -12.57
C LEU D 68 -16.85 -6.30 -12.12
N ALA D 69 -17.54 -5.65 -13.07
CA ALA D 69 -18.85 -5.06 -12.84
C ALA D 69 -19.82 -5.65 -13.83
N TYR D 70 -20.79 -6.42 -13.34
CA TYR D 70 -21.80 -7.03 -14.19
C TYR D 70 -23.18 -6.69 -13.68
N THR D 71 -24.16 -6.66 -14.59
CA THR D 71 -25.53 -6.40 -14.22
C THR D 71 -26.19 -7.68 -13.68
N SER D 72 -27.33 -7.50 -13.01
CA SER D 72 -28.00 -8.61 -12.33
C SER D 72 -28.50 -9.66 -13.31
N ASN D 73 -28.97 -9.25 -14.48
CA ASN D 73 -29.57 -10.18 -15.43
C ASN D 73 -28.55 -11.10 -16.09
N LEU D 74 -27.26 -10.80 -16.00
CA LEU D 74 -26.25 -11.62 -16.67
C LEU D 74 -25.80 -12.81 -15.85
N ILE D 75 -26.08 -12.85 -14.55
CA ILE D 75 -25.93 -14.08 -13.78
C ILE D 75 -27.25 -14.84 -13.69
N SER D 76 -28.34 -14.27 -14.19
CA SER D 76 -29.52 -15.07 -14.51
C SER D 76 -29.24 -15.95 -15.73
N SER D 77 -28.40 -15.48 -16.64
CA SER D 77 -27.99 -16.25 -17.80
C SER D 77 -26.87 -17.20 -17.40
N GLY D 78 -26.23 -17.82 -18.39
CA GLY D 78 -25.15 -18.74 -18.12
C GLY D 78 -23.82 -18.10 -17.77
N LEU D 79 -23.70 -16.78 -17.92
CA LEU D 79 -22.44 -16.11 -17.65
C LEU D 79 -21.99 -16.24 -16.21
N ARG D 80 -22.90 -16.59 -15.29
CA ARG D 80 -22.52 -16.75 -13.90
C ARG D 80 -21.50 -17.88 -13.72
N ASP D 81 -21.65 -18.95 -14.50
CA ASP D 81 -20.67 -20.03 -14.46
C ASP D 81 -19.32 -19.55 -14.97
N THR D 82 -19.33 -18.73 -16.04
CA THR D 82 -18.08 -18.15 -16.54
C THR D 82 -17.49 -17.18 -15.52
N PHE D 83 -18.34 -16.36 -14.90
CA PHE D 83 -17.85 -15.42 -13.88
C PHE D 83 -17.26 -16.18 -12.70
N ALA D 84 -17.88 -17.31 -12.33
CA ALA D 84 -17.37 -18.11 -11.22
C ALA D 84 -15.95 -18.59 -11.49
N CYS D 85 -15.67 -18.97 -12.74
CA CYS D 85 -14.31 -19.42 -13.09
C CYS D 85 -13.30 -18.31 -12.85
N LEU D 86 -13.69 -17.06 -13.05
CA LEU D 86 -12.78 -15.95 -12.83
C LEU D 86 -12.45 -15.78 -11.35
N ALA D 87 -13.47 -15.77 -10.49
CA ALA D 87 -13.22 -15.64 -9.07
C ALA D 87 -12.66 -16.93 -8.47
N ARG D 88 -12.97 -18.08 -9.08
CA ARG D 88 -12.40 -19.34 -8.60
C ARG D 88 -10.89 -19.34 -8.77
N GLU D 89 -10.39 -18.75 -9.85
CA GLU D 89 -8.97 -18.69 -10.13
C GLU D 89 -8.32 -17.43 -9.56
N ASN D 90 -9.04 -16.67 -8.74
CA ASN D 90 -8.51 -15.47 -8.08
C ASN D 90 -7.98 -14.46 -9.09
N ARG D 91 -8.65 -14.37 -10.24
CA ARG D 91 -8.30 -13.37 -11.24
C ARG D 91 -9.02 -12.05 -11.01
N ILE D 92 -10.18 -12.08 -10.36
CA ILE D 92 -10.95 -10.88 -10.06
C ILE D 92 -10.52 -10.36 -8.69
N GLY D 93 -10.37 -9.04 -8.60
CA GLY D 93 -10.00 -8.41 -7.35
C GLY D 93 -11.20 -7.87 -6.58
N ALA D 94 -12.26 -7.49 -7.30
CA ALA D 94 -13.44 -6.94 -6.67
C ALA D 94 -14.63 -7.10 -7.62
N VAL D 95 -15.82 -7.21 -7.04
CA VAL D 95 -17.05 -7.41 -7.78
C VAL D 95 -18.03 -6.30 -7.41
N VAL D 96 -18.68 -5.74 -8.43
CA VAL D 96 -19.74 -4.75 -8.22
C VAL D 96 -20.95 -5.19 -9.04
N THR D 97 -22.08 -5.40 -8.37
CA THR D 97 -23.30 -5.81 -9.03
C THR D 97 -24.50 -5.41 -8.18
N THR D 98 -25.64 -5.21 -8.85
CA THR D 98 -26.88 -4.92 -8.14
C THR D 98 -27.38 -6.18 -7.43
N ALA D 99 -28.28 -5.97 -6.45
CA ALA D 99 -28.71 -7.01 -5.52
C ALA D 99 -28.94 -8.37 -6.18
N GLY D 100 -29.69 -8.38 -7.30
CA GLY D 100 -29.95 -9.59 -8.04
C GLY D 100 -28.71 -10.34 -8.48
N GLY D 101 -27.61 -9.61 -8.69
CA GLY D 101 -26.36 -10.26 -9.04
C GLY D 101 -25.84 -11.15 -7.93
N VAL D 102 -26.25 -10.89 -6.70
CA VAL D 102 -25.89 -11.74 -5.58
C VAL D 102 -26.93 -12.83 -5.36
N GLU D 103 -28.21 -12.47 -5.46
CA GLU D 103 -29.32 -13.38 -5.21
C GLU D 103 -29.26 -14.62 -6.10
N GLU D 104 -29.49 -14.43 -7.40
CA GLU D 104 -29.64 -15.56 -8.30
C GLU D 104 -28.38 -16.40 -8.41
N ASP D 105 -27.21 -15.86 -8.02
CA ASP D 105 -26.02 -16.70 -7.94
C ASP D 105 -26.15 -17.73 -6.83
N VAL D 106 -26.68 -17.33 -5.68
CA VAL D 106 -26.96 -18.28 -4.60
C VAL D 106 -28.20 -19.11 -4.94
N ILE D 107 -29.16 -18.52 -5.65
CA ILE D 107 -30.39 -19.24 -6.01
C ILE D 107 -30.05 -20.48 -6.82
N LYS D 108 -29.21 -20.34 -7.84
CA LYS D 108 -28.90 -21.42 -8.75
C LYS D 108 -27.98 -22.48 -8.14
N CYS D 109 -27.80 -22.44 -6.81
CA CYS D 109 -27.37 -23.61 -6.05
C CYS D 109 -28.54 -24.33 -5.42
N LEU D 110 -29.67 -23.64 -5.24
CA LEU D 110 -30.88 -24.20 -4.64
C LEU D 110 -31.93 -24.56 -5.69
N GLY D 111 -31.53 -24.62 -6.96
CA GLY D 111 -32.46 -24.86 -8.04
C GLY D 111 -31.82 -24.46 -9.35
N ASP D 112 -32.58 -24.69 -10.43
CA ASP D 112 -32.09 -24.45 -11.78
C ASP D 112 -32.91 -23.38 -12.46
N THR D 113 -32.23 -22.50 -13.20
CA THR D 113 -32.88 -21.57 -14.11
C THR D 113 -33.00 -22.23 -15.48
N LEU D 114 -34.13 -21.99 -16.14
CA LEU D 114 -34.46 -22.68 -17.38
C LEU D 114 -34.50 -21.71 -18.54
N VAL D 115 -34.31 -22.23 -19.74
CA VAL D 115 -34.38 -21.43 -20.95
C VAL D 115 -35.82 -21.44 -21.46
N GLY D 116 -36.31 -20.28 -21.84
CA GLY D 116 -37.67 -20.17 -22.34
C GLY D 116 -37.76 -19.41 -23.64
N ASP D 117 -38.59 -18.37 -23.67
CA ASP D 117 -38.78 -17.58 -24.87
C ASP D 117 -39.42 -16.26 -24.48
N PHE D 118 -39.05 -15.20 -25.20
CA PHE D 118 -39.68 -13.89 -24.99
C PHE D 118 -41.17 -13.93 -25.31
N ALA D 119 -41.62 -14.88 -26.12
CA ALA D 119 -43.00 -14.94 -26.57
C ALA D 119 -43.93 -15.64 -25.60
N LEU D 120 -43.40 -16.26 -24.54
CA LEU D 120 -44.23 -16.99 -23.59
C LEU D 120 -45.27 -16.06 -22.97
N ASN D 121 -46.49 -16.57 -22.86
CA ASN D 121 -47.57 -15.81 -22.24
C ASN D 121 -47.28 -15.62 -20.76
N ASP D 122 -47.07 -14.36 -20.36
CA ASP D 122 -46.69 -14.07 -18.99
C ASP D 122 -47.84 -14.33 -18.01
N HIS D 123 -49.08 -14.21 -18.48
CA HIS D 123 -50.22 -14.56 -17.62
C HIS D 123 -50.23 -16.07 -17.34
N ALA D 124 -49.95 -16.88 -18.35
CA ALA D 124 -49.87 -18.32 -18.13
C ALA D 124 -48.66 -18.69 -17.29
N LEU D 125 -47.55 -17.96 -17.45
CA LEU D 125 -46.38 -18.20 -16.61
C LEU D 125 -46.69 -17.94 -15.15
N ARG D 126 -47.48 -16.90 -14.87
CA ARG D 126 -47.91 -16.65 -13.49
C ARG D 126 -48.78 -17.78 -12.97
N ASN D 127 -49.78 -18.17 -13.74
CA ASN D 127 -50.65 -19.27 -13.34
C ASN D 127 -49.92 -20.61 -13.28
N ASN D 128 -48.75 -20.71 -13.90
CA ASN D 128 -47.91 -21.90 -13.82
C ASN D 128 -46.72 -21.70 -12.87
N GLY D 129 -46.71 -20.61 -12.11
CA GLY D 129 -45.65 -20.35 -11.16
C GLY D 129 -44.27 -20.22 -11.75
N LEU D 130 -44.14 -19.47 -12.85
CA LEU D 130 -42.87 -19.29 -13.54
C LEU D 130 -42.57 -17.82 -13.68
N ASN D 131 -41.44 -17.38 -13.12
CA ASN D 131 -41.00 -16.00 -13.23
C ASN D 131 -40.10 -15.85 -14.44
N ARG D 132 -40.45 -14.92 -15.33
CA ARG D 132 -39.76 -14.77 -16.60
C ARG D 132 -38.65 -13.72 -16.46
N VAL D 133 -37.44 -14.07 -16.90
CA VAL D 133 -36.33 -13.13 -17.00
C VAL D 133 -35.91 -13.08 -18.46
N GLY D 134 -36.52 -12.18 -19.23
CA GLY D 134 -36.32 -12.15 -20.67
C GLY D 134 -36.82 -13.42 -21.33
N ASN D 135 -35.90 -14.25 -21.82
CA ASN D 135 -36.22 -15.57 -22.36
C ASN D 135 -35.75 -16.68 -21.42
N LEU D 136 -35.69 -16.38 -20.13
CA LEU D 136 -35.33 -17.35 -19.10
C LEU D 136 -36.49 -17.46 -18.11
N LEU D 137 -36.46 -18.52 -17.31
CA LEU D 137 -37.54 -18.82 -16.38
C LEU D 137 -36.95 -19.21 -15.03
N VAL D 138 -37.46 -18.60 -13.96
CA VAL D 138 -37.07 -18.95 -12.60
C VAL D 138 -38.32 -19.41 -11.86
N PRO D 139 -38.44 -20.70 -11.54
CA PRO D 139 -39.63 -21.16 -10.81
C PRO D 139 -39.71 -20.54 -9.43
N ASN D 140 -40.95 -20.40 -8.93
CA ASN D 140 -41.16 -19.83 -7.60
C ASN D 140 -40.56 -20.70 -6.51
N ASP D 141 -40.48 -22.01 -6.76
CA ASP D 141 -39.92 -22.92 -5.75
C ASP D 141 -38.46 -22.61 -5.45
N ASN D 142 -37.75 -22.01 -6.42
CA ASN D 142 -36.37 -21.58 -6.18
C ASN D 142 -36.31 -20.56 -5.06
N TYR D 143 -37.20 -19.56 -5.09
CA TYR D 143 -37.22 -18.55 -4.06
C TYR D 143 -37.83 -19.06 -2.76
N ARG D 144 -38.73 -20.04 -2.83
CA ARG D 144 -39.21 -20.69 -1.62
C ARG D 144 -38.08 -21.38 -0.88
N ASN D 145 -37.14 -21.97 -1.62
CA ASN D 145 -35.96 -22.56 -1.01
C ASN D 145 -34.97 -21.50 -0.56
N PHE D 146 -34.90 -20.37 -1.28
CA PHE D 146 -34.01 -19.29 -0.87
C PHE D 146 -34.47 -18.68 0.46
N GLU D 147 -35.78 -18.62 0.68
CA GLU D 147 -36.29 -18.17 1.97
C GLU D 147 -35.82 -19.09 3.09
N ASP D 148 -35.78 -20.39 2.83
CA ASP D 148 -35.30 -21.33 3.84
C ASP D 148 -33.81 -21.15 4.12
N PHE D 149 -33.07 -20.64 3.15
CA PHE D 149 -31.63 -20.45 3.32
C PHE D 149 -31.28 -19.08 3.88
N PHE D 150 -32.03 -18.03 3.51
CA PHE D 150 -31.61 -16.67 3.80
C PHE D 150 -32.17 -16.14 5.12
N VAL D 151 -33.42 -16.44 5.44
CA VAL D 151 -34.04 -15.92 6.66
C VAL D 151 -33.38 -16.48 7.92
N PRO D 152 -32.74 -17.67 7.92
CA PRO D 152 -31.93 -17.98 9.11
C PRO D 152 -30.68 -17.13 9.20
N LEU D 153 -30.01 -16.88 8.06
CA LEU D 153 -28.82 -16.05 8.06
C LEU D 153 -29.14 -14.63 8.52
N LEU D 154 -30.33 -14.13 8.21
CA LEU D 154 -30.73 -12.82 8.70
C LEU D 154 -30.85 -12.81 10.22
N ARG D 155 -31.39 -13.88 10.80
CA ARG D 155 -31.48 -13.97 12.25
C ARG D 155 -30.10 -14.10 12.87
N ARG D 156 -29.19 -14.82 12.22
CA ARG D 156 -27.81 -14.88 12.69
C ARG D 156 -27.17 -13.49 12.65
N LEU D 157 -27.39 -12.75 11.56
CA LEU D 157 -26.79 -11.43 11.44
C LEU D 157 -27.40 -10.43 12.40
N HIS D 158 -28.70 -10.55 12.68
CA HIS D 158 -29.32 -9.63 13.63
C HIS D 158 -28.72 -9.81 15.02
N GLU D 159 -28.64 -11.05 15.51
CA GLU D 159 -27.98 -11.31 16.78
C GLU D 159 -26.54 -10.82 16.76
N GLN D 160 -25.87 -10.96 15.62
CA GLN D 160 -24.47 -10.54 15.52
C GLN D 160 -24.33 -9.02 15.55
N GLN D 161 -25.26 -8.31 14.91
CA GLN D 161 -25.23 -6.86 14.93
C GLN D 161 -25.78 -6.30 16.24
N ARG D 162 -26.79 -6.95 16.81
CA ARG D 162 -27.45 -6.43 18.00
C ARG D 162 -26.50 -6.44 19.20
N ASP D 163 -25.88 -7.57 19.48
CA ASP D 163 -24.96 -7.68 20.61
C ASP D 163 -23.59 -7.07 20.32
N SER D 164 -23.44 -6.34 19.21
CA SER D 164 -22.19 -5.69 18.86
C SER D 164 -22.38 -4.21 18.56
N ARG D 165 -23.43 -3.60 19.11
CA ARG D 165 -23.66 -2.15 19.02
C ARG D 165 -23.87 -1.69 17.57
N TRP D 166 -24.41 -2.58 16.73
CA TRP D 166 -24.79 -2.24 15.35
C TRP D 166 -23.62 -1.66 14.55
N THR D 167 -22.46 -2.34 14.62
CA THR D 167 -21.28 -1.78 13.95
C THR D 167 -20.20 -2.81 13.63
N THR D 168 -20.53 -4.10 13.55
CA THR D 168 -19.56 -5.13 13.20
C THR D 168 -19.80 -5.70 11.81
N LYS D 169 -21.06 -6.02 11.45
CA LYS D 169 -21.38 -6.53 10.12
C LYS D 169 -22.65 -5.83 9.61
N THR D 170 -22.50 -4.57 9.22
CA THR D 170 -23.60 -3.77 8.71
C THR D 170 -23.54 -3.52 7.21
N THR D 171 -22.39 -3.73 6.58
CA THR D 171 -22.27 -3.39 5.18
C THR D 171 -22.57 -4.59 4.29
N PRO D 172 -23.03 -4.35 3.07
CA PRO D 172 -23.26 -5.48 2.13
C PRO D 172 -22.03 -6.34 1.89
N SER D 173 -20.82 -5.76 1.94
CA SER D 173 -19.62 -6.54 1.72
C SER D 173 -19.49 -7.68 2.73
N GLN D 174 -19.60 -7.35 4.02
CA GLN D 174 -19.50 -8.40 5.04
C GLN D 174 -20.68 -9.36 4.95
N ILE D 175 -21.86 -8.86 4.59
CA ILE D 175 -23.03 -9.72 4.48
C ILE D 175 -22.85 -10.71 3.34
N ILE D 176 -22.45 -10.22 2.17
CA ILE D 176 -22.23 -11.10 1.03
C ILE D 176 -21.11 -12.08 1.31
N ALA D 177 -20.07 -11.64 2.02
CA ALA D 177 -18.96 -12.54 2.36
C ALA D 177 -19.44 -13.66 3.27
N GLU D 178 -20.33 -13.35 4.22
CA GLU D 178 -20.90 -14.38 5.08
C GLU D 178 -21.99 -15.18 4.39
N ILE D 179 -22.53 -14.66 3.28
CA ILE D 179 -23.44 -15.48 2.47
C ILE D 179 -22.68 -16.62 1.83
N GLY D 180 -21.47 -16.36 1.36
CA GLY D 180 -20.64 -17.44 0.83
C GLY D 180 -20.21 -18.42 1.91
N ALA D 181 -19.96 -17.92 3.11
CA ALA D 181 -19.62 -18.80 4.23
C ALA D 181 -20.81 -19.65 4.62
N ALA D 182 -22.00 -19.05 4.70
CA ALA D 182 -23.21 -19.82 5.00
C ALA D 182 -23.54 -20.80 3.89
N LEU D 183 -23.25 -20.43 2.63
CA LEU D 183 -23.45 -21.36 1.53
C LEU D 183 -22.45 -22.52 1.58
N GLU D 184 -21.28 -22.28 2.17
CA GLU D 184 -20.32 -23.37 2.36
C GLU D 184 -20.80 -24.33 3.43
N SER D 185 -21.44 -23.81 4.49
CA SER D 185 -21.88 -24.65 5.59
C SER D 185 -23.14 -25.43 5.23
N VAL D 186 -24.16 -24.72 4.73
CA VAL D 186 -25.46 -25.36 4.50
C VAL D 186 -25.38 -26.35 3.35
N ARG D 187 -24.90 -25.90 2.19
CA ARG D 187 -24.89 -26.71 0.96
C ARG D 187 -23.45 -26.85 0.49
N PRO D 188 -22.72 -27.84 1.01
CA PRO D 188 -21.29 -27.96 0.67
C PRO D 188 -21.03 -28.51 -0.72
N ASN D 189 -22.02 -29.07 -1.40
CA ASN D 189 -21.81 -29.66 -2.71
C ASN D 189 -21.94 -28.65 -3.84
N ASP D 190 -23.06 -27.92 -3.89
CA ASP D 190 -23.35 -27.01 -4.98
C ASP D 190 -22.63 -25.67 -4.85
N CYS D 191 -22.05 -25.37 -3.69
CA CYS D 191 -21.43 -24.07 -3.47
C CYS D 191 -20.25 -23.82 -4.42
N GLY D 192 -19.63 -24.87 -4.94
CA GLY D 192 -18.51 -24.71 -5.85
C GLY D 192 -18.87 -24.06 -7.17
N SER D 193 -20.15 -23.96 -7.50
CA SER D 193 -20.59 -23.40 -8.76
C SER D 193 -21.17 -21.99 -8.62
N SER D 194 -20.96 -21.35 -7.47
CA SER D 194 -21.49 -20.02 -7.22
C SER D 194 -20.36 -19.00 -7.11
N LEU D 195 -20.58 -17.82 -7.70
CA LEU D 195 -19.58 -16.77 -7.68
C LEU D 195 -19.35 -16.23 -6.28
N ILE D 196 -20.42 -16.10 -5.49
CA ILE D 196 -20.31 -15.54 -4.15
C ILE D 196 -19.47 -16.43 -3.25
N TYR D 197 -19.55 -17.75 -3.43
CA TYR D 197 -18.79 -18.67 -2.59
C TYR D 197 -17.29 -18.49 -2.78
N TRP D 198 -16.83 -18.44 -4.04
CA TRP D 198 -15.42 -18.24 -4.30
C TRP D 198 -14.96 -16.85 -3.89
N CYS D 199 -15.84 -15.85 -3.97
CA CYS D 199 -15.51 -14.52 -3.48
C CYS D 199 -15.30 -14.53 -1.97
N TYR D 200 -15.91 -15.48 -1.27
CA TYR D 200 -15.66 -15.62 0.17
C TYR D 200 -14.34 -16.33 0.43
N ARG D 201 -14.07 -17.42 -0.28
CA ARG D 201 -12.84 -18.18 -0.04
C ARG D 201 -11.62 -17.42 -0.54
N ASN D 202 -11.68 -16.92 -1.79
CA ASN D 202 -10.56 -16.17 -2.35
C ASN D 202 -10.46 -14.75 -1.83
N ASP D 203 -11.34 -14.35 -0.90
CA ASP D 203 -11.33 -13.02 -0.30
C ASP D 203 -11.44 -11.94 -1.38
N ILE D 204 -12.58 -11.95 -2.07
CA ILE D 204 -12.89 -10.95 -3.09
C ILE D 204 -14.11 -10.16 -2.62
N PRO D 205 -13.96 -8.87 -2.32
CA PRO D 205 -15.10 -8.09 -1.80
C PRO D 205 -16.13 -7.86 -2.89
N VAL D 206 -17.40 -8.12 -2.55
CA VAL D 206 -18.53 -7.89 -3.44
C VAL D 206 -19.30 -6.68 -2.94
N PHE D 207 -19.60 -5.75 -3.84
CA PHE D 207 -20.25 -4.50 -3.49
C PHE D 207 -21.62 -4.42 -4.16
N SER D 208 -22.64 -4.10 -3.37
CA SER D 208 -24.01 -3.95 -3.88
C SER D 208 -24.70 -2.88 -3.07
N PRO D 209 -24.49 -1.61 -3.41
CA PRO D 209 -25.07 -0.52 -2.60
C PRO D 209 -26.59 -0.51 -2.61
N ALA D 210 -27.22 -0.91 -3.71
CA ALA D 210 -28.68 -1.07 -3.75
C ALA D 210 -28.99 -2.52 -3.41
N PHE D 211 -28.92 -2.82 -2.11
CA PHE D 211 -29.02 -4.18 -1.60
C PHE D 211 -30.46 -4.67 -1.44
N THR D 212 -31.35 -3.82 -0.96
CA THR D 212 -32.73 -4.22 -0.69
C THR D 212 -33.58 -4.26 -1.95
N ASP D 213 -33.04 -3.91 -3.11
CA ASP D 213 -33.81 -3.91 -4.35
C ASP D 213 -33.72 -5.30 -4.98
N GLY D 214 -34.57 -6.19 -4.51
CA GLY D 214 -34.61 -7.54 -5.04
C GLY D 214 -35.22 -8.49 -4.02
N SER D 215 -35.04 -9.79 -4.30
CA SER D 215 -35.57 -10.83 -3.42
C SER D 215 -35.00 -10.73 -2.01
N MET D 216 -33.74 -10.30 -1.89
CA MET D 216 -33.16 -10.13 -0.56
C MET D 216 -33.92 -9.09 0.25
N GLY D 217 -34.35 -8.02 -0.40
CA GLY D 217 -35.18 -7.03 0.29
C GLY D 217 -36.52 -7.60 0.72
N ASP D 218 -37.06 -8.54 -0.04
CA ASP D 218 -38.32 -9.18 0.35
C ASP D 218 -38.11 -10.10 1.54
N MET D 219 -37.01 -10.86 1.55
CA MET D 219 -36.70 -11.69 2.71
C MET D 219 -36.47 -10.83 3.95
N ILE D 220 -35.81 -9.68 3.77
CA ILE D 220 -35.59 -8.77 4.89
C ILE D 220 -36.92 -8.17 5.35
N TYR D 221 -37.80 -7.82 4.41
CA TYR D 221 -39.08 -7.22 4.77
C TYR D 221 -39.94 -8.22 5.55
N PHE D 222 -39.92 -9.49 5.17
CA PHE D 222 -40.67 -10.49 5.92
C PHE D 222 -40.09 -10.69 7.31
N TYR D 223 -38.76 -10.64 7.43
CA TYR D 223 -38.13 -10.84 8.73
C TYR D 223 -38.27 -9.61 9.63
N ASN D 224 -38.21 -8.43 9.04
CA ASN D 224 -38.27 -7.19 9.83
C ASN D 224 -39.69 -6.82 10.24
N TYR D 225 -40.71 -7.54 9.77
CA TYR D 225 -42.07 -7.24 10.18
C TYR D 225 -42.36 -7.71 11.60
N SER D 226 -41.57 -8.64 12.12
CA SER D 226 -41.74 -9.15 13.47
C SER D 226 -40.56 -8.84 14.39
N ARG D 227 -39.33 -8.98 13.90
CA ARG D 227 -38.13 -8.66 14.66
C ARG D 227 -37.49 -7.42 14.04
N LYS D 228 -37.94 -6.25 14.49
CA LYS D 228 -37.42 -4.98 13.99
C LYS D 228 -36.05 -4.73 14.62
N GLY D 229 -35.01 -4.80 13.81
CA GLY D 229 -33.66 -4.58 14.30
C GLY D 229 -32.62 -4.61 13.20
N LEU D 230 -32.54 -5.72 12.48
CA LEU D 230 -31.54 -5.92 11.43
C LEU D 230 -31.49 -4.72 10.48
N VAL D 231 -30.29 -4.20 10.27
CA VAL D 231 -30.07 -3.02 9.44
C VAL D 231 -28.85 -3.24 8.55
N VAL D 232 -28.74 -2.39 7.53
CA VAL D 232 -27.64 -2.41 6.57
C VAL D 232 -27.13 -0.98 6.38
N ASP D 233 -25.83 -0.83 6.22
CA ASP D 233 -25.20 0.46 5.99
C ASP D 233 -24.24 0.35 4.81
N PRO D 234 -24.57 0.92 3.65
CA PRO D 234 -23.71 0.78 2.48
C PRO D 234 -22.69 1.89 2.28
N VAL D 235 -22.68 2.93 3.11
CA VAL D 235 -21.71 4.02 2.94
C VAL D 235 -20.28 3.61 3.29
N PRO D 236 -20.02 2.65 4.19
CA PRO D 236 -18.62 2.23 4.36
C PRO D 236 -18.10 1.44 3.19
N ASP D 237 -18.98 0.83 2.38
CA ASP D 237 -18.52 0.14 1.18
C ASP D 237 -17.94 1.13 0.17
N VAL D 238 -18.36 2.39 0.22
CA VAL D 238 -17.79 3.40 -0.66
C VAL D 238 -16.34 3.69 -0.27
N ARG D 239 -16.09 3.90 1.03
CA ARG D 239 -14.72 4.05 1.50
C ARG D 239 -13.91 2.80 1.19
N ARG D 240 -14.54 1.62 1.31
CA ARG D 240 -13.84 0.37 1.02
C ARG D 240 -13.49 0.26 -0.45
N LEU D 241 -14.46 0.51 -1.34
CA LEU D 241 -14.19 0.41 -2.78
C LEU D 241 -13.18 1.46 -3.22
N ARG D 242 -13.18 2.63 -2.58
CA ARG D 242 -12.17 3.64 -2.87
C ARG D 242 -10.79 3.19 -2.39
N GLN D 243 -10.74 2.53 -1.23
CA GLN D 243 -9.47 2.04 -0.71
C GLN D 243 -8.80 1.07 -1.68
N LEU D 244 -9.59 0.22 -2.33
CA LEU D 244 -9.06 -0.74 -3.28
C LEU D 244 -8.75 -0.12 -4.64
N GLY D 245 -9.27 1.09 -4.90
CA GLY D 245 -9.03 1.79 -6.14
C GLY D 245 -8.22 3.05 -5.91
N CYS D 246 -7.00 2.87 -5.39
CA CYS D 246 -6.09 3.97 -5.10
C CYS D 246 -4.71 3.61 -5.65
N LYS D 247 -4.34 4.18 -6.80
CA LYS D 247 -3.02 3.97 -7.37
C LYS D 247 -2.09 5.15 -7.11
N SER D 248 -1.87 5.48 -5.83
CA SER D 248 -0.69 6.24 -5.45
C SER D 248 0.57 5.39 -5.47
N THR D 249 0.41 4.06 -5.45
CA THR D 249 1.55 3.15 -5.48
C THR D 249 2.37 3.28 -6.75
N ASN D 250 1.75 3.78 -7.83
CA ASN D 250 2.30 3.98 -9.18
C ASN D 250 2.77 2.71 -9.86
N VAL D 251 2.65 1.54 -9.22
CA VAL D 251 2.97 0.27 -9.86
C VAL D 251 1.70 -0.54 -9.93
N GLY D 252 0.57 0.15 -10.07
CA GLY D 252 -0.72 -0.49 -10.23
C GLY D 252 -1.22 -0.33 -11.66
N ARG D 253 -1.45 -1.46 -12.31
CA ARG D 253 -2.18 -1.51 -13.57
C ARG D 253 -3.54 -2.13 -13.26
N ILE D 254 -4.55 -1.29 -13.04
CA ILE D 254 -5.84 -1.69 -12.51
C ILE D 254 -6.88 -1.60 -13.64
N THR D 255 -7.40 -2.74 -14.05
CA THR D 255 -8.34 -2.84 -15.17
C THR D 255 -9.74 -3.07 -14.63
N CYS D 256 -10.73 -2.43 -15.26
CA CYS D 256 -12.13 -2.57 -14.90
C CYS D 256 -12.87 -3.18 -16.07
N ILE D 257 -13.48 -4.33 -15.84
CA ILE D 257 -14.28 -5.02 -16.85
C ILE D 257 -15.74 -4.81 -16.47
N VAL D 258 -16.45 -4.01 -17.26
CA VAL D 258 -17.85 -3.69 -17.00
C VAL D 258 -18.68 -4.37 -18.08
N LEU D 259 -19.31 -5.49 -17.72
CA LEU D 259 -20.19 -6.24 -18.63
C LEU D 259 -21.63 -5.86 -18.29
N GLY D 260 -22.22 -4.99 -19.10
CA GLY D 260 -23.54 -4.46 -18.80
C GLY D 260 -23.44 -3.23 -17.92
N ALA D 261 -24.01 -2.11 -18.37
CA ALA D 261 -23.82 -0.81 -17.73
C ALA D 261 -25.09 -0.42 -16.99
N GLY D 262 -25.07 -0.55 -15.66
CA GLY D 262 -26.13 -0.06 -14.81
C GLY D 262 -25.53 0.67 -13.63
N LEU D 263 -26.11 0.44 -12.46
CA LEU D 263 -25.47 0.86 -11.22
C LEU D 263 -24.06 0.31 -11.07
N PRO D 264 -23.75 -0.94 -11.46
CA PRO D 264 -22.35 -1.39 -11.43
C PRO D 264 -21.35 -0.44 -12.09
N LYS D 265 -21.64 0.02 -13.31
CA LYS D 265 -20.67 0.83 -14.05
C LYS D 265 -20.31 2.10 -13.29
N HIS D 266 -21.32 2.90 -12.96
CA HIS D 266 -21.07 4.17 -12.27
C HIS D 266 -20.41 3.93 -10.92
N HIS D 267 -21.00 3.05 -10.11
CA HIS D 267 -20.50 2.84 -8.75
C HIS D 267 -19.06 2.33 -8.74
N LEU D 268 -18.64 1.63 -9.79
CA LEU D 268 -17.26 1.13 -9.85
C LEU D 268 -16.33 2.22 -10.37
N LEU D 269 -16.60 2.76 -11.55
CA LEU D 269 -15.69 3.70 -12.17
C LEU D 269 -15.67 5.06 -11.47
N ARG D 270 -16.66 5.36 -10.64
CA ARG D 270 -16.65 6.61 -9.90
C ARG D 270 -15.70 6.55 -8.71
N ASN D 271 -15.64 5.40 -8.03
CA ASN D 271 -14.82 5.24 -6.84
C ASN D 271 -13.48 4.58 -7.11
N VAL D 272 -13.31 3.93 -8.25
CA VAL D 272 -12.07 3.22 -8.59
C VAL D 272 -11.39 3.94 -9.74
N GLN D 273 -10.08 4.14 -9.61
CA GLN D 273 -9.28 4.81 -10.64
C GLN D 273 -8.69 3.73 -11.55
N ALA D 274 -9.34 3.52 -12.70
CA ALA D 274 -8.94 2.46 -13.61
C ALA D 274 -8.00 2.98 -14.69
N ASP D 275 -6.96 2.19 -14.98
CA ASP D 275 -6.07 2.47 -16.09
C ASP D 275 -6.57 1.88 -17.40
N ALA D 276 -7.41 0.86 -17.34
CA ALA D 276 -8.00 0.24 -18.52
C ALA D 276 -9.44 -0.12 -18.21
N VAL D 277 -10.35 0.21 -19.13
CA VAL D 277 -11.78 -0.02 -18.95
C VAL D 277 -12.34 -0.65 -20.22
N VAL D 278 -13.33 -1.53 -20.04
CA VAL D 278 -14.01 -2.20 -21.13
C VAL D 278 -15.51 -2.11 -20.90
N TYR D 279 -16.22 -1.51 -21.85
CA TYR D 279 -17.67 -1.37 -21.78
C TYR D 279 -18.33 -2.43 -22.66
N VAL D 280 -19.35 -3.10 -22.12
CA VAL D 280 -20.19 -3.97 -22.92
C VAL D 280 -21.63 -3.62 -22.63
N THR D 281 -22.13 -2.57 -23.26
CA THR D 281 -23.46 -2.04 -22.99
C THR D 281 -24.32 -2.12 -24.24
N THR D 282 -25.61 -1.73 -24.09
CA THR D 282 -26.54 -1.67 -25.21
C THR D 282 -27.24 -0.33 -25.35
N GLY D 283 -27.29 0.49 -24.29
CA GLY D 283 -28.01 1.75 -24.34
C GLY D 283 -27.45 2.71 -25.38
N SER D 284 -28.30 3.61 -25.84
CA SER D 284 -27.93 4.60 -26.85
C SER D 284 -27.78 5.98 -26.23
N ASP D 285 -26.89 6.79 -26.82
CA ASP D 285 -26.58 8.10 -26.25
C ASP D 285 -27.81 9.00 -26.12
N ALA D 286 -28.84 8.76 -26.94
CA ALA D 286 -30.04 9.57 -26.90
C ALA D 286 -30.75 9.49 -25.55
N ASP D 287 -30.53 8.42 -24.79
CA ASP D 287 -31.16 8.30 -23.48
C ASP D 287 -30.64 9.36 -22.52
N GLY D 288 -29.39 9.78 -22.68
CA GLY D 288 -28.79 10.74 -21.78
C GLY D 288 -28.72 10.23 -20.35
N CYS D 289 -28.23 9.00 -20.20
CA CYS D 289 -28.16 8.32 -18.91
C CYS D 289 -26.76 7.81 -18.67
N GLU D 290 -26.51 7.44 -17.41
CA GLU D 290 -25.25 6.85 -17.00
C GLU D 290 -25.18 5.35 -17.30
N SER D 291 -25.91 4.87 -18.31
CA SER D 291 -25.79 3.53 -18.85
C SER D 291 -25.35 3.51 -20.30
N SER D 292 -25.90 4.39 -21.15
CA SER D 292 -25.41 4.61 -22.51
C SER D 292 -23.96 5.07 -22.45
N CYS D 293 -23.04 4.10 -22.29
CA CYS D 293 -21.63 4.40 -22.13
C CYS D 293 -21.12 5.35 -23.22
N ASN D 294 -20.96 6.61 -22.87
CA ASN D 294 -20.35 7.59 -23.76
C ASN D 294 -18.94 7.85 -23.27
N VAL D 295 -17.95 7.45 -24.08
CA VAL D 295 -16.56 7.47 -23.63
C VAL D 295 -16.15 8.87 -23.21
N MET D 296 -16.35 9.85 -24.09
CA MET D 296 -15.90 11.21 -23.79
C MET D 296 -16.80 11.88 -22.76
N ALA D 297 -18.06 11.47 -22.67
CA ALA D 297 -18.93 12.03 -21.62
C ALA D 297 -18.58 11.48 -20.26
N ASP D 298 -18.11 10.22 -20.20
CA ASP D 298 -17.63 9.68 -18.93
C ASP D 298 -16.34 10.37 -18.49
N ARG D 299 -15.47 10.70 -19.45
CA ARG D 299 -14.24 11.42 -19.12
C ARG D 299 -14.55 12.79 -18.53
N ALA D 300 -15.58 13.47 -19.05
CA ALA D 300 -15.92 14.79 -18.56
C ALA D 300 -16.43 14.75 -17.12
N ASN D 301 -17.02 13.63 -16.71
CA ASN D 301 -17.61 13.50 -15.39
C ASN D 301 -16.67 12.87 -14.36
N GLY D 302 -15.44 12.56 -14.75
CA GLY D 302 -14.50 11.96 -13.82
C GLY D 302 -14.58 10.45 -13.69
N LEU D 303 -15.42 9.79 -14.51
CA LEU D 303 -15.48 8.33 -14.48
C LEU D 303 -14.32 7.71 -15.22
N LEU D 304 -13.84 8.36 -16.28
CA LEU D 304 -12.65 7.92 -17.01
C LEU D 304 -11.59 9.01 -16.92
N SER D 305 -10.38 8.63 -16.55
CA SER D 305 -9.29 9.59 -16.52
C SER D 305 -8.89 9.95 -17.95
N PRO D 306 -8.35 11.15 -18.16
CA PRO D 306 -7.96 11.55 -19.54
C PRO D 306 -6.85 10.70 -20.12
N ASN D 307 -6.10 9.97 -19.30
CA ASN D 307 -5.03 9.09 -19.76
C ASN D 307 -5.43 7.62 -19.73
N CYS D 308 -6.71 7.32 -19.56
CA CYS D 308 -7.17 5.95 -19.40
C CYS D 308 -7.42 5.30 -20.76
N ASP D 309 -6.97 4.05 -20.91
CA ASP D 309 -7.28 3.26 -22.09
C ASP D 309 -8.67 2.66 -21.93
N VAL D 310 -9.55 2.90 -22.90
CA VAL D 310 -10.95 2.51 -22.78
C VAL D 310 -11.48 2.14 -24.16
N VAL D 311 -12.30 1.10 -24.21
CA VAL D 311 -12.96 0.67 -25.44
C VAL D 311 -14.40 0.29 -25.09
N ARG D 312 -15.31 0.54 -26.03
CA ARG D 312 -16.72 0.26 -25.85
C ARG D 312 -17.21 -0.61 -27.00
N VAL D 313 -17.71 -1.80 -26.68
CA VAL D 313 -18.31 -2.70 -27.65
C VAL D 313 -19.81 -2.75 -27.38
N HIS D 314 -20.60 -2.66 -28.46
CA HIS D 314 -22.05 -2.51 -28.37
C HIS D 314 -22.70 -3.85 -28.76
N GLY D 315 -23.36 -4.47 -27.78
CA GLY D 315 -24.04 -5.72 -28.04
C GLY D 315 -24.37 -6.43 -26.75
N ASP D 316 -25.17 -7.49 -26.88
CA ASP D 316 -25.53 -8.30 -25.74
C ASP D 316 -24.28 -8.95 -25.16
N ALA D 317 -24.02 -8.69 -23.88
CA ALA D 317 -22.85 -9.27 -23.22
C ALA D 317 -22.91 -10.80 -23.21
N THR D 318 -24.10 -11.38 -23.41
CA THR D 318 -24.19 -12.83 -23.54
C THR D 318 -23.42 -13.33 -24.74
N ILE D 319 -23.32 -12.51 -25.79
CA ILE D 319 -22.53 -12.88 -26.96
C ILE D 319 -21.09 -12.36 -26.86
N ILE D 320 -20.91 -11.18 -26.24
CA ILE D 320 -19.59 -10.56 -26.20
C ILE D 320 -18.70 -11.20 -25.14
N SER D 321 -19.20 -11.32 -23.91
CA SER D 321 -18.36 -11.76 -22.79
C SER D 321 -17.68 -13.10 -23.01
N PRO D 322 -18.33 -14.14 -23.54
CA PRO D 322 -17.58 -15.39 -23.78
C PRO D 322 -16.39 -15.22 -24.71
N LEU D 323 -16.53 -14.40 -25.75
CA LEU D 323 -15.42 -14.19 -26.68
C LEU D 323 -14.32 -13.34 -26.07
N LEU D 324 -14.65 -12.48 -25.11
CA LEU D 324 -13.63 -11.70 -24.42
C LEU D 324 -12.90 -12.55 -23.39
N LEU D 325 -13.63 -13.38 -22.65
CA LEU D 325 -13.05 -14.20 -21.60
C LEU D 325 -12.45 -15.50 -22.11
N LEU D 326 -12.67 -15.84 -23.38
CA LEU D 326 -12.12 -17.05 -23.96
C LEU D 326 -10.60 -17.07 -23.86
N ARG D 327 -10.08 -17.98 -23.03
CA ARG D 327 -8.63 -18.06 -22.84
C ARG D 327 -7.96 -18.59 -24.11
N SER D 328 -6.84 -17.97 -24.47
CA SER D 328 -6.10 -18.35 -25.66
C SER D 328 -5.08 -19.45 -25.35
N GLN E 24 7.56 42.32 55.37
CA GLN E 24 8.67 43.21 55.70
C GLN E 24 8.62 44.48 54.84
N VAL E 25 9.46 45.45 55.19
CA VAL E 25 9.45 46.78 54.58
C VAL E 25 10.37 46.78 53.36
N VAL E 26 10.03 47.63 52.38
CA VAL E 26 10.85 47.79 51.18
C VAL E 26 11.95 48.79 51.48
N VAL E 27 13.19 48.33 51.51
CA VAL E 27 14.36 49.17 51.73
C VAL E 27 15.47 48.71 50.78
N GLY E 28 16.06 49.66 50.06
CA GLY E 28 17.12 49.34 49.14
C GLY E 28 18.49 49.69 49.69
N PRO E 29 19.54 49.46 48.88
CA PRO E 29 20.91 49.74 49.33
C PRO E 29 21.07 51.16 49.89
N ASN E 30 21.53 51.24 51.14
CA ASN E 30 21.53 52.47 51.90
C ASN E 30 22.83 53.24 51.67
N GLN E 31 23.06 54.26 52.48
CA GLN E 31 24.24 55.12 52.31
C GLN E 31 25.53 54.35 52.57
N GLU E 32 25.67 53.78 53.76
CA GLU E 32 26.94 53.20 54.16
C GLU E 32 27.16 51.81 53.58
N ASP E 33 26.09 51.04 53.37
CA ASP E 33 26.23 49.68 52.87
C ASP E 33 26.29 49.59 51.35
N LEU E 34 26.49 50.70 50.66
CA LEU E 34 26.74 50.71 49.23
C LEU E 34 28.22 50.64 48.89
N HIS E 35 29.07 50.42 49.89
CA HIS E 35 30.51 50.30 49.69
C HIS E 35 31.00 48.86 49.61
N SER E 36 30.12 47.89 49.85
CA SER E 36 30.48 46.49 49.78
C SER E 36 29.44 45.74 48.98
N ALA E 37 29.90 44.89 48.06
CA ALA E 37 28.98 44.13 47.21
C ALA E 37 28.22 43.06 47.96
N GLU E 38 28.73 42.60 49.10
CA GLU E 38 27.98 41.64 49.91
C GLU E 38 26.66 42.26 50.38
N ALA E 39 26.73 43.45 50.99
CA ALA E 39 25.54 44.06 51.56
C ALA E 39 24.50 44.35 50.49
N VAL E 40 24.94 44.81 49.31
CA VAL E 40 24.00 45.10 48.24
C VAL E 40 23.26 43.83 47.82
N LEU E 41 24.01 42.77 47.51
CA LEU E 41 23.40 41.51 47.12
C LEU E 41 22.56 40.91 48.25
N ASN E 42 22.93 41.19 49.49
CA ASN E 42 22.12 40.73 50.62
C ASN E 42 20.82 41.53 50.72
N ARG E 43 20.88 42.83 50.45
CA ARG E 43 19.70 43.66 50.53
C ARG E 43 18.83 43.55 49.28
N TYR E 44 19.24 42.79 48.27
CA TYR E 44 18.41 42.55 47.10
C TYR E 44 17.05 41.97 47.47
N SER E 45 16.92 41.40 48.67
CA SER E 45 15.64 40.84 49.10
C SER E 45 14.58 41.93 49.27
N THR E 46 14.96 43.07 49.83
CA THR E 46 14.02 44.12 50.19
C THR E 46 14.00 45.28 49.20
N VAL E 47 14.63 45.12 48.04
CA VAL E 47 14.53 46.17 47.02
C VAL E 47 13.20 46.09 46.29
N GLY E 48 12.87 44.92 45.76
CA GLY E 48 11.60 44.68 45.11
C GLY E 48 11.77 44.10 43.73
N PHE E 49 10.63 43.86 43.08
CA PHE E 49 10.54 43.43 41.67
C PHE E 49 11.36 42.15 41.51
N GLN E 50 12.16 42.02 40.46
CA GLN E 50 12.89 40.78 40.19
C GLN E 50 14.19 40.67 40.97
N ALA E 51 14.69 41.76 41.55
CA ALA E 51 15.85 41.64 42.42
C ALA E 51 15.52 40.85 43.68
N SER E 52 14.29 40.96 44.17
CA SER E 52 13.87 40.12 45.28
C SER E 52 13.78 38.66 44.87
N ASN E 53 13.34 38.40 43.63
CA ASN E 53 13.35 37.04 43.11
C ASN E 53 14.78 36.52 42.98
N LEU E 54 15.71 37.41 42.62
CA LEU E 54 17.12 37.02 42.58
C LEU E 54 17.63 36.66 43.97
N ALA E 55 17.25 37.44 44.99
CA ALA E 55 17.65 37.12 46.35
C ALA E 55 17.02 35.81 46.81
N ARG E 56 15.77 35.55 46.40
CA ARG E 56 15.17 34.26 46.69
C ARG E 56 15.88 33.14 45.93
N ALA E 57 16.44 33.45 44.75
CA ALA E 57 17.24 32.47 44.04
C ALA E 57 18.55 32.20 44.77
N PHE E 58 19.12 33.23 45.41
CA PHE E 58 20.30 33.04 46.26
C PHE E 58 20.02 32.00 47.33
N SER E 59 18.89 32.13 48.02
CA SER E 59 18.57 31.23 49.13
C SER E 59 18.25 29.83 48.63
N ILE E 60 17.51 29.71 47.53
CA ILE E 60 17.19 28.40 46.99
C ILE E 60 18.47 27.67 46.59
N CYS E 61 19.45 28.40 46.05
CA CYS E 61 20.74 27.80 45.73
C CYS E 61 21.44 27.32 47.00
N GLU E 62 21.34 28.09 48.09
CA GLU E 62 21.93 27.66 49.34
C GLU E 62 21.22 26.43 49.90
N MET E 63 19.89 26.39 49.78
CA MET E 63 19.16 25.20 50.20
C MET E 63 19.51 23.99 49.35
N MET E 64 19.81 24.20 48.07
CA MET E 64 20.22 23.10 47.22
C MET E 64 21.62 22.61 47.57
N LEU E 65 22.39 23.38 48.32
CA LEU E 65 23.73 22.98 48.72
C LEU E 65 23.80 22.49 50.16
N THR E 66 22.75 22.69 50.96
CA THR E 66 22.77 22.24 52.35
C THR E 66 22.32 20.79 52.43
N PRO E 67 23.05 19.93 53.13
CA PRO E 67 22.57 18.55 53.35
C PRO E 67 21.23 18.55 54.07
N GLN E 68 20.36 17.63 53.68
CA GLN E 68 19.00 17.59 54.18
C GLN E 68 18.42 16.20 53.95
N SER E 69 17.19 16.01 54.41
CA SER E 69 16.50 14.73 54.43
C SER E 69 15.33 14.75 53.45
N PRO E 70 14.77 13.57 53.10
CA PRO E 70 13.69 13.54 52.11
C PRO E 70 12.33 13.94 52.66
N SER E 71 11.27 13.59 51.91
CA SER E 71 9.89 13.96 52.16
C SER E 71 8.99 13.05 51.32
N PRO E 72 7.81 12.64 51.82
CA PRO E 72 6.84 11.70 51.22
C PRO E 72 6.92 11.49 49.71
N VAL E 87 18.90 9.54 58.28
CA VAL E 87 19.23 9.50 56.87
C VAL E 87 19.41 10.91 56.33
N MET E 88 20.54 11.15 55.67
CA MET E 88 20.84 12.44 55.07
C MET E 88 21.67 12.25 53.82
N VAL E 89 21.57 13.22 52.90
CA VAL E 89 22.27 13.15 51.62
C VAL E 89 22.46 14.58 51.12
N GLN E 90 23.52 14.77 50.34
CA GLN E 90 23.68 16.01 49.59
C GLN E 90 22.83 15.91 48.33
N PRO E 91 21.84 16.79 48.14
CA PRO E 91 20.89 16.61 47.05
C PRO E 91 21.55 16.63 45.68
N THR E 92 20.96 15.89 44.75
CA THR E 92 21.45 15.84 43.38
C THR E 92 20.98 17.09 42.64
N LEU E 93 21.93 17.83 42.07
CA LEU E 93 21.64 19.11 41.44
C LEU E 93 21.56 18.93 39.93
N PHE E 94 20.38 19.18 39.37
CA PHE E 94 20.19 19.17 37.92
C PHE E 94 20.40 20.58 37.40
N VAL E 95 21.41 20.76 36.55
CA VAL E 95 21.70 22.05 35.94
C VAL E 95 21.47 21.95 34.44
N GLY E 96 20.72 22.90 33.90
CA GLY E 96 20.48 22.97 32.48
C GLY E 96 20.92 24.28 31.88
N VAL E 97 21.67 24.23 30.78
CA VAL E 97 22.24 25.42 30.16
C VAL E 97 21.93 25.36 28.66
N THR E 98 21.50 26.50 28.11
CA THR E 98 21.33 26.59 26.67
C THR E 98 22.69 26.66 25.98
N ALA E 99 22.70 26.35 24.69
CA ALA E 99 23.97 26.18 23.97
C ALA E 99 24.72 27.50 23.85
N ASN E 100 24.01 28.61 23.71
CA ASN E 100 24.67 29.89 23.50
C ASN E 100 25.53 30.30 24.69
N LEU E 101 25.02 30.08 25.91
CA LEU E 101 25.68 30.59 27.11
C LEU E 101 27.12 30.10 27.25
N PHE E 102 27.50 29.02 26.57
CA PHE E 102 28.88 28.55 26.63
C PHE E 102 29.81 29.39 25.78
N GLY E 103 29.28 30.29 24.95
CA GLY E 103 30.12 31.25 24.26
C GLY E 103 30.44 32.49 25.06
N THR E 104 29.65 32.77 26.11
CA THR E 104 29.84 33.93 26.95
C THR E 104 30.70 33.56 28.15
N GLY E 105 30.81 34.47 29.11
CA GLY E 105 31.56 34.20 30.32
C GLY E 105 30.84 33.34 31.33
N CYS E 106 29.68 32.79 30.96
CA CYS E 106 29.01 31.81 31.80
C CYS E 106 29.68 30.45 31.75
N ARG E 107 30.45 30.17 30.69
CA ARG E 107 31.11 28.89 30.58
C ARG E 107 32.14 28.69 31.70
N GLU E 108 32.96 29.72 31.98
CA GLU E 108 33.96 29.60 33.01
C GLU E 108 33.37 29.50 34.41
N ALA E 109 32.09 29.86 34.57
CA ALA E 109 31.41 29.63 35.85
C ALA E 109 30.89 28.20 35.95
N ILE E 110 30.34 27.67 34.85
CA ILE E 110 29.93 26.26 34.83
C ILE E 110 31.15 25.36 34.98
N ARG E 111 32.30 25.78 34.44
CA ARG E 111 33.54 25.03 34.63
C ARG E 111 33.89 24.93 36.11
N PHE E 112 33.82 26.05 36.82
CA PHE E 112 34.01 26.01 38.27
C PHE E 112 33.01 25.07 38.93
N LEU E 113 31.76 25.09 38.47
CA LEU E 113 30.75 24.20 39.04
C LEU E 113 31.09 22.74 38.82
N CYS E 114 31.84 22.43 37.76
CA CYS E 114 32.25 21.07 37.47
C CYS E 114 33.68 20.76 37.92
N THR E 115 34.44 21.77 38.34
CA THR E 115 35.85 21.57 38.70
C THR E 115 36.00 21.28 40.19
N GLU E 116 35.65 22.25 41.03
CA GLU E 116 35.91 22.13 42.46
C GLU E 116 35.05 21.04 43.09
N CYS E 117 35.67 20.28 44.00
CA CYS E 117 35.01 19.18 44.68
C CYS E 117 35.22 19.32 46.18
N VAL E 118 34.13 19.29 46.93
CA VAL E 118 34.16 19.34 48.38
C VAL E 118 33.82 17.94 48.90
N PRO E 119 34.70 17.29 49.65
CA PRO E 119 34.41 15.94 50.14
C PRO E 119 33.13 15.90 50.96
N LEU E 120 32.20 15.03 50.56
CA LEU E 120 30.94 14.84 51.27
C LEU E 120 31.22 14.39 52.70
N PRO E 121 30.90 15.22 53.70
CA PRO E 121 31.18 14.86 55.10
C PRO E 121 30.18 13.85 55.64
N ASN E 122 30.44 12.56 55.38
CA ASN E 122 29.55 11.48 55.79
C ASN E 122 29.33 11.52 57.30
N GLY E 123 28.35 12.30 57.73
CA GLY E 123 27.99 12.39 59.13
C GLY E 123 26.49 12.57 59.37
N ALA E 143 36.77 -0.38 24.67
CA ALA E 143 35.41 -0.23 24.15
C ALA E 143 34.84 1.14 24.51
N LEU E 144 33.68 1.47 23.95
CA LEU E 144 33.01 2.72 24.30
C LEU E 144 32.67 2.74 25.78
N LYS E 145 33.00 3.85 26.43
CA LYS E 145 32.77 3.99 27.87
C LYS E 145 31.57 4.90 28.10
N PRO E 146 30.48 4.38 28.65
CA PRO E 146 29.29 5.21 28.89
C PRO E 146 29.60 6.34 29.87
N SER E 147 28.63 7.24 29.99
CA SER E 147 28.80 8.40 30.85
C SER E 147 28.58 8.00 32.31
N PRO E 148 29.62 8.03 33.14
CA PRO E 148 29.47 7.62 34.53
C PRO E 148 28.69 8.66 35.34
N CYS E 149 27.97 8.16 36.33
CA CYS E 149 27.11 8.98 37.17
C CYS E 149 27.72 9.11 38.56
N ASP E 150 28.83 9.84 38.63
CA ASP E 150 29.54 10.06 39.89
C ASP E 150 29.15 11.40 40.49
N SER E 151 28.94 11.41 41.81
CA SER E 151 28.53 12.61 42.54
C SER E 151 29.71 13.24 43.27
N ARG E 152 30.82 13.48 42.57
CA ARG E 152 31.97 14.10 43.20
C ARG E 152 32.22 15.50 42.64
N ALA E 153 31.21 16.36 42.69
CA ALA E 153 31.34 17.71 42.17
C ALA E 153 30.25 18.57 42.78
N LEU E 154 30.30 19.87 42.48
CA LEU E 154 29.24 20.77 42.91
C LEU E 154 27.97 20.56 42.10
N ILE E 155 28.12 20.28 40.80
CA ILE E 155 27.01 19.92 39.93
C ILE E 155 27.14 18.44 39.60
N HIS E 156 26.00 17.74 39.57
CA HIS E 156 26.02 16.28 39.48
C HIS E 156 25.57 15.74 38.12
N VAL E 157 24.92 16.55 37.28
CA VAL E 157 24.60 16.16 35.91
C VAL E 157 24.20 17.43 35.15
N LEU E 158 24.70 17.53 33.92
CA LEU E 158 24.49 18.70 33.08
C LEU E 158 23.87 18.27 31.77
N VAL E 159 22.71 18.84 31.44
CA VAL E 159 22.08 18.63 30.14
C VAL E 159 22.18 19.94 29.37
N VAL E 160 22.64 19.85 28.13
CA VAL E 160 22.94 21.02 27.34
C VAL E 160 22.24 20.92 25.99
N SER E 161 21.92 22.07 25.41
CA SER E 161 21.28 22.10 24.10
C SER E 161 22.33 21.95 23.00
N GLY E 162 21.85 21.56 21.82
CA GLY E 162 22.71 21.32 20.68
C GLY E 162 23.57 22.51 20.30
N GLY E 163 24.89 22.29 20.22
CA GLY E 163 25.83 23.35 19.95
C GLY E 163 26.55 23.88 21.17
N ALA E 164 26.22 23.37 22.36
CA ALA E 164 26.85 23.89 23.58
C ALA E 164 28.31 23.46 23.68
N MET E 165 28.56 22.15 23.71
CA MET E 165 29.92 21.66 23.84
C MET E 165 30.77 21.99 22.61
N GLU E 166 30.14 22.24 21.46
CA GLU E 166 30.89 22.77 20.32
C GLU E 166 31.45 24.16 20.63
N HIS E 167 30.64 25.00 21.26
CA HIS E 167 31.12 26.30 21.72
C HIS E 167 32.18 26.14 22.81
N ASP E 168 32.03 25.12 23.66
CA ASP E 168 33.01 24.87 24.70
C ASP E 168 34.37 24.53 24.10
N ILE E 169 34.39 23.65 23.10
CA ILE E 169 35.63 23.30 22.44
C ILE E 169 36.17 24.47 21.63
N ARG E 170 35.29 25.17 20.90
CA ARG E 170 35.72 26.29 20.09
C ARG E 170 36.31 27.42 20.92
N ARG E 171 35.82 27.61 22.14
CA ARG E 171 36.30 28.69 22.98
C ARG E 171 37.74 28.46 23.43
N ALA E 172 38.23 27.23 23.35
CA ALA E 172 39.62 26.90 23.68
C ALA E 172 40.54 26.91 22.46
N CYS E 173 39.98 26.89 21.25
CA CYS E 173 40.77 26.99 20.02
C CYS E 173 40.90 28.43 19.56
N GLU E 174 39.79 29.16 19.52
CA GLU E 174 39.77 30.56 19.14
C GLU E 174 39.37 31.43 20.33
N SER E 175 39.46 32.74 20.14
CA SER E 175 39.00 33.71 21.12
C SER E 175 37.75 34.40 20.58
N TYR E 176 36.75 34.55 21.46
CA TYR E 176 35.48 35.14 21.06
C TYR E 176 35.56 36.66 21.11
N LYS E 177 35.33 37.30 19.97
CA LYS E 177 35.44 38.75 19.84
C LYS E 177 34.04 39.36 19.81
N LEU E 178 33.83 40.41 20.60
CA LEU E 178 32.54 41.06 20.71
C LEU E 178 32.58 42.44 20.08
N SER E 179 31.49 42.81 19.39
CA SER E 179 31.33 44.11 18.77
C SER E 179 32.50 44.47 17.85
N THR E 204 34.31 33.81 6.93
CA THR E 204 33.22 34.60 7.51
C THR E 204 33.14 34.41 9.01
N ASP E 205 32.70 35.45 9.70
CA ASP E 205 32.53 35.42 11.15
C ASP E 205 31.04 35.36 11.49
N CYS E 206 30.67 34.42 12.35
CA CYS E 206 29.28 34.23 12.73
C CYS E 206 28.90 35.17 13.87
N HIS E 207 27.64 35.57 13.89
CA HIS E 207 27.13 36.48 14.90
C HIS E 207 26.43 35.71 16.03
N PHE E 208 26.40 36.35 17.19
CA PHE E 208 25.96 35.71 18.42
C PHE E 208 25.03 36.62 19.21
N GLY E 209 24.66 37.77 18.65
CA GLY E 209 23.98 38.82 19.38
C GLY E 209 24.92 39.99 19.60
N ASN E 210 25.56 40.02 20.76
CA ASN E 210 26.61 40.99 21.04
C ASN E 210 27.99 40.47 20.68
N VAL E 211 28.15 39.15 20.56
CA VAL E 211 29.45 38.53 20.32
C VAL E 211 29.54 38.09 18.87
N ARG E 212 30.78 37.95 18.39
CA ARG E 212 31.08 37.42 17.08
C ARG E 212 32.11 36.31 17.22
N TYR E 213 32.08 35.35 16.30
CA TYR E 213 33.07 34.29 16.31
C TYR E 213 33.29 33.82 14.87
N ASN E 214 34.41 33.11 14.69
CA ASN E 214 34.84 32.65 13.37
C ASN E 214 34.51 31.17 13.22
N SER E 215 33.68 30.85 12.25
CA SER E 215 33.35 29.46 11.91
C SER E 215 33.96 29.18 10.53
N SER E 216 35.23 28.77 10.52
CA SER E 216 35.90 28.49 9.26
C SER E 216 35.59 27.07 8.79
N GLY E 217 36.07 26.75 7.58
CA GLY E 217 35.69 25.58 6.83
C GLY E 217 35.58 24.26 7.57
N VAL E 218 34.68 23.40 7.10
CA VAL E 218 34.51 22.08 7.69
C VAL E 218 35.81 21.29 7.62
N ALA E 219 36.57 21.45 6.54
CA ALA E 219 37.87 20.83 6.33
C ALA E 219 38.97 21.87 6.18
N SER E 220 38.86 22.96 6.93
CA SER E 220 39.86 24.01 6.87
C SER E 220 41.06 23.65 7.75
N ARG E 221 42.07 24.51 7.70
CA ARG E 221 43.31 24.31 8.44
C ARG E 221 43.29 24.92 9.83
N ASN E 222 42.28 25.70 10.18
CA ASN E 222 42.26 26.34 11.48
C ASN E 222 42.14 25.29 12.59
N LEU E 223 42.48 25.71 13.81
CA LEU E 223 42.62 24.76 14.91
C LEU E 223 41.29 24.11 15.26
N PHE E 224 40.20 24.87 15.25
CA PHE E 224 38.92 24.33 15.70
C PHE E 224 38.45 23.18 14.82
N SER E 225 38.49 23.37 13.49
CA SER E 225 38.03 22.32 12.59
C SER E 225 38.88 21.06 12.72
N CYS E 226 40.17 21.21 12.98
CA CYS E 226 41.02 20.04 13.15
C CYS E 226 40.68 19.28 14.44
N VAL E 227 40.39 20.01 15.52
CA VAL E 227 40.01 19.36 16.77
C VAL E 227 38.71 18.58 16.59
N MET E 228 37.73 19.18 15.91
CA MET E 228 36.45 18.50 15.72
C MET E 228 36.61 17.29 14.79
N ARG E 229 37.37 17.42 13.72
CA ARG E 229 37.57 16.31 12.80
C ARG E 229 38.31 15.17 13.48
N CYS E 230 39.30 15.48 14.31
CA CYS E 230 39.98 14.44 15.07
C CYS E 230 39.03 13.76 16.05
N LEU E 231 38.12 14.53 16.65
CA LEU E 231 37.14 13.94 17.55
C LEU E 231 36.21 12.99 16.82
N VAL E 232 35.61 13.45 15.72
CA VAL E 232 34.71 12.62 14.94
C VAL E 232 35.44 11.37 14.43
N LYS E 233 36.72 11.51 14.08
CA LYS E 233 37.49 10.36 13.62
C LYS E 233 37.68 9.35 14.73
N ARG E 234 38.08 9.82 15.92
CA ARG E 234 38.26 8.91 17.05
C ARG E 234 36.94 8.26 17.46
N LEU E 235 35.84 9.02 17.40
CA LEU E 235 34.53 8.46 17.71
C LEU E 235 34.13 7.39 16.71
N ALA E 236 34.41 7.62 15.43
CA ALA E 236 34.08 6.64 14.41
C ALA E 236 34.94 5.38 14.55
N GLU E 237 36.23 5.56 14.87
CA GLU E 237 37.11 4.41 15.02
C GLU E 237 36.71 3.56 16.22
N ALA E 238 36.27 4.21 17.30
CA ALA E 238 35.84 3.46 18.47
C ALA E 238 34.51 2.75 18.22
N GLN E 239 33.62 3.38 17.43
CA GLN E 239 32.37 2.73 17.08
C GLN E 239 32.60 1.53 16.17
N ARG E 240 33.55 1.65 15.23
CA ARG E 240 33.88 0.52 14.38
C ARG E 240 34.46 -0.64 15.19
N LYS E 241 35.25 -0.33 16.21
CA LYS E 241 35.81 -1.38 17.05
C LYS E 241 34.72 -2.10 17.83
N GLU E 242 33.79 -1.36 18.42
CA GLU E 242 32.74 -1.99 19.20
C GLU E 242 31.76 -2.74 18.31
N LYS E 243 31.49 -2.22 17.12
CA LYS E 243 30.63 -2.95 16.19
C LYS E 243 31.27 -4.26 15.75
N ALA E 244 32.57 -4.21 15.41
CA ALA E 244 33.27 -5.42 14.98
C ALA E 244 33.36 -6.43 16.11
N ASN E 245 33.53 -5.96 17.35
CA ASN E 245 33.60 -6.88 18.48
C ASN E 245 32.30 -7.64 18.66
N ARG E 246 31.16 -6.97 18.47
CA ARG E 246 29.87 -7.58 18.70
C ARG E 246 29.23 -8.10 17.41
N GLU E 247 29.80 -7.76 16.25
CA GLU E 247 29.32 -8.35 15.00
C GLU E 247 29.89 -9.75 14.79
N ALA E 248 31.09 -10.02 15.32
CA ALA E 248 31.65 -11.37 15.31
C ALA E 248 31.09 -12.26 16.41
N ALA E 249 30.18 -11.75 17.22
CA ALA E 249 29.50 -12.50 18.27
C ALA E 249 28.14 -12.96 17.79
N PRO E 250 27.59 -14.02 18.40
CA PRO E 250 26.21 -14.42 18.07
C PRO E 250 25.22 -13.41 18.62
N ILE E 251 24.04 -13.39 18.02
CA ILE E 251 23.00 -12.46 18.48
C ILE E 251 22.50 -12.92 19.86
N PRO E 252 22.41 -12.03 20.84
CA PRO E 252 21.91 -12.42 22.17
C PRO E 252 20.39 -12.26 22.27
N GLU E 253 19.84 -12.74 23.39
CA GLU E 253 18.40 -12.76 23.57
C GLU E 253 17.87 -11.33 23.73
N ALA E 254 16.54 -11.23 23.80
CA ALA E 254 15.88 -9.92 23.76
C ALA E 254 16.37 -9.03 24.90
N TYR E 255 16.43 -9.58 26.11
CA TYR E 255 16.84 -8.79 27.27
C TYR E 255 18.32 -8.39 27.19
N TYR E 256 19.15 -9.20 26.53
CA TYR E 256 20.58 -8.94 26.46
C TYR E 256 21.02 -8.27 25.16
N ASP E 257 20.08 -7.97 24.26
CA ASP E 257 20.41 -7.42 22.95
C ASP E 257 20.20 -5.90 22.97
N VAL E 258 21.30 -5.17 23.10
CA VAL E 258 21.29 -3.71 23.00
C VAL E 258 22.25 -3.33 21.87
N CYS E 259 21.94 -2.21 21.21
CA CYS E 259 22.75 -1.72 20.10
C CYS E 259 23.97 -1.00 20.64
N SER E 260 25.01 -1.77 20.94
CA SER E 260 26.28 -1.19 21.35
C SER E 260 27.00 -0.50 20.20
N TRP E 261 26.49 -0.60 18.98
CA TRP E 261 27.04 0.18 17.88
C TRP E 261 26.99 1.67 18.18
N ALA E 262 25.79 2.18 18.45
CA ALA E 262 25.57 3.61 18.53
C ALA E 262 26.27 4.23 19.73
N ILE E 263 26.75 5.45 19.54
CA ILE E 263 27.29 6.26 20.64
C ILE E 263 26.21 7.25 21.05
N THR E 264 26.06 7.45 22.35
CA THR E 264 24.99 8.31 22.80
C THR E 264 25.54 9.65 23.25
N PRO E 265 24.75 10.74 23.12
CA PRO E 265 25.26 12.09 23.47
C PRO E 265 25.98 12.16 24.81
N SER E 266 25.50 11.48 25.84
CA SER E 266 26.21 11.46 27.11
C SER E 266 27.56 10.79 26.97
N THR E 267 27.62 9.65 26.26
CA THR E 267 28.89 8.97 26.04
C THR E 267 29.78 9.76 25.08
N LEU E 268 29.19 10.39 24.07
CA LEU E 268 29.97 11.13 23.09
C LEU E 268 30.73 12.27 23.73
N TRP E 269 30.05 13.05 24.58
CA TRP E 269 30.74 14.16 25.25
C TRP E 269 31.62 13.67 26.38
N TYR E 270 31.32 12.52 26.97
CA TYR E 270 32.21 11.96 27.98
C TYR E 270 33.53 11.53 27.36
N MET E 271 33.48 10.75 26.28
CA MET E 271 34.70 10.35 25.60
C MET E 271 35.46 11.57 25.08
N ALA E 272 34.74 12.61 24.66
CA ALA E 272 35.40 13.84 24.21
C ALA E 272 36.16 14.49 25.36
N GLY E 273 35.60 14.43 26.58
CA GLY E 273 36.29 15.01 27.72
C GLY E 273 37.58 14.28 28.07
N LEU E 274 37.56 12.95 27.99
CA LEU E 274 38.78 12.18 28.23
C LEU E 274 39.82 12.46 27.16
N TRP E 275 39.38 12.57 25.90
CA TRP E 275 40.29 12.72 24.77
C TRP E 275 40.74 14.16 24.56
N MET E 276 40.12 15.14 25.24
CA MET E 276 40.38 16.55 24.95
C MET E 276 41.87 16.87 24.99
N ALA E 277 42.60 16.29 25.92
CA ALA E 277 44.04 16.51 26.00
C ALA E 277 44.74 15.98 24.75
N ASP E 278 44.56 14.69 24.46
CA ASP E 278 45.26 14.09 23.32
C ASP E 278 44.82 14.68 21.99
N ILE E 279 43.54 15.06 21.87
CA ILE E 279 43.06 15.62 20.62
C ILE E 279 43.69 16.98 20.35
N PHE E 280 43.83 17.81 21.40
CA PHE E 280 44.48 19.10 21.22
C PHE E 280 45.95 18.94 20.87
N THR E 281 46.65 18.00 21.52
CA THR E 281 48.04 17.76 21.19
C THR E 281 48.20 17.25 19.76
N GLU E 282 47.21 16.51 19.26
CA GLU E 282 47.27 16.00 17.90
C GLU E 282 46.90 17.09 16.89
N ALA E 283 45.93 17.94 17.24
CA ALA E 283 45.50 18.99 16.32
C ALA E 283 46.51 20.12 16.24
N LEU E 284 47.17 20.45 17.37
CA LEU E 284 48.20 21.47 17.34
C LEU E 284 49.35 21.10 16.41
N GLN E 285 49.57 19.80 16.21
CA GLN E 285 50.58 19.36 15.26
C GLN E 285 50.07 19.41 13.83
N GLU E 286 48.84 18.94 13.61
CA GLU E 286 48.28 18.92 12.26
C GLU E 286 48.14 20.33 11.68
N THR E 287 47.87 21.32 12.53
CA THR E 287 47.75 22.68 12.04
C THR E 287 49.10 23.37 11.88
N GLY E 288 50.13 22.89 12.58
CA GLY E 288 51.46 23.43 12.44
C GLY E 288 51.80 24.60 13.34
N GLU E 289 51.00 24.87 14.38
CA GLU E 289 51.31 25.98 15.27
C GLU E 289 52.47 25.65 16.21
N VAL E 290 52.58 24.39 16.63
CA VAL E 290 53.70 23.93 17.44
C VAL E 290 54.09 22.54 16.92
N THR E 291 55.24 22.46 16.24
CA THR E 291 55.68 21.19 15.68
C THR E 291 56.40 20.31 16.71
N ASP E 292 56.88 20.89 17.81
CA ASP E 292 57.53 20.11 18.84
C ASP E 292 56.51 19.28 19.60
N GLU E 293 56.78 17.98 19.72
CA GLU E 293 55.84 17.08 20.38
C GLU E 293 55.73 17.38 21.87
N LYS E 294 56.81 17.84 22.50
CA LYS E 294 56.79 18.10 23.94
C LYS E 294 55.98 19.36 24.25
N VAL E 295 56.26 20.46 23.55
CA VAL E 295 55.50 21.68 23.76
C VAL E 295 54.04 21.49 23.34
N ALA E 296 53.78 20.70 22.30
CA ALA E 296 52.41 20.42 21.90
C ALA E 296 51.67 19.62 22.97
N SER E 297 52.39 18.78 23.73
CA SER E 297 51.75 17.99 24.77
C SER E 297 51.28 18.88 25.92
N GLU E 298 52.18 19.73 26.43
CA GLU E 298 51.83 20.58 27.57
C GLU E 298 50.83 21.66 27.17
N GLU E 299 50.95 22.19 25.94
CA GLU E 299 50.00 23.19 25.47
C GLU E 299 48.64 22.58 25.21
N GLY E 300 48.59 21.33 24.77
CA GLY E 300 47.32 20.67 24.57
C GLY E 300 46.55 20.49 25.88
N LEU E 301 47.26 20.06 26.92
CA LEU E 301 46.64 19.94 28.23
C LEU E 301 46.20 21.30 28.75
N LYS E 302 46.98 22.34 28.45
CA LYS E 302 46.62 23.70 28.87
C LYS E 302 45.31 24.12 28.21
N ARG E 303 45.16 23.88 26.91
CA ARG E 303 43.92 24.22 26.23
C ARG E 303 42.79 23.30 26.62
N ALA E 304 43.08 22.03 26.92
CA ALA E 304 42.03 21.09 27.27
C ALA E 304 41.49 21.34 28.67
N LYS E 305 42.33 21.79 29.60
CA LYS E 305 41.87 22.06 30.97
C LYS E 305 40.88 23.21 31.03
N SER E 306 40.81 24.05 29.99
CA SER E 306 39.88 25.17 30.00
C SER E 306 38.46 24.76 29.64
N THR E 307 38.29 23.60 28.99
CA THR E 307 36.97 23.17 28.54
C THR E 307 36.19 22.56 29.69
N VAL E 308 34.87 22.79 29.67
CA VAL E 308 33.99 22.18 30.67
C VAL E 308 33.91 20.67 30.46
N LEU E 309 34.13 20.20 29.23
CA LEU E 309 34.15 18.77 28.95
C LEU E 309 35.21 18.07 29.78
N TYR E 310 36.36 18.71 29.96
CA TYR E 310 37.46 18.08 30.69
C TYR E 310 37.07 17.80 32.13
N TRP E 311 36.57 18.83 32.84
CA TRP E 311 36.24 18.65 34.24
C TRP E 311 34.96 17.84 34.43
N ALA E 312 34.04 17.92 33.48
CA ALA E 312 32.83 17.11 33.58
C ALA E 312 33.13 15.63 33.50
N ALA E 313 34.10 15.25 32.66
CA ALA E 313 34.49 13.85 32.56
C ALA E 313 35.45 13.46 33.68
N ARG E 314 36.35 14.37 34.07
CA ARG E 314 37.31 14.07 35.12
C ARG E 314 36.59 13.81 36.45
N ASN E 315 35.64 14.66 36.80
CA ASN E 315 34.88 14.52 38.03
C ASN E 315 33.60 13.70 37.85
N GLY E 316 33.28 13.31 36.61
CA GLY E 316 32.17 12.41 36.39
C GLY E 316 30.79 13.05 36.33
N VAL E 317 30.67 14.19 35.64
CA VAL E 317 29.39 14.86 35.46
C VAL E 317 28.88 14.51 34.06
N PRO E 318 27.80 13.75 33.94
CA PRO E 318 27.33 13.36 32.60
C PRO E 318 26.74 14.55 31.85
N ILE E 319 27.05 14.61 30.55
CA ILE E 319 26.58 15.69 29.70
C ILE E 319 25.52 15.16 28.75
N PHE E 320 24.26 15.27 29.14
CA PHE E 320 23.16 14.83 28.29
C PHE E 320 22.79 15.90 27.28
N SER E 321 22.25 15.46 26.14
CA SER E 321 21.87 16.38 25.08
C SER E 321 21.02 15.68 24.03
N PRO E 322 19.68 15.70 24.17
CA PRO E 322 18.84 15.16 23.10
C PRO E 322 18.86 16.01 21.84
N SER E 323 19.23 17.28 21.95
CA SER E 323 19.31 18.18 20.81
C SER E 323 20.68 18.16 20.14
N LEU E 324 21.53 17.17 20.45
CA LEU E 324 22.85 17.08 19.84
C LEU E 324 22.76 16.98 18.33
N THR E 325 21.73 16.29 17.81
CA THR E 325 21.52 16.18 16.38
C THR E 325 21.42 17.55 15.71
N ASP E 326 21.04 18.61 16.46
CA ASP E 326 21.07 19.97 15.93
C ASP E 326 22.24 20.73 16.58
N GLY E 327 23.42 20.51 16.02
CA GLY E 327 24.62 21.16 16.51
C GLY E 327 25.62 21.33 15.39
N ASP E 328 26.67 22.10 15.70
CA ASP E 328 27.76 22.28 14.76
C ASP E 328 28.56 21.00 14.54
N ILE E 329 28.51 20.06 15.49
CA ILE E 329 29.28 18.82 15.36
C ILE E 329 28.77 17.99 14.20
N MET E 330 27.50 18.17 13.82
CA MET E 330 26.94 17.39 12.72
C MET E 330 27.56 17.78 11.38
N GLU E 331 28.06 19.02 11.27
CA GLU E 331 28.73 19.43 10.04
C GLU E 331 29.96 18.57 9.76
N PHE E 332 30.62 18.09 10.81
CA PHE E 332 31.76 17.19 10.65
C PHE E 332 31.33 15.72 10.57
N ILE E 333 30.25 15.35 11.25
CA ILE E 333 29.75 13.99 11.15
C ILE E 333 29.21 13.72 9.74
N LEU E 334 28.59 14.73 9.13
CA LEU E 334 28.04 14.55 7.79
C LEU E 334 29.15 14.51 6.74
N THR E 335 30.08 15.47 6.81
CA THR E 335 31.13 15.55 5.80
C THR E 335 32.08 14.35 5.88
N ALA E 336 32.31 13.81 7.08
CA ALA E 336 33.15 12.63 7.20
C ALA E 336 32.50 11.40 6.56
N GLY E 337 31.16 11.37 6.48
CA GLY E 337 30.49 10.25 5.83
C GLY E 337 30.44 10.33 4.32
N ASP E 338 30.73 11.50 3.75
CA ASP E 338 30.73 11.65 2.29
C ASP E 338 32.00 11.06 1.69
N VAL E 341 32.76 5.85 4.16
CA VAL E 341 32.45 5.36 5.50
C VAL E 341 31.02 5.78 5.87
N PRO E 342 30.25 4.88 6.46
CA PRO E 342 28.90 5.24 6.91
C PRO E 342 28.94 6.29 8.02
N LEU E 343 27.83 7.00 8.15
CA LEU E 343 27.72 8.05 9.16
C LEU E 343 27.73 7.44 10.56
N LEU E 344 28.09 8.29 11.53
CA LEU E 344 28.04 7.88 12.93
C LEU E 344 26.61 7.57 13.32
N GLN E 345 26.45 6.69 14.32
CA GLN E 345 25.13 6.27 14.77
C GLN E 345 24.94 6.71 16.21
N LEU E 346 23.84 7.41 16.46
CA LEU E 346 23.51 7.89 17.81
C LEU E 346 22.36 7.07 18.40
N ASP E 347 22.23 7.16 19.72
CA ASP E 347 21.13 6.54 20.44
C ASP E 347 20.63 7.52 21.49
N LEU E 348 19.31 7.71 21.55
CA LEU E 348 18.72 8.61 22.52
C LEU E 348 18.05 7.89 23.68
N VAL E 349 17.71 6.60 23.52
CA VAL E 349 17.00 5.90 24.59
C VAL E 349 17.91 5.62 25.77
N ALA E 350 19.22 5.50 25.52
CA ALA E 350 20.15 5.30 26.62
C ALA E 350 20.27 6.55 27.47
N ASP E 351 20.25 7.73 26.83
CA ASP E 351 20.33 8.97 27.59
C ASP E 351 19.08 9.20 28.42
N ILE E 352 17.90 9.03 27.80
CA ILE E 352 16.66 9.24 28.54
C ILE E 352 16.52 8.20 29.65
N HIS E 353 17.09 7.00 29.45
CA HIS E 353 17.07 6.01 30.51
C HIS E 353 18.00 6.41 31.65
N ARG E 354 19.24 6.78 31.33
CA ARG E 354 20.19 7.19 32.37
C ARG E 354 19.73 8.45 33.08
N LEU E 355 19.25 9.44 32.33
CA LEU E 355 18.85 10.70 32.93
C LEU E 355 17.61 10.54 33.80
N ASN E 356 16.51 10.06 33.20
CA ASN E 356 15.24 9.88 33.92
C ASN E 356 15.28 8.71 34.90
N ARG E 357 16.46 8.31 35.34
CA ARG E 357 16.64 7.27 36.36
C ARG E 357 17.44 7.77 37.56
N LEU E 358 18.45 8.61 37.33
CA LEU E 358 19.09 9.32 38.43
C LEU E 358 18.07 10.16 39.19
N ALA E 359 17.09 10.73 38.46
CA ALA E 359 16.04 11.48 39.12
C ALA E 359 15.09 10.55 39.89
N MET E 360 14.79 9.38 39.31
CA MET E 360 13.83 8.47 39.95
C MET E 360 14.37 7.94 41.28
N ARG E 361 15.62 7.48 41.29
CA ARG E 361 16.22 6.91 42.48
C ARG E 361 16.86 7.95 43.40
N SER E 362 16.83 9.22 43.02
CA SER E 362 17.30 10.26 43.90
C SER E 362 16.30 10.50 45.03
N ARG E 363 16.83 10.91 46.18
CA ARG E 363 16.01 11.15 47.37
C ARG E 363 15.91 12.62 47.73
N ARG E 364 16.64 13.50 47.04
CA ARG E 364 16.53 14.94 47.21
C ARG E 364 17.18 15.61 46.01
N THR E 365 16.45 16.50 45.32
CA THR E 365 16.94 17.05 44.07
C THR E 365 16.76 18.56 44.01
N GLY E 366 17.72 19.23 43.39
CA GLY E 366 17.62 20.62 43.05
C GLY E 366 17.63 20.81 41.53
N MET E 367 17.27 22.02 41.11
CA MET E 367 17.15 22.32 39.69
C MET E 367 17.61 23.74 39.44
N MET E 368 18.56 23.92 38.52
CA MET E 368 19.03 25.24 38.12
C MET E 368 19.05 25.28 36.59
N ILE E 369 18.10 25.98 36.00
CA ILE E 369 17.93 26.02 34.55
C ILE E 369 18.30 27.42 34.06
N LEU E 370 19.28 27.48 33.18
CA LEU E 370 19.70 28.73 32.54
C LEU E 370 19.06 28.80 31.17
N GLY E 371 18.10 29.70 31.02
CA GLY E 371 17.34 29.78 29.78
C GLY E 371 16.18 28.81 29.76
N GLY E 372 15.68 28.56 28.56
CA GLY E 372 14.57 27.64 28.40
C GLY E 372 14.72 26.74 27.18
N GLY E 373 13.62 26.19 26.70
CA GLY E 373 13.64 25.38 25.50
C GLY E 373 13.77 23.89 25.76
N VAL E 374 14.54 23.20 24.93
CA VAL E 374 14.72 21.76 25.07
C VAL E 374 15.33 21.44 26.42
N VAL E 375 16.27 22.26 26.87
CA VAL E 375 17.05 21.93 28.06
C VAL E 375 16.18 22.02 29.32
N LYS E 376 15.30 23.01 29.40
CA LYS E 376 14.45 23.16 30.58
C LYS E 376 13.46 22.00 30.70
N HIS E 377 12.80 21.65 29.60
CA HIS E 377 11.81 20.59 29.63
C HIS E 377 12.42 19.24 29.96
N HIS E 378 13.64 18.99 29.50
CA HIS E 378 14.27 17.68 29.73
C HIS E 378 14.56 17.47 31.20
N VAL E 379 14.98 18.51 31.92
CA VAL E 379 15.20 18.39 33.36
C VAL E 379 13.88 18.17 34.07
N CYS E 380 12.89 19.01 33.78
CA CYS E 380 11.59 18.88 34.43
C CYS E 380 10.93 17.54 34.08
N ASN E 381 11.13 17.07 32.86
CA ASN E 381 10.60 15.76 32.48
C ASN E 381 11.33 14.63 33.20
N ALA E 382 12.62 14.82 33.49
CA ALA E 382 13.36 13.79 34.23
C ALA E 382 12.85 13.67 35.65
N ASN E 383 12.60 14.79 36.32
CA ASN E 383 12.05 14.77 37.67
C ASN E 383 10.58 14.37 37.69
N LEU E 384 9.93 14.26 36.54
CA LEU E 384 8.56 13.77 36.51
C LEU E 384 8.47 12.32 36.95
N MET E 385 9.51 11.53 36.67
CA MET E 385 9.57 10.16 37.19
C MET E 385 9.65 10.14 38.72
N ARG E 386 10.03 11.26 39.32
CA ARG E 386 10.27 11.38 40.75
C ARG E 386 9.12 12.06 41.48
N ASN E 387 7.96 12.19 40.83
CA ASN E 387 6.81 12.89 41.39
C ASN E 387 7.13 14.35 41.69
N GLY E 388 8.07 14.90 40.95
CA GLY E 388 8.45 16.29 41.10
C GLY E 388 9.82 16.45 41.74
N ALA E 389 10.38 17.64 41.57
CA ALA E 389 11.65 18.02 42.18
C ALA E 389 11.42 18.85 43.43
N ASP E 390 12.45 18.94 44.27
CA ASP E 390 12.34 19.64 45.54
C ASP E 390 12.65 21.12 45.43
N TYR E 391 13.67 21.49 44.64
CA TYR E 391 14.06 22.87 44.48
C TYR E 391 14.25 23.18 43.00
N ALA E 392 14.09 24.45 42.65
CA ALA E 392 14.24 24.87 41.26
C ALA E 392 14.48 26.37 41.20
N VAL E 393 15.46 26.78 40.40
CA VAL E 393 15.68 28.19 40.08
C VAL E 393 15.73 28.32 38.57
N PHE E 394 14.89 29.18 38.01
CA PHE E 394 14.80 29.36 36.57
C PHE E 394 15.37 30.73 36.19
N LEU E 395 16.64 30.73 35.79
CA LEU E 395 17.25 31.91 35.21
C LEU E 395 16.84 31.95 33.74
N ASN E 396 15.97 32.90 33.41
CA ASN E 396 15.18 32.83 32.19
C ASN E 396 14.64 34.21 31.90
N ASN E 397 14.51 34.53 30.61
CA ASN E 397 13.93 35.80 30.18
C ASN E 397 12.79 35.60 29.18
N ALA E 398 12.14 34.44 29.21
CA ALA E 398 10.97 34.25 28.36
C ALA E 398 9.70 34.61 29.14
N GLN E 399 8.62 34.81 28.40
CA GLN E 399 7.35 35.23 28.99
C GLN E 399 6.27 34.18 28.73
N GLU E 400 5.17 34.33 29.45
CA GLU E 400 4.14 33.30 29.54
C GLU E 400 3.06 33.40 28.47
N PHE E 401 2.97 34.53 27.78
CA PHE E 401 1.82 34.76 26.90
C PHE E 401 1.86 33.91 25.63
N ASP E 402 3.01 33.33 25.28
CA ASP E 402 3.07 32.41 24.16
C ASP E 402 2.73 30.97 24.54
N GLY E 403 2.64 30.68 25.83
CA GLY E 403 2.23 29.37 26.30
C GLY E 403 3.18 28.23 25.98
N SER E 404 4.48 28.48 26.03
CA SER E 404 5.49 27.46 25.75
C SER E 404 6.14 27.00 27.05
N ASP E 405 6.74 25.81 26.99
CA ASP E 405 7.42 25.25 28.16
C ASP E 405 8.81 25.85 28.30
N ALA E 406 8.98 27.08 27.84
CA ALA E 406 10.16 27.89 28.10
C ALA E 406 9.84 29.11 28.95
N GLY E 407 8.80 29.85 28.59
CA GLY E 407 8.29 30.97 29.36
C GLY E 407 7.24 30.61 30.38
N ALA E 408 7.00 29.33 30.61
CA ALA E 408 6.03 28.90 31.59
C ALA E 408 6.47 29.27 33.00
N ARG E 409 5.50 29.51 33.88
CA ARG E 409 5.78 29.78 35.27
C ARG E 409 6.26 28.51 35.96
N PRO E 410 6.90 28.64 37.13
CA PRO E 410 7.18 27.43 37.93
C PRO E 410 5.93 26.66 38.31
N GLY E 411 4.79 27.33 38.40
CA GLY E 411 3.55 26.63 38.75
C GLY E 411 3.14 25.63 37.69
N GLU E 412 3.29 26.00 36.41
CA GLU E 412 2.92 25.08 35.33
C GLU E 412 3.68 23.77 35.42
N ALA E 413 4.91 23.81 35.94
CA ALA E 413 5.65 22.57 36.17
C ALA E 413 5.02 21.73 37.27
N VAL E 414 4.45 22.40 38.29
CA VAL E 414 3.80 21.67 39.37
C VAL E 414 2.54 20.97 38.87
N SER E 415 1.84 21.57 37.90
CA SER E 415 0.61 20.97 37.39
C SER E 415 0.86 19.61 36.75
N TRP E 416 1.97 19.49 36.00
CA TRP E 416 2.31 18.20 35.42
C TRP E 416 2.84 17.23 36.47
N GLY E 417 3.46 17.75 37.52
CA GLY E 417 4.20 16.94 38.45
C GLY E 417 5.70 16.96 38.24
N LYS E 418 6.21 17.91 37.45
CA LYS E 418 7.64 18.04 37.27
C LYS E 418 8.31 18.68 38.48
N LEU E 419 7.58 19.55 39.18
CA LEU E 419 7.99 20.07 40.48
C LEU E 419 7.04 19.54 41.54
N ARG E 420 7.57 19.27 42.73
CA ARG E 420 6.76 18.71 43.79
C ARG E 420 5.73 19.72 44.28
N LEU E 421 4.71 19.20 44.96
CA LEU E 421 3.72 20.06 45.60
C LEU E 421 4.35 20.84 46.75
N ASP E 422 5.19 20.19 47.53
CA ASP E 422 5.87 20.83 48.67
C ASP E 422 7.25 21.34 48.29
N SER E 423 7.41 21.86 47.08
CA SER E 423 8.67 22.38 46.60
C SER E 423 8.73 23.89 46.76
N THR E 424 9.95 24.42 46.78
CA THR E 424 10.20 25.85 46.86
C THR E 424 11.06 26.26 45.68
N ALA E 425 10.51 27.11 44.81
CA ALA E 425 11.18 27.49 43.58
C ALA E 425 10.97 28.97 43.31
N VAL E 426 11.67 29.48 42.30
CA VAL E 426 11.56 30.88 41.90
C VAL E 426 12.07 31.00 40.48
N LYS E 427 11.50 31.93 39.72
CA LYS E 427 11.96 32.26 38.38
C LYS E 427 12.44 33.71 38.37
N VAL E 428 13.62 33.93 37.82
CA VAL E 428 14.23 35.26 37.76
C VAL E 428 14.10 35.74 36.32
N TYR E 429 13.05 36.51 36.06
CA TYR E 429 12.84 37.09 34.72
C TYR E 429 13.95 38.09 34.41
N SER E 430 15.08 37.61 33.89
CA SER E 430 16.20 38.47 33.55
C SER E 430 17.19 37.69 32.71
N GLU E 431 18.01 38.42 31.96
CA GLU E 431 19.08 37.81 31.18
C GLU E 431 20.03 37.05 32.11
N VAL E 432 20.56 35.94 31.59
CA VAL E 432 21.37 35.04 32.41
C VAL E 432 22.76 35.64 32.69
N THR E 433 23.36 36.29 31.70
CA THR E 433 24.76 36.70 31.82
C THR E 433 24.99 37.71 32.95
N ILE E 434 23.94 38.37 33.42
CA ILE E 434 24.11 39.31 34.54
C ILE E 434 23.80 38.64 35.88
N VAL E 435 22.88 37.67 35.91
CA VAL E 435 22.44 37.07 37.16
C VAL E 435 23.29 35.85 37.52
N PHE E 436 23.63 35.03 36.53
CA PHE E 436 24.35 33.79 36.84
C PHE E 436 25.73 34.01 37.44
N PRO E 437 26.57 34.94 36.98
CA PRO E 437 27.85 35.17 37.67
C PRO E 437 27.68 35.56 39.12
N LEU E 438 26.68 36.38 39.44
CA LEU E 438 26.42 36.74 40.82
C LEU E 438 26.07 35.51 41.65
N ILE E 439 25.21 34.64 41.12
CA ILE E 439 24.77 33.47 41.85
C ILE E 439 25.95 32.56 42.20
N VAL E 440 26.89 32.40 41.25
CA VAL E 440 28.02 31.51 41.47
C VAL E 440 28.93 32.05 42.57
N VAL E 441 29.36 33.31 42.44
CA VAL E 441 30.37 33.84 43.35
C VAL E 441 29.74 34.16 44.72
N HIS E 442 28.46 34.51 44.76
CA HIS E 442 27.84 34.91 46.02
C HIS E 442 27.41 33.70 46.86
N VAL E 443 27.09 32.58 46.21
CA VAL E 443 26.59 31.40 46.90
C VAL E 443 27.60 30.26 46.85
N PHE E 444 27.97 29.83 45.64
CA PHE E 444 28.78 28.61 45.51
C PHE E 444 30.21 28.84 45.97
N VAL E 445 30.87 29.88 45.48
CA VAL E 445 32.26 30.14 45.88
C VAL E 445 32.35 30.34 47.39
N ALA E 446 31.38 31.05 47.97
CA ALA E 446 31.36 31.20 49.42
C ALA E 446 31.04 29.89 50.12
N TRP E 447 30.32 28.98 49.44
CA TRP E 447 29.98 27.71 50.07
C TRP E 447 31.16 26.75 50.02
N VAL E 448 31.97 26.83 48.96
CA VAL E 448 33.23 26.08 48.93
C VAL E 448 34.20 26.56 49.99
N ARG E 449 33.92 27.67 50.67
CA ARG E 449 34.75 28.08 51.79
C ARG E 449 34.36 27.37 53.09
N MET E 450 33.59 26.29 53.00
CA MET E 450 33.28 25.48 54.16
C MET E 450 34.32 24.40 54.43
N MET E 451 35.28 24.22 53.51
CA MET E 451 36.40 23.33 53.73
C MET E 451 37.39 23.90 54.73
N ARG E 452 37.34 25.19 55.02
CA ARG E 452 38.22 25.80 56.01
C ARG E 452 37.57 25.84 57.39
N PRO F 7 -0.59 52.42 -2.93
CA PRO F 7 0.39 53.01 -2.03
C PRO F 7 1.42 52.00 -1.54
N SER F 8 2.56 51.91 -2.23
CA SER F 8 3.59 50.94 -1.92
C SER F 8 4.74 51.62 -1.17
N ARG F 9 5.32 50.90 -0.21
CA ARG F 9 6.41 51.40 0.63
C ARG F 9 6.05 52.69 1.35
N VAL F 10 4.76 52.94 1.54
CA VAL F 10 4.29 54.16 2.19
C VAL F 10 3.03 53.82 2.97
N ILE F 11 2.87 54.47 4.12
CA ILE F 11 1.68 54.25 4.94
C ILE F 11 0.47 54.82 4.22
N GLY F 12 -0.61 54.04 4.17
CA GLY F 12 -1.82 54.44 3.49
C GLY F 12 -2.80 55.15 4.40
N ASP F 13 -3.97 55.45 3.83
CA ASP F 13 -5.07 56.09 4.57
C ASP F 13 -6.35 55.41 4.10
N LEU F 14 -6.98 54.66 5.00
CA LEU F 14 -8.18 53.88 4.67
C LEU F 14 -9.39 54.56 5.29
N ASP F 15 -10.38 54.89 4.46
CA ASP F 15 -11.65 55.42 4.93
C ASP F 15 -12.47 54.25 5.46
N TYR F 16 -12.36 54.02 6.77
CA TYR F 16 -13.10 52.91 7.40
C TYR F 16 -14.60 53.08 7.23
N SER F 17 -15.08 54.32 7.17
CA SER F 17 -16.50 54.56 6.95
C SER F 17 -16.97 54.07 5.58
N ASN F 18 -16.05 53.95 4.61
CA ASN F 18 -16.41 53.40 3.32
C ASN F 18 -16.73 51.91 3.40
N LEU F 19 -16.29 51.23 4.47
CA LEU F 19 -16.57 49.83 4.67
C LEU F 19 -18.03 49.56 5.06
N LEU F 20 -18.80 50.61 5.37
CA LEU F 20 -20.16 50.41 5.84
C LEU F 20 -21.08 49.93 4.73
N ASN F 21 -20.81 50.31 3.48
CA ASN F 21 -21.64 49.89 2.36
C ASN F 21 -21.18 48.58 1.74
N ILE F 22 -19.88 48.27 1.81
CA ILE F 22 -19.38 47.02 1.26
C ILE F 22 -19.63 45.89 2.27
N GLY F 23 -19.60 44.65 1.76
CA GLY F 23 -19.93 43.51 2.60
C GLY F 23 -18.98 43.36 3.77
N GLN F 24 -19.48 42.77 4.85
CA GLN F 24 -18.69 42.60 6.06
C GLN F 24 -17.52 41.65 5.82
N GLU F 25 -17.76 40.55 5.10
CA GLU F 25 -16.67 39.64 4.78
C GLU F 25 -15.60 40.33 3.95
N GLU F 26 -16.01 41.10 2.95
CA GLU F 26 -15.05 41.87 2.17
C GLU F 26 -14.43 43.01 2.98
N ALA F 27 -15.14 43.49 4.01
CA ALA F 27 -14.59 44.57 4.84
C ALA F 27 -13.39 44.07 5.64
N ILE F 28 -13.55 42.95 6.34
CA ILE F 28 -12.43 42.38 7.09
C ILE F 28 -11.29 42.04 6.14
N ARG F 29 -11.63 41.55 4.94
CA ARG F 29 -10.60 41.24 3.95
C ARG F 29 -9.98 42.50 3.36
N CYS F 30 -10.77 43.57 3.20
CA CYS F 30 -10.21 44.81 2.69
C CYS F 30 -9.19 45.41 3.65
N VAL F 31 -9.38 45.23 4.95
CA VAL F 31 -8.42 45.74 5.92
C VAL F 31 -7.19 44.84 5.98
N LEU F 32 -7.41 43.52 6.00
CA LEU F 32 -6.28 42.59 5.99
C LEU F 32 -5.46 42.74 4.70
N ASN F 33 -6.11 43.17 3.61
CA ASN F 33 -5.37 43.48 2.39
C ASN F 33 -4.56 44.76 2.55
N ALA F 34 -5.05 45.70 3.36
CA ALA F 34 -4.34 46.95 3.60
C ALA F 34 -3.31 46.85 4.72
N TYR F 35 -3.18 45.69 5.35
CA TYR F 35 -2.18 45.49 6.39
C TYR F 35 -0.75 45.82 5.97
N PRO F 36 -0.26 45.43 4.79
CA PRO F 36 1.14 45.73 4.44
C PRO F 36 1.47 47.22 4.39
N ASN F 37 0.49 48.11 4.44
CA ASN F 37 0.72 49.54 4.43
C ASN F 37 0.19 50.21 5.69
N ILE F 38 -0.07 49.44 6.74
CA ILE F 38 -0.57 50.01 7.98
C ILE F 38 0.57 50.59 8.81
N GLY F 39 1.64 49.81 8.99
CA GLY F 39 2.78 50.28 9.76
C GLY F 39 3.21 49.34 10.86
N LEU F 40 4.47 49.46 11.28
CA LEU F 40 5.05 48.63 12.33
C LEU F 40 4.91 47.15 12.01
N GLU F 41 4.53 46.36 13.02
CA GLU F 41 4.49 44.90 12.89
C GLU F 41 3.14 44.39 12.38
N ALA F 42 2.38 45.24 11.68
CA ALA F 42 1.30 44.78 10.83
C ALA F 42 1.68 44.77 9.37
N THR F 43 2.61 45.65 8.97
CA THR F 43 3.23 45.56 7.65
C THR F 43 3.94 44.22 7.48
N ASN F 44 4.67 43.79 8.52
CA ASN F 44 5.34 42.50 8.46
C ASN F 44 4.34 41.36 8.25
N LEU F 45 3.16 41.46 8.87
CA LEU F 45 2.12 40.48 8.62
C LEU F 45 1.62 40.55 7.19
N GLY F 46 1.48 41.77 6.65
CA GLY F 46 1.04 41.91 5.27
C GLY F 46 2.04 41.34 4.29
N ARG F 47 3.33 41.59 4.52
CA ARG F 47 4.35 41.02 3.66
C ARG F 47 4.46 39.52 3.86
N ALA F 48 4.30 39.04 5.10
CA ALA F 48 4.33 37.61 5.35
C ALA F 48 3.17 36.91 4.65
N ARG F 49 1.98 37.52 4.68
CA ARG F 49 0.83 36.93 4.02
C ARG F 49 1.05 36.83 2.51
N ARG F 50 1.65 37.86 1.92
CA ARG F 50 1.92 37.84 0.48
C ARG F 50 2.94 36.77 0.11
N ILE F 51 3.86 36.45 1.01
CA ILE F 51 4.82 35.39 0.76
C ILE F 51 4.18 34.02 0.95
N VAL F 52 3.43 33.85 2.05
CA VAL F 52 2.87 32.54 2.38
C VAL F 52 1.80 32.13 1.37
N GLN F 53 0.92 33.07 1.01
CA GLN F 53 -0.14 32.76 0.06
C GLN F 53 0.43 32.36 -1.29
N ARG F 54 1.40 33.13 -1.80
CA ARG F 54 2.05 32.78 -3.05
C ARG F 54 2.76 31.44 -2.96
N ALA F 55 3.28 31.09 -1.78
CA ALA F 55 3.95 29.81 -1.61
C ALA F 55 2.92 28.67 -1.61
N LEU F 56 1.94 28.72 -0.70
CA LEU F 56 0.97 27.64 -0.58
C LEU F 56 0.22 27.37 -1.87
N ASN F 57 0.15 28.35 -2.78
CA ASN F 57 -0.51 28.15 -4.06
C ASN F 57 0.46 27.66 -5.13
N ASP F 58 1.54 28.43 -5.37
CA ASP F 58 2.48 28.07 -6.43
C ASP F 58 3.30 26.85 -6.06
N ASN F 59 3.74 26.74 -4.80
CA ASN F 59 4.62 25.66 -4.41
C ASN F 59 3.82 24.39 -4.13
N GLY F 60 3.07 23.95 -5.15
CA GLY F 60 2.37 22.69 -5.10
C GLY F 60 3.09 21.65 -5.94
N MET F 61 4.42 21.67 -5.86
CA MET F 61 5.31 20.72 -6.53
C MET F 61 5.32 20.91 -8.05
N ASP F 62 5.59 22.14 -8.48
CA ASP F 62 6.08 22.42 -9.83
C ASP F 62 7.60 22.50 -9.84
N GLY F 63 8.24 21.64 -9.06
CA GLY F 63 9.63 21.85 -8.67
C GLY F 63 9.79 22.73 -7.46
N ASN F 64 8.70 23.07 -6.77
CA ASN F 64 8.72 23.92 -5.59
C ASN F 64 8.27 23.12 -4.38
N LYS F 65 8.66 23.60 -3.20
CA LYS F 65 8.35 22.92 -1.95
C LYS F 65 8.14 23.95 -0.84
N VAL F 66 7.17 23.67 0.04
CA VAL F 66 6.92 24.47 1.22
C VAL F 66 7.17 23.60 2.44
N MET F 67 8.01 24.08 3.35
CA MET F 67 8.39 23.35 4.55
C MET F 67 7.91 24.11 5.77
N LEU F 68 7.22 23.42 6.67
CA LEU F 68 6.60 24.03 7.84
C LEU F 68 7.40 23.66 9.09
N ALA F 69 7.80 24.68 9.85
CA ALA F 69 8.46 24.50 11.14
C ALA F 69 7.61 25.16 12.21
N TYR F 70 7.15 24.36 13.18
CA TYR F 70 6.34 24.87 14.27
C TYR F 70 6.81 24.26 15.58
N THR F 71 6.61 25.00 16.66
CA THR F 71 6.98 24.51 17.98
C THR F 71 5.79 23.81 18.64
N SER F 72 6.07 23.10 19.74
CA SER F 72 5.12 22.13 20.25
C SER F 72 3.91 22.78 20.91
N ASN F 73 4.05 23.98 21.46
CA ASN F 73 2.92 24.60 22.13
C ASN F 73 1.77 24.88 21.17
N LEU F 74 2.08 25.13 19.90
CA LEU F 74 1.04 25.43 18.92
C LEU F 74 0.09 24.27 18.68
N ILE F 75 0.53 23.04 18.94
CA ILE F 75 -0.34 21.89 18.71
C ILE F 75 -1.35 21.72 19.85
N SER F 76 -0.95 22.06 21.08
CA SER F 76 -1.94 22.16 22.15
C SER F 76 -3.03 23.15 21.77
N SER F 77 -2.65 24.24 21.08
CA SER F 77 -3.62 25.20 20.59
C SER F 77 -4.36 24.63 19.39
N GLY F 78 -5.33 25.39 18.88
CA GLY F 78 -6.12 24.94 17.75
C GLY F 78 -5.41 24.94 16.42
N LEU F 79 -4.19 25.49 16.36
CA LEU F 79 -3.47 25.58 15.09
C LEU F 79 -3.18 24.21 14.49
N ARG F 80 -3.21 23.14 15.28
CA ARG F 80 -2.98 21.81 14.75
C ARG F 80 -4.02 21.44 13.69
N ASP F 81 -5.27 21.86 13.90
CA ASP F 81 -6.30 21.62 12.90
C ASP F 81 -6.01 22.39 11.63
N THR F 82 -5.55 23.64 11.76
CA THR F 82 -5.16 24.41 10.59
C THR F 82 -3.94 23.80 9.91
N PHE F 83 -2.99 23.30 10.70
CA PHE F 83 -1.83 22.63 10.12
C PHE F 83 -2.24 21.36 9.39
N ALA F 84 -3.21 20.62 9.96
CA ALA F 84 -3.68 19.40 9.32
C ALA F 84 -4.28 19.69 7.95
N CYS F 85 -5.00 20.81 7.82
CA CYS F 85 -5.54 21.18 6.52
C CYS F 85 -4.44 21.46 5.50
N LEU F 86 -3.27 21.87 5.98
CA LEU F 86 -2.16 22.12 5.05
C LEU F 86 -1.55 20.82 4.57
N ALA F 87 -1.35 19.85 5.47
CA ALA F 87 -0.79 18.56 5.07
C ALA F 87 -1.82 17.67 4.40
N ARG F 88 -3.11 17.88 4.69
CA ARG F 88 -4.16 17.08 4.05
C ARG F 88 -4.18 17.33 2.55
N GLU F 89 -3.95 18.56 2.13
CA GLU F 89 -4.01 18.96 0.74
C GLU F 89 -2.67 18.84 0.02
N ASN F 90 -1.69 18.18 0.64
CA ASN F 90 -0.38 17.95 0.03
C ASN F 90 0.32 19.26 -0.32
N ARG F 91 0.05 20.31 0.45
CA ARG F 91 0.73 21.59 0.24
C ARG F 91 2.06 21.67 0.95
N ILE F 92 2.21 21.01 2.09
CA ILE F 92 3.44 20.99 2.85
C ILE F 92 4.36 19.91 2.30
N GLY F 93 5.64 20.24 2.15
CA GLY F 93 6.62 19.27 1.66
C GLY F 93 7.40 18.60 2.76
N ALA F 94 7.50 19.26 3.91
CA ALA F 94 8.25 18.73 5.04
C ALA F 94 7.82 19.44 6.31
N VAL F 95 7.86 18.70 7.41
CA VAL F 95 7.48 19.20 8.73
C VAL F 95 8.65 18.97 9.69
N VAL F 96 9.01 20.02 10.43
CA VAL F 96 10.07 19.96 11.44
C VAL F 96 9.50 20.55 12.72
N THR F 97 9.22 19.70 13.69
CA THR F 97 8.67 20.13 14.97
C THR F 97 9.26 19.27 16.07
N THR F 98 9.30 19.83 17.28
CA THR F 98 9.75 19.05 18.43
C THR F 98 8.67 18.03 18.81
N ALA F 99 9.10 16.99 19.52
CA ALA F 99 8.31 15.80 19.81
C ALA F 99 6.90 16.12 20.28
N GLY F 100 6.72 17.24 20.99
CA GLY F 100 5.39 17.63 21.43
C GLY F 100 4.42 17.83 20.30
N GLY F 101 4.89 18.45 19.21
CA GLY F 101 4.06 18.59 18.02
C GLY F 101 3.66 17.26 17.40
N VAL F 102 4.42 16.20 17.68
CA VAL F 102 4.05 14.86 17.25
C VAL F 102 3.15 14.19 18.27
N GLU F 103 3.49 14.33 19.56
CA GLU F 103 2.74 13.72 20.65
C GLU F 103 1.28 14.19 20.67
N GLU F 104 1.08 15.48 21.00
CA GLU F 104 -0.27 15.98 21.22
C GLU F 104 -1.13 15.97 19.96
N ASP F 105 -0.51 15.94 18.78
CA ASP F 105 -1.30 15.76 17.56
C ASP F 105 -1.97 14.40 17.55
N VAL F 106 -1.25 13.35 17.98
CA VAL F 106 -1.85 12.04 18.12
C VAL F 106 -2.72 11.97 19.36
N ILE F 107 -2.36 12.69 20.42
CA ILE F 107 -3.14 12.67 21.66
C ILE F 107 -4.57 13.12 21.40
N LYS F 108 -4.73 14.23 20.70
CA LYS F 108 -6.06 14.82 20.52
C LYS F 108 -6.95 14.04 19.55
N CYS F 109 -6.54 12.84 19.16
CA CYS F 109 -7.45 11.83 18.62
C CYS F 109 -7.94 10.89 19.70
N LEU F 110 -7.21 10.77 20.81
CA LEU F 110 -7.55 9.92 21.94
C LEU F 110 -8.19 10.72 23.07
N GLY F 111 -8.53 11.98 22.83
CA GLY F 111 -9.08 12.85 23.85
C GLY F 111 -9.11 14.27 23.35
N ASP F 112 -9.50 15.17 24.25
CA ASP F 112 -9.67 16.57 23.92
C ASP F 112 -8.86 17.45 24.86
N THR F 113 -8.22 18.47 24.29
CA THR F 113 -7.60 19.54 25.05
C THR F 113 -8.63 20.63 25.33
N LEU F 114 -8.53 21.25 26.50
CA LEU F 114 -9.53 22.20 26.96
C LEU F 114 -8.92 23.59 27.11
N VAL F 115 -9.78 24.60 26.98
CA VAL F 115 -9.40 25.99 27.21
C VAL F 115 -9.53 26.31 28.68
N GLY F 116 -8.55 27.03 29.22
CA GLY F 116 -8.59 27.41 30.62
C GLY F 116 -8.23 28.88 30.84
N ASP F 117 -7.23 29.12 31.68
CA ASP F 117 -6.76 30.46 31.97
C ASP F 117 -5.43 30.35 32.69
N PHE F 118 -4.55 31.34 32.46
CA PHE F 118 -3.26 31.37 33.13
C PHE F 118 -3.39 31.46 34.64
N ALA F 119 -4.51 32.00 35.14
CA ALA F 119 -4.68 32.22 36.57
C ALA F 119 -5.06 30.98 37.35
N LEU F 120 -5.30 29.85 36.68
CA LEU F 120 -5.71 28.64 37.37
C LEU F 120 -4.68 28.20 38.39
N ASN F 121 -5.15 27.74 39.54
CA ASN F 121 -4.26 27.27 40.59
C ASN F 121 -3.61 25.96 40.15
N ASP F 122 -2.28 25.98 40.02
CA ASP F 122 -1.56 24.83 39.49
C ASP F 122 -1.58 23.66 40.47
N HIS F 123 -1.52 23.95 41.77
CA HIS F 123 -1.56 22.88 42.76
C HIS F 123 -2.90 22.14 42.71
N ALA F 124 -4.00 22.87 42.54
CA ALA F 124 -5.30 22.24 42.40
C ALA F 124 -5.42 21.51 41.08
N LEU F 125 -4.78 22.02 40.02
CA LEU F 125 -4.78 21.32 38.75
C LEU F 125 -4.08 19.97 38.86
N ARG F 126 -2.99 19.91 39.63
CA ARG F 126 -2.30 18.64 39.84
C ARG F 126 -3.18 17.66 40.61
N ASN F 127 -3.81 18.13 41.68
CA ASN F 127 -4.66 17.26 42.50
C ASN F 127 -5.91 16.81 41.76
N ASN F 128 -6.30 17.50 40.68
CA ASN F 128 -7.44 17.11 39.87
C ASN F 128 -7.01 16.42 38.58
N GLY F 129 -5.73 16.11 38.41
CA GLY F 129 -5.27 15.43 37.22
C GLY F 129 -5.35 16.25 35.95
N LEU F 130 -5.05 17.55 36.04
CA LEU F 130 -5.11 18.45 34.89
C LEU F 130 -3.74 19.07 34.67
N ASN F 131 -3.17 18.86 33.50
CA ASN F 131 -1.86 19.38 33.14
C ASN F 131 -2.03 20.67 32.35
N ARG F 132 -1.35 21.73 32.78
CA ARG F 132 -1.54 23.05 32.21
C ARG F 132 -0.51 23.30 31.11
N VAL F 133 -0.98 23.82 29.98
CA VAL F 133 -0.10 24.31 28.93
C VAL F 133 -0.44 25.78 28.68
N GLY F 134 0.02 26.64 29.59
CA GLY F 134 -0.29 28.06 29.51
C GLY F 134 -1.76 28.35 29.69
N ASN F 135 -2.49 28.50 28.58
CA ASN F 135 -3.91 28.80 28.60
C ASN F 135 -4.77 27.58 28.31
N LEU F 136 -4.19 26.38 28.36
CA LEU F 136 -4.88 25.17 27.95
C LEU F 136 -4.71 24.09 29.02
N LEU F 137 -5.52 23.04 28.90
CA LEU F 137 -5.54 21.95 29.88
C LEU F 137 -5.55 20.62 29.16
N VAL F 138 -4.66 19.72 29.57
CA VAL F 138 -4.63 18.36 29.03
C VAL F 138 -4.84 17.38 30.19
N PRO F 139 -5.98 16.70 30.26
CA PRO F 139 -6.21 15.76 31.37
C PRO F 139 -5.21 14.61 31.33
N ASN F 140 -4.90 14.09 32.52
CA ASN F 140 -3.99 12.95 32.61
C ASN F 140 -4.54 11.72 31.89
N ASP F 141 -5.87 11.61 31.78
CA ASP F 141 -6.46 10.46 31.10
C ASP F 141 -6.07 10.42 29.63
N ASN F 142 -5.76 11.57 29.04
CA ASN F 142 -5.28 11.58 27.66
C ASN F 142 -3.97 10.83 27.53
N TYR F 143 -3.04 11.05 28.47
CA TYR F 143 -1.76 10.36 28.42
C TYR F 143 -1.86 8.91 28.86
N ARG F 144 -2.86 8.58 29.67
CA ARG F 144 -3.11 7.18 29.99
C ARG F 144 -3.60 6.41 28.77
N ASN F 145 -4.39 7.06 27.91
CA ASN F 145 -4.78 6.45 26.65
C ASN F 145 -3.62 6.39 25.67
N PHE F 146 -2.75 7.41 25.70
CA PHE F 146 -1.57 7.40 24.83
C PHE F 146 -0.64 6.26 25.19
N GLU F 147 -0.55 5.93 26.48
CA GLU F 147 0.25 4.79 26.91
C GLU F 147 -0.27 3.50 26.29
N ASP F 148 -1.60 3.36 26.20
CA ASP F 148 -2.19 2.20 25.53
C ASP F 148 -1.98 2.23 24.03
N PHE F 149 -1.72 3.40 23.45
CA PHE F 149 -1.51 3.49 22.01
C PHE F 149 -0.04 3.38 21.65
N PHE F 150 0.86 4.00 22.42
CA PHE F 150 2.25 4.13 22.03
C PHE F 150 3.11 2.95 22.49
N VAL F 151 2.85 2.41 23.69
CA VAL F 151 3.65 1.28 24.17
C VAL F 151 3.55 0.08 23.24
N PRO F 152 2.38 -0.31 22.72
CA PRO F 152 2.37 -1.41 21.75
C PRO F 152 3.19 -1.12 20.50
N LEU F 153 3.12 0.11 19.98
CA LEU F 153 3.91 0.45 18.80
C LEU F 153 5.39 0.38 19.10
N LEU F 154 5.79 0.74 20.32
CA LEU F 154 7.18 0.55 20.72
C LEU F 154 7.57 -0.92 20.73
N ARG F 155 6.63 -1.78 21.15
CA ARG F 155 6.87 -3.22 21.11
C ARG F 155 7.02 -3.70 19.67
N ARG F 156 6.19 -3.19 18.76
CA ARG F 156 6.32 -3.54 17.35
C ARG F 156 7.65 -3.06 16.78
N LEU F 157 8.04 -1.83 17.10
CA LEU F 157 9.29 -1.28 16.58
C LEU F 157 10.50 -2.00 17.16
N HIS F 158 10.40 -2.50 18.39
CA HIS F 158 11.52 -3.21 18.99
C HIS F 158 11.85 -4.47 18.20
N GLU F 159 10.83 -5.28 17.89
CA GLU F 159 11.07 -6.49 17.10
C GLU F 159 11.48 -6.14 15.67
N GLN F 160 10.88 -5.09 15.10
CA GLN F 160 11.22 -4.71 13.73
C GLN F 160 12.65 -4.20 13.62
N GLN F 161 13.15 -3.50 14.64
CA GLN F 161 14.55 -3.11 14.65
C GLN F 161 15.47 -4.30 14.91
N ARG F 162 15.02 -5.22 15.77
CA ARG F 162 15.87 -6.35 16.16
C ARG F 162 16.16 -7.24 14.96
N ASP F 163 15.13 -7.71 14.27
CA ASP F 163 15.32 -8.59 13.13
C ASP F 163 16.06 -7.90 11.99
N SER F 164 16.02 -6.57 11.93
CA SER F 164 16.82 -5.81 10.98
C SER F 164 18.16 -5.37 11.58
N ARG F 165 18.36 -5.59 12.88
CA ARG F 165 19.58 -5.20 13.58
C ARG F 165 19.93 -3.73 13.33
N TRP F 166 18.91 -2.88 13.49
CA TRP F 166 19.07 -1.43 13.44
C TRP F 166 19.62 -0.97 12.08
N THR F 167 18.92 -1.39 11.03
CA THR F 167 19.15 -0.87 9.69
C THR F 167 17.87 -0.30 9.08
N THR F 168 16.80 -0.19 9.87
CA THR F 168 15.55 0.38 9.40
C THR F 168 14.72 0.79 10.62
N LYS F 169 13.89 1.81 10.43
CA LYS F 169 12.92 2.24 11.45
C LYS F 169 13.60 2.72 12.72
N THR F 170 14.76 3.37 12.60
CA THR F 170 15.47 3.89 13.76
C THR F 170 15.53 5.42 13.81
N THR F 171 15.09 6.10 12.77
CA THR F 171 15.11 7.55 12.80
C THR F 171 13.73 8.11 13.08
N PRO F 172 13.65 9.30 13.68
CA PRO F 172 12.34 9.91 13.94
C PRO F 172 11.45 10.02 12.72
N SER F 173 12.02 10.20 11.53
CA SER F 173 11.22 10.28 10.31
C SER F 173 10.41 9.00 10.11
N GLN F 174 11.08 7.85 10.14
CA GLN F 174 10.37 6.59 9.94
C GLN F 174 9.45 6.28 11.11
N ILE F 175 9.85 6.66 12.32
CA ILE F 175 9.01 6.41 13.49
C ILE F 175 7.72 7.20 13.40
N ILE F 176 7.82 8.49 13.09
CA ILE F 176 6.63 9.34 13.00
C ILE F 176 5.72 8.90 11.87
N ALA F 177 6.31 8.48 10.74
CA ALA F 177 5.51 8.00 9.62
C ALA F 177 4.72 6.75 10.00
N GLU F 178 5.35 5.85 10.77
CA GLU F 178 4.64 4.66 11.23
C GLU F 178 3.60 4.99 12.29
N ILE F 179 3.84 6.03 13.10
CA ILE F 179 2.85 6.46 14.09
C ILE F 179 1.55 6.86 13.39
N GLY F 180 1.66 7.56 12.26
CA GLY F 180 0.47 7.86 11.48
C GLY F 180 -0.17 6.62 10.89
N ALA F 181 0.65 5.65 10.50
CA ALA F 181 0.12 4.40 9.96
C ALA F 181 -0.61 3.61 11.05
N ALA F 182 0.00 3.50 12.22
CA ALA F 182 -0.65 2.80 13.33
C ALA F 182 -1.89 3.55 13.81
N LEU F 183 -1.91 4.87 13.69
CA LEU F 183 -3.10 5.64 14.04
C LEU F 183 -4.23 5.36 13.07
N GLU F 184 -3.91 5.17 11.79
CA GLU F 184 -4.93 4.78 10.82
C GLU F 184 -5.50 3.41 11.14
N SER F 185 -4.66 2.50 11.62
CA SER F 185 -5.11 1.14 11.90
C SER F 185 -5.93 1.08 13.19
N VAL F 186 -5.39 1.62 14.28
CA VAL F 186 -6.04 1.49 15.58
C VAL F 186 -7.33 2.30 15.62
N ARG F 187 -7.26 3.57 15.20
CA ARG F 187 -8.40 4.49 15.28
C ARG F 187 -8.69 5.00 13.88
N PRO F 188 -9.47 4.26 13.08
CA PRO F 188 -9.70 4.66 11.69
C PRO F 188 -10.64 5.84 11.52
N ASN F 189 -11.37 6.24 12.57
CA ASN F 189 -12.31 7.35 12.46
C ASN F 189 -11.63 8.68 12.78
N ASP F 190 -11.13 8.84 14.00
CA ASP F 190 -10.58 10.11 14.46
C ASP F 190 -9.25 10.46 13.79
N CYS F 191 -8.63 9.52 13.07
CA CYS F 191 -7.31 9.78 12.50
C CYS F 191 -7.34 10.87 11.42
N GLY F 192 -8.51 11.18 10.86
CA GLY F 192 -8.59 12.19 9.82
C GLY F 192 -8.32 13.60 10.29
N SER F 193 -8.28 13.84 11.60
CA SER F 193 -8.08 15.18 12.14
C SER F 193 -6.68 15.38 12.70
N SER F 194 -5.74 14.50 12.39
CA SER F 194 -4.38 14.60 12.93
C SER F 194 -3.40 14.94 11.83
N LEU F 195 -2.42 15.78 12.17
CA LEU F 195 -1.42 16.21 11.20
C LEU F 195 -0.49 15.07 10.80
N ILE F 196 -0.14 14.20 11.76
CA ILE F 196 0.78 13.11 11.47
C ILE F 196 0.16 12.10 10.52
N TYR F 197 -1.16 11.90 10.61
CA TYR F 197 -1.82 10.92 9.75
C TYR F 197 -1.69 11.29 8.28
N TRP F 198 -1.90 12.57 7.95
CA TRP F 198 -1.76 12.99 6.56
C TRP F 198 -0.30 13.04 6.12
N CYS F 199 0.62 13.31 7.05
CA CYS F 199 2.03 13.23 6.72
C CYS F 199 2.43 11.81 6.33
N TYR F 200 1.68 10.81 6.81
CA TYR F 200 1.93 9.43 6.41
C TYR F 200 1.30 9.13 5.04
N ARG F 201 0.05 9.53 4.85
CA ARG F 201 -0.63 9.22 3.59
C ARG F 201 -0.16 10.10 2.44
N ASN F 202 0.07 11.39 2.69
CA ASN F 202 0.56 12.28 1.65
C ASN F 202 2.07 12.22 1.48
N ASP F 203 2.76 11.37 2.23
CA ASP F 203 4.21 11.19 2.13
C ASP F 203 4.93 12.52 2.39
N ILE F 204 4.75 13.03 3.61
CA ILE F 204 5.40 14.24 4.08
C ILE F 204 6.31 13.86 5.23
N PRO F 205 7.62 13.98 5.10
CA PRO F 205 8.52 13.58 6.20
C PRO F 205 8.45 14.56 7.36
N VAL F 206 8.40 14.01 8.57
CA VAL F 206 8.38 14.80 9.80
C VAL F 206 9.69 14.57 10.54
N PHE F 207 10.30 15.65 11.00
CA PHE F 207 11.61 15.60 11.65
C PHE F 207 11.49 16.14 13.07
N SER F 208 12.01 15.38 14.03
CA SER F 208 12.03 15.77 15.44
C SER F 208 13.32 15.25 16.05
N PRO F 209 14.42 16.00 15.90
CA PRO F 209 15.71 15.50 16.39
C PRO F 209 15.77 15.33 17.90
N ALA F 210 15.07 16.18 18.66
CA ALA F 210 14.96 16.00 20.12
C ALA F 210 13.68 15.23 20.38
N PHE F 211 13.75 13.91 20.15
CA PHE F 211 12.59 13.02 20.18
C PHE F 211 12.21 12.57 21.59
N THR F 212 13.20 12.29 22.44
CA THR F 212 12.93 11.76 23.77
C THR F 212 12.51 12.83 24.77
N ASP F 213 12.51 14.10 24.39
CA ASP F 213 12.10 15.18 25.29
C ASP F 213 10.59 15.37 25.15
N GLY F 214 9.84 14.74 26.03
CA GLY F 214 8.39 14.83 26.02
C GLY F 214 7.78 13.55 26.52
N SER F 215 6.46 13.44 26.33
CA SER F 215 5.74 12.25 26.78
C SER F 215 6.21 11.00 26.07
N MET F 216 6.61 11.11 24.80
CA MET F 216 7.13 9.95 24.09
C MET F 216 8.37 9.38 24.78
N GLY F 217 9.25 10.26 25.27
CA GLY F 217 10.39 9.80 26.04
C GLY F 217 10.00 9.10 27.32
N ASP F 218 8.90 9.53 27.95
CA ASP F 218 8.42 8.85 29.14
C ASP F 218 7.88 7.46 28.82
N MET F 219 7.16 7.34 27.70
CA MET F 219 6.70 6.02 27.27
C MET F 219 7.87 5.12 26.91
N ILE F 220 8.88 5.68 26.22
CA ILE F 220 10.07 4.91 25.88
C ILE F 220 10.83 4.50 27.13
N TYR F 221 10.88 5.40 28.13
CA TYR F 221 11.59 5.07 29.36
C TYR F 221 10.91 3.95 30.12
N PHE F 222 9.57 3.93 30.13
CA PHE F 222 8.85 2.85 30.81
C PHE F 222 9.03 1.53 30.08
N TYR F 223 9.06 1.55 28.75
CA TYR F 223 9.24 0.32 27.99
C TYR F 223 10.69 -0.17 28.03
N ASN F 224 11.65 0.74 27.99
CA ASN F 224 13.06 0.37 27.99
C ASN F 224 13.56 -0.08 29.35
N TYR F 225 12.78 0.16 30.42
CA TYR F 225 13.22 -0.27 31.74
C TYR F 225 13.14 -1.79 31.90
N SER F 226 12.22 -2.44 31.19
CA SER F 226 12.05 -3.89 31.24
C SER F 226 12.40 -4.58 29.94
N ARG F 227 12.03 -4.00 28.80
CA ARG F 227 12.34 -4.56 27.47
C ARG F 227 13.29 -3.59 26.78
N LYS F 228 14.59 -3.84 26.93
CA LYS F 228 15.60 -2.96 26.35
C LYS F 228 15.88 -3.36 24.90
N GLY F 229 16.16 -2.36 24.07
CA GLY F 229 16.56 -2.65 22.71
C GLY F 229 16.35 -1.57 21.66
N LEU F 230 15.22 -0.87 21.71
CA LEU F 230 14.89 0.06 20.63
C LEU F 230 15.81 1.27 20.66
N VAL F 231 16.11 1.79 19.47
CA VAL F 231 17.06 2.89 19.31
C VAL F 231 16.41 3.99 18.48
N VAL F 232 16.65 5.24 18.88
CA VAL F 232 16.20 6.41 18.14
C VAL F 232 17.46 7.13 17.65
N ASP F 233 17.76 6.98 16.36
CA ASP F 233 18.95 7.58 15.77
C ASP F 233 18.55 8.77 14.90
N PRO F 234 18.78 10.00 15.33
CA PRO F 234 18.33 11.16 14.56
C PRO F 234 19.34 11.75 13.59
N VAL F 235 20.53 11.18 13.46
CA VAL F 235 21.54 11.75 12.55
C VAL F 235 21.20 11.52 11.08
N PRO F 236 20.53 10.43 10.66
CA PRO F 236 20.19 10.33 9.24
C PRO F 236 19.09 11.27 8.82
N ASP F 237 18.27 11.76 9.76
CA ASP F 237 17.26 12.75 9.43
C ASP F 237 17.89 14.04 8.93
N VAL F 238 19.05 14.41 9.47
CA VAL F 238 19.75 15.61 9.00
C VAL F 238 20.18 15.44 7.55
N ARG F 239 20.77 14.29 7.24
CA ARG F 239 21.14 14.01 5.86
C ARG F 239 19.93 13.97 4.93
N ARG F 240 18.74 13.73 5.47
CA ARG F 240 17.53 13.77 4.66
C ARG F 240 17.07 15.21 4.40
N LEU F 241 16.87 15.99 5.47
CA LEU F 241 16.37 17.36 5.32
C LEU F 241 17.30 18.20 4.46
N ARG F 242 18.59 17.88 4.45
CA ARG F 242 19.50 18.50 3.48
C ARG F 242 19.20 18.01 2.06
N GLN F 243 19.03 16.70 1.89
CA GLN F 243 18.73 16.16 0.58
C GLN F 243 17.38 16.63 0.06
N LEU F 244 16.43 16.87 0.96
CA LEU F 244 15.08 17.25 0.57
C LEU F 244 14.92 18.75 0.37
N GLY F 245 15.87 19.56 0.84
CA GLY F 245 15.91 20.96 0.48
C GLY F 245 16.51 21.11 -0.91
N CYS F 246 17.72 21.67 -0.97
CA CYS F 246 18.50 21.74 -2.20
C CYS F 246 17.70 22.38 -3.35
N THR F 249 19.25 22.47 -8.72
CA THR F 249 18.29 22.29 -9.81
C THR F 249 17.90 23.64 -10.42
N ASN F 250 17.98 24.69 -9.61
CA ASN F 250 17.77 26.06 -10.06
C ASN F 250 16.33 26.34 -10.47
N VAL F 251 15.45 25.34 -10.35
CA VAL F 251 14.02 25.57 -10.56
C VAL F 251 13.30 25.28 -9.24
N GLY F 252 13.89 25.73 -8.15
CA GLY F 252 13.41 25.39 -6.82
C GLY F 252 12.30 26.27 -6.27
N ARG F 253 12.65 27.48 -5.83
CA ARG F 253 11.73 28.36 -5.09
C ARG F 253 11.17 27.62 -3.88
N ILE F 254 12.04 27.48 -2.88
CA ILE F 254 11.74 26.72 -1.67
C ILE F 254 11.42 27.71 -0.56
N THR F 255 10.19 27.66 -0.07
CA THR F 255 9.72 28.56 0.97
C THR F 255 9.62 27.84 2.30
N CYS F 256 10.06 28.51 3.37
CA CYS F 256 10.01 27.97 4.72
C CYS F 256 9.11 28.86 5.58
N ILE F 257 8.12 28.26 6.21
CA ILE F 257 7.20 28.94 7.12
C ILE F 257 7.54 28.47 8.53
N VAL F 258 8.11 29.36 9.34
CA VAL F 258 8.52 29.03 10.70
C VAL F 258 7.56 29.76 11.64
N LEU F 259 6.59 29.03 12.17
CA LEU F 259 5.65 29.55 13.14
C LEU F 259 6.17 29.21 14.53
N GLY F 260 6.74 30.19 15.21
CA GLY F 260 7.39 29.95 16.48
C GLY F 260 8.83 29.49 16.29
N ALA F 261 9.77 30.15 16.96
CA ALA F 261 11.19 29.92 16.74
C ALA F 261 11.76 29.14 17.92
N GLY F 262 12.19 27.92 17.65
CA GLY F 262 12.87 27.10 18.65
C GLY F 262 13.83 26.16 17.97
N LEU F 263 13.88 24.92 18.45
CA LEU F 263 14.62 23.90 17.73
C LEU F 263 14.16 23.73 16.28
N PRO F 264 12.85 23.79 15.96
CA PRO F 264 12.45 23.74 14.55
C PRO F 264 13.16 24.74 13.65
N LYS F 265 13.25 26.00 14.07
CA LYS F 265 13.79 27.04 13.19
C LYS F 265 15.23 26.76 12.79
N HIS F 266 16.11 26.64 13.78
CA HIS F 266 17.52 26.42 13.47
C HIS F 266 17.71 25.09 12.73
N HIS F 267 17.07 24.02 13.20
CA HIS F 267 17.25 22.72 12.58
C HIS F 267 16.76 22.69 11.14
N LEU F 268 15.77 23.53 10.81
CA LEU F 268 15.26 23.58 9.44
C LEU F 268 16.11 24.49 8.57
N LEU F 269 16.27 25.76 8.98
CA LEU F 269 16.95 26.74 8.15
C LEU F 269 18.46 26.48 8.05
N ARG F 270 19.02 25.67 8.95
CA ARG F 270 20.43 25.32 8.83
C ARG F 270 20.66 24.29 7.73
N ASN F 271 19.74 23.35 7.57
CA ASN F 271 19.90 22.25 6.62
C ASN F 271 19.19 22.48 5.30
N VAL F 272 18.24 23.41 5.24
CA VAL F 272 17.48 23.69 4.02
C VAL F 272 17.96 25.01 3.44
N GLN F 273 18.11 25.04 2.12
CA GLN F 273 18.50 26.25 1.39
C GLN F 273 17.22 26.91 0.89
N ALA F 274 16.66 27.79 1.71
CA ALA F 274 15.36 28.39 1.44
C ALA F 274 15.50 29.69 0.65
N ASP F 275 14.61 29.87 -0.32
CA ASP F 275 14.53 31.12 -1.07
C ASP F 275 13.58 32.13 -0.44
N ALA F 276 12.65 31.67 0.40
CA ALA F 276 11.71 32.55 1.09
C ALA F 276 11.47 32.02 2.49
N VAL F 277 11.63 32.88 3.49
CA VAL F 277 11.48 32.51 4.89
C VAL F 277 10.53 33.50 5.56
N VAL F 278 9.68 32.99 6.45
CA VAL F 278 8.75 33.82 7.21
C VAL F 278 8.90 33.47 8.69
N TYR F 279 9.18 34.48 9.50
CA TYR F 279 9.33 34.33 10.95
C TYR F 279 8.06 34.82 11.65
N VAL F 280 7.59 34.04 12.60
CA VAL F 280 6.49 34.43 13.49
C VAL F 280 6.96 34.10 14.90
N THR F 281 7.70 35.01 15.53
CA THR F 281 8.37 34.76 16.79
C THR F 281 7.97 35.83 17.82
N THR F 282 8.45 35.61 19.04
CA THR F 282 8.27 36.58 20.13
C THR F 282 9.56 36.90 20.87
N GLY F 283 10.61 36.09 20.74
CA GLY F 283 11.81 36.34 21.51
C GLY F 283 12.50 37.63 21.10
N SER F 284 13.22 38.22 22.05
CA SER F 284 13.91 39.48 21.85
C SER F 284 15.41 39.25 21.65
N ASP F 285 16.01 40.09 20.79
CA ASP F 285 17.42 39.95 20.45
C ASP F 285 18.34 40.04 21.66
N ALA F 286 17.88 40.65 22.76
CA ALA F 286 18.71 40.78 23.95
C ALA F 286 19.06 39.42 24.56
N ASP F 287 18.25 38.39 24.30
CA ASP F 287 18.54 37.07 24.85
C ASP F 287 19.83 36.48 24.29
N GLY F 288 20.27 36.95 23.13
CA GLY F 288 21.47 36.38 22.52
C GLY F 288 21.32 34.92 22.13
N CYS F 289 20.12 34.55 21.69
CA CYS F 289 19.79 33.17 21.34
C CYS F 289 19.42 33.09 19.86
N GLU F 290 19.15 31.86 19.42
CA GLU F 290 18.68 31.67 18.05
C GLU F 290 17.18 31.93 17.92
N SER F 291 16.41 31.57 18.95
CA SER F 291 14.97 31.83 18.92
C SER F 291 14.66 33.31 18.76
N SER F 292 15.57 34.18 19.18
CA SER F 292 15.45 35.62 18.93
C SER F 292 15.83 35.87 17.47
N CYS F 293 14.84 35.65 16.59
CA CYS F 293 15.05 35.79 15.15
C CYS F 293 15.61 37.15 14.78
N ASN F 294 16.92 37.22 14.57
CA ASN F 294 17.56 38.42 14.05
C ASN F 294 17.90 38.16 12.59
N VAL F 295 17.28 38.93 11.70
CA VAL F 295 17.38 38.65 10.27
C VAL F 295 18.83 38.72 9.81
N MET F 296 19.51 39.83 10.13
CA MET F 296 20.90 39.98 9.70
C MET F 296 21.84 39.03 10.42
N ALA F 297 21.57 38.75 11.70
CA ALA F 297 22.41 37.81 12.44
C ALA F 297 22.24 36.38 11.92
N ASP F 298 21.03 36.01 11.51
CA ASP F 298 20.83 34.70 10.91
C ASP F 298 21.47 34.61 9.52
N ARG F 299 21.54 35.74 8.81
CA ARG F 299 22.24 35.77 7.53
C ARG F 299 23.74 35.55 7.73
N ALA F 300 24.31 36.14 8.77
CA ALA F 300 25.75 36.02 9.00
C ALA F 300 26.15 34.61 9.37
N ASN F 301 25.23 33.83 9.94
CA ASN F 301 25.54 32.49 10.42
C ASN F 301 25.24 31.41 9.39
N GLY F 302 24.74 31.77 8.22
CA GLY F 302 24.41 30.79 7.19
C GLY F 302 23.02 30.21 7.30
N LEU F 303 22.15 30.76 8.14
CA LEU F 303 20.77 30.31 8.21
C LEU F 303 19.93 30.87 7.07
N LEU F 304 20.25 32.06 6.61
CA LEU F 304 19.61 32.68 5.46
C LEU F 304 20.66 33.02 4.42
N SER F 305 20.37 32.72 3.16
CA SER F 305 21.26 33.12 2.09
C SER F 305 21.21 34.63 1.90
N PRO F 306 22.30 35.24 1.44
CA PRO F 306 22.29 36.71 1.25
C PRO F 306 21.28 37.18 0.23
N ASN F 307 20.74 36.28 -0.60
CA ASN F 307 19.75 36.62 -1.61
C ASN F 307 18.36 36.12 -1.22
N CYS F 308 18.15 35.78 0.05
CA CYS F 308 16.90 35.16 0.49
C CYS F 308 15.89 36.24 0.86
N ASP F 309 14.68 36.13 0.30
CA ASP F 309 13.57 36.99 0.69
C ASP F 309 13.05 36.53 2.05
N VAL F 310 12.93 37.46 2.99
CA VAL F 310 12.59 37.13 4.36
C VAL F 310 11.80 38.27 4.97
N VAL F 311 10.84 37.91 5.83
CA VAL F 311 10.10 38.86 6.65
C VAL F 311 9.91 38.26 8.02
N ARG F 312 9.86 39.11 9.04
CA ARG F 312 9.72 38.68 10.43
C ARG F 312 8.61 39.50 11.09
N VAL F 313 7.59 38.81 11.59
CA VAL F 313 6.49 39.45 12.32
C VAL F 313 6.58 39.01 13.77
N HIS F 314 6.49 39.98 14.68
CA HIS F 314 6.62 39.75 16.12
C HIS F 314 5.24 39.65 16.74
N GLY F 315 4.90 38.48 17.27
CA GLY F 315 3.61 38.29 17.90
C GLY F 315 3.34 36.82 18.13
N ASP F 316 2.19 36.56 18.76
CA ASP F 316 1.79 35.20 19.07
C ASP F 316 1.27 34.52 17.81
N ALA F 317 1.83 33.34 17.50
CA ALA F 317 1.49 32.64 16.27
C ALA F 317 0.02 32.22 16.22
N THR F 318 -0.65 32.09 17.37
CA THR F 318 -2.06 31.77 17.37
C THR F 318 -2.92 32.90 16.81
N ILE F 319 -2.39 34.12 16.77
CA ILE F 319 -3.07 35.25 16.16
C ILE F 319 -2.59 35.48 14.74
N ILE F 320 -1.29 35.27 14.49
CA ILE F 320 -0.72 35.60 13.19
C ILE F 320 -1.02 34.51 12.16
N SER F 321 -0.74 33.25 12.51
CA SER F 321 -0.84 32.16 11.55
C SER F 321 -2.19 32.05 10.85
N PRO F 322 -3.34 32.20 11.53
CA PRO F 322 -4.61 32.15 10.77
C PRO F 322 -4.72 33.23 9.71
N LEU F 323 -4.25 34.46 10.01
CA LEU F 323 -4.31 35.52 9.03
C LEU F 323 -3.34 35.28 7.87
N LEU F 324 -2.23 34.59 8.13
CA LEU F 324 -1.29 34.26 7.05
C LEU F 324 -1.82 33.12 6.18
N LEU F 325 -2.45 32.13 6.80
CA LEU F 325 -2.94 30.94 6.10
C LEU F 325 -4.34 31.10 5.54
N LEU F 326 -5.06 32.14 5.95
CA LEU F 326 -6.40 32.40 5.46
C LEU F 326 -6.43 32.39 3.94
N ARG F 327 -7.19 31.44 3.38
CA ARG F 327 -7.29 31.31 1.93
C ARG F 327 -7.90 32.55 1.31
N SER F 328 -7.40 32.89 0.12
CA SER F 328 -7.76 34.11 -0.57
C SER F 328 -8.86 33.85 -1.59
N SER F 329 -9.79 34.80 -1.70
CA SER F 329 -10.88 34.69 -2.66
C SER F 329 -10.82 35.86 -3.64
N LYS G 23 -16.50 23.09 30.40
CA LYS G 23 -15.30 23.59 29.75
C LYS G 23 -15.41 23.46 28.24
N GLN G 24 -14.54 24.15 27.51
CA GLN G 24 -14.61 24.25 26.06
C GLN G 24 -13.53 23.40 25.39
N VAL G 25 -13.84 22.94 24.19
CA VAL G 25 -12.91 22.14 23.40
C VAL G 25 -11.97 23.07 22.63
N VAL G 26 -10.74 22.62 22.42
CA VAL G 26 -9.75 23.39 21.67
C VAL G 26 -9.84 22.96 20.21
N VAL G 27 -10.40 23.83 19.37
CA VAL G 27 -10.55 23.58 17.94
C VAL G 27 -10.14 24.84 17.20
N GLY G 28 -9.22 24.71 16.25
CA GLY G 28 -8.77 25.82 15.46
C GLY G 28 -9.43 25.88 14.11
N PRO G 29 -9.07 26.88 13.29
CA PRO G 29 -9.67 27.03 11.96
C PRO G 29 -9.61 25.75 11.13
N ASN G 30 -10.78 25.26 10.73
CA ASN G 30 -10.91 23.96 10.10
C ASN G 30 -10.86 24.11 8.58
N GLN G 31 -11.18 23.03 7.86
CA GLN G 31 -11.15 23.05 6.40
C GLN G 31 -12.16 24.03 5.84
N GLU G 32 -13.40 23.97 6.33
CA GLU G 32 -14.49 24.73 5.73
C GLU G 32 -14.47 26.20 6.10
N ASP G 33 -14.00 26.53 7.31
CA ASP G 33 -14.08 27.89 7.82
C ASP G 33 -12.80 28.70 7.58
N LEU G 34 -11.91 28.22 6.72
CA LEU G 34 -10.73 28.99 6.34
C LEU G 34 -10.92 29.71 5.01
N HIS G 35 -12.14 29.73 4.48
CA HIS G 35 -12.47 30.46 3.26
C HIS G 35 -13.13 31.79 3.53
N SER G 36 -13.37 32.14 4.79
CA SER G 36 -13.98 33.40 5.16
C SER G 36 -13.33 33.92 6.42
N ALA G 37 -12.87 35.17 6.40
CA ALA G 37 -12.23 35.77 7.57
C ALA G 37 -13.19 35.93 8.74
N GLU G 38 -14.50 35.96 8.47
CA GLU G 38 -15.46 36.08 9.56
C GLU G 38 -15.43 34.85 10.46
N ALA G 39 -15.32 33.67 9.86
CA ALA G 39 -15.30 32.44 10.65
C ALA G 39 -13.98 32.23 11.36
N VAL G 40 -12.88 32.72 10.77
CA VAL G 40 -11.58 32.59 11.42
C VAL G 40 -11.53 33.44 12.69
N LEU G 41 -11.98 34.69 12.60
CA LEU G 41 -11.99 35.56 13.78
C LEU G 41 -13.01 35.11 14.81
N ASN G 42 -14.03 34.36 14.39
CA ASN G 42 -14.99 33.79 15.33
C ASN G 42 -14.39 32.59 16.07
N ARG G 43 -13.62 31.76 15.37
CA ARG G 43 -13.03 30.58 15.97
C ARG G 43 -11.77 30.88 16.78
N TYR G 44 -11.31 32.14 16.79
CA TYR G 44 -10.23 32.52 17.68
C TYR G 44 -10.53 32.21 19.14
N SER G 45 -11.82 32.10 19.49
CA SER G 45 -12.18 31.81 20.87
C SER G 45 -11.67 30.44 21.32
N THR G 46 -11.69 29.47 20.41
CA THR G 46 -11.28 28.11 20.73
C THR G 46 -9.87 27.78 20.25
N VAL G 47 -9.14 28.77 19.72
CA VAL G 47 -7.78 28.51 19.28
C VAL G 47 -6.86 28.33 20.48
N GLY G 48 -7.07 29.07 21.55
CA GLY G 48 -6.20 29.01 22.71
C GLY G 48 -5.13 30.07 22.68
N PHE G 49 -4.31 30.05 23.73
CA PHE G 49 -3.18 30.98 23.90
C PHE G 49 -3.76 32.40 23.96
N GLN G 50 -3.28 33.34 23.14
CA GLN G 50 -3.76 34.71 23.19
C GLN G 50 -4.92 34.98 22.23
N ALA G 51 -5.10 34.14 21.21
CA ALA G 51 -6.25 34.31 20.32
C ALA G 51 -7.56 34.22 21.09
N SER G 52 -7.58 33.45 22.18
CA SER G 52 -8.75 33.44 23.06
C SER G 52 -8.89 34.78 23.77
N ASN G 53 -7.78 35.35 24.24
CA ASN G 53 -7.83 36.67 24.86
C ASN G 53 -8.29 37.72 23.85
N LEU G 54 -7.88 37.56 22.58
CA LEU G 54 -8.34 38.47 21.54
C LEU G 54 -9.84 38.31 21.30
N ALA G 55 -10.31 37.06 21.20
CA ALA G 55 -11.75 36.83 21.03
C ALA G 55 -12.52 37.31 22.25
N ARG G 56 -11.92 37.24 23.44
CA ARG G 56 -12.56 37.82 24.61
C ARG G 56 -12.56 39.35 24.53
N ALA G 57 -11.53 39.93 23.90
CA ALA G 57 -11.53 41.38 23.67
C ALA G 57 -12.63 41.77 22.69
N PHE G 58 -12.88 40.93 21.67
CA PHE G 58 -14.03 41.14 20.80
C PHE G 58 -15.33 41.23 21.60
N SER G 59 -15.51 40.28 22.52
CA SER G 59 -16.77 40.21 23.28
C SER G 59 -16.90 41.38 24.24
N ILE G 60 -15.81 41.76 24.90
CA ILE G 60 -15.86 42.89 25.83
C ILE G 60 -16.22 44.17 25.07
N CYS G 61 -15.68 44.33 23.87
CA CYS G 61 -16.04 45.49 23.05
C CYS G 61 -17.49 45.42 22.61
N GLU G 62 -17.98 44.24 22.24
CA GLU G 62 -19.39 44.09 21.89
C GLU G 62 -20.29 44.38 23.08
N MET G 63 -19.82 44.10 24.29
CA MET G 63 -20.57 44.46 25.48
C MET G 63 -20.57 45.97 25.70
N MET G 64 -19.44 46.62 25.43
CA MET G 64 -19.35 48.07 25.60
C MET G 64 -20.32 48.80 24.67
N LEU G 65 -20.70 48.19 23.56
CA LEU G 65 -21.60 48.79 22.59
C LEU G 65 -23.05 48.37 22.76
N THR G 66 -23.34 47.39 23.62
CA THR G 66 -24.69 46.92 23.80
C THR G 66 -25.40 47.76 24.87
N PRO G 67 -26.61 48.28 24.59
CA PRO G 67 -27.34 49.06 25.60
C PRO G 67 -27.69 48.22 26.82
N GLN G 68 -27.10 48.55 27.97
CA GLN G 68 -27.20 47.72 29.15
C GLN G 68 -27.66 48.54 30.35
N SER G 69 -27.93 47.84 31.45
CA SER G 69 -28.25 48.47 32.71
C SER G 69 -27.10 49.38 33.15
N PRO G 70 -27.40 50.47 33.88
CA PRO G 70 -26.37 51.49 34.13
C PRO G 70 -25.27 51.04 35.07
N SER G 71 -25.56 50.92 36.37
CA SER G 71 -24.52 50.62 37.33
C SER G 71 -25.02 49.62 38.36
N PRO G 72 -24.14 48.72 38.81
CA PRO G 72 -24.43 47.94 40.02
C PRO G 72 -23.73 48.54 41.24
N SER G 73 -24.02 48.01 42.42
CA SER G 73 -23.35 48.46 43.64
C SER G 73 -22.64 47.29 44.34
N GLN G 90 -26.16 53.53 27.28
CA GLN G 90 -24.97 53.19 26.51
C GLN G 90 -23.72 53.54 27.31
N PRO G 91 -22.84 52.55 27.51
CA PRO G 91 -21.62 52.80 28.26
C PRO G 91 -20.74 53.84 27.58
N THR G 92 -20.10 54.68 28.39
CA THR G 92 -19.16 55.68 27.89
C THR G 92 -17.79 55.05 27.76
N LEU G 93 -17.21 55.14 26.57
CA LEU G 93 -15.97 54.44 26.24
C LEU G 93 -14.80 55.40 26.35
N PHE G 94 -13.83 55.05 27.21
CA PHE G 94 -12.60 55.81 27.37
C PHE G 94 -11.52 55.08 26.58
N VAL G 95 -11.18 55.60 25.41
CA VAL G 95 -10.14 55.00 24.58
C VAL G 95 -8.81 55.69 24.89
N GLY G 96 -7.74 54.90 24.93
CA GLY G 96 -6.42 55.40 25.26
C GLY G 96 -5.40 55.01 24.21
N VAL G 97 -4.71 56.00 23.65
CA VAL G 97 -3.78 55.79 22.55
C VAL G 97 -2.44 56.39 22.90
N THR G 98 -1.37 55.67 22.58
CA THR G 98 -0.03 56.21 22.69
C THR G 98 0.30 57.05 21.45
N ALA G 99 1.43 57.76 21.52
CA ALA G 99 1.74 58.75 20.50
C ALA G 99 2.12 58.12 19.18
N ASN G 100 2.95 57.06 19.21
CA ASN G 100 3.46 56.49 17.97
C ASN G 100 2.37 55.87 17.11
N LEU G 101 1.28 55.42 17.73
CA LEU G 101 0.23 54.72 16.99
C LEU G 101 -0.52 55.64 16.03
N PHE G 102 -0.48 56.95 16.25
CA PHE G 102 -1.07 57.85 15.26
C PHE G 102 -0.23 57.94 14.00
N GLY G 103 1.03 57.53 14.06
CA GLY G 103 1.85 57.51 12.87
C GLY G 103 1.55 56.33 11.96
N THR G 104 1.07 55.22 12.52
CA THR G 104 0.75 54.04 11.75
C THR G 104 -0.73 54.04 11.37
N GLY G 105 -1.20 52.95 10.76
CA GLY G 105 -2.56 52.84 10.28
C GLY G 105 -3.64 52.81 11.33
N CYS G 106 -3.29 52.85 12.62
CA CYS G 106 -4.31 52.92 13.66
C CYS G 106 -5.00 54.28 13.68
N ARG G 107 -4.39 55.31 13.11
CA ARG G 107 -5.01 56.63 13.03
C ARG G 107 -6.33 56.55 12.28
N GLU G 108 -6.40 55.73 11.23
CA GLU G 108 -7.63 55.61 10.45
C GLU G 108 -8.75 55.01 11.28
N ALA G 109 -8.45 54.00 12.10
CA ALA G 109 -9.47 53.33 12.88
C ALA G 109 -9.99 54.23 13.99
N ILE G 110 -9.09 54.88 14.72
CA ILE G 110 -9.51 55.82 15.77
C ILE G 110 -10.32 56.94 15.17
N ARG G 111 -9.96 57.39 13.97
CA ARG G 111 -10.77 58.37 13.27
C ARG G 111 -12.18 57.85 13.01
N PHE G 112 -12.29 56.58 12.60
CA PHE G 112 -13.61 55.98 12.41
C PHE G 112 -14.39 55.96 13.71
N LEU G 113 -13.73 55.67 14.83
CA LEU G 113 -14.41 55.66 16.12
C LEU G 113 -14.94 57.04 16.49
N CYS G 114 -14.33 58.09 15.95
CA CYS G 114 -14.71 59.46 16.28
C CYS G 114 -15.65 60.09 15.27
N THR G 115 -15.64 59.64 14.00
CA THR G 115 -16.44 60.31 12.99
C THR G 115 -17.88 59.79 12.93
N GLU G 116 -18.06 58.47 12.96
CA GLU G 116 -19.40 57.92 12.81
C GLU G 116 -20.21 58.14 14.09
N CYS G 117 -21.50 58.34 13.92
CA CYS G 117 -22.41 58.57 15.03
C CYS G 117 -23.70 57.80 14.79
N VAL G 118 -24.11 57.02 15.78
CA VAL G 118 -25.30 56.17 15.69
C VAL G 118 -26.37 56.76 16.60
N PRO G 119 -27.61 56.95 16.13
CA PRO G 119 -28.66 57.43 17.00
C PRO G 119 -29.00 56.42 18.09
N LEU G 120 -29.36 56.94 19.26
CA LEU G 120 -29.65 56.07 20.39
C LEU G 120 -31.12 55.66 20.39
N PRO G 121 -31.42 54.38 20.62
CA PRO G 121 -32.81 53.90 20.49
C PRO G 121 -33.74 54.34 21.60
N ASN G 122 -34.90 53.71 21.66
CA ASN G 122 -35.97 54.09 22.58
C ASN G 122 -35.69 53.59 23.98
N GLY G 123 -35.77 54.50 24.96
CA GLY G 123 -35.70 54.13 26.36
C GLY G 123 -34.32 54.08 26.97
N VAL G 124 -33.28 54.48 26.23
CA VAL G 124 -31.90 54.43 26.71
C VAL G 124 -31.36 55.85 26.77
N GLU G 125 -30.52 56.10 27.78
CA GLU G 125 -29.89 57.40 28.03
C GLU G 125 -28.38 57.26 27.91
N PRO G 126 -27.68 58.37 27.64
CA PRO G 126 -26.21 58.33 27.71
C PRO G 126 -25.74 58.28 29.15
N ALA G 127 -24.70 57.47 29.39
CA ALA G 127 -24.25 57.23 30.75
C ALA G 127 -23.73 58.49 31.43
N THR G 128 -23.45 59.55 30.69
CA THR G 128 -23.01 60.80 31.28
C THR G 128 -24.10 61.85 31.11
N PRO G 129 -24.67 62.37 32.20
CA PRO G 129 -25.63 63.47 32.08
C PRO G 129 -24.96 64.71 31.50
N LEU G 130 -25.39 65.09 30.30
CA LEU G 130 -24.80 66.21 29.58
C LEU G 130 -25.01 67.52 30.31
N PRO G 146 -13.41 76.33 25.76
CA PRO G 146 -13.37 75.09 26.54
C PRO G 146 -13.44 73.85 25.66
N SER G 147 -13.58 72.69 26.27
CA SER G 147 -13.69 71.42 25.55
C SER G 147 -15.06 70.81 25.81
N PRO G 148 -15.96 70.83 24.83
CA PRO G 148 -17.27 70.20 25.02
C PRO G 148 -17.13 68.71 25.24
N CYS G 149 -17.93 68.18 26.17
CA CYS G 149 -17.94 66.77 26.50
C CYS G 149 -19.18 66.06 25.98
N ASP G 150 -19.83 66.63 24.95
CA ASP G 150 -21.03 66.05 24.36
C ASP G 150 -20.65 65.08 23.23
N SER G 151 -19.95 64.02 23.61
CA SER G 151 -19.49 63.03 22.65
C SER G 151 -20.68 62.30 22.06
N ARG G 152 -20.93 62.51 20.77
CA ARG G 152 -22.04 61.89 20.08
C ARG G 152 -21.61 60.73 19.19
N ALA G 153 -20.35 60.33 19.27
CA ALA G 153 -19.80 59.28 18.44
C ALA G 153 -19.72 57.96 19.23
N LEU G 154 -18.93 57.01 18.73
CA LEU G 154 -18.81 55.72 19.37
C LEU G 154 -17.90 55.78 20.60
N ILE G 155 -16.88 56.63 20.56
CA ILE G 155 -16.00 56.88 21.69
C ILE G 155 -16.46 58.16 22.37
N HIS G 156 -16.24 58.24 23.68
CA HIS G 156 -16.66 59.40 24.45
C HIS G 156 -15.52 60.15 25.14
N VAL G 157 -14.43 59.48 25.48
CA VAL G 157 -13.25 60.13 26.03
C VAL G 157 -12.01 59.54 25.37
N LEU G 158 -11.04 60.38 25.04
CA LEU G 158 -9.86 59.98 24.29
C LEU G 158 -8.63 60.59 24.97
N VAL G 159 -7.89 59.78 25.73
CA VAL G 159 -6.70 60.21 26.44
C VAL G 159 -5.48 59.88 25.59
N VAL G 160 -4.51 60.79 25.58
CA VAL G 160 -3.43 60.77 24.60
C VAL G 160 -2.10 61.03 25.28
N SER G 161 -1.04 60.41 24.75
CA SER G 161 0.32 60.69 25.17
C SER G 161 0.92 61.82 24.33
N GLY G 162 2.03 62.37 24.82
CA GLY G 162 2.63 63.52 24.16
C GLY G 162 3.26 63.17 22.82
N GLY G 163 3.03 64.03 21.84
CA GLY G 163 3.56 63.84 20.51
C GLY G 163 2.65 63.15 19.53
N ALA G 164 1.41 62.86 19.92
CA ALA G 164 0.52 62.08 19.07
C ALA G 164 -0.25 62.96 18.08
N MET G 165 -1.04 63.90 18.59
CA MET G 165 -1.75 64.81 17.70
C MET G 165 -0.80 65.60 16.81
N GLU G 166 0.48 65.70 17.20
CA GLU G 166 1.50 66.19 16.29
C GLU G 166 1.71 65.23 15.12
N HIS G 167 1.76 63.93 15.40
CA HIS G 167 1.81 62.94 14.33
C HIS G 167 0.55 63.01 13.47
N ASP G 168 -0.61 63.24 14.10
CA ASP G 168 -1.87 63.29 13.36
C ASP G 168 -1.87 64.46 12.38
N ILE G 169 -1.45 65.64 12.83
CA ILE G 169 -1.38 66.79 11.94
C ILE G 169 -0.33 66.57 10.85
N ARG G 170 0.80 65.96 11.22
CA ARG G 170 1.87 65.76 10.26
C ARG G 170 1.47 64.82 9.13
N ARG G 171 0.65 63.80 9.45
CA ARG G 171 0.27 62.83 8.44
C ARG G 171 -0.64 63.40 7.37
N ALA G 172 -1.24 64.57 7.62
CA ALA G 172 -2.01 65.26 6.59
C ALA G 172 -1.15 66.20 5.73
N CYS G 173 0.08 66.46 6.16
CA CYS G 173 1.00 67.31 5.39
C CYS G 173 1.90 66.49 4.48
N GLU G 174 2.51 65.44 5.01
CA GLU G 174 3.38 64.54 4.25
C GLU G 174 2.95 63.10 4.51
N SER G 175 3.60 62.18 3.80
CA SER G 175 3.30 60.75 3.91
C SER G 175 4.43 60.05 4.64
N TYR G 176 4.07 59.05 5.45
CA TYR G 176 5.03 58.26 6.21
C TYR G 176 5.50 57.09 5.35
N LYS G 177 6.81 56.99 5.17
CA LYS G 177 7.40 55.91 4.38
C LYS G 177 7.91 54.81 5.31
N LEU G 178 7.99 53.59 4.77
CA LEU G 178 8.45 52.44 5.52
C LEU G 178 9.81 51.99 5.02
N SER G 179 10.58 51.38 5.92
CA SER G 179 11.91 50.90 5.59
C SER G 179 11.82 49.66 4.71
N ARG G 180 12.96 49.30 4.12
CA ARG G 180 13.03 48.12 3.27
C ARG G 180 13.09 46.84 4.09
N ASP G 205 15.26 62.51 8.36
CA ASP G 205 13.95 61.91 8.62
C ASP G 205 13.97 61.04 9.87
N CYS G 206 12.93 61.16 10.68
CA CYS G 206 12.89 60.49 11.97
C CYS G 206 12.41 59.05 11.83
N HIS G 207 12.90 58.19 12.73
CA HIS G 207 12.55 56.78 12.74
C HIS G 207 11.72 56.46 13.97
N PHE G 208 10.75 55.57 13.81
CA PHE G 208 10.15 54.87 14.95
C PHE G 208 9.72 53.50 14.45
N GLY G 209 10.42 52.46 14.92
CA GLY G 209 10.13 51.11 14.48
C GLY G 209 10.28 50.96 12.99
N ASN G 210 9.24 50.41 12.36
CA ASN G 210 9.22 50.20 10.91
C ASN G 210 9.09 51.50 10.13
N VAL G 211 8.52 52.54 10.72
CA VAL G 211 8.07 53.72 10.00
C VAL G 211 9.13 54.81 10.06
N ARG G 212 9.17 55.65 9.02
CA ARG G 212 10.01 56.82 8.97
C ARG G 212 9.19 58.01 8.48
N TYR G 213 9.33 59.14 9.16
CA TYR G 213 8.66 60.38 8.77
C TYR G 213 9.68 61.51 8.73
N ASN G 214 9.27 62.64 8.16
CA ASN G 214 10.14 63.80 7.99
C ASN G 214 9.65 64.91 8.90
N SER G 215 10.46 65.27 9.89
CA SER G 215 10.20 66.40 10.78
C SER G 215 11.18 67.51 10.41
N SER G 216 10.73 68.45 9.59
CA SER G 216 11.59 69.50 9.09
C SER G 216 12.00 70.43 10.24
N GLY G 217 12.76 71.46 9.88
CA GLY G 217 13.18 72.43 10.88
C GLY G 217 12.01 73.12 11.55
N VAL G 218 12.28 73.65 12.75
CA VAL G 218 11.23 74.29 13.53
C VAL G 218 10.69 75.52 12.80
N ALA G 219 11.55 76.21 12.06
CA ALA G 219 11.16 77.37 11.27
C ALA G 219 11.39 77.13 9.78
N SER G 220 11.03 75.94 9.32
CA SER G 220 11.23 75.56 7.93
C SER G 220 9.99 75.92 7.09
N ARG G 221 10.18 75.91 5.77
CA ARG G 221 9.07 76.16 4.85
C ARG G 221 8.24 74.92 4.57
N ASN G 222 8.61 73.77 5.12
CA ASN G 222 7.82 72.56 4.91
C ASN G 222 6.42 72.74 5.49
N LEU G 223 5.47 71.97 4.95
CA LEU G 223 4.07 72.20 5.29
C LEU G 223 3.78 71.94 6.76
N PHE G 224 4.41 70.90 7.33
CA PHE G 224 4.14 70.59 8.74
C PHE G 224 4.62 71.70 9.66
N SER G 225 5.80 72.27 9.38
CA SER G 225 6.29 73.35 10.23
C SER G 225 5.40 74.58 10.16
N CYS G 226 4.78 74.82 9.00
CA CYS G 226 3.94 76.00 8.84
C CYS G 226 2.58 75.82 9.50
N VAL G 227 1.99 74.63 9.39
CA VAL G 227 0.67 74.40 9.99
C VAL G 227 0.78 74.39 11.51
N MET G 228 1.92 73.97 12.06
CA MET G 228 2.09 74.00 13.51
C MET G 228 2.38 75.41 14.01
N ARG G 229 3.18 76.17 13.26
CA ARG G 229 3.49 77.54 13.68
C ARG G 229 2.25 78.43 13.64
N CYS G 230 1.39 78.25 12.64
CA CYS G 230 0.14 78.99 12.61
C CYS G 230 -0.77 78.59 13.75
N LEU G 231 -0.73 77.31 14.16
CA LEU G 231 -1.51 76.88 15.31
C LEU G 231 -1.01 77.53 16.59
N VAL G 232 0.31 77.59 16.77
CA VAL G 232 0.88 78.21 17.96
C VAL G 232 0.59 79.71 17.97
N LYS G 233 0.66 80.35 16.80
CA LYS G 233 0.39 81.78 16.73
C LYS G 233 -1.06 82.09 17.08
N ARG G 234 -1.99 81.31 16.54
CA ARG G 234 -3.40 81.50 16.87
C ARG G 234 -3.66 81.31 18.36
N LEU G 235 -3.04 80.29 18.96
CA LEU G 235 -3.21 80.05 20.40
C LEU G 235 -2.63 81.19 21.22
N ALA G 236 -1.51 81.77 20.77
CA ALA G 236 -0.87 82.83 21.52
C ALA G 236 -1.73 84.08 21.57
N GLU G 237 -2.24 84.52 20.41
CA GLU G 237 -3.05 85.73 20.39
C GLU G 237 -4.42 85.51 21.02
N ALA G 238 -4.98 84.31 20.89
CA ALA G 238 -6.25 84.02 21.54
C ALA G 238 -6.11 84.05 23.06
N GLN G 239 -5.00 83.51 23.58
CA GLN G 239 -4.73 83.61 25.01
C GLN G 239 -4.48 85.06 25.42
N ARG G 240 -3.76 85.80 24.59
CA ARG G 240 -3.51 87.21 24.87
C ARG G 240 -4.79 88.02 24.86
N LYS G 241 -5.73 87.65 23.97
CA LYS G 241 -7.02 88.34 23.91
C LYS G 241 -7.80 88.14 25.21
N GLU G 242 -7.91 86.88 25.66
CA GLU G 242 -8.61 86.60 26.91
C GLU G 242 -7.88 87.18 28.11
N LYS G 243 -6.55 87.28 28.03
CA LYS G 243 -5.78 87.84 29.13
C LYS G 243 -6.10 89.31 29.34
N ALA G 244 -6.07 90.10 28.25
CA ALA G 244 -6.38 91.52 28.35
C ALA G 244 -7.85 91.76 28.67
N ASN G 245 -8.74 90.87 28.20
CA ASN G 245 -10.17 91.03 28.47
C ASN G 245 -10.46 90.89 29.96
N ARG G 246 -9.75 89.98 30.63
CA ARG G 246 -9.89 89.82 32.07
C ARG G 246 -9.05 90.81 32.87
N GLU G 247 -8.03 91.39 32.25
CA GLU G 247 -7.21 92.40 32.91
C GLU G 247 -7.90 93.76 32.91
N ASP G 257 -12.35 83.74 41.20
CA ASP G 257 -11.19 84.26 40.49
C ASP G 257 -10.31 83.12 39.98
N VAL G 258 -10.45 82.80 38.70
CA VAL G 258 -9.73 81.70 38.08
C VAL G 258 -8.90 82.25 36.92
N CYS G 259 -7.75 81.62 36.68
CA CYS G 259 -6.90 81.95 35.54
C CYS G 259 -7.55 81.41 34.27
N SER G 260 -8.33 82.26 33.59
CA SER G 260 -9.09 81.84 32.42
C SER G 260 -8.29 81.85 31.13
N TRP G 261 -7.17 82.58 31.08
CA TRP G 261 -6.36 82.60 29.87
C TRP G 261 -5.46 81.38 29.74
N ALA G 262 -5.38 80.55 30.78
CA ALA G 262 -4.58 79.33 30.69
C ALA G 262 -5.24 78.32 29.76
N ILE G 263 -4.50 77.86 28.77
CA ILE G 263 -4.99 76.87 27.82
C ILE G 263 -4.72 75.48 28.37
N THR G 264 -5.72 74.62 28.33
CA THR G 264 -5.53 73.27 28.81
C THR G 264 -5.48 72.29 27.64
N PRO G 265 -4.72 71.20 27.76
CA PRO G 265 -4.55 70.28 26.62
C PRO G 265 -5.84 69.86 25.93
N SER G 266 -6.92 69.68 26.69
CA SER G 266 -8.20 69.34 26.06
C SER G 266 -8.69 70.49 25.18
N THR G 267 -8.59 71.72 25.67
CA THR G 267 -9.01 72.87 24.88
C THR G 267 -8.04 73.15 23.73
N LEU G 268 -6.75 72.89 23.95
CA LEU G 268 -5.76 73.12 22.90
C LEU G 268 -6.04 72.25 21.68
N TRP G 269 -6.24 70.94 21.90
CA TRP G 269 -6.48 70.05 20.78
C TRP G 269 -7.90 70.19 20.24
N TYR G 270 -8.85 70.62 21.07
CA TYR G 270 -10.20 70.85 20.58
C TYR G 270 -10.25 72.04 19.63
N MET G 271 -9.76 73.20 20.07
CA MET G 271 -9.72 74.37 19.20
C MET G 271 -8.74 74.19 18.06
N ALA G 272 -7.75 73.31 18.19
CA ALA G 272 -6.90 72.98 17.04
C ALA G 272 -7.69 72.21 15.98
N GLY G 273 -8.57 71.30 16.42
CA GLY G 273 -9.40 70.60 15.46
C GLY G 273 -10.42 71.50 14.79
N LEU G 274 -10.95 72.48 15.54
CA LEU G 274 -11.86 73.46 14.94
C LEU G 274 -11.16 74.29 13.89
N TRP G 275 -9.90 74.67 14.16
CA TRP G 275 -9.13 75.51 13.26
C TRP G 275 -8.43 74.74 12.15
N MET G 276 -8.44 73.40 12.21
CA MET G 276 -7.67 72.60 11.24
C MET G 276 -7.92 73.03 9.80
N ALA G 277 -9.16 73.37 9.48
CA ALA G 277 -9.47 73.82 8.12
C ALA G 277 -8.74 75.11 7.79
N ASP G 278 -9.00 76.17 8.56
CA ASP G 278 -8.44 77.48 8.25
C ASP G 278 -6.92 77.48 8.32
N ILE G 279 -6.34 76.74 9.27
CA ILE G 279 -4.89 76.72 9.41
C ILE G 279 -4.25 76.05 8.19
N PHE G 280 -4.87 74.97 7.70
CA PHE G 280 -4.34 74.31 6.51
C PHE G 280 -4.44 75.21 5.29
N THR G 281 -5.53 75.96 5.16
CA THR G 281 -5.69 76.87 4.02
C THR G 281 -4.63 77.97 4.05
N GLU G 282 -4.25 78.44 5.24
CA GLU G 282 -3.22 79.46 5.35
C GLU G 282 -1.83 78.86 5.17
N ALA G 283 -1.60 77.67 5.75
CA ALA G 283 -0.29 77.03 5.62
C ALA G 283 0.00 76.67 4.17
N LEU G 284 -1.00 76.14 3.45
CA LEU G 284 -0.81 75.80 2.05
C LEU G 284 -0.44 77.02 1.22
N GLN G 285 -0.85 78.21 1.65
CA GLN G 285 -0.51 79.43 0.92
C GLN G 285 0.91 79.89 1.22
N GLU G 286 1.26 80.03 2.50
CA GLU G 286 2.58 80.53 2.85
C GLU G 286 3.68 79.53 2.51
N THR G 287 3.34 78.27 2.24
CA THR G 287 4.32 77.31 1.76
C THR G 287 4.52 77.39 0.26
N GLY G 288 3.53 77.88 -0.49
CA GLY G 288 3.63 78.02 -1.92
C GLY G 288 3.14 76.82 -2.72
N GLU G 289 2.64 75.77 -2.06
CA GLU G 289 2.16 74.60 -2.79
C GLU G 289 0.94 74.95 -3.64
N VAL G 290 0.06 75.81 -3.11
CA VAL G 290 -1.10 76.32 -3.84
C VAL G 290 -1.26 77.78 -3.45
N THR G 291 -0.91 78.69 -4.36
CA THR G 291 -1.00 80.12 -4.07
C THR G 291 -2.42 80.63 -4.12
N ASP G 292 -3.28 80.02 -4.94
CA ASP G 292 -4.66 80.45 -5.04
C ASP G 292 -5.41 80.13 -3.75
N GLU G 293 -6.12 81.13 -3.20
CA GLU G 293 -6.86 80.92 -1.96
C GLU G 293 -8.08 80.05 -2.17
N LYS G 294 -8.67 80.08 -3.37
CA LYS G 294 -9.86 79.28 -3.65
C LYS G 294 -9.55 77.79 -3.59
N VAL G 295 -8.52 77.36 -4.32
CA VAL G 295 -8.10 75.96 -4.25
C VAL G 295 -7.55 75.63 -2.87
N ALA G 296 -6.90 76.60 -2.22
CA ALA G 296 -6.35 76.35 -0.88
C ALA G 296 -7.46 76.07 0.13
N SER G 297 -8.64 76.66 -0.06
CA SER G 297 -9.73 76.43 0.89
C SER G 297 -10.21 74.99 0.84
N GLU G 298 -10.46 74.46 -0.36
CA GLU G 298 -10.96 73.10 -0.47
C GLU G 298 -9.89 72.08 -0.13
N GLU G 299 -8.65 72.31 -0.59
CA GLU G 299 -7.56 71.40 -0.25
C GLU G 299 -7.26 71.40 1.25
N GLY G 300 -7.52 72.53 1.92
CA GLY G 300 -7.33 72.57 3.36
C GLY G 300 -8.33 71.70 4.10
N LEU G 301 -9.60 71.80 3.73
CA LEU G 301 -10.62 70.96 4.35
C LEU G 301 -10.40 69.47 4.03
N LYS G 302 -9.89 69.17 2.84
CA LYS G 302 -9.62 67.79 2.49
C LYS G 302 -8.54 67.19 3.40
N ARG G 303 -7.44 67.92 3.60
CA ARG G 303 -6.40 67.45 4.50
C ARG G 303 -6.88 67.48 5.96
N ALA G 304 -7.70 68.47 6.31
CA ALA G 304 -8.18 68.57 7.68
C ALA G 304 -9.11 67.42 8.04
N LYS G 305 -9.96 66.99 7.10
CA LYS G 305 -10.88 65.89 7.36
C LYS G 305 -10.17 64.56 7.55
N SER G 306 -8.87 64.48 7.25
CA SER G 306 -8.12 63.25 7.47
C SER G 306 -7.61 63.12 8.90
N THR G 307 -7.53 64.23 9.63
CA THR G 307 -6.99 64.22 10.98
C THR G 307 -8.05 63.83 11.99
N VAL G 308 -7.61 63.14 13.05
CA VAL G 308 -8.52 62.78 14.13
C VAL G 308 -8.99 64.04 14.87
N LEU G 309 -8.18 65.11 14.84
CA LEU G 309 -8.55 66.34 15.53
C LEU G 309 -9.83 66.94 14.96
N TYR G 310 -10.03 66.85 13.65
CA TYR G 310 -11.21 67.44 13.03
C TYR G 310 -12.49 66.77 13.54
N TRP G 311 -12.58 65.45 13.38
CA TRP G 311 -13.77 64.74 13.83
C TRP G 311 -13.89 64.75 15.35
N ALA G 312 -12.77 64.85 16.06
CA ALA G 312 -12.82 64.93 17.51
C ALA G 312 -13.52 66.21 17.96
N ALA G 313 -13.22 67.33 17.32
CA ALA G 313 -13.88 68.59 17.64
C ALA G 313 -15.28 68.67 17.03
N ARG G 314 -15.47 68.07 15.86
CA ARG G 314 -16.76 68.16 15.18
C ARG G 314 -17.84 67.43 15.97
N ASN G 315 -17.59 66.16 16.31
CA ASN G 315 -18.52 65.38 17.10
C ASN G 315 -18.34 65.54 18.60
N GLY G 316 -17.24 66.16 19.03
CA GLY G 316 -17.09 66.57 20.42
C GLY G 316 -16.60 65.51 21.38
N VAL G 317 -15.51 64.83 21.06
CA VAL G 317 -14.84 63.93 21.99
C VAL G 317 -13.60 64.64 22.51
N PRO G 318 -13.42 64.76 23.82
CA PRO G 318 -12.28 65.52 24.35
C PRO G 318 -10.99 64.74 24.26
N ILE G 319 -9.91 65.45 23.95
CA ILE G 319 -8.58 64.88 23.79
C ILE G 319 -7.74 65.35 24.97
N PHE G 320 -7.68 64.53 26.02
CA PHE G 320 -6.84 64.83 27.17
C PHE G 320 -5.41 64.38 26.91
N SER G 321 -4.46 65.09 27.55
CA SER G 321 -3.04 64.78 27.39
C SER G 321 -2.22 65.49 28.45
N PRO G 322 -2.00 64.89 29.61
CA PRO G 322 -1.11 65.51 30.60
C PRO G 322 0.35 65.49 30.19
N SER G 323 0.73 64.64 29.23
CA SER G 323 2.09 64.57 28.72
C SER G 323 2.31 65.48 27.52
N LEU G 324 1.42 66.47 27.30
CA LEU G 324 1.57 67.38 26.17
C LEU G 324 2.88 68.15 26.24
N THR G 325 3.32 68.47 27.46
CA THR G 325 4.55 69.23 27.64
C THR G 325 5.77 68.51 27.06
N ASP G 326 5.65 67.21 26.78
CA ASP G 326 6.70 66.44 26.12
C ASP G 326 6.15 65.98 24.77
N GLY G 327 6.22 66.86 23.78
CA GLY G 327 5.76 66.55 22.45
C GLY G 327 6.39 67.49 21.43
N ASP G 328 6.27 67.11 20.16
CA ASP G 328 6.86 67.89 19.08
C ASP G 328 6.32 69.32 19.03
N ILE G 329 5.10 69.55 19.53
CA ILE G 329 4.52 70.89 19.51
C ILE G 329 5.30 71.85 20.38
N MET G 330 6.04 71.36 21.38
CA MET G 330 6.77 72.25 22.25
C MET G 330 7.93 72.93 21.54
N GLU G 331 8.49 72.29 20.51
CA GLU G 331 9.55 72.91 19.74
C GLU G 331 9.09 74.22 19.12
N PHE G 332 7.81 74.31 18.73
CA PHE G 332 7.27 75.54 18.17
C PHE G 332 6.90 76.52 19.27
N ILE G 333 6.42 76.03 20.41
CA ILE G 333 6.06 76.92 21.51
C ILE G 333 7.30 77.63 22.05
N LEU G 334 8.42 76.90 22.14
CA LEU G 334 9.64 77.50 22.67
C LEU G 334 10.23 78.51 21.68
N THR G 335 10.42 78.09 20.43
CA THR G 335 11.05 78.97 19.44
C THR G 335 10.19 80.19 19.15
N ALA G 336 8.87 80.08 19.31
CA ALA G 336 8.03 81.26 19.19
C ALA G 336 8.22 82.20 20.38
N GLY G 337 8.79 81.71 21.48
CA GLY G 337 8.97 82.50 22.67
C GLY G 337 10.28 83.27 22.72
N ASP G 338 11.30 82.79 22.00
CA ASP G 338 12.57 83.50 21.97
C ASP G 338 12.54 84.77 21.13
N THR G 339 11.42 85.05 20.45
CA THR G 339 11.23 86.25 19.67
C THR G 339 10.52 87.35 20.45
N GLY G 340 10.62 87.32 21.78
CA GLY G 340 10.04 88.36 22.60
C GLY G 340 8.81 87.96 23.38
N VAL G 341 7.79 87.50 22.68
CA VAL G 341 6.50 87.18 23.30
C VAL G 341 6.67 86.07 24.33
N PRO G 342 5.90 86.06 25.41
CA PRO G 342 6.03 85.00 26.41
C PRO G 342 5.51 83.67 25.90
N LEU G 343 5.96 82.60 26.55
CA LEU G 343 5.47 81.27 26.24
C LEU G 343 3.98 81.16 26.57
N LEU G 344 3.34 80.16 25.98
CA LEU G 344 1.97 79.85 26.36
C LEU G 344 1.91 79.45 27.82
N GLN G 345 0.72 79.56 28.41
CA GLN G 345 0.50 79.21 29.80
C GLN G 345 -0.51 78.08 29.85
N LEU G 346 -0.04 76.87 30.15
CA LEU G 346 -0.90 75.71 30.20
C LEU G 346 -1.44 75.50 31.62
N ASP G 347 -2.54 74.76 31.70
CA ASP G 347 -3.14 74.36 32.97
C ASP G 347 -3.47 72.87 32.89
N LEU G 348 -3.11 72.14 33.94
CA LEU G 348 -3.38 70.72 34.02
C LEU G 348 -4.47 70.36 35.02
N VAL G 349 -4.82 71.27 35.94
CA VAL G 349 -5.88 70.98 36.89
C VAL G 349 -7.25 71.04 36.22
N ALA G 350 -7.36 71.73 35.09
CA ALA G 350 -8.65 71.79 34.39
C ALA G 350 -8.93 70.47 33.69
N ASP G 351 -7.89 69.83 33.14
CA ASP G 351 -8.09 68.55 32.46
C ASP G 351 -8.42 67.45 33.45
N ILE G 352 -7.68 67.37 34.55
CA ILE G 352 -7.94 66.32 35.54
C ILE G 352 -9.31 66.50 36.16
N HIS G 353 -9.79 67.74 36.24
CA HIS G 353 -11.13 67.98 36.77
C HIS G 353 -12.20 67.53 35.78
N ARG G 354 -12.05 67.89 34.50
CA ARG G 354 -13.03 67.50 33.49
C ARG G 354 -13.01 65.99 33.26
N LEU G 355 -11.82 65.38 33.28
CA LEU G 355 -11.73 63.94 33.04
C LEU G 355 -12.25 63.15 34.23
N ASN G 356 -11.75 63.44 35.43
CA ASN G 356 -12.20 62.70 36.62
C ASN G 356 -13.65 62.97 36.97
N ARG G 357 -14.28 64.00 36.39
CA ARG G 357 -15.69 64.23 36.59
C ARG G 357 -16.55 63.53 35.55
N LEU G 358 -16.07 63.43 34.32
CA LEU G 358 -16.78 62.64 33.31
C LEU G 358 -16.85 61.17 33.70
N ALA G 359 -15.81 60.67 34.38
CA ALA G 359 -15.82 59.28 34.82
C ALA G 359 -16.67 59.09 36.07
N MET G 360 -16.66 60.05 36.98
CA MET G 360 -17.39 59.90 38.24
C MET G 360 -18.89 59.84 38.01
N ARG G 361 -19.44 60.82 37.29
CA ARG G 361 -20.88 60.87 37.07
C ARG G 361 -21.37 59.90 36.00
N SER G 362 -20.50 59.10 35.40
CA SER G 362 -20.94 58.14 34.41
C SER G 362 -21.67 56.98 35.07
N ARG G 363 -22.71 56.50 34.40
CA ARG G 363 -23.47 55.36 34.89
C ARG G 363 -22.74 54.05 34.61
N ARG G 364 -22.33 53.85 33.35
CA ARG G 364 -21.63 52.66 32.92
C ARG G 364 -20.42 53.06 32.10
N THR G 365 -19.30 52.36 32.29
CA THR G 365 -18.04 52.79 31.68
C THR G 365 -17.32 51.60 31.04
N GLY G 366 -16.76 51.85 29.85
CA GLY G 366 -15.88 50.92 29.18
C GLY G 366 -14.51 51.54 28.97
N MET G 367 -13.50 50.70 28.76
CA MET G 367 -12.12 51.16 28.64
C MET G 367 -11.39 50.37 27.57
N MET G 368 -10.69 51.08 26.69
CA MET G 368 -9.87 50.44 25.65
C MET G 368 -8.55 51.20 25.57
N ILE G 369 -7.47 50.56 26.01
CA ILE G 369 -6.18 51.22 26.14
C ILE G 369 -5.22 50.59 25.13
N LEU G 370 -4.73 51.40 24.20
CA LEU G 370 -3.74 50.97 23.22
C LEU G 370 -2.36 51.36 23.74
N GLY G 371 -1.55 50.35 24.06
CA GLY G 371 -0.26 50.61 24.65
C GLY G 371 -0.34 50.84 26.15
N GLY G 372 0.77 51.33 26.69
CA GLY G 372 0.85 51.62 28.11
C GLY G 372 1.44 52.99 28.40
N GLY G 373 1.90 53.20 29.63
CA GLY G 373 2.54 54.44 30.00
C GLY G 373 1.60 55.45 30.61
N VAL G 374 1.76 56.72 30.22
CA VAL G 374 0.94 57.80 30.77
C VAL G 374 -0.53 57.55 30.48
N VAL G 375 -0.84 57.09 29.27
CA VAL G 375 -2.23 57.05 28.82
C VAL G 375 -3.02 55.99 29.58
N LYS G 376 -2.36 54.87 29.92
CA LYS G 376 -3.07 53.80 30.62
C LYS G 376 -3.48 54.22 32.02
N HIS G 377 -2.56 54.83 32.77
CA HIS G 377 -2.86 55.17 34.15
C HIS G 377 -3.86 56.32 34.24
N HIS G 378 -3.81 57.28 33.31
CA HIS G 378 -4.69 58.43 33.39
C HIS G 378 -6.15 58.01 33.24
N VAL G 379 -6.44 57.08 32.34
CA VAL G 379 -7.80 56.57 32.19
C VAL G 379 -8.18 55.73 33.40
N CYS G 380 -7.29 54.86 33.86
CA CYS G 380 -7.58 54.02 35.01
C CYS G 380 -7.73 54.84 36.28
N ASN G 381 -6.88 55.87 36.45
CA ASN G 381 -7.02 56.75 37.60
C ASN G 381 -8.26 57.61 37.49
N ALA G 382 -8.64 57.99 36.27
CA ALA G 382 -9.90 58.72 36.08
C ALA G 382 -11.08 57.91 36.56
N ASN G 383 -11.10 56.62 36.24
CA ASN G 383 -12.17 55.74 36.69
C ASN G 383 -12.05 55.36 38.16
N LEU G 384 -10.89 55.62 38.79
CA LEU G 384 -10.77 55.39 40.23
C LEU G 384 -11.76 56.25 41.01
N MET G 385 -12.06 57.45 40.50
CA MET G 385 -13.08 58.29 41.11
C MET G 385 -14.48 57.72 40.96
N ARG G 386 -14.65 56.69 40.13
CA ARG G 386 -15.92 56.00 39.95
C ARG G 386 -15.96 54.67 40.68
N ASN G 387 -14.96 54.39 41.53
CA ASN G 387 -14.84 53.11 42.24
C ASN G 387 -14.74 51.95 41.24
N GLY G 388 -14.04 52.19 40.14
CA GLY G 388 -13.74 51.14 39.18
C GLY G 388 -14.51 51.31 37.88
N ALA G 389 -13.90 50.80 36.81
CA ALA G 389 -14.56 50.74 35.52
C ALA G 389 -15.23 49.37 35.35
N ASP G 390 -16.16 49.31 34.40
CA ASP G 390 -16.95 48.09 34.22
C ASP G 390 -16.38 47.17 33.15
N TYR G 391 -15.83 47.73 32.08
CA TYR G 391 -15.22 46.94 31.01
C TYR G 391 -13.86 47.53 30.68
N ALA G 392 -12.93 46.66 30.28
CA ALA G 392 -11.57 47.10 29.97
C ALA G 392 -10.95 46.14 28.98
N VAL G 393 -10.22 46.68 28.01
CA VAL G 393 -9.45 45.91 27.05
C VAL G 393 -8.06 46.56 26.94
N PHE G 394 -7.03 45.82 27.32
CA PHE G 394 -5.65 46.31 27.29
C PHE G 394 -4.92 45.66 26.11
N LEU G 395 -4.58 46.48 25.12
CA LEU G 395 -3.88 46.04 23.92
C LEU G 395 -2.47 46.63 23.96
N ASN G 396 -1.59 46.00 24.73
CA ASN G 396 -0.18 46.38 24.72
C ASN G 396 0.71 45.14 24.62
N ASN G 397 2.03 45.36 24.72
CA ASN G 397 3.02 44.30 24.59
C ASN G 397 4.07 44.40 25.70
N ALA G 398 3.66 44.84 26.89
CA ALA G 398 4.58 44.98 28.01
C ALA G 398 4.54 43.75 28.90
N GLN G 399 5.55 43.62 29.75
CA GLN G 399 5.70 42.47 30.62
C GLN G 399 5.54 42.89 32.08
N GLU G 400 5.25 41.91 32.92
CA GLU G 400 4.87 42.16 34.31
C GLU G 400 6.05 42.17 35.26
N PHE G 401 7.16 41.52 34.90
CA PHE G 401 8.23 41.31 35.87
C PHE G 401 8.85 42.61 36.36
N ASP G 402 8.77 43.68 35.56
CA ASP G 402 9.29 44.96 36.00
C ASP G 402 8.34 45.71 36.92
N GLY G 403 7.10 45.24 37.06
CA GLY G 403 6.15 45.83 37.97
C GLY G 403 5.81 47.27 37.66
N SER G 404 5.56 47.57 36.39
CA SER G 404 5.21 48.91 35.95
C SER G 404 3.73 48.98 35.60
N ASP G 405 3.18 50.20 35.67
CA ASP G 405 1.79 50.41 35.31
C ASP G 405 1.54 50.27 33.81
N ALA G 406 2.57 49.99 33.01
CA ALA G 406 2.40 49.66 31.61
C ALA G 406 2.25 48.16 31.39
N GLY G 407 3.09 47.37 32.04
CA GLY G 407 3.01 45.92 32.02
C GLY G 407 2.13 45.32 33.09
N ALA G 408 1.35 46.13 33.79
CA ALA G 408 0.52 45.65 34.88
C ALA G 408 -0.59 44.75 34.35
N ARG G 409 -0.93 43.73 35.15
CA ARG G 409 -2.05 42.87 34.85
C ARG G 409 -3.36 43.63 35.05
N PRO G 410 -4.43 43.25 34.35
CA PRO G 410 -5.75 43.76 34.72
C PRO G 410 -6.09 43.58 36.18
N GLY G 411 -5.52 42.56 36.83
CA GLY G 411 -5.72 42.38 38.26
C GLY G 411 -5.14 43.53 39.07
N GLU G 412 -3.93 43.98 38.71
CA GLU G 412 -3.32 45.09 39.44
C GLU G 412 -4.21 46.33 39.44
N ALA G 413 -5.11 46.45 38.46
CA ALA G 413 -6.02 47.58 38.40
C ALA G 413 -7.15 47.45 39.41
N VAL G 414 -7.72 46.25 39.58
CA VAL G 414 -8.79 46.06 40.54
C VAL G 414 -8.29 46.13 41.97
N SER G 415 -6.98 45.95 42.19
CA SER G 415 -6.44 46.08 43.54
C SER G 415 -6.50 47.52 44.03
N TRP G 416 -6.27 48.48 43.13
CA TRP G 416 -6.39 49.89 43.49
C TRP G 416 -7.84 50.35 43.56
N GLY G 417 -8.72 49.67 42.83
CA GLY G 417 -10.06 50.17 42.60
C GLY G 417 -10.25 50.85 41.27
N LYS G 418 -9.27 50.78 40.38
CA LYS G 418 -9.42 51.37 39.04
C LYS G 418 -10.40 50.55 38.20
N LEU G 419 -10.40 49.23 38.38
CA LEU G 419 -11.39 48.34 37.79
C LEU G 419 -12.27 47.78 38.90
N ARG G 420 -13.55 47.60 38.58
CA ARG G 420 -14.48 47.09 39.58
C ARG G 420 -14.21 45.62 39.87
N LEU G 421 -14.78 45.15 40.99
CA LEU G 421 -14.70 43.73 41.33
C LEU G 421 -15.65 42.91 40.48
N ASP G 422 -16.78 43.50 40.06
CA ASP G 422 -17.71 42.87 39.13
C ASP G 422 -17.39 43.18 37.68
N SER G 423 -16.14 43.51 37.38
CA SER G 423 -15.74 43.92 36.04
C SER G 423 -15.27 42.73 35.23
N THR G 424 -15.36 42.87 33.90
CA THR G 424 -14.90 41.86 32.95
C THR G 424 -13.90 42.52 32.02
N ALA G 425 -12.67 42.03 32.02
CA ALA G 425 -11.59 42.63 31.24
C ALA G 425 -10.69 41.52 30.71
N VAL G 426 -9.76 41.93 29.83
CA VAL G 426 -8.79 41.00 29.25
C VAL G 426 -7.64 41.83 28.70
N LYS G 427 -6.44 41.27 28.79
CA LYS G 427 -5.24 41.86 28.20
C LYS G 427 -4.76 40.98 27.07
N VAL G 428 -4.47 41.58 25.92
CA VAL G 428 -4.02 40.86 24.74
C VAL G 428 -2.54 41.17 24.56
N TYR G 429 -1.68 40.25 24.99
CA TYR G 429 -0.23 40.42 24.85
C TYR G 429 0.15 40.30 23.38
N SER G 430 0.05 41.42 22.67
CA SER G 430 0.41 41.48 21.26
C SER G 430 0.53 42.93 20.84
N GLU G 431 1.34 43.19 19.81
CA GLU G 431 1.50 44.53 19.30
C GLU G 431 0.18 45.04 18.76
N VAL G 432 0.01 46.37 18.80
CA VAL G 432 -1.32 46.96 18.59
C VAL G 432 -1.74 46.86 17.13
N THR G 433 -0.84 47.19 16.20
CA THR G 433 -1.20 47.25 14.79
C THR G 433 -1.73 45.92 14.26
N ILE G 434 -1.49 44.82 14.96
CA ILE G 434 -2.03 43.53 14.54
C ILE G 434 -3.47 43.38 14.99
N VAL G 435 -3.79 43.83 16.20
CA VAL G 435 -5.04 43.49 16.85
C VAL G 435 -6.09 44.58 16.69
N PHE G 436 -5.69 45.85 16.84
CA PHE G 436 -6.67 46.94 16.83
C PHE G 436 -7.38 47.09 15.50
N PRO G 437 -6.73 47.00 14.33
CA PRO G 437 -7.50 47.01 13.07
C PRO G 437 -8.51 45.87 12.98
N LEU G 438 -8.19 44.71 13.53
CA LEU G 438 -9.16 43.62 13.55
C LEU G 438 -10.34 43.96 14.44
N ILE G 439 -10.08 44.54 15.61
CA ILE G 439 -11.15 44.83 16.56
C ILE G 439 -12.17 45.78 15.94
N VAL G 440 -11.70 46.88 15.36
CA VAL G 440 -12.63 47.88 14.82
C VAL G 440 -13.42 47.32 13.64
N VAL G 441 -12.75 46.57 12.76
CA VAL G 441 -13.44 46.06 11.58
C VAL G 441 -14.30 44.85 11.89
N HIS G 442 -14.10 44.22 13.05
CA HIS G 442 -14.86 43.03 13.39
C HIS G 442 -16.05 43.31 14.31
N VAL G 443 -15.97 44.33 15.16
CA VAL G 443 -17.06 44.56 16.10
C VAL G 443 -17.62 45.97 15.94
N PHE G 444 -16.79 46.93 15.55
CA PHE G 444 -17.24 48.31 15.51
C PHE G 444 -17.94 48.65 14.19
N VAL G 445 -17.27 48.43 13.06
CA VAL G 445 -17.90 48.70 11.78
C VAL G 445 -19.07 47.76 11.53
N ALA G 446 -19.11 46.61 12.18
CA ALA G 446 -20.26 45.72 12.03
C ALA G 446 -21.40 46.14 12.94
N TRP G 447 -21.11 46.76 14.08
CA TRP G 447 -22.16 47.18 14.99
C TRP G 447 -22.89 48.41 14.45
N VAL G 448 -22.14 49.39 13.92
CA VAL G 448 -22.78 50.55 13.32
C VAL G 448 -23.58 50.14 12.09
N ARG G 449 -23.11 49.11 11.36
CA ARG G 449 -23.88 48.61 10.23
C ARG G 449 -25.20 48.00 10.68
N MET G 450 -25.18 47.25 11.79
CA MET G 450 -26.40 46.67 12.31
C MET G 450 -27.38 47.74 12.77
N MET G 451 -26.88 48.76 13.49
CA MET G 451 -27.74 49.78 14.05
C MET G 451 -28.34 50.70 12.98
N ARG G 452 -27.80 50.68 11.77
CA ARG G 452 -28.34 51.47 10.66
C ARG G 452 -29.19 50.63 9.70
N SER G 453 -29.10 49.31 9.77
CA SER G 453 -29.97 48.44 8.99
C SER G 453 -31.24 48.11 9.77
N SER H 8 41.06 43.43 26.11
CA SER H 8 40.03 44.34 25.61
C SER H 8 39.36 43.77 24.37
N ARG H 9 38.15 44.27 24.09
CA ARG H 9 37.35 43.92 22.90
C ARG H 9 37.27 42.41 22.67
N VAL H 10 37.52 41.60 23.70
CA VAL H 10 37.50 40.15 23.58
C VAL H 10 36.92 39.56 24.86
N ILE H 11 36.21 38.45 24.71
CA ILE H 11 35.68 37.73 25.87
C ILE H 11 36.84 37.09 26.62
N GLY H 12 36.81 37.20 27.95
CA GLY H 12 37.89 36.71 28.78
C GLY H 12 37.59 35.36 29.42
N ASP H 13 38.60 34.83 30.09
CA ASP H 13 38.51 33.57 30.80
C ASP H 13 38.90 33.81 32.26
N LEU H 14 37.99 33.50 33.18
CA LEU H 14 38.18 33.76 34.60
C LEU H 14 38.25 32.43 35.34
N ASP H 15 39.39 32.16 35.97
CA ASP H 15 39.50 31.00 36.84
C ASP H 15 38.71 31.26 38.13
N TYR H 16 37.43 30.91 38.12
CA TYR H 16 36.59 31.11 39.31
C TYR H 16 37.16 30.41 40.53
N SER H 17 37.89 29.31 40.32
CA SER H 17 38.50 28.60 41.45
C SER H 17 39.54 29.47 42.16
N ASN H 18 40.16 30.40 41.44
CA ASN H 18 41.14 31.28 42.07
C ASN H 18 40.52 32.22 43.08
N LEU H 19 39.19 32.37 43.06
CA LEU H 19 38.49 33.20 44.03
C LEU H 19 38.41 32.55 45.41
N LEU H 20 38.84 31.29 45.55
CA LEU H 20 38.71 30.61 46.83
C LEU H 20 39.72 31.12 47.85
N ASN H 21 40.88 31.59 47.41
CA ASN H 21 41.90 32.07 48.33
C ASN H 21 41.78 33.57 48.61
N ILE H 22 41.44 34.36 47.59
CA ILE H 22 41.30 35.79 47.80
C ILE H 22 39.93 36.11 48.41
N GLY H 23 39.85 37.27 49.06
CA GLY H 23 38.71 37.56 49.92
C GLY H 23 37.39 37.54 49.18
N GLN H 24 36.32 37.33 49.97
CA GLN H 24 34.98 37.22 49.40
C GLN H 24 34.50 38.54 48.83
N GLU H 25 34.73 39.64 49.55
CA GLU H 25 34.36 40.96 49.03
C GLU H 25 35.11 41.25 47.74
N GLU H 26 36.41 40.98 47.71
CA GLU H 26 37.18 41.18 46.48
C GLU H 26 36.78 40.17 45.41
N ALA H 27 36.33 38.98 45.80
CA ALA H 27 35.89 37.99 44.83
C ALA H 27 34.69 38.48 44.04
N ILE H 28 33.66 38.96 44.73
CA ILE H 28 32.49 39.52 44.05
C ILE H 28 32.88 40.74 43.24
N ARG H 29 33.88 41.50 43.69
CA ARG H 29 34.31 42.67 42.95
C ARG H 29 35.08 42.29 41.69
N CYS H 30 35.89 41.23 41.75
CA CYS H 30 36.67 40.84 40.59
C CYS H 30 35.77 40.33 39.47
N VAL H 31 34.70 39.60 39.82
CA VAL H 31 33.79 39.12 38.79
C VAL H 31 33.02 40.27 38.16
N LEU H 32 32.49 41.17 39.00
CA LEU H 32 31.84 42.37 38.48
C LEU H 32 32.81 43.23 37.69
N ASN H 33 34.10 43.20 38.05
CA ASN H 33 35.11 43.91 37.28
C ASN H 33 35.38 43.23 35.94
N ALA H 34 35.11 41.93 35.84
CA ALA H 34 35.23 41.19 34.59
C ALA H 34 33.96 41.23 33.75
N TYR H 35 32.93 41.91 34.24
CA TYR H 35 31.67 41.96 33.49
C TYR H 35 31.81 42.57 32.09
N PRO H 36 32.64 43.58 31.82
CA PRO H 36 32.80 44.05 30.44
C PRO H 36 33.28 42.97 29.47
N ASN H 37 33.83 41.87 29.97
CA ASN H 37 34.37 40.82 29.12
C ASN H 37 33.68 39.48 29.33
N ILE H 38 32.55 39.45 30.05
CA ILE H 38 31.78 38.23 30.20
C ILE H 38 31.17 37.89 28.85
N GLY H 39 30.24 38.72 28.39
CA GLY H 39 29.61 38.54 27.10
C GLY H 39 28.15 38.97 27.13
N LEU H 40 27.69 39.51 25.99
CA LEU H 40 26.29 39.89 25.76
C LEU H 40 25.90 40.99 26.75
N GLU H 41 24.78 40.88 27.45
CA GLU H 41 24.27 41.94 28.30
C GLU H 41 25.03 42.06 29.62
N ALA H 42 25.99 41.18 29.88
CA ALA H 42 26.92 41.42 30.99
C ALA H 42 28.03 42.39 30.57
N THR H 43 28.44 42.31 29.30
CA THR H 43 29.36 43.31 28.76
C THR H 43 28.73 44.70 28.80
N ASN H 44 27.45 44.79 28.45
CA ASN H 44 26.75 46.08 28.48
C ASN H 44 26.71 46.63 29.90
N LEU H 45 26.49 45.77 30.90
CA LEU H 45 26.49 46.23 32.28
C LEU H 45 27.87 46.74 32.67
N GLY H 46 28.93 46.07 32.22
CA GLY H 46 30.28 46.52 32.53
C GLY H 46 30.58 47.87 31.92
N ARG H 47 30.22 48.06 30.65
CA ARG H 47 30.43 49.36 30.00
C ARG H 47 29.65 50.45 30.69
N ALA H 48 28.40 50.16 31.09
CA ALA H 48 27.60 51.15 31.79
C ALA H 48 28.22 51.53 33.12
N ARG H 49 28.72 50.53 33.87
CA ARG H 49 29.33 50.82 35.17
C ARG H 49 30.58 51.68 35.01
N ARG H 50 31.40 51.39 34.00
CA ARG H 50 32.58 52.22 33.76
C ARG H 50 32.19 53.66 33.43
N ILE H 51 31.04 53.86 32.80
CA ILE H 51 30.58 55.20 32.49
C ILE H 51 29.94 55.86 33.70
N VAL H 52 29.09 55.11 34.42
CA VAL H 52 28.39 55.68 35.56
C VAL H 52 29.35 56.03 36.69
N GLN H 53 30.31 55.15 36.97
CA GLN H 53 31.26 55.41 38.04
C GLN H 53 32.12 56.64 37.74
N ARG H 54 32.65 56.71 36.52
CA ARG H 54 33.43 57.88 36.12
C ARG H 54 32.58 59.15 36.16
N ALA H 55 31.28 59.02 35.92
CA ALA H 55 30.39 60.18 35.96
C ALA H 55 30.17 60.63 37.40
N LEU H 56 29.66 59.74 38.25
CA LEU H 56 29.33 60.11 39.63
C LEU H 56 30.52 60.64 40.40
N ASN H 57 31.74 60.30 40.00
CA ASN H 57 32.93 60.79 40.68
C ASN H 57 33.44 62.09 40.09
N ASP H 58 33.54 62.16 38.76
CA ASP H 58 34.03 63.37 38.11
C ASP H 58 32.97 64.46 38.07
N ASN H 59 31.72 64.09 37.81
CA ASN H 59 30.67 65.06 37.54
C ASN H 59 29.93 65.49 38.80
N GLY H 60 30.50 65.28 39.98
CA GLY H 60 29.93 65.87 41.18
C GLY H 60 29.87 67.38 41.10
N MET H 61 31.03 68.01 40.85
CA MET H 61 31.11 69.43 40.53
C MET H 61 32.48 69.75 39.92
N ASP H 62 32.63 69.46 38.62
CA ASP H 62 33.89 69.71 37.93
C ASP H 62 33.58 70.14 36.50
N GLY H 63 32.92 71.30 36.38
CA GLY H 63 32.41 71.72 35.08
C GLY H 63 31.56 70.65 34.42
N ASN H 64 30.78 69.93 35.22
CA ASN H 64 30.19 68.67 34.79
C ASN H 64 28.83 68.52 35.46
N LYS H 65 27.96 67.72 34.85
CA LYS H 65 26.63 67.49 35.36
C LYS H 65 26.19 66.07 35.05
N VAL H 66 25.54 65.44 36.03
CA VAL H 66 24.91 64.13 35.87
C VAL H 66 23.42 64.30 36.10
N MET H 67 22.62 63.84 35.15
CA MET H 67 21.17 63.99 35.20
C MET H 67 20.52 62.62 35.23
N LEU H 68 19.65 62.40 36.21
CA LEU H 68 19.03 61.11 36.45
C LEU H 68 17.58 61.13 35.98
N ALA H 69 17.20 60.15 35.17
CA ALA H 69 15.83 59.97 34.72
C ALA H 69 15.38 58.58 35.13
N TYR H 70 14.50 58.50 36.13
CA TYR H 70 13.99 57.24 36.62
C TYR H 70 12.48 57.18 36.44
N THR H 71 11.95 55.97 36.28
CA THR H 71 10.52 55.75 36.18
C THR H 71 9.90 55.62 37.57
N SER H 72 8.57 55.58 37.61
CA SER H 72 7.86 55.65 38.88
C SER H 72 7.89 54.33 39.64
N ASN H 73 8.00 53.20 38.94
CA ASN H 73 7.99 51.91 39.62
C ASN H 73 9.22 51.73 40.49
N LEU H 74 10.38 52.26 40.04
CA LEU H 74 11.62 52.08 40.78
C LEU H 74 11.62 52.82 42.12
N ILE H 75 10.74 53.81 42.29
CA ILE H 75 10.66 54.49 43.58
C ILE H 75 9.81 53.69 44.56
N SER H 76 8.78 53.01 44.07
CA SER H 76 8.05 52.06 44.92
C SER H 76 8.99 50.98 45.44
N SER H 77 10.01 50.64 44.66
CA SER H 77 11.02 49.66 45.06
C SER H 77 12.00 50.33 46.03
N GLY H 78 13.06 49.62 46.38
CA GLY H 78 14.06 50.16 47.28
C GLY H 78 15.08 51.08 46.65
N LEU H 79 15.05 51.22 45.32
CA LEU H 79 16.04 52.06 44.65
C LEU H 79 15.92 53.53 45.03
N ARG H 80 14.76 53.95 45.57
CA ARG H 80 14.63 55.34 46.00
C ARG H 80 15.63 55.69 47.09
N ASP H 81 15.93 54.72 47.96
CA ASP H 81 16.96 54.94 48.98
C ASP H 81 18.32 55.14 48.34
N THR H 82 18.65 54.32 47.34
CA THR H 82 19.90 54.48 46.63
C THR H 82 19.93 55.79 45.85
N PHE H 83 18.79 56.19 45.29
CA PHE H 83 18.72 57.46 44.57
C PHE H 83 18.93 58.63 45.54
N ALA H 84 18.39 58.53 46.75
CA ALA H 84 18.56 59.59 47.73
C ALA H 84 20.03 59.82 48.05
N CYS H 85 20.81 58.75 48.16
CA CYS H 85 22.24 58.89 48.39
C CYS H 85 22.92 59.66 47.27
N LEU H 86 22.41 59.53 46.05
CA LEU H 86 22.99 60.24 44.92
C LEU H 86 22.69 61.74 44.99
N ALA H 87 21.46 62.09 45.37
CA ALA H 87 21.11 63.50 45.51
C ALA H 87 21.60 64.09 46.83
N ARG H 88 21.73 63.25 47.86
CA ARG H 88 22.26 63.72 49.14
C ARG H 88 23.70 64.21 48.99
N GLU H 89 24.49 63.49 48.20
CA GLU H 89 25.89 63.84 47.98
C GLU H 89 26.08 64.89 46.88
N ASN H 90 24.99 65.47 46.39
CA ASN H 90 25.04 66.49 45.33
C ASN H 90 25.77 65.95 44.08
N ARG H 91 25.56 64.67 43.78
CA ARG H 91 26.14 64.06 42.60
C ARG H 91 25.20 64.04 41.41
N ILE H 92 23.91 64.26 41.63
CA ILE H 92 22.92 64.38 40.57
C ILE H 92 22.71 65.86 40.30
N GLY H 93 22.68 66.23 39.01
CA GLY H 93 22.47 67.61 38.65
C GLY H 93 21.02 67.95 38.38
N ALA H 94 20.24 66.98 37.92
CA ALA H 94 18.84 67.19 37.59
C ALA H 94 18.11 65.86 37.64
N VAL H 95 16.83 65.93 37.99
CA VAL H 95 15.97 64.76 38.12
C VAL H 95 14.73 64.99 37.26
N VAL H 96 14.36 63.97 36.48
CA VAL H 96 13.20 64.03 35.59
C VAL H 96 12.41 62.74 35.74
N THR H 97 11.25 62.81 36.38
CA THR H 97 10.41 61.63 36.57
C THR H 97 8.95 62.04 36.50
N THR H 98 8.09 61.04 36.31
CA THR H 98 6.66 61.27 36.37
C THR H 98 6.22 61.41 37.82
N ALA H 99 4.97 61.85 38.01
CA ALA H 99 4.52 62.25 39.34
C ALA H 99 4.72 61.14 40.37
N GLY H 100 4.57 59.89 39.94
CA GLY H 100 4.78 58.78 40.87
C GLY H 100 6.16 58.75 41.49
N GLY H 101 7.19 59.10 40.70
CA GLY H 101 8.53 59.23 41.25
C GLY H 101 8.66 60.32 42.28
N VAL H 102 7.74 61.28 42.28
CA VAL H 102 7.71 62.32 43.32
C VAL H 102 6.79 61.92 44.46
N GLU H 103 5.60 61.40 44.12
CA GLU H 103 4.59 61.04 45.11
C GLU H 103 5.11 60.02 46.11
N GLU H 104 5.36 58.79 45.64
CA GLU H 104 5.72 57.70 46.54
C GLU H 104 7.03 57.95 47.27
N ASP H 105 7.90 58.82 46.75
CA ASP H 105 9.09 59.21 47.50
C ASP H 105 8.69 59.99 48.75
N VAL H 106 7.67 60.84 48.65
CA VAL H 106 7.16 61.54 49.82
C VAL H 106 6.28 60.60 50.66
N ILE H 107 5.60 59.65 50.01
CA ILE H 107 4.72 58.73 50.73
C ILE H 107 5.49 57.95 51.77
N LYS H 108 6.61 57.36 51.37
CA LYS H 108 7.36 56.45 52.23
C LYS H 108 8.08 57.17 53.39
N CYS H 109 7.81 58.46 53.58
CA CYS H 109 8.10 59.14 54.84
C CYS H 109 6.89 59.19 55.75
N LEU H 110 5.69 58.96 55.20
CA LEU H 110 4.45 58.93 55.95
C LEU H 110 3.94 57.51 56.18
N GLY H 111 4.75 56.51 55.86
CA GLY H 111 4.33 55.14 55.95
C GLY H 111 5.36 54.25 55.27
N ASP H 112 5.00 52.98 55.14
CA ASP H 112 5.89 51.97 54.59
C ASP H 112 5.27 51.28 53.39
N THR H 113 6.10 50.98 52.41
CA THR H 113 5.75 50.06 51.33
C THR H 113 6.28 48.67 51.70
N LEU H 114 5.46 47.65 51.46
CA LEU H 114 5.77 46.30 51.88
C LEU H 114 5.96 45.41 50.66
N VAL H 115 6.75 44.35 50.84
CA VAL H 115 6.98 43.37 49.79
C VAL H 115 5.87 42.34 49.82
N GLY H 116 5.48 41.86 48.64
CA GLY H 116 4.45 40.84 48.54
C GLY H 116 4.79 39.81 47.50
N ASP H 117 3.93 39.64 46.51
CA ASP H 117 4.16 38.71 45.41
C ASP H 117 3.19 39.03 44.29
N PHE H 118 3.61 38.73 43.06
CA PHE H 118 2.74 38.95 41.90
C PHE H 118 1.48 38.09 41.97
N ALA H 119 1.55 36.95 42.65
CA ALA H 119 0.45 36.00 42.68
C ALA H 119 -0.68 36.41 43.60
N LEU H 120 -0.49 37.44 44.43
CA LEU H 120 -1.51 37.84 45.39
C LEU H 120 -2.83 38.15 44.69
N ASN H 121 -3.91 37.61 45.23
CA ASN H 121 -5.24 37.85 44.69
C ASN H 121 -5.59 39.32 44.84
N ASP H 122 -5.85 39.99 43.71
CA ASP H 122 -6.07 41.44 43.73
C ASP H 122 -7.44 41.79 44.30
N HIS H 123 -8.43 40.91 44.14
CA HIS H 123 -9.73 41.16 44.74
C HIS H 123 -9.64 41.18 46.27
N ALA H 124 -8.84 40.27 46.84
CA ALA H 124 -8.67 40.26 48.28
C ALA H 124 -7.81 41.44 48.75
N LEU H 125 -6.83 41.84 47.93
CA LEU H 125 -6.03 43.01 48.26
C LEU H 125 -6.89 44.27 48.35
N ARG H 126 -7.84 44.41 47.42
CA ARG H 126 -8.74 45.56 47.47
C ARG H 126 -9.60 45.52 48.72
N ASN H 127 -10.19 44.36 49.01
CA ASN H 127 -11.04 44.21 50.19
C ASN H 127 -10.25 44.33 51.49
N ASN H 128 -8.92 44.18 51.43
CA ASN H 128 -8.07 44.38 52.60
C ASN H 128 -7.42 45.76 52.62
N GLY H 129 -7.74 46.62 51.66
CA GLY H 129 -7.17 47.96 51.63
C GLY H 129 -5.70 48.00 51.27
N LEU H 130 -5.28 47.20 50.30
CA LEU H 130 -3.88 47.12 49.89
C LEU H 130 -3.79 47.33 48.38
N ASN H 131 -2.91 48.24 47.97
CA ASN H 131 -2.69 48.54 46.56
C ASN H 131 -1.42 47.84 46.10
N ARG H 132 -1.49 47.16 44.96
CA ARG H 132 -0.41 46.32 44.47
C ARG H 132 0.42 47.07 43.44
N VAL H 133 1.74 47.05 43.62
CA VAL H 133 2.67 47.55 42.62
C VAL H 133 3.59 46.40 42.23
N GLY H 134 3.12 45.57 41.29
CA GLY H 134 3.85 44.38 40.92
C GLY H 134 3.86 43.36 42.04
N ASN H 135 5.00 43.20 42.71
CA ASN H 135 5.11 42.34 43.88
C ASN H 135 5.24 43.14 45.16
N LEU H 136 4.84 44.40 45.14
CA LEU H 136 4.89 45.29 46.29
C LEU H 136 3.47 45.69 46.68
N LEU H 137 3.35 46.23 47.90
CA LEU H 137 2.05 46.60 48.44
C LEU H 137 2.14 47.97 49.09
N VAL H 138 1.17 48.83 48.79
CA VAL H 138 1.05 50.14 49.42
C VAL H 138 -0.30 50.24 50.10
N PRO H 139 -0.36 50.30 51.43
CA PRO H 139 -1.65 50.38 52.12
C PRO H 139 -2.36 51.69 51.81
N ASN H 140 -3.70 51.64 51.86
CA ASN H 140 -4.50 52.82 51.62
C ASN H 140 -4.24 53.91 52.66
N ASP H 141 -3.82 53.51 53.86
CA ASP H 141 -3.57 54.50 54.91
C ASP H 141 -2.40 55.40 54.56
N ASN H 142 -1.48 54.93 53.71
CA ASN H 142 -0.38 55.77 53.27
C ASN H 142 -0.88 56.97 52.49
N TYR H 143 -1.84 56.76 51.59
CA TYR H 143 -2.40 57.85 50.80
C TYR H 143 -3.38 58.70 51.60
N ARG H 144 -3.96 58.15 52.66
CA ARG H 144 -4.76 58.99 53.57
C ARG H 144 -3.87 59.94 54.36
N ASN H 145 -2.66 59.50 54.71
CA ASN H 145 -1.69 60.42 55.32
C ASN H 145 -1.14 61.41 54.30
N PHE H 146 -0.99 60.98 53.05
CA PHE H 146 -0.59 61.90 51.99
C PHE H 146 -1.65 62.97 51.78
N GLU H 147 -2.93 62.60 51.93
CA GLU H 147 -4.00 63.58 51.84
C GLU H 147 -3.87 64.63 52.94
N ASP H 148 -3.52 64.20 54.15
CA ASP H 148 -3.31 65.14 55.25
C ASP H 148 -2.07 66.01 55.03
N PHE H 149 -1.11 65.55 54.23
CA PHE H 149 0.12 66.30 54.01
C PHE H 149 0.03 67.20 52.78
N PHE H 150 -0.62 66.73 51.71
CA PHE H 150 -0.58 67.44 50.44
C PHE H 150 -1.71 68.44 50.26
N VAL H 151 -2.90 68.15 50.80
CA VAL H 151 -4.01 69.10 50.69
C VAL H 151 -3.68 70.44 51.32
N PRO H 152 -3.05 70.52 52.50
CA PRO H 152 -2.65 71.85 53.00
C PRO H 152 -1.69 72.58 52.07
N LEU H 153 -0.72 71.88 51.50
CA LEU H 153 0.24 72.53 50.61
C LEU H 153 -0.44 73.07 49.36
N LEU H 154 -1.48 72.39 48.87
CA LEU H 154 -2.22 72.92 47.73
C LEU H 154 -2.91 74.23 48.09
N ARG H 155 -3.43 74.34 49.32
CA ARG H 155 -4.02 75.59 49.76
C ARG H 155 -2.96 76.69 49.85
N ARG H 156 -1.79 76.35 50.39
CA ARG H 156 -0.70 77.34 50.46
C ARG H 156 -0.31 77.82 49.06
N LEU H 157 -0.20 76.89 48.11
CA LEU H 157 0.16 77.27 46.75
C LEU H 157 -0.95 78.06 46.07
N HIS H 158 -2.21 77.74 46.37
CA HIS H 158 -3.32 78.47 45.76
C HIS H 158 -3.28 79.94 46.17
N GLU H 159 -3.09 80.21 47.46
CA GLU H 159 -2.91 81.59 47.89
C GLU H 159 -1.65 82.18 47.29
N GLN H 160 -0.56 81.41 47.25
CA GLN H 160 0.71 81.94 46.75
C GLN H 160 0.62 82.27 45.27
N GLN H 161 -0.11 81.47 44.50
CA GLN H 161 -0.32 81.79 43.08
C GLN H 161 -1.28 82.96 42.92
N ARG H 162 -2.38 82.94 43.66
CA ARG H 162 -3.38 84.00 43.55
C ARG H 162 -2.87 85.31 44.11
N ASP H 163 -1.94 85.26 45.07
CA ASP H 163 -1.42 86.49 45.66
C ASP H 163 -0.50 87.23 44.68
N SER H 164 0.14 86.51 43.75
CA SER H 164 1.03 87.12 42.77
C SER H 164 0.53 86.93 41.34
N ARG H 165 -0.76 86.64 41.17
CA ARG H 165 -1.41 86.57 39.85
C ARG H 165 -0.79 85.47 38.98
N TRP H 166 -0.85 84.24 39.50
CA TRP H 166 -0.55 83.01 38.75
C TRP H 166 0.74 83.13 37.94
N THR H 167 1.83 83.51 38.62
CA THR H 167 3.11 83.61 37.90
C THR H 167 4.33 83.45 38.81
N THR H 168 4.19 82.85 39.99
CA THR H 168 5.33 82.66 40.88
C THR H 168 5.63 81.19 41.12
N LYS H 169 4.63 80.39 41.50
CA LYS H 169 4.83 78.96 41.81
C LYS H 169 3.84 78.16 40.96
N THR H 170 4.07 78.16 39.64
CA THR H 170 3.14 77.53 38.71
C THR H 170 3.69 76.28 38.04
N THR H 171 5.03 76.11 37.98
CA THR H 171 5.58 74.97 37.27
C THR H 171 5.87 73.82 38.23
N PRO H 172 5.90 72.59 37.74
CA PRO H 172 6.25 71.46 38.61
C PRO H 172 7.60 71.60 39.30
N SER H 173 8.54 72.33 38.69
CA SER H 173 9.85 72.51 39.31
C SER H 173 9.73 73.17 40.67
N GLN H 174 9.08 74.33 40.73
CA GLN H 174 8.91 75.04 41.99
C GLN H 174 8.03 74.25 42.96
N ILE H 175 7.00 73.59 42.44
CA ILE H 175 6.10 72.83 43.30
C ILE H 175 6.84 71.70 43.98
N ILE H 176 7.60 70.91 43.22
CA ILE H 176 8.37 69.82 43.80
C ILE H 176 9.43 70.35 44.75
N ALA H 177 10.00 71.52 44.45
CA ALA H 177 10.99 72.11 45.35
C ALA H 177 10.36 72.48 46.69
N GLU H 178 9.15 73.05 46.66
CA GLU H 178 8.47 73.39 47.90
C GLU H 178 7.81 72.18 48.57
N ILE H 179 7.62 71.10 47.84
CA ILE H 179 7.18 69.85 48.47
C ILE H 179 8.25 69.32 49.41
N GLY H 180 9.51 69.35 48.98
CA GLY H 180 10.60 68.96 49.85
C GLY H 180 10.78 69.91 51.02
N ALA H 181 10.55 71.21 50.79
CA ALA H 181 10.60 72.18 51.88
C ALA H 181 9.48 71.95 52.88
N ALA H 182 8.27 71.72 52.38
CA ALA H 182 7.16 71.40 53.28
C ALA H 182 7.39 70.09 54.00
N LEU H 183 8.03 69.13 53.36
CA LEU H 183 8.36 67.87 54.02
C LEU H 183 9.40 68.09 55.13
N GLU H 184 10.30 69.06 54.94
CA GLU H 184 11.24 69.42 55.99
C GLU H 184 10.52 70.01 57.19
N SER H 185 9.46 70.79 56.94
CA SER H 185 8.74 71.44 58.03
C SER H 185 7.79 70.48 58.72
N VAL H 186 6.98 69.75 57.96
CA VAL H 186 5.96 68.89 58.54
C VAL H 186 6.60 67.73 59.29
N ARG H 187 7.49 67.00 58.63
CA ARG H 187 8.11 65.80 59.19
C ARG H 187 9.62 65.95 59.13
N PRO H 188 10.21 66.61 60.13
CA PRO H 188 11.68 66.81 60.12
C PRO H 188 12.47 65.54 60.37
N ASN H 189 11.82 64.43 60.71
CA ASN H 189 12.53 63.20 61.02
C ASN H 189 12.84 62.40 59.75
N ASP H 190 11.81 61.85 59.13
CA ASP H 190 11.98 60.95 57.99
C ASP H 190 12.38 61.65 56.71
N CYS H 191 12.41 62.99 56.70
CA CYS H 191 12.71 63.71 55.46
C CYS H 191 14.11 63.43 54.95
N GLY H 192 15.01 62.95 55.80
CA GLY H 192 16.37 62.66 55.36
C GLY H 192 16.48 61.46 54.42
N SER H 193 15.45 60.63 54.35
CA SER H 193 15.47 59.43 53.52
C SER H 193 14.67 59.59 52.23
N SER H 194 14.28 60.80 51.88
CA SER H 194 13.49 61.04 50.67
C SER H 194 14.33 61.77 49.64
N LEU H 195 14.12 61.43 48.37
CA LEU H 195 14.90 62.01 47.28
C LEU H 195 14.52 63.47 47.05
N ILE H 196 13.23 63.79 47.16
CA ILE H 196 12.76 65.16 46.88
C ILE H 196 13.33 66.14 47.90
N TYR H 197 13.51 65.70 49.14
CA TYR H 197 14.02 66.60 50.19
C TYR H 197 15.43 67.06 49.87
N TRP H 198 16.32 66.13 49.51
CA TRP H 198 17.69 66.51 49.20
C TRP H 198 17.77 67.33 47.92
N CYS H 199 16.89 67.06 46.96
CA CYS H 199 16.84 67.90 45.76
C CYS H 199 16.47 69.34 46.11
N TYR H 200 15.75 69.55 47.20
CA TYR H 200 15.43 70.90 47.66
C TYR H 200 16.64 71.56 48.34
N ARG H 201 17.26 70.87 49.30
CA ARG H 201 18.37 71.46 50.02
C ARG H 201 19.61 71.57 49.13
N ASN H 202 19.93 70.52 48.38
CA ASN H 202 21.10 70.55 47.49
C ASN H 202 20.84 71.34 46.22
N ASP H 203 19.64 71.89 46.05
CA ASP H 203 19.30 72.73 44.89
C ASP H 203 19.43 71.94 43.59
N ILE H 204 18.64 70.89 43.49
CA ILE H 204 18.58 70.02 42.31
C ILE H 204 17.17 70.11 41.75
N PRO H 205 16.99 70.62 40.53
CA PRO H 205 15.63 70.76 39.98
C PRO H 205 15.06 69.40 39.59
N VAL H 206 13.81 69.17 39.97
CA VAL H 206 13.07 67.97 39.61
C VAL H 206 12.00 68.36 38.61
N PHE H 207 12.00 67.70 37.46
CA PHE H 207 11.09 68.01 36.37
C PHE H 207 10.06 66.89 36.22
N SER H 208 8.80 67.27 36.12
CA SER H 208 7.69 66.32 36.09
C SER H 208 6.58 66.89 35.22
N PRO H 209 6.68 66.74 33.90
CA PRO H 209 5.74 67.44 33.02
C PRO H 209 4.34 66.85 33.04
N ALA H 210 4.19 65.55 33.30
CA ALA H 210 2.87 64.94 33.46
C ALA H 210 2.53 64.87 34.95
N PHE H 211 2.24 66.04 35.50
CA PHE H 211 2.14 66.20 36.95
C PHE H 211 0.85 65.65 37.51
N THR H 212 -0.28 65.93 36.86
CA THR H 212 -1.58 65.52 37.38
C THR H 212 -1.88 64.04 37.19
N ASP H 213 -0.99 63.29 36.54
CA ASP H 213 -1.20 61.86 36.33
C ASP H 213 -0.63 61.12 37.54
N GLY H 214 -1.47 60.89 38.53
CA GLY H 214 -1.06 60.21 39.75
C GLY H 214 -1.94 60.63 40.91
N SER H 215 -1.50 60.22 42.11
CA SER H 215 -2.25 60.57 43.32
C SER H 215 -2.27 62.06 43.57
N MET H 216 -1.24 62.79 43.13
CA MET H 216 -1.24 64.23 43.27
C MET H 216 -2.40 64.86 42.50
N GLY H 217 -2.67 64.36 41.29
CA GLY H 217 -3.81 64.84 40.54
C GLY H 217 -5.13 64.55 41.23
N ASP H 218 -5.20 63.44 41.96
CA ASP H 218 -6.41 63.12 42.72
C ASP H 218 -6.60 64.08 43.89
N MET H 219 -5.51 64.39 44.60
CA MET H 219 -5.59 65.41 45.65
C MET H 219 -5.93 66.77 45.06
N ILE H 220 -5.35 67.11 43.91
CA ILE H 220 -5.70 68.34 43.22
C ILE H 220 -7.16 68.29 42.76
N TYR H 221 -7.64 67.10 42.38
CA TYR H 221 -9.04 66.97 41.98
C TYR H 221 -9.98 67.20 43.16
N PHE H 222 -9.64 66.66 44.33
CA PHE H 222 -10.46 66.88 45.53
C PHE H 222 -10.37 68.32 46.00
N TYR H 223 -9.19 68.95 45.85
CA TYR H 223 -9.05 70.34 46.29
C TYR H 223 -9.74 71.29 45.33
N ASN H 224 -9.48 71.14 44.03
CA ASN H 224 -10.06 72.02 43.02
C ASN H 224 -11.58 71.87 42.97
N LYS H 228 -11.73 76.42 43.09
CA LYS H 228 -11.09 76.54 41.79
C LYS H 228 -10.10 77.69 41.78
N GLY H 229 -8.93 77.48 41.14
CA GLY H 229 -7.97 78.55 41.02
C GLY H 229 -6.53 78.12 40.81
N LEU H 230 -6.16 76.95 41.33
CA LEU H 230 -4.78 76.48 41.20
C LEU H 230 -4.45 76.20 39.74
N VAL H 231 -3.17 76.37 39.39
CA VAL H 231 -2.69 76.17 38.03
C VAL H 231 -1.37 75.41 38.09
N VAL H 232 -1.19 74.48 37.16
CA VAL H 232 0.07 73.75 36.99
C VAL H 232 0.51 73.97 35.55
N ASP H 233 1.50 74.82 35.34
CA ASP H 233 1.99 75.17 34.00
C ASP H 233 3.36 74.55 33.80
N PRO H 234 3.47 73.46 33.04
CA PRO H 234 4.76 72.76 32.91
C PRO H 234 5.62 73.20 31.73
N VAL H 235 5.15 74.12 30.88
CA VAL H 235 5.94 74.52 29.71
C VAL H 235 7.19 75.33 30.07
N PRO H 236 7.24 76.10 31.17
CA PRO H 236 8.52 76.77 31.48
C PRO H 236 9.58 75.81 31.99
N ASP H 237 9.19 74.63 32.47
CA ASP H 237 10.16 73.61 32.86
C ASP H 237 10.95 73.08 31.69
N VAL H 238 10.40 73.15 30.48
CA VAL H 238 11.15 72.71 29.30
C VAL H 238 12.26 73.71 28.98
N ARG H 239 11.93 75.00 28.99
CA ARG H 239 12.96 76.02 28.84
C ARG H 239 13.99 75.93 29.96
N ARG H 240 13.53 75.64 31.17
CA ARG H 240 14.46 75.48 32.30
C ARG H 240 15.36 74.26 32.11
N LEU H 241 14.79 73.14 31.65
CA LEU H 241 15.61 71.95 31.42
C LEU H 241 16.61 72.17 30.29
N ARG H 242 16.20 72.88 29.24
CA ARG H 242 17.15 73.20 28.17
C ARG H 242 18.22 74.16 28.66
N GLN H 243 17.83 75.15 29.46
CA GLN H 243 18.79 76.11 29.99
C GLN H 243 19.82 75.47 30.91
N LEU H 244 19.50 74.34 31.52
CA LEU H 244 20.42 73.65 32.40
C LEU H 244 21.19 72.53 31.73
N GLY H 245 20.85 72.17 30.50
CA GLY H 245 21.55 71.13 29.79
C GLY H 245 22.00 71.54 28.41
N CYS H 246 22.67 72.69 28.32
CA CYS H 246 23.14 73.23 27.05
C CYS H 246 24.66 73.24 27.01
N LYS H 247 25.21 73.26 25.80
CA LYS H 247 26.66 73.28 25.60
C LYS H 247 27.13 74.72 25.66
N SER H 248 27.21 75.24 26.88
CA SER H 248 27.68 76.61 27.08
C SER H 248 29.19 76.69 27.10
N THR H 249 29.85 75.76 27.78
CA THR H 249 31.30 75.77 27.88
C THR H 249 31.90 74.56 27.16
N GLY H 252 31.93 70.60 29.12
CA GLY H 252 30.58 70.12 29.41
C GLY H 252 30.55 68.70 29.95
N ARG H 253 30.81 67.74 29.06
CA ARG H 253 30.82 66.32 29.39
C ARG H 253 29.59 65.93 30.23
N ILE H 254 28.41 66.09 29.63
CA ILE H 254 27.16 65.88 30.32
C ILE H 254 26.77 64.42 30.22
N THR H 255 26.55 63.78 31.37
CA THR H 255 26.19 62.37 31.43
C THR H 255 24.74 62.22 31.88
N CYS H 256 24.01 61.33 31.22
CA CYS H 256 22.61 61.06 31.54
C CYS H 256 22.45 59.60 31.91
N ILE H 257 21.94 59.34 33.09
CA ILE H 257 21.67 57.99 33.59
C ILE H 257 20.16 57.79 33.53
N VAL H 258 19.70 56.98 32.60
CA VAL H 258 18.28 56.74 32.38
C VAL H 258 17.97 55.33 32.87
N LEU H 259 17.40 55.25 34.07
CA LEU H 259 17.00 53.98 34.67
C LEU H 259 15.49 53.81 34.42
N GLY H 260 15.15 52.96 33.46
CA GLY H 260 13.77 52.81 33.06
C GLY H 260 13.35 53.85 32.06
N ALA H 261 12.91 53.42 30.88
CA ALA H 261 12.62 54.31 29.76
C ALA H 261 11.12 54.51 29.63
N GLY H 262 10.66 55.74 29.78
CA GLY H 262 9.29 56.09 29.53
C GLY H 262 9.20 57.56 29.18
N LEU H 263 8.29 58.29 29.83
CA LEU H 263 8.34 59.75 29.73
C LEU H 263 9.65 60.32 30.26
N PRO H 264 10.25 59.81 31.35
CA PRO H 264 11.57 60.31 31.75
C PRO H 264 12.61 60.33 30.64
N LYS H 265 12.74 59.24 29.88
CA LYS H 265 13.81 59.14 28.90
C LYS H 265 13.68 60.21 27.82
N HIS H 266 12.53 60.22 27.13
CA HIS H 266 12.34 61.15 26.03
C HIS H 266 12.44 62.60 26.50
N HIS H 267 11.77 62.93 27.61
CA HIS H 267 11.76 64.30 28.08
C HIS H 267 13.16 64.78 28.48
N LEU H 268 14.05 63.86 28.86
CA LEU H 268 15.40 64.24 29.23
C LEU H 268 16.30 64.35 28.01
N LEU H 269 16.44 63.25 27.26
CA LEU H 269 17.37 63.21 26.14
C LEU H 269 16.92 64.08 24.96
N ARG H 270 15.67 64.55 24.95
CA ARG H 270 15.24 65.47 23.91
C ARG H 270 15.71 66.89 24.20
N ASN H 271 15.68 67.30 25.47
CA ASN H 271 16.01 68.67 25.86
C ASN H 271 17.44 68.83 26.35
N VAL H 272 18.09 67.75 26.76
CA VAL H 272 19.47 67.81 27.26
C VAL H 272 20.40 67.26 26.19
N GLN H 273 21.50 67.97 25.96
CA GLN H 273 22.51 67.57 24.98
C GLN H 273 23.59 66.79 25.74
N ALA H 274 23.43 65.47 25.78
CA ALA H 274 24.27 64.61 26.60
C ALA H 274 25.47 64.10 25.82
N ASP H 275 26.63 64.04 26.49
CA ASP H 275 27.82 63.43 25.93
C ASP H 275 27.95 61.96 26.30
N ALA H 276 27.26 61.52 27.35
CA ALA H 276 27.28 60.12 27.78
C ALA H 276 25.88 59.74 28.25
N VAL H 277 25.39 58.59 27.80
CA VAL H 277 24.05 58.12 28.12
C VAL H 277 24.13 56.65 28.51
N VAL H 278 23.33 56.25 29.48
CA VAL H 278 23.21 54.86 29.92
C VAL H 278 21.74 54.48 29.94
N TYR H 279 21.39 53.44 29.19
CA TYR H 279 20.02 52.93 29.15
C TYR H 279 19.89 51.68 30.01
N VAL H 280 18.83 51.64 30.81
CA VAL H 280 18.46 50.43 31.54
C VAL H 280 16.98 50.18 31.32
N THR H 281 16.65 49.53 30.21
CA THR H 281 15.28 49.36 29.76
C THR H 281 14.95 47.88 29.59
N THR H 282 13.67 47.61 29.31
CA THR H 282 13.19 46.26 29.04
C THR H 282 12.40 46.14 27.75
N GLY H 283 11.92 47.24 27.17
CA GLY H 283 11.09 47.13 25.98
C GLY H 283 11.86 46.65 24.77
N SER H 284 11.14 46.04 23.85
CA SER H 284 11.69 45.50 22.61
C SER H 284 11.35 46.41 21.44
N ASP H 285 12.27 46.46 20.46
CA ASP H 285 12.12 47.34 19.31
C ASP H 285 10.82 47.10 18.55
N ALA H 286 10.23 45.91 18.66
CA ALA H 286 9.02 45.60 17.89
C ALA H 286 7.87 46.51 18.26
N ASP H 287 7.84 47.02 19.51
CA ASP H 287 6.76 47.89 19.92
C ASP H 287 6.75 49.21 19.15
N GLY H 288 7.88 49.62 18.59
CA GLY H 288 7.96 50.85 17.84
C GLY H 288 7.66 52.07 18.67
N CYS H 289 8.25 52.14 19.87
CA CYS H 289 8.03 53.23 20.80
C CYS H 289 9.36 53.78 21.30
N GLU H 290 9.28 54.86 22.07
CA GLU H 290 10.48 55.44 22.64
C GLU H 290 11.07 54.56 23.74
N SER H 291 10.21 53.99 24.58
CA SER H 291 10.67 53.18 25.71
C SER H 291 11.58 52.05 25.26
N SER H 292 11.33 51.49 24.08
CA SER H 292 12.21 50.49 23.49
C SER H 292 13.45 51.20 22.96
N CYS H 293 14.39 51.46 23.89
CA CYS H 293 15.59 52.22 23.59
C CYS H 293 16.39 51.63 22.43
N ASN H 294 16.12 52.12 21.22
CA ASN H 294 16.91 51.74 20.05
C ASN H 294 17.98 52.81 19.86
N VAL H 295 19.25 52.42 20.02
CA VAL H 295 20.35 53.37 19.95
C VAL H 295 20.40 54.04 18.59
N MET H 296 20.25 53.25 17.52
CA MET H 296 20.32 53.81 16.17
C MET H 296 19.12 54.71 15.89
N ALA H 297 17.93 54.33 16.37
CA ALA H 297 16.75 55.13 16.11
C ALA H 297 16.75 56.42 16.90
N ASP H 298 17.24 56.37 18.15
CA ASP H 298 17.30 57.58 18.96
C ASP H 298 18.30 58.59 18.40
N ARG H 299 19.36 58.12 17.76
CA ARG H 299 20.30 59.03 17.10
C ARG H 299 19.64 59.74 15.92
N ALA H 300 18.78 59.03 15.19
CA ALA H 300 18.13 59.64 14.03
C ALA H 300 17.13 60.70 14.43
N ASN H 301 16.58 60.62 15.64
CA ASN H 301 15.55 61.55 16.09
C ASN H 301 16.12 62.74 16.86
N GLY H 302 17.44 62.79 17.07
CA GLY H 302 18.03 63.87 17.82
C GLY H 302 18.04 63.69 19.32
N LEU H 303 17.74 62.48 19.81
CA LEU H 303 17.84 62.22 21.24
C LEU H 303 19.27 61.95 21.67
N LEU H 304 20.08 61.41 20.78
CA LEU H 304 21.51 61.21 21.00
C LEU H 304 22.29 61.90 19.88
N SER H 305 23.33 62.63 20.26
CA SER H 305 24.20 63.22 19.26
C SER H 305 25.01 62.13 18.56
N PRO H 306 25.41 62.35 17.30
CA PRO H 306 26.17 61.29 16.59
C PRO H 306 27.51 60.98 17.21
N ASN H 307 28.06 61.87 18.03
CA ASN H 307 29.33 61.64 18.71
C ASN H 307 29.14 61.22 20.17
N CYS H 308 27.91 60.92 20.58
CA CYS H 308 27.62 60.61 21.98
C CYS H 308 28.01 59.18 22.32
N ASP H 309 28.66 59.01 23.47
CA ASP H 309 28.98 57.69 23.99
C ASP H 309 27.77 57.14 24.72
N VAL H 310 27.32 55.94 24.34
CA VAL H 310 26.09 55.37 24.87
C VAL H 310 26.23 53.87 25.00
N VAL H 311 25.59 53.32 26.02
CA VAL H 311 25.48 51.86 26.18
C VAL H 311 24.12 51.57 26.79
N ARG H 312 23.50 50.48 26.34
CA ARG H 312 22.20 50.05 26.83
C ARG H 312 22.29 48.66 27.44
N VAL H 313 21.65 48.48 28.59
CA VAL H 313 21.51 47.17 29.21
C VAL H 313 20.04 46.80 29.21
N HIS H 314 19.74 45.54 28.91
CA HIS H 314 18.37 45.05 28.84
C HIS H 314 18.06 44.27 30.11
N GLY H 315 17.10 44.76 30.88
CA GLY H 315 16.74 44.14 32.13
C GLY H 315 16.10 45.17 33.05
N ASP H 316 15.64 44.68 34.20
CA ASP H 316 15.00 45.57 35.17
C ASP H 316 16.07 46.25 36.01
N ALA H 317 15.93 47.57 36.18
CA ALA H 317 16.91 48.35 36.90
C ALA H 317 17.04 47.93 38.36
N THR H 318 16.10 47.14 38.87
CA THR H 318 16.19 46.68 40.25
C THR H 318 17.42 45.81 40.46
N ILE H 319 17.86 45.09 39.43
CA ILE H 319 19.07 44.28 39.50
C ILE H 319 20.28 45.06 38.99
N ILE H 320 20.08 45.88 37.97
CA ILE H 320 21.20 46.55 37.31
C ILE H 320 21.70 47.72 38.15
N SER H 321 20.81 48.65 38.49
CA SER H 321 21.24 49.91 39.11
C SER H 321 22.15 49.74 40.32
N PRO H 322 21.91 48.80 41.26
CA PRO H 322 22.86 48.65 42.37
C PRO H 322 24.26 48.28 41.92
N LEU H 323 24.38 47.45 40.87
CA LEU H 323 25.70 47.08 40.38
C LEU H 323 26.37 48.22 39.61
N LEU H 324 25.59 49.17 39.09
CA LEU H 324 26.17 50.33 38.43
C LEU H 324 26.61 51.39 39.44
N LEU H 325 25.79 51.61 40.48
CA LEU H 325 26.04 52.64 41.47
C LEU H 325 26.98 52.19 42.58
N LEU H 326 27.29 50.90 42.66
CA LEU H 326 28.20 50.36 43.67
C LEU H 326 29.53 51.10 43.64
N ARG H 327 29.80 51.91 44.67
CA ARG H 327 30.99 52.73 44.69
C ARG H 327 32.24 51.87 44.78
N SER H 328 33.26 52.24 44.00
CA SER H 328 34.48 51.47 43.88
C SER H 328 35.45 51.83 45.00
N SER H 329 36.10 50.81 45.56
CA SER H 329 37.07 51.00 46.64
C SER H 329 38.48 50.70 46.15
N LYS I 23 34.07 -70.07 2.95
CA LYS I 23 34.31 -68.65 2.76
C LYS I 23 34.77 -68.34 1.34
N GLN I 24 34.61 -67.09 0.92
CA GLN I 24 34.99 -66.65 -0.41
C GLN I 24 36.20 -65.73 -0.35
N VAL I 25 36.91 -65.66 -1.47
CA VAL I 25 38.05 -64.76 -1.64
C VAL I 25 37.58 -63.55 -2.43
N VAL I 26 37.84 -62.36 -1.89
CA VAL I 26 37.40 -61.11 -2.53
C VAL I 26 38.14 -60.92 -3.84
N VAL I 27 37.42 -61.06 -4.95
CA VAL I 27 37.97 -60.87 -6.30
C VAL I 27 36.95 -60.10 -7.12
N GLY I 28 37.39 -59.02 -7.77
CA GLY I 28 36.53 -58.23 -8.59
C GLY I 28 36.73 -58.48 -10.07
N PRO I 29 36.03 -57.71 -10.92
CA PRO I 29 36.17 -57.89 -12.38
C PRO I 29 37.61 -57.89 -12.85
N ASN I 30 38.06 -59.02 -13.40
CA ASN I 30 39.46 -59.23 -13.73
C ASN I 30 39.75 -58.69 -15.12
N GLN I 31 40.93 -59.04 -15.66
CA GLN I 31 41.33 -58.58 -16.99
C GLN I 31 40.40 -59.10 -18.06
N GLU I 32 40.09 -60.39 -18.01
CA GLU I 32 39.40 -61.06 -19.11
C GLU I 32 37.89 -60.83 -19.09
N ASP I 33 37.30 -60.62 -17.93
CA ASP I 33 35.85 -60.54 -17.79
C ASP I 33 35.32 -59.11 -17.81
N LEU I 34 36.12 -58.16 -18.26
CA LEU I 34 35.66 -56.79 -18.48
C LEU I 34 35.16 -56.56 -19.89
N HIS I 35 35.03 -57.62 -20.69
CA HIS I 35 34.47 -57.54 -22.04
C HIS I 35 33.09 -58.18 -22.13
N SER I 36 32.54 -58.68 -21.03
CA SER I 36 31.22 -59.27 -21.01
C SER I 36 30.51 -58.82 -19.74
N ALA I 37 29.40 -58.09 -19.91
CA ALA I 37 28.65 -57.59 -18.76
C ALA I 37 28.08 -58.73 -17.92
N GLU I 38 27.86 -59.89 -18.54
CA GLU I 38 27.34 -61.04 -17.79
C GLU I 38 28.34 -61.49 -16.72
N ALA I 39 29.63 -61.50 -17.06
CA ALA I 39 30.64 -61.89 -16.09
C ALA I 39 30.86 -60.82 -15.03
N VAL I 40 30.68 -59.56 -15.39
CA VAL I 40 30.79 -58.49 -14.41
C VAL I 40 29.66 -58.59 -13.38
N LEU I 41 28.43 -58.73 -13.85
CA LEU I 41 27.30 -58.84 -12.92
C LEU I 41 27.35 -60.14 -12.14
N ASN I 42 27.93 -61.20 -12.72
CA ASN I 42 28.10 -62.44 -11.97
C ASN I 42 29.15 -62.29 -10.88
N ARG I 43 30.27 -61.64 -11.19
CA ARG I 43 31.35 -61.48 -10.23
C ARG I 43 31.04 -60.45 -9.15
N TYR I 44 29.89 -59.76 -9.24
CA TYR I 44 29.47 -58.86 -8.17
C TYR I 44 29.37 -59.57 -6.83
N SER I 45 29.27 -60.90 -6.83
CA SER I 45 29.14 -61.66 -5.59
C SER I 45 30.40 -61.52 -4.74
N THR I 46 31.57 -61.49 -5.36
CA THR I 46 32.84 -61.47 -4.65
C THR I 46 33.52 -60.10 -4.68
N VAL I 47 32.83 -59.06 -5.18
CA VAL I 47 33.40 -57.72 -5.17
C VAL I 47 33.40 -57.15 -3.75
N GLY I 48 32.23 -57.12 -3.13
CA GLY I 48 32.09 -56.68 -1.75
C GLY I 48 31.07 -55.57 -1.62
N PHE I 49 30.70 -55.34 -0.36
CA PHE I 49 29.80 -54.24 0.06
C PHE I 49 28.45 -54.46 -0.63
N GLN I 50 27.83 -53.42 -1.18
CA GLN I 50 26.50 -53.55 -1.76
C GLN I 50 26.49 -54.26 -3.12
N ALA I 51 27.66 -54.43 -3.75
CA ALA I 51 27.72 -55.26 -4.94
C ALA I 51 27.46 -56.72 -4.59
N SER I 52 27.86 -57.16 -3.40
CA SER I 52 27.53 -58.50 -2.94
C SER I 52 26.06 -58.58 -2.53
N ASN I 53 25.53 -57.52 -1.93
CA ASN I 53 24.10 -57.47 -1.63
C ASN I 53 23.27 -57.45 -2.90
N LEU I 54 23.78 -56.81 -3.96
CA LEU I 54 23.09 -56.86 -5.24
C LEU I 54 23.12 -58.27 -5.83
N ALA I 55 24.25 -58.96 -5.68
CA ALA I 55 24.33 -60.33 -6.18
C ALA I 55 23.37 -61.25 -5.43
N ARG I 56 23.23 -61.06 -4.12
CA ARG I 56 22.22 -61.81 -3.38
C ARG I 56 20.82 -61.44 -3.87
N ALA I 57 20.61 -60.16 -4.19
CA ALA I 57 19.31 -59.75 -4.74
C ALA I 57 19.02 -60.44 -6.06
N PHE I 58 20.05 -60.68 -6.86
CA PHE I 58 19.88 -61.49 -8.07
C PHE I 58 19.35 -62.88 -7.72
N SER I 59 19.96 -63.53 -6.74
CA SER I 59 19.59 -64.89 -6.39
C SER I 59 18.21 -64.95 -5.74
N ILE I 60 17.91 -63.98 -4.86
CA ILE I 60 16.61 -63.97 -4.20
C ILE I 60 15.49 -63.86 -5.23
N CYS I 61 15.70 -63.03 -6.27
CA CYS I 61 14.70 -62.93 -7.33
C CYS I 61 14.53 -64.26 -8.06
N GLU I 62 15.65 -64.93 -8.35
CA GLU I 62 15.56 -66.23 -9.01
C GLU I 62 14.88 -67.25 -8.12
N MET I 63 15.05 -67.15 -6.80
CA MET I 63 14.33 -68.03 -5.89
C MET I 63 12.84 -67.71 -5.88
N MET I 64 12.47 -66.44 -6.08
CA MET I 64 11.06 -66.06 -6.13
C MET I 64 10.36 -66.63 -7.35
N LEU I 65 11.10 -66.93 -8.42
CA LEU I 65 10.51 -67.38 -9.67
C LEU I 65 10.59 -68.88 -9.87
N THR I 66 11.21 -69.62 -8.94
CA THR I 66 11.22 -71.06 -9.14
C THR I 66 10.19 -71.72 -8.23
N PRO I 67 9.44 -72.69 -8.74
CA PRO I 67 8.37 -73.30 -7.93
C PRO I 67 8.93 -74.21 -6.84
N GLN I 68 8.30 -74.15 -5.66
CA GLN I 68 8.64 -75.02 -4.55
C GLN I 68 7.42 -75.13 -3.65
N SER I 69 7.55 -75.94 -2.60
CA SER I 69 6.46 -76.25 -1.70
C SER I 69 6.37 -75.19 -0.60
N PRO I 70 5.26 -75.14 0.13
CA PRO I 70 5.20 -74.28 1.32
C PRO I 70 6.09 -74.80 2.43
N SER I 71 6.35 -73.94 3.41
CA SER I 71 7.23 -74.28 4.53
C SER I 71 6.49 -74.06 5.84
N PRO I 72 6.29 -75.09 6.66
CA PRO I 72 5.67 -74.96 7.99
C PRO I 72 6.69 -74.66 9.08
N GLN I 90 4.60 -71.50 -9.00
CA GLN I 90 5.24 -70.20 -9.05
C GLN I 90 4.71 -69.30 -7.93
N PRO I 91 5.60 -68.89 -7.03
CA PRO I 91 5.17 -68.12 -5.85
C PRO I 91 4.49 -66.81 -6.23
N THR I 92 3.64 -66.33 -5.34
CA THR I 92 2.98 -65.04 -5.52
C THR I 92 3.94 -63.93 -5.12
N LEU I 93 4.18 -62.99 -6.03
CA LEU I 93 5.17 -61.94 -5.83
C LEU I 93 4.46 -60.60 -5.65
N PHE I 94 4.63 -60.00 -4.47
CA PHE I 94 4.15 -58.66 -4.21
C PHE I 94 5.26 -57.67 -4.53
N VAL I 95 4.96 -56.70 -5.39
CA VAL I 95 5.93 -55.69 -5.79
C VAL I 95 5.41 -54.32 -5.37
N GLY I 96 6.24 -53.59 -4.62
CA GLY I 96 5.90 -52.23 -4.23
C GLY I 96 6.79 -51.19 -4.89
N VAL I 97 6.19 -50.16 -5.48
CA VAL I 97 6.94 -49.18 -6.27
C VAL I 97 6.58 -47.78 -5.79
N THR I 98 7.60 -46.95 -5.58
CA THR I 98 7.40 -45.55 -5.25
C THR I 98 6.73 -44.82 -6.42
N ALA I 99 5.94 -43.80 -6.10
CA ALA I 99 5.18 -43.10 -7.12
C ALA I 99 6.09 -42.46 -8.16
N ASN I 100 7.14 -41.78 -7.72
CA ASN I 100 7.99 -41.04 -8.63
C ASN I 100 8.72 -41.96 -9.61
N LEU I 101 9.10 -43.17 -9.17
CA LEU I 101 9.86 -44.08 -10.03
C LEU I 101 9.20 -44.33 -11.37
N PHE I 102 7.88 -44.16 -11.47
CA PHE I 102 7.23 -44.29 -12.76
C PHE I 102 7.56 -43.13 -13.69
N GLY I 103 7.99 -41.99 -13.14
CA GLY I 103 8.53 -40.94 -13.97
C GLY I 103 9.87 -41.28 -14.59
N THR I 104 10.63 -42.17 -13.95
CA THR I 104 11.88 -42.68 -14.46
C THR I 104 11.63 -43.88 -15.38
N GLY I 105 12.66 -44.25 -16.14
CA GLY I 105 12.59 -45.37 -17.04
C GLY I 105 12.28 -46.71 -16.40
N CYS I 106 12.23 -46.72 -15.06
CA CYS I 106 11.77 -47.91 -14.34
C CYS I 106 10.34 -48.27 -14.68
N ARG I 107 9.54 -47.30 -15.15
CA ARG I 107 8.19 -47.57 -15.60
C ARG I 107 8.19 -48.63 -16.69
N GLU I 108 9.15 -48.55 -17.62
CA GLU I 108 9.25 -49.55 -18.68
C GLU I 108 9.64 -50.91 -18.12
N ALA I 109 10.41 -50.94 -17.03
CA ALA I 109 10.81 -52.21 -16.44
C ALA I 109 9.63 -52.88 -15.74
N ILE I 110 8.89 -52.11 -14.93
CA ILE I 110 7.69 -52.66 -14.29
C ILE I 110 6.69 -53.13 -15.34
N ARG I 111 6.61 -52.41 -16.46
CA ARG I 111 5.71 -52.80 -17.54
C ARG I 111 6.07 -54.18 -18.08
N PHE I 112 7.37 -54.47 -18.19
CA PHE I 112 7.81 -55.80 -18.61
C PHE I 112 7.35 -56.86 -17.61
N LEU I 113 7.41 -56.55 -16.32
CA LEU I 113 6.98 -57.48 -15.29
C LEU I 113 5.47 -57.72 -15.35
N CYS I 114 4.71 -56.82 -15.98
CA CYS I 114 3.28 -56.97 -16.13
C CYS I 114 2.88 -57.58 -17.48
N THR I 115 3.75 -57.53 -18.48
CA THR I 115 3.38 -57.91 -19.84
C THR I 115 3.61 -59.39 -20.11
N GLU I 116 4.85 -59.86 -19.97
CA GLU I 116 5.20 -61.21 -20.39
C GLU I 116 4.50 -62.26 -19.55
N CYS I 117 4.17 -63.38 -20.20
CA CYS I 117 3.40 -64.45 -19.59
C CYS I 117 4.15 -65.76 -19.78
N VAL I 118 4.26 -66.54 -18.71
CA VAL I 118 4.90 -67.85 -18.76
C VAL I 118 3.92 -68.89 -18.22
N PRO I 119 3.45 -69.83 -19.03
CA PRO I 119 2.54 -70.85 -18.53
C PRO I 119 3.19 -71.69 -17.44
N LEU I 120 2.42 -71.96 -16.39
CA LEU I 120 2.94 -72.73 -15.27
C LEU I 120 3.21 -74.17 -15.70
N PRO I 121 4.25 -74.81 -15.16
CA PRO I 121 4.47 -76.23 -15.41
C PRO I 121 3.26 -77.08 -15.05
N ASN I 122 3.23 -78.32 -15.55
CA ASN I 122 2.02 -79.15 -15.43
C ASN I 122 1.66 -79.41 -13.97
N GLY I 123 2.66 -79.65 -13.12
CA GLY I 123 2.39 -80.08 -11.76
C GLY I 123 2.58 -79.02 -10.69
N VAL I 124 2.45 -77.74 -11.04
CA VAL I 124 2.58 -76.66 -10.08
C VAL I 124 1.27 -75.87 -10.05
N GLU I 125 0.92 -75.36 -8.88
CA GLU I 125 -0.24 -74.53 -8.65
C GLU I 125 0.19 -73.08 -8.46
N PRO I 126 -0.72 -72.12 -8.70
CA PRO I 126 -0.34 -70.71 -8.55
C PRO I 126 -0.21 -70.26 -7.11
N ALA I 127 0.34 -71.12 -6.25
CA ALA I 127 0.53 -70.83 -4.82
C ALA I 127 -0.79 -70.42 -4.16
N ALA I 143 -21.48 -52.60 -13.69
CA ALA I 143 -20.86 -51.30 -13.93
C ALA I 143 -19.40 -51.29 -13.48
N LEU I 144 -19.20 -51.07 -12.19
CA LEU I 144 -17.85 -51.10 -11.60
C LEU I 144 -17.48 -52.55 -11.31
N LYS I 145 -16.64 -53.12 -12.15
CA LYS I 145 -16.19 -54.50 -11.93
C LYS I 145 -14.89 -54.49 -11.14
N PRO I 146 -14.78 -55.32 -10.10
CA PRO I 146 -13.59 -55.25 -9.23
C PRO I 146 -12.33 -55.77 -9.90
N SER I 147 -11.20 -55.65 -9.22
CA SER I 147 -9.93 -56.15 -9.73
C SER I 147 -9.84 -57.66 -9.54
N PRO I 148 -9.40 -58.40 -10.55
CA PRO I 148 -9.31 -59.86 -10.42
C PRO I 148 -8.11 -60.28 -9.60
N CYS I 149 -8.04 -61.59 -9.33
CA CYS I 149 -6.93 -62.17 -8.60
C CYS I 149 -5.95 -62.93 -9.49
N ASP I 150 -6.44 -63.52 -10.58
CA ASP I 150 -5.57 -64.28 -11.47
C ASP I 150 -4.53 -63.36 -12.11
N SER I 151 -3.29 -63.86 -12.18
CA SER I 151 -2.19 -63.10 -12.76
C SER I 151 -1.31 -64.07 -13.54
N ARG I 152 -1.44 -64.06 -14.86
CA ARG I 152 -0.62 -64.87 -15.75
C ARG I 152 0.71 -64.21 -16.08
N ALA I 153 1.26 -63.41 -15.17
CA ALA I 153 2.49 -62.68 -15.43
C ALA I 153 3.56 -63.09 -14.43
N LEU I 154 4.70 -62.39 -14.47
CA LEU I 154 5.79 -62.68 -13.54
C LEU I 154 5.50 -62.13 -12.16
N ILE I 155 4.95 -60.92 -12.07
CA ILE I 155 4.48 -60.37 -10.82
C ILE I 155 2.99 -60.62 -10.71
N HIS I 156 2.48 -60.62 -9.49
CA HIS I 156 1.09 -60.96 -9.25
C HIS I 156 0.30 -59.89 -8.52
N VAL I 157 0.94 -59.06 -7.69
CA VAL I 157 0.29 -57.94 -7.05
C VAL I 157 1.24 -56.75 -7.09
N LEU I 158 0.68 -55.55 -7.27
CA LEU I 158 1.46 -54.32 -7.36
C LEU I 158 0.86 -53.29 -6.43
N VAL I 159 1.52 -53.02 -5.31
CA VAL I 159 1.12 -51.98 -4.37
C VAL I 159 1.92 -50.72 -4.65
N VAL I 160 1.22 -49.60 -4.85
CA VAL I 160 1.85 -48.37 -5.32
C VAL I 160 1.35 -47.20 -4.49
N SER I 161 2.19 -46.18 -4.37
CA SER I 161 1.85 -44.96 -3.62
C SER I 161 1.12 -43.97 -4.51
N GLY I 162 0.54 -42.95 -3.88
CA GLY I 162 -0.30 -42.01 -4.60
C GLY I 162 0.50 -41.14 -5.55
N GLY I 163 -0.09 -40.86 -6.71
CA GLY I 163 0.54 -40.03 -7.71
C GLY I 163 1.41 -40.77 -8.71
N ALA I 164 1.28 -42.09 -8.81
CA ALA I 164 2.14 -42.91 -9.67
C ALA I 164 1.47 -43.25 -10.99
N MET I 165 0.30 -43.91 -10.93
CA MET I 165 -0.46 -44.16 -12.15
C MET I 165 -0.80 -42.85 -12.86
N GLU I 166 -0.80 -41.74 -12.12
CA GLU I 166 -0.84 -40.43 -12.75
C GLU I 166 0.42 -40.19 -13.58
N HIS I 167 1.59 -40.51 -13.01
CA HIS I 167 2.84 -40.42 -13.76
C HIS I 167 2.82 -41.34 -14.97
N ASP I 168 2.27 -42.55 -14.80
CA ASP I 168 2.22 -43.50 -15.91
C ASP I 168 1.36 -42.96 -17.05
N ILE I 169 0.20 -42.39 -16.72
CA ILE I 169 -0.66 -41.82 -17.74
C ILE I 169 -0.03 -40.56 -18.32
N ARG I 170 0.55 -39.72 -17.46
CA ARG I 170 1.16 -38.48 -17.93
C ARG I 170 2.30 -38.73 -18.89
N ARG I 171 3.05 -39.82 -18.70
CA ARG I 171 4.16 -40.13 -19.57
C ARG I 171 3.73 -40.67 -20.93
N ALA I 172 2.52 -41.24 -21.02
CA ALA I 172 1.97 -41.63 -22.31
C ALA I 172 1.39 -40.45 -23.08
N CYS I 173 1.20 -39.32 -22.42
CA CYS I 173 0.66 -38.13 -23.09
C CYS I 173 1.78 -37.18 -23.52
N GLU I 174 2.79 -37.00 -22.68
CA GLU I 174 3.89 -36.09 -22.94
C GLU I 174 5.20 -36.78 -22.57
N SER I 175 6.30 -36.11 -22.85
CA SER I 175 7.64 -36.65 -22.62
C SER I 175 8.29 -35.95 -21.44
N TYR I 176 9.06 -36.71 -20.66
CA TYR I 176 9.77 -36.19 -19.49
C TYR I 176 11.14 -35.69 -19.90
N LYS I 177 11.48 -34.47 -19.49
CA LYS I 177 12.73 -33.84 -19.85
C LYS I 177 13.77 -34.01 -18.74
N LEU I 178 15.05 -33.95 -19.13
CA LEU I 178 16.16 -34.01 -18.20
C LEU I 178 16.89 -32.68 -18.15
N SER I 179 17.61 -32.47 -17.06
CA SER I 179 18.40 -31.27 -16.88
C SER I 179 19.83 -31.63 -16.46
N THR I 204 3.72 -24.10 -16.51
CA THR I 204 4.76 -24.36 -15.52
C THR I 204 5.21 -25.81 -15.59
N ASP I 205 6.52 -26.02 -15.44
CA ASP I 205 7.11 -27.35 -15.47
C ASP I 205 7.47 -27.79 -14.05
N CYS I 206 7.01 -28.97 -13.67
CA CYS I 206 7.29 -29.52 -12.35
C CYS I 206 8.64 -30.22 -12.33
N HIS I 207 9.30 -30.15 -11.18
CA HIS I 207 10.59 -30.77 -10.98
C HIS I 207 10.43 -32.08 -10.22
N PHE I 208 11.49 -32.88 -10.26
CA PHE I 208 11.38 -34.30 -9.94
C PHE I 208 12.66 -34.77 -9.26
N GLY I 209 13.67 -33.92 -9.27
CA GLY I 209 15.01 -34.28 -8.85
C GLY I 209 15.99 -34.04 -9.97
N ASN I 210 16.17 -35.05 -10.82
CA ASN I 210 16.91 -34.86 -12.07
C ASN I 210 16.01 -34.70 -13.28
N VAL I 211 14.74 -35.06 -13.16
CA VAL I 211 13.80 -35.05 -14.27
C VAL I 211 12.89 -33.84 -14.14
N ARG I 212 12.24 -33.48 -15.25
CA ARG I 212 11.25 -32.42 -15.28
C ARG I 212 10.12 -32.79 -16.22
N TYR I 213 8.89 -32.52 -15.79
CA TYR I 213 7.72 -32.66 -16.63
C TYR I 213 6.88 -31.40 -16.51
N ASN I 214 5.94 -31.23 -17.42
CA ASN I 214 5.07 -30.06 -17.44
C ASN I 214 3.69 -30.44 -16.90
N SER I 215 3.21 -29.69 -15.92
CA SER I 215 1.91 -29.90 -15.31
C SER I 215 1.01 -28.75 -15.71
N SER I 216 0.22 -28.96 -16.75
CA SER I 216 -0.72 -27.93 -17.21
C SER I 216 -1.88 -27.80 -16.21
N GLY I 217 -2.82 -26.93 -16.53
CA GLY I 217 -3.96 -26.69 -15.66
C GLY I 217 -4.81 -27.93 -15.46
N VAL I 218 -5.68 -27.85 -14.45
CA VAL I 218 -6.54 -28.99 -14.13
C VAL I 218 -7.60 -29.18 -15.22
N ALA I 219 -8.19 -28.08 -15.69
CA ALA I 219 -9.20 -28.10 -16.74
C ALA I 219 -8.63 -27.57 -18.05
N SER I 220 -7.40 -27.97 -18.38
CA SER I 220 -6.71 -27.44 -19.55
C SER I 220 -7.11 -28.21 -20.80
N ARG I 221 -6.44 -27.91 -21.90
CA ARG I 221 -6.66 -28.61 -23.16
C ARG I 221 -5.53 -29.57 -23.50
N ASN I 222 -4.40 -29.51 -22.80
CA ASN I 222 -3.32 -30.45 -23.07
C ASN I 222 -3.76 -31.87 -22.76
N LEU I 223 -3.16 -32.83 -23.49
CA LEU I 223 -3.69 -34.19 -23.56
C LEU I 223 -3.81 -34.82 -22.18
N PHE I 224 -2.88 -34.54 -21.26
CA PHE I 224 -2.92 -35.16 -19.95
C PHE I 224 -4.13 -34.71 -19.15
N SER I 225 -4.47 -33.43 -19.21
CA SER I 225 -5.63 -32.94 -18.48
C SER I 225 -6.92 -33.51 -19.04
N CYS I 226 -6.95 -33.77 -20.36
CA CYS I 226 -8.17 -34.29 -20.98
C CYS I 226 -8.35 -35.76 -20.67
N VAL I 227 -7.27 -36.55 -20.69
CA VAL I 227 -7.39 -37.98 -20.44
C VAL I 227 -7.72 -38.23 -18.97
N MET I 228 -7.24 -37.39 -18.06
CA MET I 228 -7.58 -37.56 -16.65
C MET I 228 -9.02 -37.15 -16.38
N ARG I 229 -9.48 -36.07 -17.03
CA ARG I 229 -10.85 -35.63 -16.85
C ARG I 229 -11.85 -36.65 -17.40
N CYS I 230 -11.51 -37.26 -18.55
CA CYS I 230 -12.37 -38.30 -19.09
C CYS I 230 -12.38 -39.54 -18.20
N LEU I 231 -11.27 -39.82 -17.53
CA LEU I 231 -11.24 -40.94 -16.59
C LEU I 231 -12.16 -40.66 -15.41
N VAL I 232 -12.04 -39.47 -14.81
CA VAL I 232 -12.88 -39.12 -13.66
C VAL I 232 -14.35 -39.08 -14.06
N LYS I 233 -14.63 -38.59 -15.28
CA LYS I 233 -16.01 -38.52 -15.74
C LYS I 233 -16.61 -39.91 -15.91
N ARG I 234 -15.83 -40.85 -16.46
CA ARG I 234 -16.32 -42.21 -16.61
C ARG I 234 -16.54 -42.87 -15.25
N LEU I 235 -15.60 -42.69 -14.32
CA LEU I 235 -15.74 -43.28 -13.00
C LEU I 235 -16.96 -42.74 -12.27
N ALA I 236 -17.22 -41.43 -12.41
CA ALA I 236 -18.41 -40.85 -11.80
C ALA I 236 -19.67 -41.36 -12.48
N GLU I 237 -19.63 -41.54 -13.81
CA GLU I 237 -20.79 -42.04 -14.53
C GLU I 237 -21.09 -43.49 -14.16
N ALA I 238 -20.04 -44.30 -13.98
CA ALA I 238 -20.26 -45.71 -13.64
C ALA I 238 -20.70 -45.87 -12.19
N GLN I 239 -20.15 -45.04 -11.29
CA GLN I 239 -20.59 -45.08 -9.90
C GLN I 239 -22.05 -44.65 -9.78
N ARG I 240 -22.45 -43.64 -10.56
CA ARG I 240 -23.85 -43.21 -10.56
C ARG I 240 -24.77 -44.31 -11.09
N LYS I 241 -24.28 -45.11 -12.04
CA LYS I 241 -25.11 -46.18 -12.60
C LYS I 241 -25.26 -47.32 -11.59
N GLU I 242 -24.18 -47.70 -10.92
CA GLU I 242 -24.26 -48.74 -9.90
C GLU I 242 -25.03 -48.26 -8.68
N LYS I 243 -24.95 -46.96 -8.36
CA LYS I 243 -25.68 -46.42 -7.23
C LYS I 243 -27.19 -46.52 -7.46
N ALA I 244 -27.63 -46.15 -8.67
CA ALA I 244 -29.06 -46.23 -8.97
C ALA I 244 -29.52 -47.67 -9.13
N ASN I 245 -28.64 -48.55 -9.62
CA ASN I 245 -29.01 -49.94 -9.84
C ASN I 245 -29.33 -50.63 -8.52
N ARG I 246 -28.49 -50.42 -7.51
CA ARG I 246 -28.68 -51.07 -6.22
C ARG I 246 -28.96 -50.03 -5.13
N ASP I 257 -25.36 -56.65 2.94
CA ASP I 257 -25.55 -55.25 2.60
C ASP I 257 -24.22 -54.49 2.60
N VAL I 258 -23.64 -54.33 1.41
CA VAL I 258 -22.36 -53.64 1.25
C VAL I 258 -22.55 -52.44 0.35
N CYS I 259 -21.68 -51.46 0.52
CA CYS I 259 -21.67 -50.25 -0.32
C CYS I 259 -20.96 -50.58 -1.62
N SER I 260 -21.74 -51.02 -2.62
CA SER I 260 -21.17 -51.50 -3.86
C SER I 260 -20.83 -50.39 -4.84
N TRP I 261 -21.41 -49.21 -4.68
CA TRP I 261 -21.10 -48.11 -5.59
C TRP I 261 -19.80 -47.40 -5.24
N ALA I 262 -19.27 -47.61 -4.04
CA ALA I 262 -17.97 -47.04 -3.69
C ALA I 262 -16.87 -47.72 -4.48
N ILE I 263 -16.09 -46.94 -5.21
CA ILE I 263 -15.01 -47.47 -6.02
C ILE I 263 -13.73 -47.49 -5.19
N THR I 264 -13.03 -48.59 -5.23
CA THR I 264 -11.82 -48.72 -4.43
C THR I 264 -10.58 -48.56 -5.30
N PRO I 265 -9.46 -48.07 -4.74
CA PRO I 265 -8.26 -47.82 -5.56
C PRO I 265 -7.86 -48.97 -6.48
N SER I 266 -8.04 -50.22 -6.05
CA SER I 266 -7.75 -51.35 -6.93
C SER I 266 -8.70 -51.35 -8.12
N THR I 267 -9.98 -51.10 -7.87
CA THR I 267 -10.96 -51.04 -8.96
C THR I 267 -10.72 -49.82 -9.85
N LEU I 268 -10.30 -48.71 -9.25
CA LEU I 268 -10.12 -47.48 -10.01
C LEU I 268 -9.01 -47.65 -11.05
N TRP I 269 -7.87 -48.21 -10.65
CA TRP I 269 -6.77 -48.38 -11.59
C TRP I 269 -6.99 -49.56 -12.53
N TYR I 270 -7.70 -50.60 -12.08
CA TYR I 270 -7.96 -51.74 -12.94
C TYR I 270 -8.86 -51.34 -14.12
N MET I 271 -9.95 -50.62 -13.82
CA MET I 271 -10.83 -50.16 -14.89
C MET I 271 -10.24 -49.01 -15.68
N ALA I 272 -9.33 -48.24 -15.07
CA ALA I 272 -8.62 -47.22 -15.83
C ALA I 272 -7.76 -47.85 -16.92
N GLY I 273 -7.09 -48.96 -16.59
CA GLY I 273 -6.33 -49.67 -17.60
C GLY I 273 -7.21 -50.33 -18.64
N LEU I 274 -8.41 -50.77 -18.25
CA LEU I 274 -9.35 -51.33 -19.21
C LEU I 274 -9.86 -50.27 -20.18
N TRP I 275 -10.01 -49.04 -19.69
CA TRP I 275 -10.52 -47.94 -20.51
C TRP I 275 -9.44 -47.16 -21.22
N MET I 276 -8.16 -47.37 -20.87
CA MET I 276 -7.07 -46.53 -21.36
C MET I 276 -7.12 -46.35 -22.87
N ALA I 277 -7.52 -47.40 -23.61
CA ALA I 277 -7.63 -47.29 -25.06
C ALA I 277 -8.68 -46.27 -25.44
N ASP I 278 -9.93 -46.50 -25.03
CA ASP I 278 -11.02 -45.62 -25.45
C ASP I 278 -10.84 -44.20 -24.92
N ILE I 279 -10.31 -44.05 -23.71
CA ILE I 279 -10.13 -42.72 -23.14
C ILE I 279 -9.12 -41.92 -23.96
N PHE I 280 -8.05 -42.57 -24.42
CA PHE I 280 -7.08 -41.88 -25.26
C PHE I 280 -7.69 -41.52 -26.62
N THR I 281 -8.52 -42.42 -27.17
CA THR I 281 -9.14 -42.13 -28.45
C THR I 281 -10.11 -40.95 -28.35
N GLU I 282 -10.75 -40.77 -27.19
CA GLU I 282 -11.65 -39.65 -27.01
C GLU I 282 -10.90 -38.37 -26.69
N ALA I 283 -9.85 -38.46 -25.87
CA ALA I 283 -9.08 -37.28 -25.49
C ALA I 283 -8.31 -36.72 -26.70
N LEU I 284 -7.79 -37.62 -27.55
CA LEU I 284 -7.05 -37.16 -28.73
C LEU I 284 -7.93 -36.37 -29.68
N GLN I 285 -9.24 -36.64 -29.69
CA GLN I 285 -10.14 -35.90 -30.55
C GLN I 285 -10.54 -34.57 -29.93
N GLU I 286 -10.86 -34.57 -28.63
CA GLU I 286 -11.27 -33.34 -27.95
C GLU I 286 -10.13 -32.33 -27.89
N THR I 287 -8.89 -32.80 -27.86
CA THR I 287 -7.75 -31.88 -27.83
C THR I 287 -7.40 -31.34 -29.20
N GLY I 288 -7.81 -32.00 -30.28
CA GLY I 288 -7.59 -31.52 -31.62
C GLY I 288 -6.30 -31.97 -32.28
N GLU I 289 -5.58 -32.94 -31.70
CA GLU I 289 -4.35 -33.39 -32.31
C GLU I 289 -4.63 -34.28 -33.52
N VAL I 290 -5.66 -35.11 -33.45
CA VAL I 290 -6.08 -35.96 -34.57
C VAL I 290 -7.60 -35.91 -34.61
N THR I 291 -8.16 -35.31 -35.67
CA THR I 291 -9.60 -35.19 -35.80
C THR I 291 -10.24 -36.42 -36.43
N ASP I 292 -9.49 -37.19 -37.20
CA ASP I 292 -10.04 -38.39 -37.83
C ASP I 292 -10.25 -39.47 -36.78
N GLU I 293 -11.39 -40.16 -36.88
CA GLU I 293 -11.73 -41.17 -35.88
C GLU I 293 -10.88 -42.43 -36.03
N LYS I 294 -10.52 -42.79 -37.27
CA LYS I 294 -9.73 -43.99 -37.50
C LYS I 294 -8.34 -43.84 -36.90
N VAL I 295 -7.61 -42.79 -37.26
CA VAL I 295 -6.25 -42.62 -36.77
C VAL I 295 -6.24 -42.30 -35.27
N ALA I 296 -7.32 -41.70 -34.76
CA ALA I 296 -7.40 -41.47 -33.32
C ALA I 296 -7.63 -42.76 -32.57
N SER I 297 -8.35 -43.71 -33.17
CA SER I 297 -8.54 -45.01 -32.54
C SER I 297 -7.23 -45.79 -32.49
N GLU I 298 -6.45 -45.74 -33.57
CA GLU I 298 -5.18 -46.45 -33.60
C GLU I 298 -4.15 -45.80 -32.70
N GLU I 299 -4.02 -44.47 -32.79
CA GLU I 299 -3.08 -43.75 -31.93
C GLU I 299 -3.46 -43.86 -30.46
N GLY I 300 -4.76 -43.95 -30.17
CA GLY I 300 -5.18 -44.13 -28.79
C GLY I 300 -4.76 -45.48 -28.22
N LEU I 301 -4.81 -46.52 -29.04
CA LEU I 301 -4.36 -47.83 -28.59
C LEU I 301 -2.85 -47.87 -28.40
N LYS I 302 -2.11 -47.16 -29.27
CA LYS I 302 -0.66 -47.14 -29.15
C LYS I 302 -0.21 -46.46 -27.86
N ARG I 303 -0.80 -45.30 -27.54
CA ARG I 303 -0.46 -44.62 -26.30
C ARG I 303 -0.92 -45.41 -25.09
N ALA I 304 -2.04 -46.12 -25.20
CA ALA I 304 -2.54 -46.89 -24.07
C ALA I 304 -1.67 -48.11 -23.78
N LYS I 305 -1.13 -48.75 -24.82
CA LYS I 305 -0.30 -49.93 -24.61
C LYS I 305 1.00 -49.62 -23.88
N SER I 306 1.44 -48.37 -23.88
CA SER I 306 2.69 -48.01 -23.21
C SER I 306 2.55 -47.90 -21.70
N THR I 307 1.33 -47.72 -21.19
CA THR I 307 1.13 -47.57 -19.76
C THR I 307 1.13 -48.93 -19.06
N VAL I 308 1.59 -48.93 -17.81
CA VAL I 308 1.55 -50.15 -17.03
C VAL I 308 0.13 -50.52 -16.63
N LEU I 309 -0.78 -49.54 -16.63
CA LEU I 309 -2.17 -49.81 -16.28
C LEU I 309 -2.83 -50.74 -17.28
N TYR I 310 -2.52 -50.57 -18.58
CA TYR I 310 -3.13 -51.40 -19.61
C TYR I 310 -2.75 -52.87 -19.42
N TRP I 311 -1.45 -53.16 -19.36
CA TRP I 311 -1.02 -54.54 -19.17
C TRP I 311 -1.38 -55.06 -17.78
N ALA I 312 -1.53 -54.15 -16.79
CA ALA I 312 -1.95 -54.57 -15.47
C ALA I 312 -3.38 -55.11 -15.49
N ALA I 313 -4.28 -54.43 -16.19
CA ALA I 313 -5.65 -54.92 -16.33
C ALA I 313 -5.73 -56.06 -17.34
N ARG I 314 -4.88 -56.04 -18.36
CA ARG I 314 -4.90 -57.08 -19.38
C ARG I 314 -4.50 -58.42 -18.80
N ASN I 315 -3.37 -58.46 -18.10
CA ASN I 315 -2.89 -59.69 -17.49
C ASN I 315 -3.39 -59.89 -16.06
N GLY I 316 -4.02 -58.88 -15.47
CA GLY I 316 -4.77 -59.08 -14.25
C GLY I 316 -4.03 -58.94 -12.94
N VAL I 317 -3.01 -58.08 -12.88
CA VAL I 317 -2.33 -57.79 -11.63
C VAL I 317 -3.06 -56.60 -10.97
N PRO I 318 -3.52 -56.73 -9.73
CA PRO I 318 -4.25 -55.62 -9.11
C PRO I 318 -3.29 -54.56 -8.58
N ILE I 319 -3.65 -53.31 -8.81
CA ILE I 319 -2.84 -52.16 -8.40
C ILE I 319 -3.49 -51.58 -7.15
N PHE I 320 -2.94 -51.92 -5.98
CA PHE I 320 -3.42 -51.37 -4.72
C PHE I 320 -2.72 -50.05 -4.43
N SER I 321 -3.44 -49.16 -3.75
CA SER I 321 -2.91 -47.84 -3.43
C SER I 321 -3.75 -47.16 -2.35
N PRO I 322 -3.43 -47.36 -1.07
CA PRO I 322 -4.17 -46.62 -0.02
C PRO I 322 -3.82 -45.16 0.02
N SER I 323 -2.69 -44.74 -0.56
CA SER I 323 -2.30 -43.34 -0.62
C SER I 323 -2.81 -42.63 -1.87
N LEU I 324 -3.78 -43.22 -2.57
CA LEU I 324 -4.32 -42.61 -3.79
C LEU I 324 -4.89 -41.22 -3.51
N THR I 325 -5.48 -41.05 -2.33
CA THR I 325 -6.03 -39.76 -1.93
C THR I 325 -4.98 -38.65 -1.91
N ASP I 326 -3.69 -39.01 -1.90
CA ASP I 326 -2.59 -38.05 -2.00
C ASP I 326 -1.90 -38.27 -3.34
N GLY I 327 -2.49 -37.71 -4.40
CA GLY I 327 -1.95 -37.85 -5.73
C GLY I 327 -2.54 -36.81 -6.67
N ASP I 328 -1.96 -36.74 -7.87
CA ASP I 328 -2.40 -35.76 -8.86
C ASP I 328 -3.84 -36.00 -9.32
N ILE I 329 -4.34 -37.22 -9.18
CA ILE I 329 -5.69 -37.52 -9.66
C ILE I 329 -6.74 -36.77 -8.86
N MET I 330 -6.44 -36.44 -7.60
CA MET I 330 -7.40 -35.72 -6.76
C MET I 330 -7.66 -34.31 -7.26
N GLU I 331 -6.72 -33.73 -8.01
CA GLU I 331 -6.95 -32.42 -8.59
C GLU I 331 -8.15 -32.44 -9.53
N PHE I 332 -8.36 -33.55 -10.23
CA PHE I 332 -9.50 -33.69 -11.13
C PHE I 332 -10.74 -34.19 -10.41
N ILE I 333 -10.58 -34.97 -9.35
CA ILE I 333 -11.74 -35.44 -8.60
C ILE I 333 -12.41 -34.28 -7.87
N LEU I 334 -11.62 -33.33 -7.38
CA LEU I 334 -12.17 -32.20 -6.63
C LEU I 334 -12.85 -31.19 -7.56
N THR I 335 -12.13 -30.74 -8.59
CA THR I 335 -12.69 -29.74 -9.50
C THR I 335 -13.93 -30.25 -10.19
N ALA I 336 -13.98 -31.55 -10.50
CA ALA I 336 -15.20 -32.12 -11.06
C ALA I 336 -16.35 -32.04 -10.06
N GLY I 337 -16.05 -32.03 -8.76
CA GLY I 337 -17.08 -31.85 -7.75
C GLY I 337 -17.49 -30.43 -7.49
N ASP I 338 -16.72 -29.45 -7.97
CA ASP I 338 -17.06 -28.05 -7.82
C ASP I 338 -18.03 -27.55 -8.88
N THR I 339 -18.62 -28.46 -9.67
CA THR I 339 -19.65 -28.12 -10.64
C THR I 339 -20.96 -28.81 -10.27
N GLY I 340 -21.26 -28.86 -8.98
CA GLY I 340 -22.51 -29.41 -8.49
C GLY I 340 -22.54 -30.89 -8.16
N VAL I 341 -22.02 -31.73 -9.05
CA VAL I 341 -22.10 -33.18 -8.83
C VAL I 341 -21.24 -33.56 -7.63
N PRO I 342 -21.64 -34.55 -6.84
CA PRO I 342 -20.85 -34.91 -5.65
C PRO I 342 -19.54 -35.58 -6.04
N LEU I 343 -18.63 -35.60 -5.08
CA LEU I 343 -17.34 -36.24 -5.27
C LEU I 343 -17.52 -37.75 -5.43
N LEU I 344 -16.49 -38.39 -6.00
CA LEU I 344 -16.45 -39.84 -6.00
C LEU I 344 -16.37 -40.37 -4.57
N GLN I 345 -16.71 -41.64 -4.40
CA GLN I 345 -16.71 -42.27 -3.09
C GLN I 345 -15.72 -43.42 -3.11
N LEU I 346 -14.59 -43.25 -2.44
CA LEU I 346 -13.57 -44.29 -2.36
C LEU I 346 -13.83 -45.21 -1.17
N ASP I 347 -13.28 -46.42 -1.24
CA ASP I 347 -13.33 -47.39 -0.17
C ASP I 347 -11.94 -47.97 0.02
N LEU I 348 -11.51 -48.06 1.29
CA LEU I 348 -10.22 -48.63 1.62
C LEU I 348 -10.29 -50.00 2.28
N VAL I 349 -11.43 -50.36 2.86
CA VAL I 349 -11.54 -51.66 3.50
C VAL I 349 -11.59 -52.78 2.47
N ALA I 350 -12.04 -52.46 1.25
CA ALA I 350 -12.13 -53.49 0.23
C ALA I 350 -10.75 -53.92 -0.26
N ASP I 351 -9.78 -53.00 -0.25
CA ASP I 351 -8.46 -53.30 -0.77
C ASP I 351 -7.56 -54.02 0.24
N ILE I 352 -7.65 -53.66 1.52
CA ILE I 352 -6.90 -54.42 2.51
C ILE I 352 -7.42 -55.84 2.60
N HIS I 353 -8.75 -56.00 2.52
CA HIS I 353 -9.32 -57.34 2.53
C HIS I 353 -8.83 -58.15 1.34
N ARG I 354 -8.87 -57.56 0.14
CA ARG I 354 -8.36 -58.25 -1.04
C ARG I 354 -6.86 -58.51 -0.92
N LEU I 355 -6.11 -57.51 -0.48
CA LEU I 355 -4.66 -57.68 -0.36
C LEU I 355 -4.30 -58.64 0.75
N ASN I 356 -4.83 -58.42 1.97
CA ASN I 356 -4.50 -59.28 3.09
C ASN I 356 -5.04 -60.69 2.92
N ARG I 357 -6.00 -60.90 2.01
CA ARG I 357 -6.46 -62.25 1.70
C ARG I 357 -5.63 -62.90 0.60
N LEU I 358 -5.21 -62.11 -0.41
CA LEU I 358 -4.29 -62.64 -1.41
C LEU I 358 -2.98 -63.09 -0.78
N ALA I 359 -2.57 -62.46 0.32
CA ALA I 359 -1.38 -62.85 1.05
C ALA I 359 -1.65 -63.95 2.07
N MET I 360 -2.81 -63.90 2.74
CA MET I 360 -3.12 -64.88 3.77
C MET I 360 -3.18 -66.28 3.20
N ARG I 361 -3.94 -66.47 2.12
CA ARG I 361 -4.14 -67.78 1.54
C ARG I 361 -3.03 -68.22 0.60
N SER I 362 -1.97 -67.42 0.48
CA SER I 362 -0.83 -67.83 -0.34
C SER I 362 0.04 -68.83 0.40
N ARG I 363 0.68 -69.71 -0.35
CA ARG I 363 1.48 -70.78 0.22
C ARG I 363 2.99 -70.55 0.10
N ARG I 364 3.42 -69.66 -0.78
CA ARG I 364 4.81 -69.19 -0.79
C ARG I 364 4.82 -67.84 -1.51
N THR I 365 5.36 -66.82 -0.85
CA THR I 365 5.26 -65.45 -1.33
C THR I 365 6.63 -64.82 -1.46
N GLY I 366 6.81 -64.03 -2.51
CA GLY I 366 8.01 -63.24 -2.70
C GLY I 366 7.73 -61.76 -2.54
N MET I 367 8.77 -60.95 -2.31
CA MET I 367 8.59 -59.53 -2.04
C MET I 367 9.72 -58.75 -2.70
N MET I 368 9.36 -57.78 -3.54
CA MET I 368 10.33 -56.88 -4.16
C MET I 368 9.82 -55.47 -4.02
N ILE I 369 10.46 -54.67 -3.18
CA ILE I 369 9.98 -53.34 -2.83
C ILE I 369 10.99 -52.32 -3.33
N LEU I 370 10.54 -51.45 -4.24
CA LEU I 370 11.36 -50.35 -4.75
C LEU I 370 11.06 -49.10 -3.93
N GLY I 371 12.08 -48.55 -3.29
CA GLY I 371 11.88 -47.41 -2.42
C GLY I 371 11.19 -47.83 -1.12
N GLY I 372 10.74 -46.81 -0.39
CA GLY I 372 10.07 -47.04 0.87
C GLY I 372 8.78 -46.27 1.00
N GLY I 373 8.35 -46.03 2.24
CA GLY I 373 7.14 -45.27 2.49
C GLY I 373 5.91 -46.11 2.69
N VAL I 374 4.81 -45.72 2.05
CA VAL I 374 3.55 -46.44 2.21
C VAL I 374 3.62 -47.80 1.54
N VAL I 375 4.29 -47.88 0.40
CA VAL I 375 4.30 -49.11 -0.40
C VAL I 375 4.98 -50.24 0.37
N LYS I 376 6.08 -49.93 1.07
CA LYS I 376 6.84 -50.99 1.72
C LYS I 376 6.06 -51.63 2.85
N HIS I 377 5.33 -50.83 3.63
CA HIS I 377 4.66 -51.38 4.81
C HIS I 377 3.48 -52.26 4.42
N HIS I 378 2.62 -51.76 3.52
CA HIS I 378 1.41 -52.51 3.19
C HIS I 378 1.75 -53.87 2.60
N VAL I 379 2.81 -53.96 1.80
CA VAL I 379 3.28 -55.26 1.32
C VAL I 379 3.79 -56.09 2.49
N CYS I 380 4.52 -55.46 3.42
CA CYS I 380 4.96 -56.17 4.61
C CYS I 380 3.79 -56.47 5.54
N ASN I 381 2.86 -55.52 5.68
CA ASN I 381 1.71 -55.74 6.55
C ASN I 381 0.76 -56.78 5.97
N ALA I 382 0.67 -56.86 4.64
CA ALA I 382 -0.14 -57.90 4.02
C ALA I 382 0.40 -59.29 4.35
N ASN I 383 1.72 -59.46 4.27
CA ASN I 383 2.34 -60.73 4.61
C ASN I 383 2.39 -60.97 6.11
N LEU I 384 2.07 -59.96 6.93
CA LEU I 384 1.93 -60.20 8.36
C LEU I 384 0.76 -61.12 8.67
N MET I 385 -0.32 -61.04 7.87
CA MET I 385 -1.45 -61.94 8.05
C MET I 385 -1.08 -63.38 7.71
N ARG I 386 0.05 -63.60 7.04
CA ARG I 386 0.55 -64.93 6.75
C ARG I 386 1.66 -65.35 7.71
N ASN I 387 1.90 -64.55 8.75
CA ASN I 387 2.99 -64.77 9.70
C ASN I 387 4.35 -64.74 9.00
N GLY I 388 4.50 -63.82 8.06
CA GLY I 388 5.80 -63.59 7.44
C GLY I 388 5.83 -64.04 6.00
N ALA I 389 6.64 -63.35 5.20
CA ALA I 389 6.89 -63.71 3.82
C ALA I 389 8.16 -64.55 3.71
N ASP I 390 8.29 -65.24 2.58
CA ASP I 390 9.41 -66.16 2.39
C ASP I 390 10.62 -65.49 1.75
N TYR I 391 10.43 -64.66 0.73
CA TYR I 391 11.52 -63.95 0.07
C TYR I 391 11.24 -62.46 0.09
N ALA I 392 12.31 -61.67 0.05
CA ALA I 392 12.19 -60.23 0.06
C ALA I 392 13.45 -59.58 -0.50
N VAL I 393 13.26 -58.56 -1.35
CA VAL I 393 14.34 -57.74 -1.86
C VAL I 393 13.95 -56.28 -1.67
N PHE I 394 14.78 -55.54 -0.95
CA PHE I 394 14.54 -54.12 -0.68
C PHE I 394 15.54 -53.29 -1.48
N LEU I 395 15.04 -52.60 -2.49
CA LEU I 395 15.84 -51.64 -3.27
C LEU I 395 15.58 -50.26 -2.69
N ASN I 396 16.50 -49.78 -1.86
CA ASN I 396 16.28 -48.54 -1.12
C ASN I 396 17.59 -47.77 -0.99
N ASN I 397 17.44 -46.50 -0.66
CA ASN I 397 18.57 -45.64 -0.27
C ASN I 397 18.27 -44.96 1.06
N ALA I 398 17.54 -45.64 1.93
CA ALA I 398 17.18 -45.10 3.23
C ALA I 398 18.11 -45.62 4.31
N GLN I 399 18.17 -44.89 5.43
CA GLN I 399 19.05 -45.21 6.53
C GLN I 399 18.23 -45.58 7.76
N GLU I 400 18.89 -46.23 8.71
CA GLU I 400 18.21 -46.81 9.85
C GLU I 400 18.13 -45.89 11.07
N PHE I 401 18.92 -44.82 11.10
CA PHE I 401 19.04 -44.04 12.33
C PHE I 401 17.74 -43.31 12.68
N ASP I 402 16.93 -42.94 11.68
CA ASP I 402 15.69 -42.25 11.99
C ASP I 402 14.62 -43.17 12.56
N GLY I 403 14.85 -44.48 12.56
CA GLY I 403 13.89 -45.43 13.09
C GLY I 403 12.56 -45.47 12.37
N SER I 404 12.59 -45.45 11.04
CA SER I 404 11.39 -45.41 10.23
C SER I 404 11.07 -46.79 9.65
N ASP I 405 9.87 -46.89 9.08
CA ASP I 405 9.46 -48.09 8.35
C ASP I 405 10.01 -48.09 6.93
N ALA I 406 10.68 -47.03 6.50
CA ALA I 406 11.30 -46.98 5.19
C ALA I 406 12.77 -47.42 5.24
N GLY I 407 13.51 -46.91 6.22
CA GLY I 407 14.90 -47.27 6.44
C GLY I 407 15.11 -48.46 7.34
N ALA I 408 14.04 -49.21 7.65
CA ALA I 408 14.17 -50.34 8.56
C ALA I 408 14.93 -51.48 7.91
N ARG I 409 15.67 -52.21 8.75
CA ARG I 409 16.38 -53.39 8.29
C ARG I 409 15.37 -54.50 7.98
N PRO I 410 15.71 -55.40 7.05
CA PRO I 410 14.90 -56.63 6.90
C PRO I 410 14.68 -57.37 8.21
N GLY I 411 15.62 -57.25 9.15
CA GLY I 411 15.42 -57.89 10.45
C GLY I 411 14.25 -57.32 11.21
N GLU I 412 14.06 -56.01 11.15
CA GLU I 412 12.92 -55.40 11.84
C GLU I 412 11.60 -55.98 11.33
N ALA I 413 11.54 -56.35 10.05
CA ALA I 413 10.37 -57.06 9.55
C ALA I 413 10.27 -58.46 10.15
N VAL I 414 11.42 -59.08 10.46
CA VAL I 414 11.39 -60.39 11.09
C VAL I 414 10.86 -60.27 12.52
N SER I 415 11.20 -59.18 13.22
CA SER I 415 10.77 -59.03 14.61
C SER I 415 9.27 -58.86 14.71
N TRP I 416 8.67 -58.08 13.79
CA TRP I 416 7.23 -57.88 13.82
C TRP I 416 6.47 -59.15 13.43
N GLY I 417 7.03 -59.94 12.52
CA GLY I 417 6.31 -61.03 11.90
C GLY I 417 5.89 -60.75 10.47
N LYS I 418 6.17 -59.55 9.96
CA LYS I 418 5.91 -59.26 8.55
C LYS I 418 6.78 -60.13 7.65
N LEU I 419 7.95 -60.55 8.13
CA LEU I 419 8.86 -61.40 7.40
C LEU I 419 9.14 -62.65 8.22
N ARG I 420 9.10 -63.81 7.56
CA ARG I 420 9.15 -65.09 8.25
C ARG I 420 10.56 -65.35 8.78
N LEU I 421 10.65 -66.35 9.67
CA LEU I 421 11.93 -66.82 10.18
C LEU I 421 12.67 -67.66 9.14
N ASP I 422 11.94 -68.51 8.41
CA ASP I 422 12.51 -69.26 7.29
C ASP I 422 12.73 -68.32 6.12
N SER I 423 13.64 -67.36 6.28
CA SER I 423 13.74 -66.23 5.37
C SER I 423 15.08 -66.19 4.65
N THR I 424 15.04 -65.66 3.43
CA THR I 424 16.24 -65.31 2.67
C THR I 424 15.95 -63.96 2.01
N ALA I 425 16.58 -62.90 2.52
CA ALA I 425 16.28 -61.55 2.04
C ALA I 425 17.55 -60.72 2.05
N VAL I 426 17.46 -59.53 1.46
CA VAL I 426 18.60 -58.62 1.37
C VAL I 426 18.06 -57.23 1.08
N LYS I 427 18.80 -56.22 1.53
CA LYS I 427 18.52 -54.82 1.21
C LYS I 427 19.72 -54.24 0.49
N VAL I 428 19.50 -53.67 -0.68
CA VAL I 428 20.56 -53.09 -1.50
C VAL I 428 20.52 -51.58 -1.29
N TYR I 429 21.41 -51.08 -0.45
CA TYR I 429 21.48 -49.64 -0.18
C TYR I 429 22.03 -48.90 -1.39
N SER I 430 21.16 -48.56 -2.34
CA SER I 430 21.56 -47.84 -3.53
C SER I 430 20.32 -47.27 -4.20
N GLU I 431 20.54 -46.29 -5.08
CA GLU I 431 19.46 -45.73 -5.87
C GLU I 431 18.76 -46.82 -6.67
N VAL I 432 17.43 -46.75 -6.73
CA VAL I 432 16.65 -47.78 -7.41
C VAL I 432 16.95 -47.76 -8.91
N THR I 433 17.10 -46.57 -9.50
CA THR I 433 17.30 -46.46 -10.95
C THR I 433 18.58 -47.12 -11.41
N ILE I 434 19.52 -47.37 -10.50
CA ILE I 434 20.77 -48.03 -10.85
C ILE I 434 20.63 -49.55 -10.79
N VAL I 435 19.98 -50.06 -9.75
CA VAL I 435 19.95 -51.50 -9.50
C VAL I 435 18.78 -52.18 -10.21
N PHE I 436 17.60 -51.58 -10.15
CA PHE I 436 16.41 -52.26 -10.67
C PHE I 436 16.47 -52.56 -12.17
N PRO I 437 16.96 -51.68 -13.05
CA PRO I 437 17.12 -52.10 -14.46
C PRO I 437 18.04 -53.29 -14.62
N LEU I 438 19.10 -53.37 -13.81
CA LEU I 438 19.97 -54.54 -13.86
C LEU I 438 19.24 -55.79 -13.38
N ILE I 439 18.45 -55.66 -12.31
CA ILE I 439 17.73 -56.81 -11.76
C ILE I 439 16.83 -57.43 -12.82
N VAL I 440 16.09 -56.58 -13.56
CA VAL I 440 15.13 -57.09 -14.53
C VAL I 440 15.85 -57.79 -15.69
N VAL I 441 16.80 -57.10 -16.31
CA VAL I 441 17.42 -57.63 -17.52
C VAL I 441 18.30 -58.83 -17.21
N HIS I 442 18.79 -58.94 -15.98
CA HIS I 442 19.72 -60.01 -15.62
C HIS I 442 19.02 -61.24 -15.08
N VAL I 443 17.84 -61.08 -14.47
CA VAL I 443 17.11 -62.19 -13.86
C VAL I 443 15.82 -62.48 -14.63
N PHE I 444 14.94 -61.47 -14.76
CA PHE I 444 13.62 -61.72 -15.31
C PHE I 444 13.64 -61.92 -16.82
N VAL I 445 14.38 -61.07 -17.55
CA VAL I 445 14.48 -61.23 -18.99
C VAL I 445 15.14 -62.57 -19.33
N ALA I 446 16.16 -62.96 -18.57
CA ALA I 446 16.80 -64.25 -18.79
C ALA I 446 15.91 -65.40 -18.35
N TRP I 447 15.04 -65.19 -17.36
CA TRP I 447 14.16 -66.26 -16.90
C TRP I 447 13.10 -66.58 -17.94
N VAL I 448 12.50 -65.55 -18.54
CA VAL I 448 11.51 -65.78 -19.60
C VAL I 448 12.18 -66.41 -20.82
N ARG I 449 13.41 -65.99 -21.13
CA ARG I 449 14.15 -66.59 -22.23
C ARG I 449 14.45 -68.05 -21.97
N MET I 450 14.66 -68.42 -20.71
CA MET I 450 14.88 -69.83 -20.36
C MET I 450 13.62 -70.64 -20.59
N MET I 451 12.48 -70.15 -20.12
CA MET I 451 11.22 -70.87 -20.24
C MET I 451 10.67 -70.89 -21.66
N ARG I 452 11.26 -70.14 -22.57
CA ARG I 452 10.80 -70.10 -23.96
C ARG I 452 11.86 -70.68 -24.90
N SER J 8 23.56 -10.61 11.92
CA SER J 8 22.87 -11.40 10.92
C SER J 8 23.82 -11.84 9.82
N ARG J 9 23.41 -12.90 9.10
CA ARG J 9 24.09 -13.41 7.89
C ARG J 9 25.61 -13.58 8.09
N VAL J 10 26.07 -13.69 9.33
CA VAL J 10 27.50 -13.83 9.61
C VAL J 10 27.69 -14.81 10.75
N ILE J 11 28.77 -15.60 10.69
CA ILE J 11 29.06 -16.56 11.75
C ILE J 11 29.60 -15.82 12.97
N GLY J 12 29.14 -16.26 14.16
CA GLY J 12 29.55 -15.64 15.39
C GLY J 12 30.78 -16.28 16.02
N ASP J 13 31.15 -15.76 17.19
CA ASP J 13 32.30 -16.23 17.97
C ASP J 13 31.89 -16.12 19.44
N LEU J 14 31.46 -17.24 20.02
CA LEU J 14 30.93 -17.26 21.38
C LEU J 14 32.04 -17.66 22.34
N ASP J 15 32.27 -16.83 23.37
CA ASP J 15 33.20 -17.15 24.44
C ASP J 15 32.49 -18.13 25.38
N TYR J 16 32.67 -19.42 25.11
CA TYR J 16 32.04 -20.45 25.94
C TYR J 16 32.47 -20.34 27.39
N SER J 17 33.68 -19.86 27.65
CA SER J 17 34.15 -19.69 29.02
C SER J 17 33.34 -18.64 29.77
N ASN J 18 32.69 -17.72 29.07
CA ASN J 18 31.84 -16.74 29.74
C ASN J 18 30.57 -17.37 30.30
N LEU J 19 30.23 -18.59 29.87
CA LEU J 19 29.06 -19.30 30.38
C LEU J 19 29.25 -19.83 31.79
N LEU J 20 30.48 -19.76 32.33
CA LEU J 20 30.75 -20.37 33.63
C LEU J 20 30.12 -19.58 34.77
N ASN J 21 30.07 -18.26 34.65
CA ASN J 21 29.50 -17.42 35.71
C ASN J 21 27.99 -17.27 35.61
N ILE J 22 27.45 -17.27 34.40
CA ILE J 22 26.00 -17.18 34.24
C ILE J 22 25.37 -18.53 34.54
N GLY J 23 24.06 -18.51 34.80
CA GLY J 23 23.37 -19.73 35.21
C GLY J 23 23.44 -20.81 34.15
N GLN J 24 23.35 -22.06 34.61
CA GLN J 24 23.44 -23.20 33.71
C GLN J 24 22.25 -23.26 32.75
N GLU J 25 21.05 -23.01 33.27
CA GLU J 25 19.87 -23.00 32.41
C GLU J 25 19.98 -21.92 31.33
N GLU J 26 20.36 -20.70 31.74
CA GLU J 26 20.55 -19.63 30.77
C GLU J 26 21.73 -19.92 29.85
N ALA J 27 22.72 -20.69 30.31
CA ALA J 27 23.85 -21.04 29.46
C ALA J 27 23.41 -21.89 28.28
N ILE J 28 22.61 -22.94 28.55
CA ILE J 28 22.10 -23.77 27.47
C ILE J 28 21.18 -22.97 26.55
N ARG J 29 20.41 -22.06 27.14
CA ARG J 29 19.53 -21.21 26.32
C ARG J 29 20.33 -20.18 25.53
N CYS J 30 21.42 -19.67 26.10
CA CYS J 30 22.25 -18.72 25.38
C CYS J 30 22.90 -19.35 24.16
N VAL J 31 23.38 -20.59 24.30
CA VAL J 31 24.00 -21.27 23.16
C VAL J 31 22.95 -21.63 22.11
N LEU J 32 21.78 -22.09 22.56
CA LEU J 32 20.69 -22.37 21.62
C LEU J 32 20.25 -21.11 20.90
N ASN J 33 20.27 -19.96 21.58
CA ASN J 33 19.99 -18.69 20.93
C ASN J 33 21.11 -18.29 19.97
N ALA J 34 22.28 -18.90 20.09
CA ALA J 34 23.41 -18.66 19.20
C ALA J 34 23.43 -19.59 18.00
N TYR J 35 22.49 -20.53 17.92
CA TYR J 35 22.48 -21.49 16.81
C TYR J 35 22.34 -20.86 15.44
N PRO J 36 21.50 -19.84 15.20
CA PRO J 36 21.41 -19.26 13.85
C PRO J 36 22.71 -18.63 13.37
N ASN J 37 23.69 -18.43 14.24
CA ASN J 37 24.99 -17.89 13.84
C ASN J 37 26.11 -18.93 13.87
N ILE J 38 25.82 -20.16 14.32
CA ILE J 38 26.86 -21.18 14.40
C ILE J 38 27.33 -21.57 13.01
N GLY J 39 26.41 -22.05 12.17
CA GLY J 39 26.72 -22.37 10.80
C GLY J 39 26.22 -23.75 10.43
N LEU J 40 26.36 -24.05 9.13
CA LEU J 40 25.94 -25.32 8.54
C LEU J 40 24.47 -25.59 8.84
N GLU J 41 24.18 -26.69 9.54
CA GLU J 41 22.82 -27.13 9.79
C GLU J 41 22.29 -26.71 11.15
N ALA J 42 23.13 -26.10 12.00
CA ALA J 42 22.62 -25.49 13.23
C ALA J 42 21.99 -24.14 12.97
N THR J 43 22.45 -23.43 11.94
CA THR J 43 21.78 -22.20 11.53
C THR J 43 20.35 -22.47 11.10
N ASN J 44 20.14 -23.56 10.35
CA ASN J 44 18.79 -23.94 9.94
C ASN J 44 17.90 -24.22 11.14
N LEU J 45 18.45 -24.86 12.17
CA LEU J 45 17.69 -25.09 13.40
C LEU J 45 17.33 -23.76 14.07
N GLY J 46 18.27 -22.82 14.09
CA GLY J 46 18.00 -21.53 14.70
C GLY J 46 16.92 -20.76 13.96
N ARG J 47 17.00 -20.75 12.63
CA ARG J 47 15.96 -20.08 11.84
C ARG J 47 14.64 -20.80 11.97
N ALA J 48 14.66 -22.13 12.05
CA ALA J 48 13.43 -22.89 12.23
C ALA J 48 12.80 -22.61 13.59
N ARG J 49 13.63 -22.53 14.63
CA ARG J 49 13.10 -22.24 15.96
C ARG J 49 12.48 -20.85 16.03
N ARG J 50 13.11 -19.87 15.39
CA ARG J 50 12.55 -18.52 15.37
C ARG J 50 11.18 -18.50 14.69
N ILE J 51 10.96 -19.37 13.71
CA ILE J 51 9.67 -19.43 13.04
C ILE J 51 8.66 -20.19 13.89
N VAL J 52 9.07 -21.35 14.43
CA VAL J 52 8.13 -22.19 15.17
C VAL J 52 7.66 -21.50 16.44
N GLN J 53 8.58 -20.85 17.16
CA GLN J 53 8.20 -20.16 18.40
C GLN J 53 7.24 -19.03 18.12
N ARG J 54 7.53 -18.21 17.11
CA ARG J 54 6.61 -17.14 16.72
C ARG J 54 5.28 -17.70 16.25
N ALA J 55 5.28 -18.91 15.69
CA ALA J 55 4.03 -19.53 15.26
C ALA J 55 3.21 -20.00 16.44
N LEU J 56 3.79 -20.86 17.30
CA LEU J 56 3.05 -21.44 18.40
C LEU J 56 2.48 -20.39 19.36
N ASN J 57 3.06 -19.19 19.38
CA ASN J 57 2.57 -18.14 20.26
C ASN J 57 1.61 -17.20 19.54
N ASP J 58 2.12 -16.48 18.54
CA ASP J 58 1.29 -15.49 17.85
C ASP J 58 0.16 -16.15 17.08
N ASN J 59 0.47 -17.17 16.28
CA ASN J 59 -0.52 -17.73 15.37
C ASN J 59 -1.66 -18.42 16.09
N GLY J 60 -1.47 -18.76 17.36
CA GLY J 60 -2.52 -19.41 18.13
C GLY J 60 -3.72 -18.52 18.39
N MET J 61 -4.71 -18.57 17.49
CA MET J 61 -5.98 -17.87 17.65
C MET J 61 -5.79 -16.34 17.71
N ASP J 62 -5.49 -15.77 16.53
CA ASP J 62 -5.45 -14.32 16.34
C ASP J 62 -5.61 -14.04 14.86
N GLY J 63 -6.52 -14.78 14.21
CA GLY J 63 -6.60 -14.74 12.77
C GLY J 63 -5.51 -15.51 12.08
N ASN J 64 -5.02 -16.59 12.70
CA ASN J 64 -3.94 -17.40 12.15
C ASN J 64 -4.19 -18.86 12.51
N LYS J 65 -3.30 -19.73 12.05
CA LYS J 65 -3.43 -21.16 12.28
C LYS J 65 -2.05 -21.81 12.21
N VAL J 66 -1.91 -22.93 12.92
CA VAL J 66 -0.69 -23.73 12.93
C VAL J 66 -1.07 -25.17 12.64
N MET J 67 -0.41 -25.77 11.65
CA MET J 67 -0.71 -27.13 11.23
C MET J 67 0.57 -27.96 11.29
N LEU J 68 0.48 -29.12 11.94
CA LEU J 68 1.64 -29.98 12.17
C LEU J 68 1.50 -31.27 11.38
N ALA J 69 2.62 -31.76 10.87
CA ALA J 69 2.68 -33.02 10.13
C ALA J 69 3.81 -33.86 10.70
N TYR J 70 3.49 -35.07 11.15
CA TYR J 70 4.48 -35.95 11.76
C TYR J 70 4.37 -37.35 11.17
N THR J 71 5.52 -38.01 11.07
CA THR J 71 5.55 -39.40 10.66
C THR J 71 5.22 -40.32 11.84
N SER J 72 4.85 -41.56 11.51
CA SER J 72 4.38 -42.49 12.54
C SER J 72 5.49 -42.82 13.54
N ASN J 73 6.74 -42.91 13.06
CA ASN J 73 7.84 -43.29 13.93
C ASN J 73 8.03 -42.29 15.06
N LEU J 74 7.65 -41.03 14.85
CA LEU J 74 7.84 -39.99 15.87
C LEU J 74 6.76 -40.01 16.95
N ILE J 75 5.79 -40.92 16.87
CA ILE J 75 4.80 -41.10 17.93
C ILE J 75 5.22 -42.30 18.77
N SER J 76 5.83 -43.29 18.13
CA SER J 76 6.51 -44.34 18.87
C SER J 76 7.57 -43.74 19.79
N SER J 77 8.19 -42.65 19.36
CA SER J 77 9.15 -41.93 20.18
C SER J 77 8.44 -41.17 21.28
N GLY J 78 9.21 -40.42 22.07
CA GLY J 78 8.62 -39.61 23.13
C GLY J 78 8.01 -38.31 22.66
N LEU J 79 8.16 -37.97 21.38
CA LEU J 79 7.64 -36.71 20.87
C LEU J 79 6.12 -36.64 20.94
N ARG J 80 5.44 -37.79 21.04
CA ARG J 80 3.98 -37.76 21.15
C ARG J 80 3.53 -37.03 22.40
N ASP J 81 4.28 -37.16 23.49
CA ASP J 81 3.96 -36.42 24.71
C ASP J 81 4.15 -34.93 24.50
N THR J 82 5.22 -34.55 23.81
CA THR J 82 5.41 -33.15 23.44
C THR J 82 4.35 -32.69 22.45
N PHE J 83 3.98 -33.56 21.50
CA PHE J 83 2.94 -33.20 20.54
C PHE J 83 1.59 -33.05 21.22
N ALA J 84 1.30 -33.91 22.20
CA ALA J 84 0.03 -33.85 22.90
C ALA J 84 -0.14 -32.50 23.60
N CYS J 85 0.94 -31.96 24.17
CA CYS J 85 0.88 -30.66 24.80
C CYS J 85 0.59 -29.54 23.80
N LEU J 86 1.00 -29.74 22.55
CA LEU J 86 0.69 -28.74 21.52
C LEU J 86 -0.81 -28.71 21.23
N ALA J 87 -1.45 -29.87 21.15
CA ALA J 87 -2.89 -29.91 20.91
C ALA J 87 -3.68 -29.68 22.19
N ARG J 88 -3.11 -30.03 23.35
CA ARG J 88 -3.78 -29.78 24.62
C ARG J 88 -4.05 -28.29 24.81
N GLU J 89 -3.12 -27.44 24.37
CA GLU J 89 -3.22 -26.00 24.54
C GLU J 89 -3.83 -25.30 23.34
N ASN J 90 -4.45 -26.06 22.43
CA ASN J 90 -5.15 -25.49 21.27
C ASN J 90 -4.21 -24.69 20.38
N ARG J 91 -2.92 -25.02 20.39
CA ARG J 91 -1.96 -24.33 19.54
C ARG J 91 -1.95 -24.91 18.13
N ILE J 92 -2.28 -26.19 17.98
CA ILE J 92 -2.34 -26.84 16.68
C ILE J 92 -3.73 -26.62 16.08
N GLY J 93 -3.77 -26.28 14.80
CA GLY J 93 -5.03 -26.10 14.12
C GLY J 93 -5.46 -27.30 13.31
N ALA J 94 -4.49 -28.09 12.86
CA ALA J 94 -4.79 -29.28 12.07
C ALA J 94 -3.61 -30.23 12.17
N VAL J 95 -3.91 -31.53 12.04
CA VAL J 95 -2.92 -32.60 12.16
C VAL J 95 -2.97 -33.45 10.91
N VAL J 96 -1.79 -33.78 10.37
CA VAL J 96 -1.66 -34.67 9.23
C VAL J 96 -0.61 -35.72 9.57
N THR J 97 -0.97 -36.99 9.45
CA THR J 97 -0.04 -38.08 9.75
C THR J 97 -0.54 -39.35 9.09
N THR J 98 0.38 -40.30 8.95
CA THR J 98 0.00 -41.63 8.50
C THR J 98 -0.69 -42.38 9.64
N ALA J 99 -1.24 -43.55 9.30
CA ALA J 99 -2.10 -44.28 10.23
C ALA J 99 -1.38 -44.62 11.53
N GLY J 100 -0.08 -44.90 11.46
CA GLY J 100 0.65 -45.25 12.68
C GLY J 100 0.72 -44.12 13.68
N GLY J 101 0.76 -42.87 13.20
CA GLY J 101 0.76 -41.73 14.11
C GLY J 101 -0.52 -41.61 14.91
N VAL J 102 -1.61 -42.21 14.45
CA VAL J 102 -2.85 -42.22 15.20
C VAL J 102 -2.95 -43.45 16.10
N GLU J 103 -2.56 -44.61 15.57
CA GLU J 103 -2.64 -45.86 16.30
C GLU J 103 -1.84 -45.82 17.60
N GLU J 104 -0.51 -45.68 17.49
CA GLU J 104 0.35 -45.81 18.65
C GLU J 104 0.11 -44.71 19.69
N ASP J 105 -0.52 -43.60 19.30
CA ASP J 105 -0.93 -42.63 20.31
C ASP J 105 -2.02 -43.20 21.21
N VAL J 106 -2.98 -43.90 20.62
CA VAL J 106 -3.99 -44.58 21.41
C VAL J 106 -3.41 -45.80 22.11
N ILE J 107 -2.45 -46.47 21.45
CA ILE J 107 -1.83 -47.66 22.02
C ILE J 107 -1.18 -47.34 23.36
N LYS J 108 -0.40 -46.27 23.42
CA LYS J 108 0.39 -45.95 24.61
C LYS J 108 -0.46 -45.40 25.76
N CYS J 109 -1.78 -45.49 25.65
CA CYS J 109 -2.67 -45.41 26.80
C CYS J 109 -3.06 -46.79 27.30
N LEU J 110 -2.96 -47.81 26.45
CA LEU J 110 -3.29 -49.19 26.79
C LEU J 110 -2.03 -50.01 27.07
N GLY J 111 -0.91 -49.35 27.30
CA GLY J 111 0.35 -50.04 27.50
C GLY J 111 1.50 -49.07 27.34
N ASP J 112 2.71 -49.61 27.44
CA ASP J 112 3.93 -48.82 27.41
C ASP J 112 4.84 -49.27 26.27
N THR J 113 5.45 -48.29 25.62
CA THR J 113 6.53 -48.54 24.67
C THR J 113 7.86 -48.45 25.41
N LEU J 114 8.77 -49.36 25.09
CA LEU J 114 10.03 -49.48 25.81
C LEU J 114 11.21 -49.08 24.93
N VAL J 115 12.28 -48.63 25.57
CA VAL J 115 13.51 -48.29 24.88
C VAL J 115 14.36 -49.55 24.73
N GLY J 116 14.91 -49.75 23.54
CA GLY J 116 15.73 -50.91 23.28
C GLY J 116 17.06 -50.54 22.65
N ASP J 117 17.34 -51.12 21.48
CA ASP J 117 18.58 -50.85 20.77
C ASP J 117 18.47 -51.43 19.37
N PHE J 118 19.15 -50.80 18.41
CA PHE J 118 19.16 -51.31 17.04
C PHE J 118 19.84 -52.66 16.94
N ALA J 119 20.66 -53.02 17.92
CA ALA J 119 21.42 -54.27 17.86
C ALA J 119 20.64 -55.48 18.36
N LEU J 120 19.42 -55.28 18.87
CA LEU J 120 18.65 -56.39 19.42
C LEU J 120 18.36 -57.43 18.34
N ASN J 121 18.52 -58.70 18.71
CA ASN J 121 18.28 -59.79 17.78
C ASN J 121 16.79 -59.87 17.46
N ASP J 122 16.44 -59.72 16.17
CA ASP J 122 15.05 -59.65 15.78
C ASP J 122 14.36 -60.99 15.86
N HIS J 123 15.09 -62.09 15.62
CA HIS J 123 14.48 -63.42 15.72
C HIS J 123 14.08 -63.72 17.16
N ALA J 124 14.94 -63.38 18.12
CA ALA J 124 14.58 -63.54 19.53
C ALA J 124 13.45 -62.61 19.93
N LEU J 125 13.40 -61.41 19.35
CA LEU J 125 12.30 -60.50 19.64
C LEU J 125 10.97 -61.06 19.19
N ARG J 126 10.97 -61.79 18.06
CA ARG J 126 9.74 -62.42 17.59
C ARG J 126 9.30 -63.52 18.54
N ASN J 127 10.23 -64.38 18.96
CA ASN J 127 9.90 -65.48 19.86
C ASN J 127 9.55 -65.00 21.26
N ASN J 128 9.85 -63.75 21.61
CA ASN J 128 9.47 -63.19 22.90
C ASN J 128 8.27 -62.27 22.82
N GLY J 129 7.66 -62.13 21.65
CA GLY J 129 6.50 -61.26 21.50
C GLY J 129 6.82 -59.78 21.61
N LEU J 130 7.91 -59.34 20.99
CA LEU J 130 8.34 -57.95 21.03
C LEU J 130 8.55 -57.44 19.62
N ASN J 131 7.92 -56.32 19.29
CA ASN J 131 8.05 -55.70 17.98
C ASN J 131 9.01 -54.53 18.07
N ARG J 132 9.94 -54.46 17.10
CA ARG J 132 11.00 -53.47 17.12
C ARG J 132 10.63 -52.29 16.22
N VAL J 133 10.75 -51.08 16.75
CA VAL J 133 10.62 -49.86 15.96
C VAL J 133 11.95 -49.12 16.04
N GLY J 134 12.92 -49.55 15.22
CA GLY J 134 14.27 -49.00 15.31
C GLY J 134 14.97 -49.45 16.57
N ASN J 135 15.07 -48.55 17.56
CA ASN J 135 15.60 -48.87 18.87
C ASN J 135 14.53 -48.86 19.95
N LEU J 136 13.27 -48.97 19.56
CA LEU J 136 12.14 -49.03 20.47
C LEU J 136 11.47 -50.40 20.38
N LEU J 137 10.61 -50.68 21.36
CA LEU J 137 9.97 -51.98 21.46
C LEU J 137 8.49 -51.80 21.81
N VAL J 138 7.63 -52.50 21.08
CA VAL J 138 6.20 -52.52 21.37
C VAL J 138 5.76 -53.96 21.57
N PRO J 139 5.41 -54.37 22.78
CA PRO J 139 4.98 -55.75 23.01
C PRO J 139 3.68 -56.06 22.28
N ASN J 140 3.51 -57.34 21.95
CA ASN J 140 2.28 -57.77 21.29
C ASN J 140 1.06 -57.59 22.18
N ASP J 141 1.25 -57.59 23.50
CA ASP J 141 0.13 -57.38 24.41
C ASP J 141 -0.50 -56.01 24.23
N ASN J 142 0.27 -55.03 23.77
CA ASN J 142 -0.28 -53.70 23.51
C ASN J 142 -1.31 -53.76 22.39
N TYR J 143 -1.02 -54.49 21.31
CA TYR J 143 -1.94 -54.57 20.19
C TYR J 143 -3.13 -55.47 20.49
N ARG J 144 -2.98 -56.43 21.40
CA ARG J 144 -4.13 -57.22 21.83
C ARG J 144 -5.13 -56.36 22.60
N ASN J 145 -4.62 -55.44 23.42
CA ASN J 145 -5.51 -54.49 24.09
C ASN J 145 -6.14 -53.53 23.09
N PHE J 146 -5.41 -53.16 22.04
CA PHE J 146 -5.97 -52.31 21.01
C PHE J 146 -7.09 -53.02 20.27
N GLU J 147 -6.96 -54.33 20.07
CA GLU J 147 -8.05 -55.10 19.47
C GLU J 147 -9.29 -55.08 20.35
N ASP J 148 -9.10 -55.13 21.67
CA ASP J 148 -10.24 -55.03 22.58
C ASP J 148 -10.85 -53.64 22.59
N PHE J 149 -10.09 -52.61 22.20
CA PHE J 149 -10.59 -51.25 22.18
C PHE J 149 -11.16 -50.84 20.83
N PHE J 150 -10.50 -51.22 19.75
CA PHE J 150 -10.83 -50.70 18.43
C PHE J 150 -11.92 -51.51 17.75
N VAL J 151 -11.90 -52.83 17.90
CA VAL J 151 -12.95 -53.66 17.27
C VAL J 151 -14.34 -53.25 17.73
N PRO J 152 -14.60 -52.98 19.02
CA PRO J 152 -15.94 -52.46 19.37
C PRO J 152 -16.29 -51.17 18.68
N LEU J 153 -15.35 -50.22 18.59
CA LEU J 153 -15.63 -48.96 17.89
C LEU J 153 -15.92 -49.19 16.41
N LEU J 154 -15.28 -50.21 15.80
CA LEU J 154 -15.62 -50.56 14.43
C LEU J 154 -17.05 -51.08 14.34
N ARG J 155 -17.51 -51.79 15.37
CA ARG J 155 -18.89 -52.27 15.40
C ARG J 155 -19.86 -51.11 15.55
N ARG J 156 -19.53 -50.14 16.40
CA ARG J 156 -20.38 -48.95 16.54
C ARG J 156 -20.41 -48.14 15.25
N LEU J 157 -19.25 -47.99 14.60
CA LEU J 157 -19.18 -47.22 13.36
C LEU J 157 -19.90 -47.92 12.22
N HIS J 158 -19.92 -49.26 12.21
CA HIS J 158 -20.57 -49.99 11.13
C HIS J 158 -22.07 -49.71 11.10
N GLU J 159 -22.74 -49.85 12.24
CA GLU J 159 -24.15 -49.48 12.32
C GLU J 159 -24.33 -47.98 12.07
N GLN J 160 -23.36 -47.17 12.48
CA GLN J 160 -23.49 -45.73 12.30
C GLN J 160 -23.52 -45.34 10.83
N GLN J 161 -22.68 -45.98 10.02
CA GLN J 161 -22.72 -45.77 8.58
C GLN J 161 -23.89 -46.49 7.93
N ARG J 162 -24.24 -47.68 8.44
CA ARG J 162 -25.33 -48.45 7.86
C ARG J 162 -26.67 -47.73 8.03
N ASP J 163 -26.93 -47.21 9.22
CA ASP J 163 -28.20 -46.53 9.47
C ASP J 163 -28.37 -45.32 8.55
N SER J 164 -27.37 -44.46 8.48
CA SER J 164 -27.39 -43.27 7.63
C SER J 164 -26.36 -43.48 6.52
N ARG J 165 -26.80 -44.16 5.45
CA ARG J 165 -25.92 -44.43 4.32
C ARG J 165 -25.81 -43.21 3.42
N TRP J 166 -25.67 -42.03 4.03
CA TRP J 166 -25.54 -40.78 3.30
C TRP J 166 -24.11 -40.32 3.45
N THR J 167 -23.77 -39.57 4.51
CA THR J 167 -22.40 -39.13 4.78
C THR J 167 -22.25 -39.01 6.29
N THR J 168 -21.97 -40.14 6.94
CA THR J 168 -21.86 -40.21 8.40
C THR J 168 -20.71 -41.14 8.76
N LYS J 169 -19.65 -40.56 9.33
CA LYS J 169 -18.54 -41.33 9.90
C LYS J 169 -17.91 -42.26 8.86
N THR J 170 -17.57 -41.69 7.69
CA THR J 170 -16.93 -42.44 6.64
C THR J 170 -15.52 -41.95 6.30
N THR J 171 -15.16 -40.75 6.73
CA THR J 171 -13.84 -40.19 6.45
C THR J 171 -12.94 -40.36 7.67
N PRO J 172 -11.62 -40.46 7.44
CA PRO J 172 -10.70 -40.58 8.59
C PRO J 172 -10.81 -39.44 9.59
N SER J 173 -11.26 -38.26 9.16
CA SER J 173 -11.40 -37.14 10.09
C SER J 173 -12.44 -37.45 11.16
N GLN J 174 -13.63 -37.87 10.73
CA GLN J 174 -14.68 -38.20 11.69
C GLN J 174 -14.34 -39.44 12.51
N ILE J 175 -13.65 -40.41 11.90
CA ILE J 175 -13.30 -41.63 12.61
C ILE J 175 -12.31 -41.32 13.73
N ILE J 176 -11.23 -40.59 13.41
CA ILE J 176 -10.22 -40.26 14.41
C ILE J 176 -10.83 -39.41 15.51
N ALA J 177 -11.77 -38.53 15.17
CA ALA J 177 -12.43 -37.71 16.18
C ALA J 177 -13.22 -38.57 17.16
N GLU J 178 -13.95 -39.56 16.65
CA GLU J 178 -14.68 -40.47 17.52
C GLU J 178 -13.78 -41.50 18.18
N ILE J 179 -12.57 -41.70 17.67
CA ILE J 179 -11.59 -42.51 18.38
C ILE J 179 -11.17 -41.81 19.67
N GLY J 180 -10.93 -40.50 19.60
CA GLY J 180 -10.64 -39.75 20.80
C GLY J 180 -11.83 -39.68 21.75
N ALA J 181 -13.04 -39.64 21.20
CA ALA J 181 -14.23 -39.69 22.03
C ALA J 181 -14.37 -41.05 22.71
N ALA J 182 -14.16 -42.13 21.95
CA ALA J 182 -14.20 -43.47 22.53
C ALA J 182 -13.09 -43.67 23.55
N LEU J 183 -11.94 -43.03 23.34
CA LEU J 183 -10.86 -43.12 24.32
C LEU J 183 -11.23 -42.40 25.61
N GLU J 184 -12.00 -41.30 25.50
CA GLU J 184 -12.49 -40.62 26.69
C GLU J 184 -13.48 -41.48 27.46
N SER J 185 -14.31 -42.23 26.74
CA SER J 185 -15.33 -43.06 27.38
C SER J 185 -14.72 -44.32 27.97
N VAL J 186 -13.89 -45.02 27.20
CA VAL J 186 -13.37 -46.31 27.65
C VAL J 186 -12.36 -46.13 28.79
N ARG J 187 -11.36 -45.27 28.57
CA ARG J 187 -10.27 -45.08 29.53
C ARG J 187 -10.22 -43.60 29.91
N PRO J 188 -10.94 -43.19 30.95
CA PRO J 188 -10.99 -41.77 31.32
C PRO J 188 -9.76 -41.25 32.05
N ASN J 189 -8.83 -42.14 32.43
CA ASN J 189 -7.65 -41.71 33.18
C ASN J 189 -6.47 -41.37 32.26
N ASP J 190 -6.01 -42.36 31.49
CA ASP J 190 -4.84 -42.20 30.63
C ASP J 190 -5.10 -41.38 29.39
N CYS J 191 -6.36 -41.04 29.10
CA CYS J 191 -6.68 -40.29 27.88
C CYS J 191 -6.06 -38.90 27.88
N GLY J 192 -5.73 -38.36 29.05
CA GLY J 192 -5.14 -37.04 29.11
C GLY J 192 -3.73 -36.94 28.56
N SER J 193 -3.11 -38.06 28.20
CA SER J 193 -1.75 -38.08 27.68
C SER J 193 -1.68 -38.44 26.20
N SER J 194 -2.81 -38.44 25.50
CA SER J 194 -2.86 -38.83 24.10
C SER J 194 -3.19 -37.63 23.23
N LEU J 195 -2.54 -37.56 22.06
CA LEU J 195 -2.75 -36.45 21.14
C LEU J 195 -4.16 -36.47 20.56
N ILE J 196 -4.64 -37.66 20.17
CA ILE J 196 -5.94 -37.78 19.52
C ILE J 196 -7.06 -37.34 20.45
N TYR J 197 -6.90 -37.57 21.76
CA TYR J 197 -7.92 -37.18 22.73
C TYR J 197 -8.11 -35.66 22.73
N TRP J 198 -7.01 -34.92 22.83
CA TRP J 198 -7.12 -33.46 22.83
C TRP J 198 -7.56 -32.92 21.48
N CYS J 199 -7.18 -33.60 20.39
CA CYS J 199 -7.70 -33.23 19.08
C CYS J 199 -9.21 -33.41 19.00
N TYR J 200 -9.78 -34.27 19.84
CA TYR J 200 -11.23 -34.42 19.89
C TYR J 200 -11.86 -33.32 20.73
N ARG J 201 -11.31 -33.04 21.90
CA ARG J 201 -11.90 -32.04 22.78
C ARG J 201 -11.66 -30.62 22.27
N ASN J 202 -10.45 -30.32 21.81
CA ASN J 202 -10.13 -29.00 21.31
C ASN J 202 -10.59 -28.78 19.86
N ASP J 203 -11.27 -29.75 19.26
CA ASP J 203 -11.79 -29.63 17.89
C ASP J 203 -10.64 -29.36 16.90
N ILE J 204 -9.71 -30.30 16.85
CA ILE J 204 -8.57 -30.25 15.94
C ILE J 204 -8.72 -31.40 14.95
N PRO J 205 -8.93 -31.11 13.66
CA PRO J 205 -9.10 -32.20 12.69
C PRO J 205 -7.79 -32.92 12.41
N VAL J 206 -7.84 -34.25 12.44
CA VAL J 206 -6.69 -35.09 12.13
C VAL J 206 -6.94 -35.76 10.79
N PHE J 207 -5.92 -35.78 9.93
CA PHE J 207 -6.04 -36.31 8.58
C PHE J 207 -5.06 -37.46 8.39
N SER J 208 -5.56 -38.57 7.85
CA SER J 208 -4.73 -39.72 7.53
C SER J 208 -5.32 -40.40 6.30
N PRO J 209 -5.00 -39.90 5.10
CA PRO J 209 -5.62 -40.45 3.89
C PRO J 209 -5.24 -41.90 3.62
N ALA J 210 -4.07 -42.34 4.09
CA ALA J 210 -3.69 -43.75 4.03
C ALA J 210 -4.03 -44.36 5.40
N PHE J 211 -5.33 -44.58 5.61
CA PHE J 211 -5.83 -44.94 6.93
C PHE J 211 -5.62 -46.42 7.23
N THR J 212 -5.77 -47.28 6.22
CA THR J 212 -5.73 -48.71 6.45
C THR J 212 -4.31 -49.28 6.43
N ASP J 213 -3.29 -48.46 6.17
CA ASP J 213 -1.90 -48.93 6.18
C ASP J 213 -1.40 -48.88 7.62
N GLY J 214 -1.64 -49.96 8.35
CA GLY J 214 -1.20 -50.03 9.73
C GLY J 214 -2.04 -51.04 10.50
N SER J 215 -1.85 -51.01 11.83
CA SER J 215 -2.57 -51.92 12.71
C SER J 215 -4.08 -51.70 12.62
N MET J 216 -4.50 -50.46 12.38
CA MET J 216 -5.93 -50.20 12.21
C MET J 216 -6.49 -50.97 11.01
N GLY J 217 -5.74 -51.02 9.92
CA GLY J 217 -6.17 -51.82 8.78
C GLY J 217 -6.25 -53.30 9.10
N ASP J 218 -5.36 -53.79 9.97
CA ASP J 218 -5.42 -55.19 10.38
C ASP J 218 -6.66 -55.45 11.24
N MET J 219 -7.00 -54.51 12.13
CA MET J 219 -8.22 -54.65 12.91
C MET J 219 -9.44 -54.59 12.01
N ILE J 220 -9.44 -53.67 11.03
CA ILE J 220 -10.54 -53.60 10.08
C ILE J 220 -10.62 -54.88 9.25
N TYR J 221 -9.46 -55.48 8.95
CA TYR J 221 -9.46 -56.73 8.18
C TYR J 221 -10.10 -57.86 8.96
N PHE J 222 -9.83 -57.94 10.27
CA PHE J 222 -10.44 -58.98 11.09
C PHE J 222 -11.94 -58.77 11.23
N TYR J 223 -12.37 -57.51 11.38
CA TYR J 223 -13.79 -57.23 11.53
C TYR J 223 -14.53 -57.40 10.20
N ASN J 224 -13.94 -56.92 9.11
CA ASN J 224 -14.60 -57.00 7.81
C ASN J 224 -14.65 -58.42 7.27
N TYR J 225 -13.88 -59.35 7.85
CA TYR J 225 -13.96 -60.74 7.43
C TYR J 225 -15.24 -61.42 7.91
N SER J 226 -15.83 -60.94 9.01
CA SER J 226 -17.07 -61.49 9.55
C SER J 226 -18.29 -60.64 9.23
N ARG J 227 -18.19 -59.33 9.37
CA ARG J 227 -19.29 -58.40 9.08
C ARG J 227 -18.82 -57.40 8.03
N LYS J 228 -19.24 -57.60 6.79
CA LYS J 228 -18.92 -56.65 5.73
C LYS J 228 -19.77 -55.39 5.88
N GLY J 229 -19.29 -54.29 5.31
CA GLY J 229 -20.10 -53.09 5.25
C GLY J 229 -19.43 -51.79 5.67
N LEU J 230 -18.36 -51.87 6.45
CA LEU J 230 -17.64 -50.66 6.84
C LEU J 230 -16.99 -50.03 5.62
N VAL J 231 -16.92 -48.70 5.63
CA VAL J 231 -16.35 -47.94 4.51
C VAL J 231 -15.47 -46.83 5.08
N VAL J 232 -14.30 -46.66 4.48
CA VAL J 232 -13.38 -45.56 4.83
C VAL J 232 -13.18 -44.75 3.56
N ASP J 233 -13.83 -43.60 3.47
CA ASP J 233 -13.77 -42.75 2.29
C ASP J 233 -12.91 -41.52 2.59
N PRO J 234 -11.69 -41.45 2.06
CA PRO J 234 -10.78 -40.34 2.42
C PRO J 234 -10.78 -39.16 1.47
N VAL J 235 -11.58 -39.17 0.40
CA VAL J 235 -11.58 -38.05 -0.54
C VAL J 235 -12.26 -36.81 0.02
N PRO J 236 -13.24 -36.88 0.94
CA PRO J 236 -13.75 -35.62 1.50
C PRO J 236 -12.78 -34.93 2.42
N ASP J 237 -11.81 -35.66 2.99
CA ASP J 237 -10.82 -35.03 3.84
C ASP J 237 -9.92 -34.07 3.06
N VAL J 238 -9.78 -34.29 1.75
CA VAL J 238 -9.01 -33.36 0.93
C VAL J 238 -9.76 -32.05 0.77
N ARG J 239 -11.05 -32.13 0.44
CA ARG J 239 -11.89 -30.93 0.46
C ARG J 239 -11.83 -30.28 1.83
N ARG J 240 -11.86 -31.08 2.90
CA ARG J 240 -11.76 -30.54 4.25
C ARG J 240 -10.44 -29.81 4.45
N LEU J 241 -9.31 -30.52 4.26
CA LEU J 241 -8.01 -29.92 4.48
C LEU J 241 -7.78 -28.69 3.61
N ARG J 242 -8.34 -28.69 2.40
CA ARG J 242 -8.26 -27.50 1.55
C ARG J 242 -9.09 -26.36 2.16
N GLN J 243 -10.28 -26.67 2.67
CA GLN J 243 -11.15 -25.64 3.23
C GLN J 243 -10.55 -24.98 4.46
N LEU J 244 -9.52 -25.58 5.06
CA LEU J 244 -8.88 -25.02 6.24
C LEU J 244 -7.57 -24.29 5.93
N GLY J 245 -7.08 -24.38 4.70
CA GLY J 245 -5.90 -23.64 4.31
C GLY J 245 -6.23 -22.18 4.08
N CYS J 246 -7.27 -21.92 3.29
CA CYS J 246 -7.79 -20.57 3.04
C CYS J 246 -6.71 -19.57 2.66
N GLY J 252 -3.38 -13.96 9.37
CA GLY J 252 -3.43 -14.89 8.27
C GLY J 252 -2.22 -15.80 8.18
N ARG J 253 -1.22 -15.53 9.00
CA ARG J 253 0.01 -16.30 9.01
C ARG J 253 -0.26 -17.77 9.31
N ILE J 254 -0.46 -18.57 8.27
CA ILE J 254 -0.66 -20.00 8.40
C ILE J 254 0.71 -20.68 8.31
N THR J 255 1.14 -21.29 9.40
CA THR J 255 2.46 -21.91 9.50
C THR J 255 2.32 -23.42 9.55
N CYS J 256 3.15 -24.11 8.78
CA CYS J 256 3.15 -25.57 8.72
C CYS J 256 4.44 -26.10 9.31
N ILE J 257 4.31 -26.93 10.35
CA ILE J 257 5.45 -27.56 11.01
C ILE J 257 5.47 -29.01 10.56
N VAL J 258 6.41 -29.35 9.66
CA VAL J 258 6.52 -30.67 9.10
C VAL J 258 7.72 -31.35 9.75
N LEU J 259 7.44 -32.17 10.76
CA LEU J 259 8.48 -32.96 11.44
C LEU J 259 8.51 -34.34 10.81
N GLY J 260 9.52 -34.61 9.99
CA GLY J 260 9.58 -35.86 9.26
C GLY J 260 8.77 -35.78 7.98
N ALA J 261 9.40 -36.07 6.84
CA ALA J 261 8.77 -35.91 5.54
C ALA J 261 8.36 -37.26 4.98
N GLY J 262 7.06 -37.42 4.76
CA GLY J 262 6.52 -38.59 4.10
C GLY J 262 5.20 -38.25 3.43
N LEU J 263 4.19 -39.10 3.61
CA LEU J 263 2.83 -38.71 3.25
C LEU J 263 2.37 -37.46 3.98
N PRO J 264 2.67 -37.26 5.28
CA PRO J 264 2.29 -35.98 5.92
C PRO J 264 2.71 -34.75 5.16
N LYS J 265 3.96 -34.66 4.71
CA LYS J 265 4.46 -33.43 4.11
C LYS J 265 3.72 -33.11 2.81
N HIS J 266 3.71 -34.05 1.87
CA HIS J 266 3.08 -33.79 0.58
C HIS J 266 1.59 -33.51 0.74
N HIS J 267 0.88 -34.37 1.48
CA HIS J 267 -0.57 -34.22 1.60
C HIS J 267 -0.95 -32.93 2.31
N LEU J 268 -0.07 -32.39 3.16
CA LEU J 268 -0.37 -31.15 3.85
C LEU J 268 -0.04 -29.94 2.98
N LEU J 269 1.21 -29.87 2.50
CA LEU J 269 1.65 -28.71 1.74
C LEU J 269 1.02 -28.63 0.35
N ARG J 270 0.47 -29.74 -0.15
CA ARG J 270 -0.22 -29.70 -1.44
C ARG J 270 -1.60 -29.08 -1.33
N ASN J 271 -2.28 -29.27 -0.20
CA ASN J 271 -3.64 -28.78 0.00
C ASN J 271 -3.71 -27.52 0.84
N VAL J 272 -2.65 -27.16 1.55
CA VAL J 272 -2.63 -25.98 2.40
C VAL J 272 -1.71 -24.94 1.79
N GLN J 273 -2.18 -23.69 1.73
CA GLN J 273 -1.39 -22.56 1.22
C GLN J 273 -0.68 -21.93 2.40
N ALA J 274 0.55 -22.37 2.65
CA ALA J 274 1.29 -21.97 3.83
C ALA J 274 2.08 -20.69 3.59
N ASP J 275 2.12 -19.83 4.61
CA ASP J 275 2.98 -18.65 4.59
C ASP J 275 4.36 -18.93 5.20
N ALA J 276 4.45 -19.92 6.09
CA ALA J 276 5.71 -20.30 6.71
C ALA J 276 5.76 -21.82 6.82
N VAL J 277 6.89 -22.41 6.41
CA VAL J 277 7.06 -23.85 6.41
C VAL J 277 8.38 -24.19 7.11
N VAL J 278 8.38 -25.28 7.86
CA VAL J 278 9.57 -25.78 8.54
C VAL J 278 9.73 -27.25 8.20
N TYR J 279 10.91 -27.61 7.66
CA TYR J 279 11.24 -28.98 7.35
C TYR J 279 12.21 -29.54 8.38
N VAL J 280 11.96 -30.77 8.82
CA VAL J 280 12.87 -31.53 9.66
C VAL J 280 12.92 -32.94 9.08
N THR J 281 13.79 -33.15 8.11
CA THR J 281 13.84 -34.38 7.33
C THR J 281 15.24 -34.98 7.38
N THR J 282 15.37 -36.16 6.76
CA THR J 282 16.66 -36.83 6.61
C THR J 282 16.98 -37.27 5.20
N GLY J 283 15.98 -37.37 4.31
CA GLY J 283 16.24 -37.88 2.98
C GLY J 283 17.12 -36.94 2.17
N SER J 284 17.83 -37.53 1.21
CA SER J 284 18.76 -36.81 0.36
C SER J 284 18.17 -36.60 -1.03
N ASP J 285 18.51 -35.46 -1.63
CA ASP J 285 17.94 -35.08 -2.93
C ASP J 285 18.17 -36.14 -4.00
N ALA J 286 19.20 -36.98 -3.83
CA ALA J 286 19.51 -37.98 -4.85
C ALA J 286 18.37 -38.99 -5.01
N ASP J 287 17.58 -39.21 -3.96
CA ASP J 287 16.49 -40.17 -4.06
C ASP J 287 15.42 -39.74 -5.05
N GLY J 288 15.36 -38.46 -5.41
CA GLY J 288 14.35 -37.98 -6.35
C GLY J 288 12.93 -38.18 -5.86
N CYS J 289 12.72 -38.12 -4.56
CA CYS J 289 11.41 -38.37 -3.96
C CYS J 289 10.89 -37.10 -3.30
N GLU J 290 9.63 -37.17 -2.85
CA GLU J 290 9.05 -36.05 -2.13
C GLU J 290 9.61 -35.92 -0.72
N SER J 291 9.95 -37.05 -0.08
CA SER J 291 10.45 -36.99 1.30
C SER J 291 11.77 -36.24 1.39
N SER J 292 12.59 -36.32 0.35
CA SER J 292 13.85 -35.56 0.30
C SER J 292 13.50 -34.10 0.00
N CYS J 293 13.19 -33.37 1.06
CA CYS J 293 12.70 -32.00 0.97
C CYS J 293 13.65 -31.10 0.22
N ASN J 294 13.42 -30.93 -1.08
CA ASN J 294 14.15 -29.96 -1.89
C ASN J 294 13.32 -28.68 -1.96
N VAL J 295 13.87 -27.60 -1.40
CA VAL J 295 13.10 -26.38 -1.23
C VAL J 295 12.66 -25.82 -2.58
N MET J 296 13.62 -25.62 -3.50
CA MET J 296 13.28 -25.03 -4.78
C MET J 296 12.44 -25.98 -5.63
N ALA J 297 12.70 -27.29 -5.54
CA ALA J 297 11.89 -28.25 -6.28
C ALA J 297 10.46 -28.28 -5.76
N ASP J 298 10.28 -28.11 -4.45
CA ASP J 298 8.94 -27.99 -3.90
C ASP J 298 8.26 -26.71 -4.37
N ARG J 299 9.02 -25.63 -4.54
CA ARG J 299 8.44 -24.40 -5.06
C ARG J 299 7.98 -24.56 -6.50
N ALA J 300 8.73 -25.34 -7.29
CA ALA J 300 8.36 -25.54 -8.69
C ALA J 300 7.12 -26.41 -8.83
N ASN J 301 6.79 -27.22 -7.83
CA ASN J 301 5.65 -28.13 -7.89
C ASN J 301 4.41 -27.56 -7.22
N GLY J 302 4.47 -26.34 -6.71
CA GLY J 302 3.32 -25.75 -6.04
C GLY J 302 3.14 -26.14 -4.60
N LEU J 303 4.10 -26.86 -4.02
CA LEU J 303 4.00 -27.20 -2.60
C LEU J 303 4.30 -26.00 -1.72
N LEU J 304 5.16 -25.09 -2.21
CA LEU J 304 5.47 -23.85 -1.52
C LEU J 304 5.23 -22.68 -2.47
N SER J 305 4.57 -21.64 -1.97
CA SER J 305 4.37 -20.45 -2.79
C SER J 305 5.72 -19.75 -3.01
N PRO J 306 5.87 -19.02 -4.11
CA PRO J 306 7.15 -18.33 -4.36
C PRO J 306 7.48 -17.27 -3.33
N ASN J 307 6.50 -16.80 -2.56
CA ASN J 307 6.71 -15.80 -1.52
C ASN J 307 6.68 -16.41 -0.12
N CYS J 308 6.82 -17.73 -0.01
CA CYS J 308 6.70 -18.43 1.26
C CYS J 308 8.04 -18.44 1.99
N ASP J 309 8.01 -18.06 3.26
CA ASP J 309 9.20 -18.16 4.12
C ASP J 309 9.37 -19.62 4.53
N VAL J 310 10.54 -20.18 4.24
CA VAL J 310 10.81 -21.60 4.49
C VAL J 310 12.24 -21.76 4.97
N VAL J 311 12.45 -22.69 5.90
CA VAL J 311 13.77 -23.10 6.33
C VAL J 311 13.72 -24.61 6.58
N ARG J 312 14.76 -25.32 6.13
CA ARG J 312 14.80 -26.77 6.24
C ARG J 312 15.93 -27.20 7.18
N VAL J 313 15.60 -28.07 8.13
CA VAL J 313 16.58 -28.65 9.05
C VAL J 313 16.76 -30.12 8.67
N HIS J 314 18.01 -30.52 8.47
CA HIS J 314 18.34 -31.91 8.15
C HIS J 314 18.86 -32.58 9.42
N GLY J 315 18.13 -33.59 9.89
CA GLY J 315 18.54 -34.31 11.08
C GLY J 315 17.38 -35.12 11.62
N ASP J 316 17.66 -35.80 12.73
CA ASP J 316 16.65 -36.60 13.41
C ASP J 316 15.73 -35.68 14.20
N ALA J 317 14.43 -35.77 13.94
CA ALA J 317 13.45 -34.92 14.61
C ALA J 317 13.40 -35.15 16.11
N THR J 318 13.89 -36.29 16.60
CA THR J 318 13.95 -36.50 18.04
C THR J 318 14.94 -35.57 18.71
N ILE J 319 15.98 -35.15 17.98
CA ILE J 319 16.91 -34.16 18.49
C ILE J 319 16.48 -32.74 18.14
N ILE J 320 15.85 -32.56 16.98
CA ILE J 320 15.52 -31.22 16.49
C ILE J 320 14.25 -30.70 17.15
N SER J 321 13.17 -31.48 17.11
CA SER J 321 11.87 -30.98 17.56
C SER J 321 11.87 -30.46 18.99
N PRO J 322 12.48 -31.12 19.98
CA PRO J 322 12.48 -30.53 21.33
C PRO J 322 13.15 -29.17 21.39
N LEU J 323 14.20 -28.96 20.60
CA LEU J 323 14.87 -27.66 20.59
C LEU J 323 14.03 -26.60 19.89
N LEU J 324 13.18 -27.02 18.94
CA LEU J 324 12.32 -26.07 18.26
C LEU J 324 11.09 -25.72 19.10
N LEU J 325 10.55 -26.69 19.83
CA LEU J 325 9.34 -26.49 20.62
C LEU J 325 9.62 -25.98 22.02
N LEU J 326 10.89 -25.83 22.39
CA LEU J 326 11.24 -25.35 23.72
C LEU J 326 10.72 -23.94 23.93
N ARG J 327 9.94 -23.76 24.99
CA ARG J 327 9.32 -22.47 25.26
C ARG J 327 10.35 -21.43 25.67
N SER J 328 9.99 -20.17 25.44
CA SER J 328 10.90 -19.04 25.69
C SER J 328 10.46 -18.25 26.92
N LYS K 23 15.24 -51.85 31.60
CA LYS K 23 14.55 -51.24 30.48
C LYS K 23 13.62 -50.14 30.95
N GLN K 24 13.69 -48.99 30.28
CA GLN K 24 12.90 -47.82 30.64
C GLN K 24 11.69 -47.68 29.71
N VAL K 25 10.80 -46.76 30.08
CA VAL K 25 9.61 -46.45 29.29
C VAL K 25 9.92 -45.26 28.39
N VAL K 26 9.23 -45.19 27.26
CA VAL K 26 9.44 -44.13 26.28
C VAL K 26 8.57 -42.94 26.66
N VAL K 27 9.20 -41.88 27.16
CA VAL K 27 8.51 -40.64 27.52
C VAL K 27 9.39 -39.47 27.07
N GLY K 28 8.80 -38.56 26.30
CA GLY K 28 9.52 -37.41 25.81
C GLY K 28 9.20 -36.15 26.60
N PRO K 29 9.75 -35.01 26.15
CA PRO K 29 9.56 -33.74 26.88
C PRO K 29 8.11 -33.46 27.22
N ASN K 30 7.80 -33.44 28.51
CA ASN K 30 6.43 -33.39 28.99
C ASN K 30 5.94 -31.95 29.04
N GLN K 31 4.74 -31.74 29.60
CA GLN K 31 4.17 -30.40 29.67
C GLN K 31 4.99 -29.49 30.58
N GLU K 32 5.41 -30.01 31.73
CA GLU K 32 6.06 -29.17 32.73
C GLU K 32 7.53 -28.90 32.37
N ASP K 33 8.22 -29.89 31.82
CA ASP K 33 9.66 -29.79 31.61
C ASP K 33 10.04 -29.23 30.24
N LEU K 34 9.10 -28.63 29.52
CA LEU K 34 9.42 -27.91 28.30
C LEU K 34 9.77 -26.45 28.57
N HIS K 35 9.88 -26.06 29.85
CA HIS K 35 10.25 -24.71 30.23
C HIS K 35 11.76 -24.54 30.41
N SER K 36 12.50 -25.63 30.57
CA SER K 36 13.93 -25.58 30.81
C SER K 36 14.63 -26.57 29.89
N ALA K 37 15.63 -26.10 29.15
CA ALA K 37 16.39 -26.97 28.25
C ALA K 37 17.18 -28.02 28.99
N GLU K 38 17.50 -27.79 30.27
CA GLU K 38 18.22 -28.80 31.04
C GLU K 38 17.38 -30.05 31.22
N ALA K 39 16.08 -29.90 31.46
CA ALA K 39 15.21 -31.05 31.61
C ALA K 39 14.95 -31.74 30.28
N VAL K 40 14.86 -30.95 29.20
CA VAL K 40 14.66 -31.53 27.87
C VAL K 40 15.84 -32.40 27.49
N LEU K 41 17.06 -31.86 27.62
CA LEU K 41 18.25 -32.64 27.31
C LEU K 41 18.41 -33.83 28.24
N ASN K 42 17.85 -33.76 29.45
CA ASN K 42 17.88 -34.91 30.34
C ASN K 42 16.91 -35.99 29.90
N ARG K 43 15.74 -35.60 29.38
CA ARG K 43 14.74 -36.57 28.96
C ARG K 43 14.99 -37.11 27.56
N TYR K 44 16.12 -36.72 26.92
CA TYR K 44 16.49 -37.35 25.66
C TYR K 44 16.75 -38.84 25.81
N SER K 45 16.97 -39.32 27.04
CA SER K 45 17.26 -40.72 27.26
C SER K 45 16.08 -41.60 26.86
N THR K 46 14.86 -41.16 27.17
CA THR K 46 13.66 -41.97 26.96
C THR K 46 12.83 -41.49 25.77
N VAL K 47 13.35 -40.58 24.96
CA VAL K 47 12.57 -40.09 23.82
C VAL K 47 12.72 -41.00 22.61
N GLY K 48 13.85 -41.69 22.47
CA GLY K 48 14.00 -42.71 21.47
C GLY K 48 14.86 -42.26 20.29
N PHE K 49 15.27 -43.24 19.50
CA PHE K 49 16.03 -43.08 18.25
C PHE K 49 17.40 -42.47 18.58
N GLN K 50 17.90 -41.57 17.70
CA GLN K 50 19.24 -41.01 17.83
C GLN K 50 19.34 -39.89 18.85
N ALA K 51 18.26 -39.58 19.57
CA ALA K 51 18.37 -38.72 20.74
C ALA K 51 18.65 -39.51 22.00
N SER K 52 18.29 -40.79 22.02
CA SER K 52 18.75 -41.66 23.09
C SER K 52 20.25 -41.92 22.96
N ASN K 53 20.73 -42.09 21.73
CA ASN K 53 22.17 -42.19 21.50
C ASN K 53 22.88 -40.91 21.92
N LEU K 54 22.23 -39.75 21.71
CA LEU K 54 22.80 -38.49 22.19
C LEU K 54 22.84 -38.46 23.71
N ALA K 55 21.78 -38.94 24.37
CA ALA K 55 21.79 -39.02 25.82
C ALA K 55 22.84 -40.02 26.31
N ARG K 56 23.14 -41.03 25.50
CA ARG K 56 24.24 -41.93 25.83
C ARG K 56 25.58 -41.23 25.63
N ALA K 57 25.69 -40.40 24.60
CA ALA K 57 26.90 -39.60 24.41
C ALA K 57 27.13 -38.66 25.57
N PHE K 58 26.06 -38.13 26.16
CA PHE K 58 26.20 -37.32 27.36
C PHE K 58 26.81 -38.12 28.50
N SER K 59 26.34 -39.35 28.71
CA SER K 59 26.84 -40.18 29.79
C SER K 59 28.28 -40.62 29.53
N ILE K 60 28.59 -41.03 28.30
CA ILE K 60 29.94 -41.48 27.98
C ILE K 60 30.94 -40.35 28.15
N CYS K 61 30.56 -39.13 27.76
CA CYS K 61 31.44 -37.99 27.95
C CYS K 61 31.70 -37.73 29.44
N GLU K 62 30.67 -37.88 30.26
CA GLU K 62 30.87 -37.72 31.70
C GLU K 62 31.75 -38.82 32.28
N MET K 63 31.71 -40.01 31.67
CA MET K 63 32.62 -41.07 32.10
C MET K 63 34.06 -40.75 31.72
N MET K 64 34.26 -40.18 30.53
CA MET K 64 35.60 -39.76 30.13
C MET K 64 36.18 -38.75 31.10
N LEU K 65 35.33 -37.89 31.67
CA LEU K 65 35.76 -36.83 32.57
C LEU K 65 35.64 -37.21 34.04
N THR K 66 35.19 -38.43 34.34
CA THR K 66 35.07 -38.87 35.72
C THR K 66 36.34 -39.57 36.16
N PRO K 67 37.08 -39.04 37.12
CA PRO K 67 38.30 -39.71 37.59
C PRO K 67 38.01 -41.12 38.06
N GLN K 68 38.79 -42.07 37.56
CA GLN K 68 38.52 -43.47 37.78
C GLN K 68 39.83 -44.24 37.81
N SER K 69 39.76 -45.55 37.64
CA SER K 69 40.84 -46.48 37.88
C SER K 69 41.42 -47.03 36.58
N PRO K 70 42.62 -47.63 36.63
CA PRO K 70 43.24 -48.11 35.38
C PRO K 70 42.44 -49.23 34.72
N SER K 71 42.72 -49.44 33.43
CA SER K 71 42.00 -50.43 32.65
C SER K 71 42.29 -51.83 33.18
N PRO K 72 41.31 -52.72 33.18
CA PRO K 72 41.52 -54.07 33.68
C PRO K 72 42.36 -54.90 32.72
N SER K 73 42.75 -56.09 33.19
CA SER K 73 43.55 -57.01 32.39
C SER K 73 42.73 -57.57 31.24
N PRO K 86 43.96 -49.06 43.42
CA PRO K 86 45.17 -48.65 44.14
C PRO K 86 45.63 -47.24 43.74
N VAL K 87 45.37 -46.86 42.48
CA VAL K 87 45.64 -45.52 42.00
C VAL K 87 44.53 -45.14 41.03
N MET K 88 44.19 -43.86 41.01
CA MET K 88 43.14 -43.35 40.15
C MET K 88 43.72 -42.37 39.13
N VAL K 89 43.06 -42.29 37.98
CA VAL K 89 43.58 -41.56 36.83
C VAL K 89 42.52 -40.65 36.25
N GLN K 90 42.98 -39.59 35.58
CA GLN K 90 42.11 -38.79 34.72
C GLN K 90 42.32 -39.26 33.29
N PRO K 91 41.33 -39.89 32.66
CA PRO K 91 41.55 -40.46 31.33
C PRO K 91 41.99 -39.42 30.32
N THR K 92 42.86 -39.83 29.40
CA THR K 92 43.31 -38.95 28.32
C THR K 92 42.25 -38.91 27.22
N LEU K 93 41.87 -37.70 26.83
CA LEU K 93 40.79 -37.50 25.87
C LEU K 93 41.37 -37.16 24.50
N PHE K 94 41.15 -38.03 23.53
CA PHE K 94 41.55 -37.82 22.14
C PHE K 94 40.35 -37.29 21.38
N VAL K 95 40.44 -36.06 20.88
CA VAL K 95 39.38 -35.46 20.10
C VAL K 95 39.81 -35.38 18.65
N GLY K 96 38.91 -35.76 17.74
CA GLY K 96 39.18 -35.71 16.31
C GLY K 96 38.14 -34.88 15.58
N VAL K 97 38.59 -33.87 14.84
CA VAL K 97 37.70 -32.92 14.20
C VAL K 97 38.06 -32.81 12.73
N THR K 98 37.05 -32.85 11.86
CA THR K 98 37.28 -32.61 10.45
C THR K 98 37.55 -31.12 10.21
N ALA K 99 38.02 -30.81 9.00
CA ALA K 99 38.54 -29.48 8.73
C ALA K 99 37.44 -28.43 8.69
N ASN K 100 36.37 -28.69 7.94
CA ASN K 100 35.35 -27.68 7.71
C ASN K 100 34.60 -27.30 8.98
N LEU K 101 34.70 -28.11 10.04
CA LEU K 101 34.01 -27.77 11.28
C LEU K 101 34.61 -26.56 11.98
N PHE K 102 35.86 -26.21 11.68
CA PHE K 102 36.43 -24.99 12.25
C PHE K 102 35.90 -23.74 11.57
N GLY K 103 35.29 -23.89 10.39
CA GLY K 103 34.64 -22.75 9.76
C GLY K 103 33.34 -22.37 10.44
N THR K 104 32.64 -23.36 11.01
CA THR K 104 31.37 -23.10 11.69
C THR K 104 31.63 -22.84 13.18
N GLY K 105 30.56 -22.71 13.96
CA GLY K 105 30.65 -22.38 15.37
C GLY K 105 31.24 -23.44 16.26
N CYS K 106 31.64 -24.60 15.72
CA CYS K 106 32.29 -25.60 16.56
C CYS K 106 33.69 -25.17 16.97
N ARG K 107 34.31 -24.26 16.21
CA ARG K 107 35.58 -23.66 16.64
C ARG K 107 35.44 -23.01 18.02
N GLU K 108 34.29 -22.40 18.29
CA GLU K 108 34.06 -21.79 19.60
C GLU K 108 34.12 -22.83 20.71
N ALA K 109 33.49 -23.98 20.50
CA ALA K 109 33.42 -25.00 21.55
C ALA K 109 34.72 -25.77 21.68
N ILE K 110 35.37 -26.09 20.56
CA ILE K 110 36.67 -26.75 20.61
C ILE K 110 37.69 -25.86 21.29
N ARG K 111 37.62 -24.55 21.04
CA ARG K 111 38.46 -23.60 21.77
C ARG K 111 38.23 -23.71 23.26
N PHE K 112 36.96 -23.78 23.68
CA PHE K 112 36.65 -23.95 25.10
C PHE K 112 37.32 -25.20 25.66
N LEU K 113 37.30 -26.30 24.91
CA LEU K 113 37.94 -27.52 25.36
C LEU K 113 39.44 -27.33 25.55
N CYS K 114 40.04 -26.36 24.86
CA CYS K 114 41.45 -26.06 24.98
C CYS K 114 41.75 -24.91 25.91
N THR K 115 40.79 -24.00 26.14
CA THR K 115 41.03 -22.84 27.00
C THR K 115 41.03 -23.25 28.48
N GLU K 116 39.86 -23.55 29.02
CA GLU K 116 39.72 -23.80 30.44
C GLU K 116 40.45 -25.08 30.85
N CYS K 117 41.13 -25.01 32.00
CA CYS K 117 41.83 -26.16 32.56
C CYS K 117 41.45 -26.30 34.02
N VAL K 118 41.25 -27.55 34.45
CA VAL K 118 40.81 -27.86 35.80
C VAL K 118 41.98 -28.53 36.53
N PRO K 119 42.41 -27.99 37.67
CA PRO K 119 43.47 -28.67 38.44
C PRO K 119 43.05 -30.08 38.84
N LEU K 120 44.01 -30.99 38.82
CA LEU K 120 43.73 -32.38 39.12
C LEU K 120 43.48 -32.56 40.62
N PRO K 121 42.38 -33.22 41.00
CA PRO K 121 42.09 -33.41 42.43
C PRO K 121 43.09 -34.31 43.16
N ASN K 122 42.67 -34.80 44.33
CA ASN K 122 43.55 -35.61 45.18
C ASN K 122 43.65 -37.03 44.66
N GLY K 123 44.88 -37.51 44.48
CA GLY K 123 45.11 -38.90 44.14
C GLY K 123 44.77 -39.30 42.73
N VAL K 124 44.69 -38.35 41.81
CA VAL K 124 44.43 -38.63 40.40
C VAL K 124 45.72 -38.35 39.61
N GLU K 125 46.11 -39.30 38.78
CA GLU K 125 47.35 -39.21 38.03
C GLU K 125 47.06 -39.22 36.54
N PRO K 126 47.50 -38.22 35.78
CA PRO K 126 47.28 -38.24 34.34
C PRO K 126 48.17 -39.28 33.67
N ALA K 127 47.63 -39.94 32.65
CA ALA K 127 48.34 -41.00 31.95
C ALA K 127 48.23 -40.85 30.44
N GLY K 142 64.99 -26.44 21.26
CA GLY K 142 66.23 -25.70 21.24
C GLY K 142 66.15 -24.44 20.40
N ALA K 143 66.24 -24.59 19.09
CA ALA K 143 66.04 -23.47 18.16
C ALA K 143 64.57 -23.42 17.76
N LEU K 144 64.12 -24.38 16.95
CA LEU K 144 62.70 -24.66 16.82
C LEU K 144 62.30 -25.65 17.90
N LYS K 145 61.06 -25.54 18.36
CA LYS K 145 60.65 -26.20 19.58
C LYS K 145 59.53 -27.20 19.30
N PRO K 146 59.67 -28.45 19.76
CA PRO K 146 58.65 -29.47 19.48
C PRO K 146 57.39 -29.23 20.30
N SER K 147 56.36 -29.99 19.95
CA SER K 147 55.06 -29.86 20.61
C SER K 147 55.11 -30.55 21.97
N PRO K 148 54.80 -29.85 23.07
CA PRO K 148 54.78 -30.50 24.38
C PRO K 148 53.48 -31.26 24.59
N CYS K 149 53.60 -32.51 25.01
CA CYS K 149 52.45 -33.36 25.31
C CYS K 149 52.10 -33.35 26.78
N ASP K 150 52.11 -32.17 27.40
CA ASP K 150 51.79 -32.02 28.81
C ASP K 150 50.44 -31.32 28.98
N SER K 151 49.41 -31.85 28.35
CA SER K 151 48.12 -31.17 28.27
C SER K 151 47.47 -31.11 29.64
N ARG K 152 47.38 -29.90 30.20
CA ARG K 152 46.57 -29.62 31.38
C ARG K 152 45.30 -28.95 30.88
N ALA K 153 44.29 -29.74 30.56
CA ALA K 153 43.06 -29.22 29.98
C ALA K 153 42.00 -30.32 30.03
N LEU K 154 40.88 -30.08 29.35
CA LEU K 154 39.81 -31.06 29.29
C LEU K 154 40.07 -32.12 28.22
N ILE K 155 40.64 -31.71 27.09
CA ILE K 155 41.11 -32.63 26.06
C ILE K 155 42.62 -32.62 26.07
N HIS K 156 43.22 -33.75 25.72
CA HIS K 156 44.66 -33.93 25.82
C HIS K 156 45.35 -34.19 24.49
N VAL K 157 44.63 -34.63 23.46
CA VAL K 157 45.16 -34.77 22.10
C VAL K 157 44.09 -34.30 21.13
N LEU K 158 44.51 -33.56 20.11
CA LEU K 158 43.60 -33.02 19.09
C LEU K 158 44.13 -33.41 17.71
N VAL K 159 43.58 -34.48 17.15
CA VAL K 159 43.88 -34.89 15.78
C VAL K 159 42.95 -34.15 14.84
N VAL K 160 43.51 -33.54 13.80
CA VAL K 160 42.77 -32.61 12.96
C VAL K 160 43.08 -32.88 11.49
N SER K 161 42.10 -32.57 10.64
CA SER K 161 42.22 -32.84 9.22
C SER K 161 42.98 -31.69 8.52
N GLY K 162 43.37 -31.94 7.27
CA GLY K 162 44.10 -30.95 6.53
C GLY K 162 43.22 -29.78 6.13
N GLY K 163 43.78 -28.58 6.21
CA GLY K 163 43.03 -27.38 5.93
C GLY K 163 42.16 -26.87 7.06
N ALA K 164 42.34 -27.38 8.28
CA ALA K 164 41.51 -27.00 9.42
C ALA K 164 42.07 -25.79 10.16
N MET K 165 43.34 -25.86 10.57
CA MET K 165 43.94 -24.69 11.21
C MET K 165 44.02 -23.52 10.24
N GLU K 166 44.03 -23.82 8.94
CA GLU K 166 43.93 -22.76 7.94
C GLU K 166 42.55 -22.10 8.02
N HIS K 167 41.49 -22.93 8.07
CA HIS K 167 40.15 -22.44 8.36
C HIS K 167 40.16 -21.64 9.66
N ASP K 168 40.98 -22.06 10.63
CA ASP K 168 40.94 -21.48 11.96
C ASP K 168 41.52 -20.07 11.96
N ILE K 169 42.74 -19.92 11.42
CA ILE K 169 43.36 -18.60 11.35
C ILE K 169 42.54 -17.65 10.49
N ARG K 170 41.98 -18.16 9.39
CA ARG K 170 41.21 -17.30 8.49
C ARG K 170 39.99 -16.70 9.18
N ARG K 171 39.43 -17.42 10.16
CA ARG K 171 38.30 -16.89 10.92
C ARG K 171 38.70 -15.70 11.80
N ALA K 172 39.98 -15.58 12.13
CA ALA K 172 40.45 -14.43 12.90
C ALA K 172 40.80 -13.23 12.02
N CYS K 173 41.01 -13.44 10.73
CA CYS K 173 41.31 -12.35 9.81
C CYS K 173 40.05 -11.74 9.23
N GLU K 174 39.12 -12.57 8.78
CA GLU K 174 37.87 -12.12 8.20
C GLU K 174 36.72 -12.93 8.80
N SER K 175 35.52 -12.36 8.73
CA SER K 175 34.34 -13.01 9.26
C SER K 175 33.67 -13.86 8.18
N TYR K 176 33.14 -15.01 8.58
CA TYR K 176 32.48 -15.92 7.66
C TYR K 176 31.01 -15.54 7.51
N LYS K 177 30.56 -15.39 6.27
CA LYS K 177 29.18 -15.03 5.97
C LYS K 177 28.40 -16.28 5.55
N LEU K 178 27.08 -16.21 5.74
CA LEU K 178 26.19 -17.31 5.40
C LEU K 178 25.38 -16.96 4.15
N SER K 179 24.88 -18.00 3.50
CA SER K 179 24.11 -17.85 2.27
C SER K 179 22.81 -17.06 2.52
N ASP K 205 34.69 -15.73 -3.70
CA ASP K 205 34.30 -16.28 -2.40
C ASP K 205 34.12 -17.79 -2.48
N CYS K 206 34.54 -18.48 -1.43
CA CYS K 206 34.49 -19.94 -1.38
C CYS K 206 33.24 -20.41 -0.64
N HIS K 207 32.84 -21.65 -0.93
CA HIS K 207 31.69 -22.28 -0.32
C HIS K 207 32.11 -23.58 0.36
N PHE K 208 31.37 -23.96 1.40
CA PHE K 208 31.41 -25.34 1.87
C PHE K 208 30.08 -25.72 2.51
N GLY K 209 28.98 -25.35 1.86
CA GLY K 209 27.66 -25.62 2.38
C GLY K 209 26.88 -24.36 2.73
N ASN K 210 26.47 -24.21 3.99
CA ASN K 210 25.74 -23.03 4.43
C ASN K 210 26.63 -21.81 4.61
N VAL K 211 27.95 -21.98 4.52
CA VAL K 211 28.89 -20.92 4.86
C VAL K 211 29.66 -20.50 3.61
N ARG K 212 30.10 -19.24 3.61
CA ARG K 212 30.90 -18.69 2.53
C ARG K 212 32.00 -17.83 3.11
N TYR K 213 33.22 -18.00 2.60
CA TYR K 213 34.36 -17.18 2.97
C TYR K 213 35.10 -16.74 1.72
N ASN K 214 36.06 -15.84 1.91
CA ASN K 214 36.82 -15.26 0.81
C ASN K 214 38.24 -15.82 0.79
N SER K 215 38.65 -16.32 -0.37
CA SER K 215 40.00 -16.83 -0.58
C SER K 215 40.71 -15.88 -1.53
N SER K 216 41.51 -14.97 -0.96
CA SER K 216 42.26 -14.01 -1.75
C SER K 216 43.45 -14.69 -2.43
N GLY K 217 44.23 -13.90 -3.17
CA GLY K 217 45.39 -14.44 -3.85
C GLY K 217 46.42 -15.00 -2.90
N VAL K 218 47.32 -15.81 -3.45
CA VAL K 218 48.36 -16.44 -2.63
C VAL K 218 49.35 -15.39 -2.14
N ALA K 219 49.67 -14.40 -2.97
CA ALA K 219 50.56 -13.31 -2.59
C ALA K 219 49.83 -11.97 -2.53
N SER K 220 48.54 -12.00 -2.21
CA SER K 220 47.76 -10.77 -2.11
C SER K 220 48.04 -10.08 -0.79
N ARG K 221 47.58 -8.84 -0.67
CA ARG K 221 47.74 -8.07 0.55
C ARG K 221 46.60 -8.25 1.53
N ASN K 222 45.62 -9.09 1.22
CA ASN K 222 44.57 -9.43 2.18
C ASN K 222 45.22 -10.02 3.44
N LEU K 223 44.60 -9.74 4.58
CA LEU K 223 45.19 -10.06 5.88
C LEU K 223 45.53 -11.54 5.99
N PHE K 224 44.61 -12.41 5.57
CA PHE K 224 44.86 -13.84 5.69
C PHE K 224 46.08 -14.26 4.88
N SER K 225 46.29 -13.64 3.71
CA SER K 225 47.45 -13.97 2.90
C SER K 225 48.74 -13.52 3.58
N CYS K 226 48.70 -12.43 4.34
CA CYS K 226 49.91 -11.92 5.00
C CYS K 226 50.25 -12.71 6.25
N VAL K 227 49.25 -13.08 7.04
CA VAL K 227 49.53 -13.83 8.27
C VAL K 227 50.06 -15.22 7.94
N MET K 228 49.61 -15.82 6.84
CA MET K 228 50.09 -17.14 6.46
C MET K 228 51.49 -17.07 5.86
N ARG K 229 51.74 -16.07 5.02
CA ARG K 229 53.06 -15.93 4.41
C ARG K 229 54.13 -15.64 5.47
N CYS K 230 53.77 -14.87 6.50
CA CYS K 230 54.72 -14.63 7.59
C CYS K 230 54.99 -15.91 8.37
N LEU K 231 53.97 -16.76 8.52
CA LEU K 231 54.17 -18.04 9.19
C LEU K 231 55.10 -18.94 8.39
N VAL K 232 54.85 -19.05 7.08
CA VAL K 232 55.70 -19.87 6.22
C VAL K 232 57.12 -19.32 6.21
N LYS K 233 57.26 -17.99 6.22
CA LYS K 233 58.60 -17.38 6.24
C LYS K 233 59.31 -17.64 7.56
N ARG K 234 58.59 -17.53 8.68
CA ARG K 234 59.19 -17.80 9.98
C ARG K 234 59.63 -19.26 10.09
N LEU K 235 58.79 -20.18 9.61
CA LEU K 235 59.15 -21.60 9.66
C LEU K 235 60.37 -21.89 8.79
N ALA K 236 60.44 -21.26 7.62
CA ALA K 236 61.55 -21.53 6.70
C ALA K 236 62.87 -21.07 7.29
N GLU K 237 62.92 -19.86 7.82
CA GLU K 237 64.17 -19.35 8.39
C GLU K 237 64.52 -20.06 9.70
N ALA K 238 63.51 -20.52 10.44
CA ALA K 238 63.80 -21.29 11.65
C ALA K 238 64.33 -22.67 11.30
N GLN K 239 63.77 -23.30 10.27
CA GLN K 239 64.29 -24.58 9.80
C GLN K 239 65.70 -24.42 9.22
N ARG K 240 65.93 -23.32 8.51
CA ARG K 240 67.26 -23.08 7.94
C ARG K 240 68.29 -22.86 9.04
N LYS K 241 67.89 -22.22 10.14
CA LYS K 241 68.81 -21.99 11.25
C LYS K 241 69.21 -23.30 11.91
N GLU K 242 68.26 -24.21 12.11
CA GLU K 242 68.57 -25.50 12.70
C GLU K 242 69.37 -26.38 11.74
N LYS K 243 69.14 -26.24 10.44
CA LYS K 243 69.89 -27.01 9.46
C LYS K 243 71.36 -26.63 9.47
N ALA K 244 71.66 -25.34 9.60
CA ALA K 244 73.05 -24.90 9.61
C ALA K 244 73.74 -25.25 10.92
N ASN K 245 73.02 -25.14 12.04
CA ASN K 245 73.63 -25.44 13.33
C ASN K 245 73.98 -26.92 13.45
N ARG K 246 73.27 -27.79 12.72
CA ARG K 246 73.58 -29.21 12.72
C ARG K 246 74.55 -29.61 11.61
N GLU K 247 74.60 -28.85 10.51
CA GLU K 247 75.57 -29.13 9.46
C GLU K 247 76.98 -28.66 9.82
N ALA K 248 77.10 -27.77 10.78
CA ALA K 248 78.41 -27.36 11.29
C ALA K 248 78.90 -28.24 12.42
N ALA K 249 78.16 -29.30 12.76
CA ALA K 249 78.50 -30.23 13.81
C ALA K 249 78.80 -31.61 13.22
N PRO K 250 79.55 -32.45 13.94
CA PRO K 250 79.83 -33.79 13.43
C PRO K 250 78.57 -34.63 13.33
N ILE K 251 78.53 -35.48 12.31
CA ILE K 251 77.38 -36.34 12.06
C ILE K 251 77.25 -37.32 13.23
N PRO K 252 76.11 -37.35 13.93
CA PRO K 252 75.99 -38.19 15.13
C PRO K 252 76.04 -39.68 14.83
N GLU K 253 75.95 -40.50 15.88
CA GLU K 253 75.86 -41.95 15.78
C GLU K 253 74.53 -42.37 15.15
N ALA K 254 74.20 -43.66 15.21
CA ALA K 254 72.96 -44.16 14.64
C ALA K 254 71.75 -43.76 15.48
N TYR K 255 71.73 -44.17 16.74
CA TYR K 255 70.56 -43.96 17.58
C TYR K 255 70.30 -42.49 17.89
N TYR K 256 71.30 -41.62 17.71
CA TYR K 256 71.17 -40.21 18.04
C TYR K 256 70.96 -39.31 16.83
N ASP K 257 71.06 -39.85 15.61
CA ASP K 257 70.99 -39.04 14.40
C ASP K 257 69.56 -38.96 13.92
N VAL K 258 68.95 -37.78 14.08
CA VAL K 258 67.59 -37.51 13.62
C VAL K 258 67.62 -36.26 12.75
N CYS K 259 66.73 -36.21 11.77
CA CYS K 259 66.56 -35.02 10.94
C CYS K 259 65.86 -33.95 11.77
N SER K 260 66.65 -33.24 12.58
CA SER K 260 66.09 -32.30 13.55
C SER K 260 65.53 -31.04 12.90
N TRP K 261 65.96 -30.71 11.69
CA TRP K 261 65.43 -29.52 11.02
C TRP K 261 64.09 -29.78 10.34
N ALA K 262 63.66 -31.04 10.26
CA ALA K 262 62.35 -31.33 9.69
C ALA K 262 61.25 -30.93 10.67
N ILE K 263 60.24 -30.22 10.16
CA ILE K 263 59.14 -29.72 10.96
C ILE K 263 57.97 -30.69 10.85
N THR K 264 57.56 -31.25 11.97
CA THR K 264 56.43 -32.16 11.99
C THR K 264 55.13 -31.40 12.21
N PRO K 265 54.02 -31.89 11.65
CA PRO K 265 52.75 -31.15 11.76
C PRO K 265 52.36 -30.73 13.17
N SER K 266 52.71 -31.53 14.18
CA SER K 266 52.45 -31.11 15.56
C SER K 266 53.29 -29.90 15.95
N THR K 267 54.56 -29.88 15.54
CA THR K 267 55.42 -28.75 15.83
C THR K 267 55.03 -27.53 15.00
N LEU K 268 54.60 -27.75 13.75
CA LEU K 268 54.23 -26.63 12.88
C LEU K 268 53.06 -25.85 13.47
N TRP K 269 52.01 -26.56 13.91
CA TRP K 269 50.86 -25.88 14.47
C TRP K 269 51.10 -25.39 15.90
N TYR K 270 52.01 -26.05 16.63
CA TYR K 270 52.32 -25.59 17.98
C TYR K 270 53.05 -24.25 17.94
N MET K 271 54.11 -24.16 17.14
CA MET K 271 54.82 -22.88 17.01
C MET K 271 53.98 -21.84 16.30
N ALA K 272 53.07 -22.27 15.41
CA ALA K 272 52.15 -21.33 14.80
C ALA K 272 51.28 -20.65 15.84
N GLY K 273 50.79 -21.43 16.82
CA GLY K 273 50.01 -20.83 17.90
C GLY K 273 50.87 -19.96 18.80
N LEU K 274 52.12 -20.36 19.03
CA LEU K 274 53.02 -19.53 19.83
C LEU K 274 53.28 -18.18 19.16
N TRP K 275 53.52 -18.20 17.86
CA TRP K 275 53.82 -16.98 17.11
C TRP K 275 52.58 -16.18 16.74
N MET K 276 51.38 -16.73 16.95
CA MET K 276 50.15 -16.12 16.45
C MET K 276 50.05 -14.64 16.82
N ALA K 277 50.47 -14.30 18.05
CA ALA K 277 50.43 -12.91 18.48
C ALA K 277 51.33 -12.04 17.62
N ASP K 278 52.62 -12.41 17.55
CA ASP K 278 53.58 -11.58 16.82
C ASP K 278 53.26 -11.54 15.33
N ILE K 279 52.77 -12.65 14.77
CA ILE K 279 52.49 -12.69 13.34
C ILE K 279 51.31 -11.78 13.00
N PHE K 280 50.28 -11.76 13.85
CA PHE K 280 49.14 -10.89 13.60
C PHE K 280 49.52 -9.43 13.73
N THR K 281 50.37 -9.10 14.70
CA THR K 281 50.82 -7.71 14.85
C THR K 281 51.64 -7.26 13.65
N GLU K 282 52.37 -8.19 13.02
CA GLU K 282 53.16 -7.85 11.85
C GLU K 282 52.28 -7.76 10.61
N ALA K 283 51.31 -8.67 10.47
CA ALA K 283 50.46 -8.66 9.29
C ALA K 283 49.51 -7.47 9.29
N LEU K 284 48.99 -7.10 10.46
CA LEU K 284 48.12 -5.91 10.54
C LEU K 284 48.85 -4.66 10.08
N GLN K 285 50.15 -4.57 10.34
CA GLN K 285 50.91 -3.40 9.91
C GLN K 285 51.29 -3.49 8.44
N GLU K 286 51.72 -4.67 7.98
CA GLU K 286 52.10 -4.82 6.58
C GLU K 286 50.91 -4.60 5.65
N THR K 287 49.69 -4.90 6.12
CA THR K 287 48.50 -4.64 5.33
C THR K 287 48.09 -3.18 5.37
N GLY K 288 48.45 -2.46 6.44
CA GLY K 288 48.06 -1.08 6.59
C GLY K 288 46.73 -0.85 7.28
N GLU K 289 46.10 -1.90 7.80
CA GLU K 289 44.82 -1.74 8.47
C GLU K 289 44.95 -0.89 9.74
N VAL K 290 46.06 -1.07 10.45
CA VAL K 290 46.38 -0.24 11.63
C VAL K 290 47.87 0.08 11.56
N THR K 291 48.21 1.33 11.27
CA THR K 291 49.60 1.72 11.12
C THR K 291 50.28 1.95 12.47
N ASP K 292 49.51 2.32 13.50
CA ASP K 292 50.09 2.49 14.82
C ASP K 292 50.52 1.15 15.37
N GLU K 293 51.75 1.08 15.91
CA GLU K 293 52.31 -0.19 16.36
C GLU K 293 51.73 -0.62 17.70
N LYS K 294 51.38 0.33 18.56
CA LYS K 294 50.80 -0.03 19.86
C LYS K 294 49.41 -0.64 19.68
N VAL K 295 48.55 0.00 18.89
CA VAL K 295 47.22 -0.55 18.67
C VAL K 295 47.29 -1.83 17.85
N ALA K 296 48.33 -1.98 17.02
CA ALA K 296 48.49 -3.22 16.29
C ALA K 296 48.99 -4.35 17.18
N SER K 297 49.72 -4.01 18.25
CA SER K 297 50.19 -5.03 19.18
C SER K 297 49.04 -5.59 20.01
N GLU K 298 48.11 -4.73 20.43
CA GLU K 298 47.00 -5.18 21.26
C GLU K 298 45.90 -5.83 20.42
N GLU K 299 45.67 -5.33 19.20
CA GLU K 299 44.67 -5.94 18.34
C GLU K 299 45.16 -7.27 17.77
N GLY K 300 46.48 -7.40 17.57
CA GLY K 300 47.02 -8.69 17.17
C GLY K 300 46.84 -9.74 18.24
N LEU K 301 47.11 -9.38 19.50
CA LEU K 301 46.87 -10.30 20.60
C LEU K 301 45.38 -10.60 20.74
N LYS K 302 44.52 -9.62 20.45
CA LYS K 302 43.08 -9.84 20.55
C LYS K 302 42.61 -10.84 19.50
N ARG K 303 43.09 -10.71 18.27
CA ARG K 303 42.75 -11.69 17.24
C ARG K 303 43.42 -13.03 17.50
N ALA K 304 44.66 -13.01 18.01
CA ALA K 304 45.38 -14.25 18.23
C ALA K 304 44.78 -15.05 19.37
N LYS K 305 44.10 -14.40 20.31
CA LYS K 305 43.45 -15.11 21.40
C LYS K 305 42.15 -15.80 20.98
N SER K 306 41.64 -15.51 19.80
CA SER K 306 40.40 -16.10 19.32
C SER K 306 40.59 -17.46 18.67
N THR K 307 41.76 -17.73 18.10
CA THR K 307 42.00 -19.01 17.45
C THR K 307 42.35 -20.07 18.47
N VAL K 308 42.04 -21.32 18.12
CA VAL K 308 42.31 -22.44 19.02
C VAL K 308 43.80 -22.83 19.03
N LEU K 309 44.55 -22.45 17.99
CA LEU K 309 45.99 -22.68 17.99
C LEU K 309 46.66 -22.04 19.20
N TYR K 310 46.22 -20.84 19.56
CA TYR K 310 46.83 -20.12 20.68
C TYR K 310 46.67 -20.90 21.98
N TRP K 311 45.44 -21.32 22.29
CA TRP K 311 45.20 -22.03 23.54
C TRP K 311 45.70 -23.47 23.51
N ALA K 312 45.73 -24.09 22.33
CA ALA K 312 46.33 -25.42 22.22
C ALA K 312 47.81 -25.37 22.53
N ALA K 313 48.49 -24.33 22.06
CA ALA K 313 49.91 -24.15 22.36
C ALA K 313 50.14 -23.62 23.76
N ARG K 314 49.22 -22.79 24.27
CA ARG K 314 49.39 -22.19 25.59
C ARG K 314 49.32 -23.26 26.68
N ASN K 315 48.32 -24.14 26.62
CA ASN K 315 48.14 -25.17 27.63
C ASN K 315 48.73 -26.51 27.23
N GLY K 316 49.24 -26.64 26.01
CA GLY K 316 49.98 -27.84 25.62
C GLY K 316 49.13 -28.96 25.05
N VAL K 317 48.22 -28.65 24.14
CA VAL K 317 47.42 -29.65 23.45
C VAL K 317 48.04 -29.87 22.07
N PRO K 318 48.65 -31.03 21.81
CA PRO K 318 49.29 -31.24 20.50
C PRO K 318 48.25 -31.40 19.40
N ILE K 319 48.51 -30.75 18.27
CA ILE K 319 47.61 -30.76 17.13
C ILE K 319 48.25 -31.63 16.05
N PHE K 320 47.84 -32.89 15.98
CA PHE K 320 48.33 -33.80 14.96
C PHE K 320 47.50 -33.66 13.68
N SER K 321 48.17 -33.83 12.54
CA SER K 321 47.51 -33.72 11.25
C SER K 321 48.35 -34.36 10.15
N PRO K 322 48.22 -35.66 9.92
CA PRO K 322 48.95 -36.28 8.80
C PRO K 322 48.44 -35.83 7.44
N SER K 323 47.24 -35.28 7.37
CA SER K 323 46.68 -34.75 6.12
C SER K 323 47.04 -33.27 5.92
N LEU K 324 48.05 -32.77 6.63
CA LEU K 324 48.42 -31.36 6.52
C LEU K 324 48.80 -30.99 5.09
N THR K 325 49.56 -31.86 4.42
CA THR K 325 49.98 -31.60 3.05
C THR K 325 48.82 -31.48 2.07
N ASP K 326 47.59 -31.67 2.53
CA ASP K 326 46.40 -31.39 1.73
C ASP K 326 45.60 -30.32 2.45
N GLY K 327 46.11 -29.10 2.44
CA GLY K 327 45.46 -27.98 3.09
C GLY K 327 45.82 -26.68 2.42
N ASP K 328 45.10 -25.62 2.79
CA ASP K 328 45.34 -24.31 2.18
C ASP K 328 46.74 -23.78 2.47
N ILE K 329 47.40 -24.29 3.51
CA ILE K 329 48.72 -23.80 3.85
C ILE K 329 49.74 -24.15 2.78
N MET K 330 49.49 -25.23 2.02
CA MET K 330 50.43 -25.63 0.98
C MET K 330 50.51 -24.62 -0.16
N GLU K 331 49.44 -23.84 -0.36
CA GLU K 331 49.47 -22.80 -1.38
C GLU K 331 50.58 -21.79 -1.10
N PHE K 332 50.84 -21.51 0.17
CA PHE K 332 51.94 -20.63 0.55
C PHE K 332 53.27 -21.36 0.64
N ILE K 333 53.25 -22.66 0.96
CA ILE K 333 54.48 -23.44 1.03
C ILE K 333 55.13 -23.53 -0.34
N LEU K 334 54.32 -23.71 -1.39
CA LEU K 334 54.86 -23.92 -2.72
C LEU K 334 55.32 -22.60 -3.36
N THR K 335 54.47 -21.57 -3.30
CA THR K 335 54.83 -20.29 -3.90
C THR K 335 56.02 -19.66 -3.19
N ALA K 336 56.20 -19.93 -1.89
CA ALA K 336 57.39 -19.45 -1.20
C ALA K 336 58.65 -20.17 -1.68
N GLY K 337 58.50 -21.34 -2.30
CA GLY K 337 59.63 -22.04 -2.88
C GLY K 337 59.91 -21.69 -4.32
N ASP K 338 59.00 -20.99 -4.99
CA ASP K 338 59.20 -20.56 -6.36
C ASP K 338 60.23 -19.44 -6.49
N THR K 339 60.63 -18.82 -5.37
CA THR K 339 61.61 -17.74 -5.38
C THR K 339 63.02 -18.24 -5.11
N GLY K 340 63.30 -19.51 -5.41
CA GLY K 340 64.65 -20.03 -5.29
C GLY K 340 64.87 -20.91 -4.08
N VAL K 341 64.44 -20.46 -2.91
CA VAL K 341 64.66 -21.18 -1.66
C VAL K 341 63.95 -22.52 -1.71
N PRO K 342 64.48 -23.56 -1.07
CA PRO K 342 63.81 -24.86 -1.11
C PRO K 342 62.53 -24.86 -0.29
N LEU K 343 61.68 -25.84 -0.59
CA LEU K 343 60.45 -26.02 0.16
C LEU K 343 60.75 -26.42 1.59
N LEU K 344 59.74 -26.28 2.46
CA LEU K 344 59.86 -26.81 3.81
C LEU K 344 60.01 -28.32 3.75
N GLN K 345 60.56 -28.88 4.83
CA GLN K 345 60.77 -30.33 4.93
C GLN K 345 60.00 -30.83 6.14
N LEU K 346 58.98 -31.66 5.89
CA LEU K 346 58.12 -32.19 6.93
C LEU K 346 58.53 -33.61 7.30
N ASP K 347 58.15 -34.01 8.51
CA ASP K 347 58.39 -35.36 9.01
C ASP K 347 57.11 -35.87 9.65
N LEU K 348 56.69 -37.07 9.26
CA LEU K 348 55.46 -37.66 9.77
C LEU K 348 55.70 -38.80 10.76
N VAL K 349 56.91 -39.34 10.82
CA VAL K 349 57.18 -40.43 11.76
C VAL K 349 57.28 -39.89 13.19
N ALA K 350 57.62 -38.61 13.35
CA ALA K 350 57.68 -38.04 14.68
C ALA K 350 56.28 -37.89 15.28
N ASP K 351 55.31 -37.54 14.44
CA ASP K 351 53.93 -37.40 14.92
C ASP K 351 53.33 -38.76 15.27
N ILE K 352 53.48 -39.74 14.39
CA ILE K 352 52.91 -41.05 14.65
C ILE K 352 53.57 -41.69 15.87
N HIS K 353 54.82 -41.33 16.16
CA HIS K 353 55.45 -41.82 17.37
C HIS K 353 54.84 -41.16 18.60
N ARG K 354 54.74 -39.84 18.60
CA ARG K 354 54.17 -39.12 19.74
C ARG K 354 52.71 -39.51 19.97
N LEU K 355 51.94 -39.64 18.88
CA LEU K 355 50.54 -39.99 19.01
C LEU K 355 50.36 -41.42 19.51
N ASN K 356 51.04 -42.37 18.87
CA ASN K 356 50.89 -43.77 19.25
C ASN K 356 51.53 -44.07 20.61
N ARG K 357 52.52 -43.28 21.03
CA ARG K 357 53.09 -43.50 22.36
C ARG K 357 52.24 -42.87 23.46
N LEU K 358 51.69 -41.69 23.21
CA LEU K 358 50.83 -41.05 24.20
C LEU K 358 49.63 -41.91 24.53
N ALA K 359 49.13 -42.65 23.55
CA ALA K 359 48.04 -43.61 23.74
C ALA K 359 48.53 -44.95 24.28
N MET K 360 49.73 -45.37 23.91
CA MET K 360 50.23 -46.67 24.36
C MET K 360 50.47 -46.67 25.87
N ARG K 361 51.13 -45.63 26.37
CA ARG K 361 51.45 -45.53 27.79
C ARG K 361 50.29 -44.97 28.62
N SER K 362 49.18 -44.61 28.00
CA SER K 362 48.02 -44.17 28.75
C SER K 362 47.36 -45.36 29.44
N ARG K 363 46.77 -45.10 30.61
CA ARG K 363 46.12 -46.16 31.37
C ARG K 363 44.62 -46.25 31.13
N ARG K 364 44.01 -45.21 30.56
CA ARG K 364 42.65 -45.27 30.05
C ARG K 364 42.44 -44.07 29.14
N THR K 365 41.75 -44.30 28.02
CA THR K 365 41.63 -43.31 26.96
C THR K 365 40.16 -43.03 26.65
N GLY K 366 39.86 -41.76 26.40
CA GLY K 366 38.56 -41.35 25.90
C GLY K 366 38.67 -40.93 24.45
N MET K 367 37.55 -40.97 23.72
CA MET K 367 37.60 -40.72 22.28
C MET K 367 36.33 -40.00 21.85
N MET K 368 36.46 -38.74 21.46
CA MET K 368 35.34 -37.99 20.88
C MET K 368 35.77 -37.55 19.49
N ILE K 369 35.09 -38.07 18.47
CA ILE K 369 35.48 -37.83 17.08
C ILE K 369 34.32 -37.14 16.37
N LEU K 370 34.58 -35.94 15.87
CA LEU K 370 33.59 -35.18 15.12
C LEU K 370 33.78 -35.45 13.63
N GLY K 371 32.76 -36.05 13.01
CA GLY K 371 32.88 -36.46 11.64
C GLY K 371 33.72 -37.73 11.49
N GLY K 372 34.16 -37.97 10.27
CA GLY K 372 35.01 -39.11 10.00
C GLY K 372 36.16 -38.80 9.07
N GLY K 373 36.77 -39.84 8.51
CA GLY K 373 37.85 -39.67 7.56
C GLY K 373 39.22 -39.91 8.19
N VAL K 374 40.16 -39.02 7.90
CA VAL K 374 41.53 -39.19 8.37
C VAL K 374 41.59 -39.04 9.89
N VAL K 375 40.79 -38.15 10.46
CA VAL K 375 40.89 -37.87 11.88
C VAL K 375 40.39 -39.06 12.71
N LYS K 376 39.28 -39.68 12.28
CA LYS K 376 38.74 -40.80 13.04
C LYS K 376 39.68 -41.99 13.02
N HIS K 377 40.15 -42.38 11.83
CA HIS K 377 41.03 -43.54 11.74
C HIS K 377 42.33 -43.32 12.48
N HIS K 378 42.89 -42.10 12.39
CA HIS K 378 44.17 -41.83 13.05
C HIS K 378 44.05 -41.91 14.57
N VAL K 379 42.91 -41.50 15.12
CA VAL K 379 42.71 -41.62 16.55
C VAL K 379 42.46 -43.07 16.94
N CYS K 380 41.62 -43.77 16.17
CA CYS K 380 41.35 -45.17 16.46
C CYS K 380 42.60 -46.01 16.27
N ASN K 381 43.40 -45.71 15.26
CA ASN K 381 44.64 -46.44 15.04
C ASN K 381 45.68 -46.12 16.12
N ALA K 382 45.58 -44.93 16.73
CA ALA K 382 46.47 -44.61 17.84
C ALA K 382 46.14 -45.45 19.06
N ASN K 383 44.85 -45.58 19.38
CA ASN K 383 44.43 -46.44 20.48
C ASN K 383 44.59 -47.92 20.17
N LEU K 384 44.93 -48.27 18.93
CA LEU K 384 45.19 -49.67 18.61
C LEU K 384 46.48 -50.18 19.24
N MET K 385 47.49 -49.31 19.38
CA MET K 385 48.72 -49.66 20.07
C MET K 385 48.47 -49.98 21.54
N ARG K 386 47.31 -49.63 22.06
CA ARG K 386 46.92 -49.87 23.43
C ARG K 386 46.01 -51.09 23.55
N ASN K 387 45.71 -51.76 22.44
CA ASN K 387 44.74 -52.85 22.40
C ASN K 387 43.37 -52.38 22.89
N GLY K 388 42.91 -51.30 22.26
CA GLY K 388 41.56 -50.82 22.51
C GLY K 388 41.48 -49.63 23.44
N ALA K 389 40.60 -48.69 23.10
CA ALA K 389 40.24 -47.61 23.99
C ALA K 389 39.03 -48.01 24.83
N ASP K 390 38.78 -47.26 25.90
CA ASP K 390 37.74 -47.60 26.86
C ASP K 390 36.44 -46.82 26.63
N TYR K 391 36.51 -45.56 26.22
CA TYR K 391 35.32 -44.77 25.94
C TYR K 391 35.46 -44.13 24.57
N ALA K 392 34.32 -43.99 23.88
CA ALA K 392 34.32 -43.41 22.55
C ALA K 392 32.96 -42.79 22.26
N VAL K 393 32.97 -41.61 21.66
CA VAL K 393 31.76 -40.95 21.19
C VAL K 393 32.02 -40.49 19.76
N PHE K 394 31.24 -41.02 18.82
CA PHE K 394 31.40 -40.71 17.40
C PHE K 394 30.26 -39.78 16.97
N LEU K 395 30.57 -38.49 16.82
CA LEU K 395 29.65 -37.52 16.25
C LEU K 395 29.88 -37.49 14.75
N ASN K 396 29.00 -38.14 14.00
CA ASN K 396 29.26 -38.47 12.61
C ASN K 396 27.92 -38.61 11.90
N ASN K 397 27.88 -38.23 10.61
CA ASN K 397 26.70 -38.42 9.78
C ASN K 397 27.06 -39.14 8.49
N ALA K 398 27.69 -40.30 8.62
CA ALA K 398 27.95 -41.18 7.50
C ALA K 398 27.21 -42.50 7.72
N GLN K 399 27.10 -43.28 6.64
CA GLN K 399 26.37 -44.53 6.69
C GLN K 399 27.31 -45.69 6.40
N GLU K 400 26.88 -46.87 6.82
CA GLU K 400 27.73 -48.06 6.87
C GLU K 400 27.78 -48.83 5.55
N PHE K 401 26.81 -48.63 4.66
CA PHE K 401 26.69 -49.53 3.51
C PHE K 401 27.89 -49.48 2.59
N ASP K 402 28.62 -48.36 2.57
CA ASP K 402 29.80 -48.27 1.72
C ASP K 402 31.03 -48.93 2.33
N GLY K 403 30.97 -49.29 3.60
CA GLY K 403 32.06 -50.03 4.23
C GLY K 403 33.33 -49.24 4.45
N SER K 404 33.22 -47.94 4.69
CA SER K 404 34.38 -47.09 4.92
C SER K 404 34.61 -46.89 6.42
N ASP K 405 35.85 -46.52 6.76
CA ASP K 405 36.20 -46.24 8.14
C ASP K 405 35.48 -45.01 8.69
N ALA K 406 34.83 -44.22 7.83
CA ALA K 406 34.05 -43.07 8.32
C ALA K 406 32.67 -43.52 8.78
N GLY K 407 31.93 -44.19 7.91
CA GLY K 407 30.60 -44.70 8.21
C GLY K 407 30.56 -45.98 9.01
N ALA K 408 31.70 -46.47 9.45
CA ALA K 408 31.77 -47.72 10.20
C ALA K 408 31.08 -47.57 11.55
N ARG K 409 30.58 -48.69 12.06
CA ARG K 409 30.01 -48.75 13.39
C ARG K 409 31.10 -48.68 14.46
N PRO K 410 30.74 -48.44 15.71
CA PRO K 410 31.71 -48.69 16.80
C PRO K 410 32.12 -50.15 16.87
N GLY K 411 31.26 -51.07 16.42
CA GLY K 411 31.63 -52.47 16.42
C GLY K 411 32.77 -52.77 15.47
N GLU K 412 32.74 -52.17 14.28
CA GLU K 412 33.85 -52.38 13.34
C GLU K 412 35.18 -51.95 13.93
N ALA K 413 35.16 -51.11 14.98
CA ALA K 413 36.39 -50.69 15.63
C ALA K 413 36.88 -51.72 16.63
N VAL K 414 35.96 -52.38 17.35
CA VAL K 414 36.38 -53.35 18.35
C VAL K 414 36.87 -54.65 17.71
N SER K 415 36.50 -54.91 16.44
CA SER K 415 37.01 -56.08 15.76
C SER K 415 38.51 -55.97 15.50
N TRP K 416 38.98 -54.77 15.13
CA TRP K 416 40.41 -54.56 14.93
C TRP K 416 41.15 -54.56 16.25
N GLY K 417 40.51 -54.10 17.32
CA GLY K 417 41.19 -53.82 18.57
C GLY K 417 41.41 -52.34 18.82
N LYS K 418 40.72 -51.46 18.09
CA LYS K 418 40.84 -50.03 18.31
C LYS K 418 39.96 -49.58 19.47
N LEU K 419 38.86 -50.29 19.73
CA LEU K 419 38.09 -50.14 20.96
C LEU K 419 38.13 -51.46 21.70
N ARG K 420 38.07 -51.38 23.04
CA ARG K 420 38.22 -52.56 23.87
C ARG K 420 36.93 -53.38 23.87
N LEU K 421 37.07 -54.64 24.33
CA LEU K 421 35.90 -55.50 24.49
C LEU K 421 34.99 -55.00 25.61
N ASP K 422 35.59 -54.56 26.72
CA ASP K 422 34.86 -54.01 27.85
C ASP K 422 34.65 -52.50 27.73
N SER K 423 34.60 -51.98 26.50
CA SER K 423 34.45 -50.56 26.28
C SER K 423 32.98 -50.19 26.09
N THR K 424 32.66 -48.94 26.38
CA THR K 424 31.32 -48.40 26.22
C THR K 424 31.39 -47.20 25.28
N ALA K 425 30.65 -47.27 24.17
CA ALA K 425 30.68 -46.23 23.15
C ALA K 425 29.28 -46.06 22.56
N VAL K 426 29.15 -45.05 21.70
CA VAL K 426 27.89 -44.79 21.00
C VAL K 426 28.20 -43.89 19.81
N LYS K 427 27.44 -44.07 18.74
CA LYS K 427 27.52 -43.22 17.56
C LYS K 427 26.19 -42.49 17.39
N VAL K 428 26.24 -41.17 17.34
CA VAL K 428 25.05 -40.33 17.21
C VAL K 428 24.96 -39.90 15.75
N TYR K 429 24.14 -40.60 14.98
CA TYR K 429 23.97 -40.31 13.56
C TYR K 429 23.25 -38.97 13.41
N SER K 430 24.02 -37.90 13.23
CA SER K 430 23.46 -36.58 12.99
C SER K 430 24.59 -35.64 12.59
N GLU K 431 24.19 -34.51 11.99
CA GLU K 431 25.15 -33.44 11.71
C GLU K 431 25.78 -32.96 12.99
N VAL K 432 27.07 -32.62 12.92
CA VAL K 432 27.83 -32.30 14.14
C VAL K 432 27.34 -30.99 14.76
N THR K 433 27.06 -30.00 13.93
CA THR K 433 26.68 -28.68 14.46
C THR K 433 25.40 -28.72 15.29
N ILE K 434 24.61 -29.79 15.17
CA ILE K 434 23.41 -29.92 15.99
C ILE K 434 23.76 -30.43 17.39
N VAL K 435 24.67 -31.40 17.47
CA VAL K 435 24.87 -32.18 18.67
C VAL K 435 26.07 -31.71 19.48
N PHE K 436 27.12 -31.24 18.82
CA PHE K 436 28.37 -30.92 19.52
C PHE K 436 28.25 -29.71 20.45
N PRO K 437 27.60 -28.61 20.03
CA PRO K 437 27.40 -27.51 20.98
C PRO K 437 26.64 -27.91 22.23
N LEU K 438 25.69 -28.83 22.12
CA LEU K 438 24.94 -29.27 23.28
C LEU K 438 25.81 -30.11 24.20
N ILE K 439 26.58 -31.04 23.63
CA ILE K 439 27.45 -31.91 24.44
C ILE K 439 28.41 -31.09 25.26
N VAL K 440 28.93 -30.00 24.68
CA VAL K 440 29.88 -29.15 25.41
C VAL K 440 29.16 -28.36 26.50
N VAL K 441 28.05 -27.70 26.15
CA VAL K 441 27.39 -26.82 27.11
C VAL K 441 26.66 -27.62 28.19
N HIS K 442 26.25 -28.85 27.89
CA HIS K 442 25.47 -29.62 28.84
C HIS K 442 26.35 -30.45 29.77
N VAL K 443 27.42 -31.03 29.25
CA VAL K 443 28.31 -31.89 30.03
C VAL K 443 29.57 -31.15 30.46
N PHE K 444 30.31 -30.57 29.51
CA PHE K 444 31.62 -30.02 29.82
C PHE K 444 31.52 -28.72 30.61
N VAL K 445 30.64 -27.81 30.19
CA VAL K 445 30.48 -26.55 30.92
C VAL K 445 29.96 -26.81 32.32
N ALA K 446 29.04 -27.77 32.46
CA ALA K 446 28.52 -28.09 33.79
C ALA K 446 29.54 -28.85 34.64
N TRP K 447 30.42 -29.61 34.00
CA TRP K 447 31.42 -30.36 34.75
C TRP K 447 32.51 -29.44 35.30
N VAL K 448 33.00 -28.52 34.47
CA VAL K 448 34.02 -27.58 34.93
C VAL K 448 33.42 -26.60 35.94
N ARG K 449 32.13 -26.26 35.79
CA ARG K 449 31.47 -25.42 36.78
C ARG K 449 31.31 -26.14 38.11
N MET K 450 31.11 -27.46 38.07
CA MET K 450 31.01 -28.23 39.30
C MET K 450 32.31 -28.20 40.09
N MET K 451 33.42 -28.55 39.43
CA MET K 451 34.71 -28.65 40.11
C MET K 451 35.33 -27.29 40.41
N ARG K 452 34.77 -26.20 39.89
CA ARG K 452 35.22 -24.87 40.27
C ARG K 452 34.43 -24.33 41.45
N SER K 453 33.10 -24.31 41.34
CA SER K 453 32.27 -23.87 42.46
C SER K 453 32.27 -24.88 43.62
N LYS K 454 32.80 -26.08 43.40
CA LYS K 454 32.93 -27.07 44.47
C LYS K 454 34.29 -27.76 44.38
N SER L 8 17.64 -37.64 -27.13
CA SER L 8 18.55 -36.80 -26.35
C SER L 8 17.78 -35.91 -25.39
N ARG L 9 18.41 -35.58 -24.26
CA ARG L 9 17.86 -34.71 -23.21
C ARG L 9 16.44 -35.09 -22.78
N VAL L 10 15.99 -36.30 -23.14
CA VAL L 10 14.64 -36.73 -22.86
C VAL L 10 14.66 -38.18 -22.39
N ILE L 11 13.75 -38.51 -21.48
CA ILE L 11 13.63 -39.89 -21.01
C ILE L 11 13.10 -40.76 -22.14
N GLY L 12 13.75 -41.90 -22.35
CA GLY L 12 13.39 -42.80 -23.43
C GLY L 12 12.41 -43.89 -23.00
N ASP L 13 11.98 -44.67 -23.99
CA ASP L 13 11.07 -45.79 -23.78
C ASP L 13 11.69 -47.01 -24.43
N LEU L 14 12.05 -48.00 -23.62
CA LEU L 14 12.71 -49.22 -24.09
C LEU L 14 11.73 -50.39 -23.93
N ASP L 15 11.44 -51.06 -25.04
CA ASP L 15 10.63 -52.27 -24.99
C ASP L 15 11.47 -53.40 -24.42
N TYR L 16 11.36 -53.62 -23.10
CA TYR L 16 12.15 -54.65 -22.44
C TYR L 16 11.88 -56.03 -23.02
N SER L 17 10.65 -56.25 -23.52
CA SER L 17 10.33 -57.55 -24.12
C SER L 17 11.12 -57.79 -25.39
N ASN L 18 11.50 -56.73 -26.10
CA ASN L 18 12.29 -56.89 -27.32
C ASN L 18 13.67 -57.47 -27.05
N LEU L 19 14.11 -57.47 -25.79
CA LEU L 19 15.40 -58.05 -25.42
C LEU L 19 15.39 -59.57 -25.45
N LEU L 20 14.22 -60.20 -25.60
CA LEU L 20 14.14 -61.65 -25.54
C LEU L 20 14.74 -62.32 -26.77
N ASN L 21 14.63 -61.69 -27.94
CA ASN L 21 15.16 -62.27 -29.16
C ASN L 21 16.63 -61.94 -29.38
N ILE L 22 17.11 -60.80 -28.87
CA ILE L 22 18.51 -60.47 -28.98
C ILE L 22 19.29 -61.19 -27.89
N GLY L 23 20.61 -61.30 -28.09
CA GLY L 23 21.43 -62.06 -27.16
C GLY L 23 21.40 -61.47 -25.76
N GLN L 24 21.63 -62.34 -24.77
CA GLN L 24 21.61 -61.91 -23.38
C GLN L 24 22.73 -60.92 -23.10
N GLU L 25 23.92 -61.17 -23.64
CA GLU L 25 25.02 -60.24 -23.46
C GLU L 25 24.70 -58.89 -24.09
N GLU L 26 24.20 -58.90 -25.32
CA GLU L 26 23.79 -57.66 -25.98
C GLU L 26 22.57 -57.04 -25.30
N ALA L 27 21.77 -57.82 -24.60
CA ALA L 27 20.62 -57.27 -23.90
C ALA L 27 21.06 -56.41 -22.72
N ILE L 28 22.01 -56.91 -21.93
CA ILE L 28 22.55 -56.13 -20.82
C ILE L 28 23.32 -54.92 -21.34
N ARG L 29 23.87 -55.02 -22.55
CA ARG L 29 24.71 -53.96 -23.10
C ARG L 29 23.92 -52.83 -23.75
N CYS L 30 22.61 -53.00 -23.94
CA CYS L 30 21.77 -51.90 -24.42
C CYS L 30 20.90 -51.29 -23.33
N VAL L 31 20.65 -52.03 -22.23
CA VAL L 31 20.10 -51.40 -21.05
C VAL L 31 21.12 -50.45 -20.43
N LEU L 32 22.36 -50.91 -20.33
CA LEU L 32 23.44 -50.04 -19.86
C LEU L 32 23.72 -48.91 -20.84
N ASN L 33 23.54 -49.15 -22.13
CA ASN L 33 23.63 -48.07 -23.11
C ASN L 33 22.45 -47.09 -22.96
N ALA L 34 21.33 -47.56 -22.43
CA ALA L 34 20.16 -46.71 -22.25
C ALA L 34 20.17 -45.98 -20.90
N TYR L 35 21.18 -46.21 -20.08
CA TYR L 35 21.29 -45.48 -18.81
C TYR L 35 21.31 -43.95 -18.98
N PRO L 36 21.98 -43.37 -19.97
CA PRO L 36 21.92 -41.90 -20.11
C PRO L 36 20.52 -41.32 -20.26
N ASN L 37 19.51 -42.14 -20.56
CA ASN L 37 18.15 -41.63 -20.74
C ASN L 37 17.13 -42.34 -19.85
N ILE L 38 17.57 -43.00 -18.78
CA ILE L 38 16.64 -43.62 -17.84
C ILE L 38 16.12 -42.56 -16.89
N GLY L 39 17.00 -41.99 -16.08
CA GLY L 39 16.61 -40.88 -15.22
C GLY L 39 17.32 -40.94 -13.89
N LEU L 40 17.11 -39.88 -13.11
CA LEU L 40 17.69 -39.72 -11.78
C LEU L 40 19.20 -39.91 -11.80
N GLU L 41 19.70 -40.91 -11.09
CA GLU L 41 21.14 -41.16 -11.00
C GLU L 41 21.57 -42.36 -11.85
N ALA L 42 20.73 -42.79 -12.79
CA ALA L 42 21.15 -43.70 -13.86
C ALA L 42 21.68 -42.91 -15.05
N THR L 43 21.07 -41.76 -15.34
CA THR L 43 21.58 -40.87 -16.38
C THR L 43 23.00 -40.44 -16.07
N ASN L 44 23.26 -40.04 -14.83
CA ASN L 44 24.60 -39.63 -14.45
C ASN L 44 25.59 -40.78 -14.51
N LEU L 45 25.13 -42.01 -14.28
CA LEU L 45 25.99 -43.16 -14.51
C LEU L 45 26.34 -43.29 -15.99
N GLY L 46 25.34 -43.12 -16.86
CA GLY L 46 25.60 -43.20 -18.28
C GLY L 46 26.51 -42.10 -18.78
N ARG L 47 26.24 -40.86 -18.34
CA ARG L 47 27.11 -39.74 -18.70
C ARG L 47 28.53 -39.98 -18.22
N ALA L 48 28.68 -40.51 -16.99
CA ALA L 48 30.01 -40.83 -16.47
C ALA L 48 30.68 -41.92 -17.31
N ARG L 49 29.92 -42.92 -17.73
CA ARG L 49 30.49 -44.00 -18.53
C ARG L 49 30.96 -43.47 -19.88
N ARG L 50 30.19 -42.57 -20.51
CA ARG L 50 30.62 -41.97 -21.76
C ARG L 50 31.88 -41.13 -21.58
N ILE L 51 32.12 -40.63 -20.37
CA ILE L 51 33.34 -39.88 -20.10
C ILE L 51 34.49 -40.82 -19.79
N VAL L 52 34.24 -41.85 -18.97
CA VAL L 52 35.31 -42.74 -18.55
C VAL L 52 35.80 -43.60 -19.71
N GLN L 53 34.88 -44.16 -20.48
CA GLN L 53 35.26 -45.02 -21.61
C GLN L 53 36.05 -44.22 -22.64
N ARG L 54 35.55 -43.04 -23.02
CA ARG L 54 36.29 -42.19 -23.95
C ARG L 54 37.64 -41.78 -23.38
N ALA L 55 37.74 -41.66 -22.05
CA ALA L 55 39.00 -41.32 -21.42
C ALA L 55 39.98 -42.50 -21.42
N LEU L 56 39.55 -43.66 -20.94
CA LEU L 56 40.44 -44.81 -20.84
C LEU L 56 40.95 -45.26 -22.19
N ASN L 57 40.27 -44.93 -23.28
CA ASN L 57 40.72 -45.30 -24.62
C ASN L 57 41.59 -44.22 -25.25
N ASP L 58 41.05 -42.99 -25.33
CA ASP L 58 41.80 -41.91 -25.99
C ASP L 58 42.93 -41.42 -25.11
N ASN L 59 42.67 -41.23 -23.81
CA ASN L 59 43.65 -40.64 -22.90
C ASN L 59 44.62 -41.70 -22.37
N GLY L 60 45.32 -42.34 -23.30
CA GLY L 60 46.42 -43.21 -22.96
C GLY L 60 47.71 -42.43 -22.93
N MET L 61 48.24 -42.07 -24.10
CA MET L 61 49.52 -41.38 -24.18
C MET L 61 49.46 -40.10 -25.00
N ASP L 62 48.69 -40.11 -26.10
CA ASP L 62 48.63 -39.02 -27.06
C ASP L 62 48.42 -37.66 -26.42
N GLY L 63 49.41 -37.18 -25.67
CA GLY L 63 49.32 -35.89 -25.02
C GLY L 63 48.14 -35.81 -24.07
N ASN L 64 47.62 -36.97 -23.70
CA ASN L 64 46.39 -37.08 -22.91
C ASN L 64 46.65 -37.97 -21.71
N LYS L 65 45.94 -37.72 -20.62
CA LYS L 65 46.20 -38.41 -19.36
C LYS L 65 44.90 -38.72 -18.64
N VAL L 66 44.95 -39.78 -17.83
CA VAL L 66 43.88 -40.18 -16.93
C VAL L 66 44.47 -40.35 -15.55
N MET L 67 43.85 -39.73 -14.54
CA MET L 67 44.31 -39.79 -13.17
C MET L 67 43.20 -40.33 -12.28
N LEU L 68 43.51 -41.37 -11.51
CA LEU L 68 42.53 -42.09 -10.72
C LEU L 68 42.65 -41.71 -9.25
N ALA L 69 41.52 -41.56 -8.59
CA ALA L 69 41.46 -41.26 -7.16
C ALA L 69 40.45 -42.20 -6.52
N TYR L 70 40.94 -43.14 -5.71
CA TYR L 70 40.09 -44.08 -5.02
C TYR L 70 40.39 -44.07 -3.53
N THR L 71 39.38 -44.33 -2.72
CA THR L 71 39.51 -44.36 -1.28
C THR L 71 40.04 -45.73 -0.82
N SER L 72 40.22 -45.89 0.50
CA SER L 72 40.84 -47.08 1.06
C SER L 72 39.91 -48.29 1.05
N ASN L 73 38.62 -48.12 1.34
CA ASN L 73 37.73 -49.27 1.42
C ASN L 73 37.35 -49.83 0.06
N LEU L 74 37.65 -49.12 -1.03
CA LEU L 74 37.41 -49.66 -2.36
C LEU L 74 38.48 -50.66 -2.79
N ILE L 75 39.67 -50.60 -2.20
CA ILE L 75 40.70 -51.58 -2.51
C ILE L 75 40.55 -52.83 -1.65
N SER L 76 39.96 -52.69 -0.46
CA SER L 76 39.61 -53.87 0.32
C SER L 76 38.55 -54.70 -0.39
N SER L 77 37.74 -54.07 -1.23
CA SER L 77 36.78 -54.78 -2.06
C SER L 77 37.50 -55.36 -3.28
N GLY L 78 36.73 -55.94 -4.20
CA GLY L 78 37.31 -56.53 -5.38
C GLY L 78 37.73 -55.55 -6.46
N LEU L 79 37.42 -54.26 -6.29
CA LEU L 79 37.72 -53.28 -7.32
C LEU L 79 39.22 -53.10 -7.56
N ARG L 80 40.07 -53.59 -6.64
CA ARG L 80 41.51 -53.44 -6.83
C ARG L 80 41.99 -54.24 -8.05
N ASP L 81 41.42 -55.42 -8.27
CA ASP L 81 41.77 -56.20 -9.45
C ASP L 81 41.39 -55.46 -10.71
N THR L 82 40.21 -54.83 -10.71
CA THR L 82 39.81 -53.98 -11.82
C THR L 82 40.74 -52.79 -11.95
N PHE L 83 41.15 -52.20 -10.82
CA PHE L 83 42.06 -51.07 -10.85
C PHE L 83 43.44 -51.50 -11.34
N ALA L 84 43.89 -52.69 -10.93
CA ALA L 84 45.20 -53.18 -11.37
C ALA L 84 45.23 -53.38 -12.88
N CYS L 85 44.10 -53.76 -13.48
CA CYS L 85 44.05 -53.89 -14.93
C CYS L 85 44.30 -52.55 -15.61
N LEU L 86 43.78 -51.46 -15.03
CA LEU L 86 43.97 -50.15 -15.61
C LEU L 86 45.43 -49.71 -15.55
N ALA L 87 46.09 -49.97 -14.42
CA ALA L 87 47.50 -49.62 -14.29
C ALA L 87 48.41 -50.59 -15.04
N ARG L 88 47.98 -51.85 -15.17
CA ARG L 88 48.77 -52.82 -15.93
C ARG L 88 48.87 -52.42 -17.39
N GLU L 89 47.77 -51.94 -17.97
CA GLU L 89 47.73 -51.55 -19.37
C GLU L 89 48.22 -50.13 -19.60
N ASN L 90 48.82 -49.50 -18.60
CA ASN L 90 49.36 -48.14 -18.71
C ASN L 90 48.28 -47.14 -19.13
N ARG L 91 47.04 -47.38 -18.67
CA ARG L 91 45.94 -46.46 -18.94
C ARG L 91 45.85 -45.35 -17.91
N ILE L 92 46.31 -45.59 -16.69
CA ILE L 92 46.31 -44.60 -15.62
C ILE L 92 47.62 -43.82 -15.68
N GLY L 93 47.53 -42.51 -15.53
CA GLY L 93 48.71 -41.67 -15.53
C GLY L 93 49.20 -41.34 -14.13
N ALA L 94 48.30 -41.36 -13.15
CA ALA L 94 48.64 -41.05 -11.78
C ALA L 94 47.55 -41.58 -10.86
N VAL L 95 47.95 -41.95 -9.65
CA VAL L 95 47.03 -42.50 -8.66
C VAL L 95 47.12 -41.67 -7.39
N VAL L 96 45.96 -41.33 -6.83
CA VAL L 96 45.89 -40.63 -5.55
C VAL L 96 44.96 -41.43 -4.63
N THR L 97 45.49 -41.89 -3.50
CA THR L 97 44.71 -42.70 -2.58
C THR L 97 45.22 -42.50 -1.16
N THR L 98 44.37 -42.84 -0.20
CA THR L 98 44.76 -42.87 1.20
C THR L 98 45.73 -44.04 1.44
N ALA L 99 46.43 -43.98 2.59
CA ALA L 99 47.45 -44.99 2.91
C ALA L 99 46.90 -46.40 2.83
N GLY L 100 45.63 -46.60 3.21
CA GLY L 100 45.01 -47.90 3.05
C GLY L 100 44.95 -48.36 1.61
N GLY L 101 44.80 -47.43 0.67
CA GLY L 101 44.79 -47.79 -0.73
C GLY L 101 46.12 -48.29 -1.23
N VAL L 102 47.18 -48.12 -0.45
CA VAL L 102 48.49 -48.69 -0.74
C VAL L 102 48.73 -49.95 0.08
N GLU L 103 48.40 -49.91 1.37
CA GLU L 103 48.63 -51.05 2.25
C GLU L 103 47.89 -52.29 1.77
N GLU L 104 46.57 -52.18 1.65
CA GLU L 104 45.75 -53.36 1.35
C GLU L 104 46.12 -53.99 0.01
N ASP L 105 46.71 -53.21 -0.90
CA ASP L 105 47.19 -53.78 -2.15
C ASP L 105 48.34 -54.73 -1.91
N VAL L 106 49.31 -54.32 -1.09
CA VAL L 106 50.53 -55.08 -0.87
C VAL L 106 50.32 -56.09 0.24
N ILE L 107 49.08 -56.23 0.69
CA ILE L 107 48.71 -57.23 1.69
C ILE L 107 47.97 -58.39 1.06
N LYS L 108 47.11 -58.12 0.08
CA LYS L 108 46.39 -59.17 -0.63
C LYS L 108 47.28 -59.94 -1.61
N CYS L 109 48.58 -59.63 -1.63
CA CYS L 109 49.58 -60.54 -2.17
C CYS L 109 50.15 -61.46 -1.10
N LEU L 110 50.03 -61.07 0.17
CA LEU L 110 50.49 -61.87 1.30
C LEU L 110 49.35 -62.63 1.96
N GLY L 111 48.18 -62.65 1.34
CA GLY L 111 47.02 -63.32 1.90
C GLY L 111 45.78 -62.94 1.12
N ASP L 112 44.63 -63.36 1.66
CA ASP L 112 43.35 -63.14 1.01
C ASP L 112 42.41 -62.37 1.94
N THR L 113 41.56 -61.54 1.33
CA THR L 113 40.46 -60.89 2.02
C THR L 113 39.19 -61.70 1.75
N LEU L 114 38.39 -61.90 2.80
CA LEU L 114 37.22 -62.75 2.73
C LEU L 114 35.95 -61.91 2.84
N VAL L 115 34.85 -62.43 2.30
CA VAL L 115 33.55 -61.79 2.42
C VAL L 115 32.87 -62.32 3.66
N GLY L 116 32.19 -61.43 4.39
CA GLY L 116 31.45 -61.81 5.56
C GLY L 116 30.05 -61.23 5.55
N ASP L 117 29.75 -60.40 6.55
CA ASP L 117 28.46 -59.72 6.63
C ASP L 117 28.55 -58.64 7.69
N PHE L 118 27.78 -57.57 7.49
CA PHE L 118 27.74 -56.49 8.47
C PHE L 118 27.20 -56.96 9.81
N ALA L 119 26.48 -58.08 9.84
CA ALA L 119 25.87 -58.59 11.07
C ALA L 119 26.82 -59.43 11.91
N LEU L 120 28.03 -59.71 11.42
CA LEU L 120 28.98 -60.52 12.17
C LEU L 120 29.29 -59.87 13.52
N ASN L 121 29.31 -60.69 14.57
CA ASN L 121 29.62 -60.21 15.91
C ASN L 121 31.07 -59.74 15.95
N ASP L 122 31.27 -58.46 16.27
CA ASP L 122 32.60 -57.88 16.23
C ASP L 122 33.47 -58.35 17.38
N HIS L 123 32.87 -58.59 18.55
CA HIS L 123 33.63 -59.12 19.67
C HIS L 123 34.19 -60.50 19.36
N ALA L 124 33.37 -61.36 18.75
CA ALA L 124 33.85 -62.69 18.36
C ALA L 124 34.88 -62.60 17.24
N LEU L 125 34.71 -61.64 16.33
CA LEU L 125 35.70 -61.44 15.27
C LEU L 125 37.06 -61.06 15.86
N ARG L 126 37.07 -60.27 16.92
CA ARG L 126 38.32 -59.91 17.58
C ARG L 126 38.97 -61.14 18.20
N ASN L 127 38.20 -61.95 18.94
CA ASN L 127 38.73 -63.13 19.58
C ASN L 127 39.14 -64.21 18.57
N ASN L 128 38.63 -64.13 17.34
CA ASN L 128 39.02 -65.06 16.28
C ASN L 128 40.15 -64.53 15.42
N GLY L 129 40.66 -63.34 15.71
CA GLY L 129 41.71 -62.75 14.89
C GLY L 129 41.24 -62.32 13.51
N LEU L 130 40.05 -61.73 13.42
CA LEU L 130 39.47 -61.32 12.15
C LEU L 130 39.08 -59.85 12.24
N ASN L 131 39.65 -59.03 11.36
CA ASN L 131 39.37 -57.61 11.31
C ASN L 131 38.30 -57.35 10.26
N ARG L 132 37.27 -56.59 10.64
CA ARG L 132 36.10 -56.38 9.79
C ARG L 132 36.25 -55.08 9.01
N VAL L 133 36.01 -55.15 7.70
CA VAL L 133 35.91 -53.96 6.86
C VAL L 133 34.52 -53.96 6.23
N GLY L 134 33.53 -53.47 6.98
CA GLY L 134 32.16 -53.54 6.53
C GLY L 134 31.63 -54.96 6.56
N ASN L 135 31.47 -55.57 5.39
CA ASN L 135 31.11 -56.98 5.29
C ASN L 135 32.29 -57.83 4.81
N LEU L 136 33.50 -57.30 4.90
CA LEU L 136 34.71 -58.00 4.50
C LEU L 136 35.56 -58.27 5.74
N LEU L 137 36.47 -59.24 5.61
CA LEU L 137 37.28 -59.70 6.71
C LEU L 137 38.74 -59.80 6.29
N VAL L 138 39.63 -59.22 7.08
CA VAL L 138 41.07 -59.33 6.86
C VAL L 138 41.68 -60.03 8.07
N PRO L 139 42.17 -61.25 7.94
CA PRO L 139 42.75 -61.95 9.09
C PRO L 139 43.99 -61.24 9.60
N ASN L 140 44.23 -61.38 10.91
CA ASN L 140 45.43 -60.78 11.52
C ASN L 140 46.70 -61.37 10.93
N ASP L 141 46.65 -62.61 10.45
CA ASP L 141 47.83 -63.24 9.86
C ASP L 141 48.32 -62.47 8.64
N ASN L 142 47.40 -61.81 7.92
CA ASN L 142 47.81 -60.99 6.78
C ASN L 142 48.74 -59.86 7.23
N TYR L 143 48.37 -59.15 8.29
CA TYR L 143 49.21 -58.06 8.78
C TYR L 143 50.47 -58.57 9.45
N ARG L 144 50.41 -59.76 10.06
CA ARG L 144 51.62 -60.38 10.60
C ARG L 144 52.62 -60.65 9.49
N ASN L 145 52.15 -61.08 8.32
CA ASN L 145 53.03 -61.25 7.18
C ASN L 145 53.44 -59.90 6.61
N PHE L 146 52.56 -58.91 6.64
CA PHE L 146 52.91 -57.58 6.17
C PHE L 146 54.02 -56.96 7.02
N GLU L 147 54.08 -57.34 8.29
CA GLU L 147 55.18 -56.89 9.15
C GLU L 147 56.51 -57.42 8.64
N ASP L 148 56.57 -58.70 8.29
CA ASP L 148 57.79 -59.31 7.77
C ASP L 148 58.22 -58.71 6.44
N PHE L 149 57.30 -58.09 5.71
CA PHE L 149 57.63 -57.53 4.39
C PHE L 149 58.04 -56.07 4.47
N PHE L 150 57.37 -55.27 5.31
CA PHE L 150 57.52 -53.82 5.24
C PHE L 150 58.59 -53.28 6.19
N VAL L 151 58.71 -53.84 7.39
CA VAL L 151 59.69 -53.35 8.37
C VAL L 151 61.12 -53.59 7.90
N PRO L 152 61.44 -54.59 7.05
CA PRO L 152 62.80 -54.58 6.48
C PRO L 152 62.98 -53.49 5.44
N LEU L 153 61.96 -53.24 4.63
CA LEU L 153 62.03 -52.15 3.66
C LEU L 153 62.22 -50.81 4.35
N LEU L 154 61.67 -50.65 5.55
CA LEU L 154 61.90 -49.44 6.33
C LEU L 154 63.36 -49.32 6.74
N ARG L 155 64.01 -50.45 7.07
CA ARG L 155 65.44 -50.43 7.37
C ARG L 155 66.24 -50.06 6.13
N ARG L 156 65.89 -50.64 4.98
CA ARG L 156 66.59 -50.30 3.74
C ARG L 156 66.46 -48.82 3.42
N LEU L 157 65.23 -48.29 3.54
CA LEU L 157 65.01 -46.87 3.26
C LEU L 157 65.70 -45.98 4.27
N HIS L 158 65.79 -46.42 5.52
CA HIS L 158 66.44 -45.62 6.55
C HIS L 158 67.91 -45.39 6.21
N GLU L 159 68.63 -46.46 5.82
CA GLU L 159 70.03 -46.31 5.43
C GLU L 159 70.16 -45.45 4.18
N GLN L 160 69.26 -45.62 3.22
CA GLN L 160 69.35 -44.87 1.97
C GLN L 160 69.07 -43.39 2.19
N GLN L 161 68.12 -43.07 3.08
CA GLN L 161 67.85 -41.67 3.41
C GLN L 161 69.03 -41.05 4.13
N ARG L 162 69.53 -41.72 5.17
CA ARG L 162 70.48 -41.10 6.08
C ARG L 162 71.82 -40.86 5.39
N ASP L 163 72.26 -41.79 4.55
CA ASP L 163 73.53 -41.60 3.84
C ASP L 163 73.48 -40.41 2.90
N SER L 164 72.29 -40.01 2.46
CA SER L 164 72.12 -38.82 1.64
C SER L 164 71.57 -37.63 2.44
N ARG L 165 71.54 -37.73 3.76
CA ARG L 165 71.12 -36.65 4.64
C ARG L 165 69.72 -36.16 4.31
N TRP L 166 68.81 -37.11 4.10
CA TRP L 166 67.39 -36.85 3.91
C TRP L 166 67.13 -35.94 2.71
N THR L 167 67.68 -36.34 1.56
CA THR L 167 67.33 -35.75 0.28
C THR L 167 66.82 -36.76 -0.73
N THR L 168 66.93 -38.05 -0.44
CA THR L 168 66.45 -39.10 -1.33
C THR L 168 65.49 -40.01 -0.58
N LYS L 169 64.50 -40.53 -1.32
CA LYS L 169 63.57 -41.54 -0.83
C LYS L 169 62.87 -41.07 0.46
N THR L 170 62.35 -39.85 0.41
CA THR L 170 61.66 -39.26 1.56
C THR L 170 60.17 -39.04 1.34
N THR L 171 59.73 -38.97 0.09
CA THR L 171 58.34 -38.68 -0.21
C THR L 171 57.55 -39.98 -0.42
N PRO L 172 56.25 -39.96 -0.14
CA PRO L 172 55.43 -41.16 -0.40
C PRO L 172 55.52 -41.68 -1.82
N SER L 173 55.73 -40.81 -2.81
CA SER L 173 55.86 -41.25 -4.19
C SER L 173 57.03 -42.22 -4.35
N GLN L 174 58.20 -41.83 -3.85
CA GLN L 174 59.38 -42.70 -3.96
C GLN L 174 59.23 -43.95 -3.09
N ILE L 175 58.57 -43.82 -1.93
CA ILE L 175 58.40 -44.96 -1.05
C ILE L 175 57.45 -45.99 -1.68
N ILE L 176 56.31 -45.53 -2.19
CA ILE L 176 55.37 -46.44 -2.82
C ILE L 176 55.95 -47.07 -4.08
N ALA L 177 56.78 -46.32 -4.81
CA ALA L 177 57.42 -46.88 -5.99
C ALA L 177 58.38 -48.00 -5.63
N GLU L 178 59.15 -47.83 -4.55
CA GLU L 178 60.05 -48.88 -4.10
C GLU L 178 59.32 -50.00 -3.37
N ILE L 179 58.09 -49.77 -2.93
CA ILE L 179 57.29 -50.85 -2.38
C ILE L 179 56.93 -51.85 -3.48
N GLY L 180 56.53 -51.35 -4.65
CA GLY L 180 56.28 -52.25 -5.76
C GLY L 180 57.54 -52.94 -6.24
N ALA L 181 58.67 -52.24 -6.18
CA ALA L 181 59.95 -52.86 -6.51
C ALA L 181 60.31 -53.96 -5.51
N ALA L 182 60.12 -53.68 -4.22
CA ALA L 182 60.37 -54.70 -3.20
C ALA L 182 59.38 -55.83 -3.29
N LEU L 183 58.14 -55.55 -3.71
CA LEU L 183 57.15 -56.62 -3.87
C LEU L 183 57.53 -57.55 -5.02
N GLU L 184 58.11 -57.00 -6.08
CA GLU L 184 58.57 -57.81 -7.20
C GLU L 184 59.72 -58.72 -6.76
N SER L 185 60.62 -58.21 -5.92
CA SER L 185 61.78 -58.99 -5.51
C SER L 185 61.41 -60.05 -4.48
N VAL L 186 60.59 -59.69 -3.50
CA VAL L 186 60.28 -60.61 -2.41
C VAL L 186 59.30 -61.69 -2.88
N ARG L 187 58.20 -61.27 -3.50
CA ARG L 187 57.11 -62.18 -3.88
C ARG L 187 56.76 -61.93 -5.35
N PRO L 188 57.39 -62.66 -6.26
CA PRO L 188 57.23 -62.37 -7.69
C PRO L 188 55.99 -62.92 -8.36
N ASN L 189 55.37 -63.96 -7.81
CA ASN L 189 54.19 -64.57 -8.44
C ASN L 189 52.88 -63.96 -7.97
N ASP L 190 52.88 -63.20 -6.87
CA ASP L 190 51.69 -62.52 -6.40
C ASP L 190 51.67 -61.04 -6.77
N CYS L 191 52.82 -60.46 -7.15
CA CYS L 191 52.88 -59.05 -7.48
C CYS L 191 52.15 -58.71 -8.78
N GLY L 192 51.85 -59.70 -9.61
CA GLY L 192 51.13 -59.44 -10.84
C GLY L 192 49.70 -58.99 -10.64
N SER L 193 49.12 -59.29 -9.48
CA SER L 193 47.74 -58.90 -9.18
C SER L 193 47.65 -57.64 -8.33
N SER L 194 48.75 -56.94 -8.12
CA SER L 194 48.77 -55.76 -7.27
C SER L 194 48.91 -54.50 -8.11
N LEU L 195 48.19 -53.44 -7.71
CA LEU L 195 48.24 -52.19 -8.45
C LEU L 195 49.56 -51.46 -8.22
N ILE L 196 50.13 -51.56 -7.02
CA ILE L 196 51.34 -50.83 -6.71
C ILE L 196 52.50 -51.33 -7.56
N TYR L 197 52.54 -52.65 -7.83
CA TYR L 197 53.60 -53.21 -8.65
C TYR L 197 53.60 -52.59 -10.05
N TRP L 198 52.45 -52.61 -10.72
CA TRP L 198 52.37 -52.06 -12.06
C TRP L 198 52.61 -50.55 -12.07
N CYS L 199 52.17 -49.86 -11.02
CA CYS L 199 52.47 -48.43 -10.91
C CYS L 199 53.96 -48.18 -10.79
N TYR L 200 54.73 -49.17 -10.33
CA TYR L 200 56.18 -49.01 -10.27
C TYR L 200 56.82 -49.28 -11.63
N ARG L 201 56.52 -50.43 -12.24
CA ARG L 201 57.19 -50.81 -13.48
C ARG L 201 56.67 -50.00 -14.67
N ASN L 202 55.36 -49.75 -14.72
CA ASN L 202 54.80 -48.92 -15.78
C ASN L 202 55.00 -47.43 -15.52
N ASP L 203 55.69 -47.06 -14.44
CA ASP L 203 56.03 -45.67 -14.14
C ASP L 203 54.78 -44.82 -13.97
N ILE L 204 54.02 -45.14 -12.92
CA ILE L 204 52.82 -44.38 -12.55
C ILE L 204 53.00 -43.88 -11.13
N PRO L 205 53.08 -42.56 -10.90
CA PRO L 205 53.27 -42.06 -9.54
C PRO L 205 52.01 -42.21 -8.71
N VAL L 206 52.18 -42.67 -7.48
CA VAL L 206 51.09 -42.83 -6.53
C VAL L 206 51.30 -41.82 -5.40
N PHE L 207 50.23 -41.12 -5.04
CA PHE L 207 50.27 -40.04 -4.06
C PHE L 207 49.42 -40.40 -2.86
N SER L 208 50.04 -40.42 -1.68
CA SER L 208 49.33 -40.63 -0.42
C SER L 208 49.90 -39.66 0.60
N PRO L 209 49.35 -38.45 0.67
CA PRO L 209 49.93 -37.43 1.56
C PRO L 209 49.75 -37.75 3.04
N ALA L 210 48.70 -38.48 3.40
CA ALA L 210 48.51 -38.95 4.78
C ALA L 210 49.02 -40.39 4.85
N PHE L 211 50.33 -40.52 4.97
CA PHE L 211 50.98 -41.81 4.81
C PHE L 211 50.93 -42.65 6.09
N THR L 212 51.19 -42.04 7.24
CA THR L 212 51.25 -42.76 8.50
C THR L 212 49.87 -43.15 9.04
N ASP L 213 48.80 -42.82 8.33
CA ASP L 213 47.44 -43.13 8.78
C ASP L 213 47.05 -44.50 8.24
N GLY L 214 47.41 -45.53 8.97
CA GLY L 214 47.08 -46.89 8.59
C GLY L 214 48.08 -47.86 9.17
N SER L 215 48.07 -49.08 8.61
CA SER L 215 48.97 -50.12 9.08
C SER L 215 50.43 -49.77 8.80
N MET L 216 50.69 -48.98 7.75
CA MET L 216 52.06 -48.54 7.49
C MET L 216 52.60 -47.71 8.64
N GLY L 217 51.78 -46.81 9.17
CA GLY L 217 52.19 -46.04 10.34
C GLY L 217 52.46 -46.91 11.54
N ASP L 218 51.71 -48.02 11.69
CA ASP L 218 51.97 -48.95 12.77
C ASP L 218 53.32 -49.63 12.60
N MET L 219 53.65 -50.04 11.38
CA MET L 219 54.97 -50.60 11.11
C MET L 219 56.05 -49.55 11.31
N ILE L 220 55.79 -48.32 10.87
CA ILE L 220 56.74 -47.23 11.10
C ILE L 220 56.90 -46.96 12.59
N TYR L 221 55.82 -47.09 13.35
CA TYR L 221 55.89 -46.88 14.79
C TYR L 221 56.74 -47.96 15.47
N PHE L 222 56.59 -49.21 15.04
CA PHE L 222 57.41 -50.28 15.59
C PHE L 222 58.88 -50.05 15.28
N TYR L 223 59.18 -49.70 14.02
CA TYR L 223 60.57 -49.52 13.63
C TYR L 223 61.18 -48.27 14.25
N ASN L 224 60.44 -47.16 14.23
CA ASN L 224 60.97 -45.91 14.78
C ASN L 224 61.11 -45.96 16.30
N TYR L 225 60.49 -46.95 16.97
CA TYR L 225 60.66 -47.07 18.40
C TYR L 225 62.06 -47.50 18.78
N SER L 226 62.77 -48.20 17.88
CA SER L 226 64.11 -48.69 18.13
C SER L 226 65.18 -47.90 17.38
N ARG L 227 65.01 -47.74 16.07
CA ARG L 227 66.00 -47.05 15.22
C ARG L 227 65.36 -45.75 14.73
N LYS L 228 65.78 -44.64 15.35
CA LYS L 228 65.30 -43.33 14.93
C LYS L 228 65.97 -42.92 13.61
N GLY L 229 65.33 -41.98 12.93
CA GLY L 229 65.94 -41.41 11.74
C GLY L 229 65.07 -41.32 10.50
N LEU L 230 64.22 -42.31 10.27
CA LEU L 230 63.37 -42.34 9.09
C LEU L 230 62.50 -41.10 9.02
N VAL L 231 62.22 -40.63 7.80
CA VAL L 231 61.46 -39.41 7.56
C VAL L 231 60.51 -39.64 6.40
N VAL L 232 59.30 -39.09 6.51
CA VAL L 232 58.31 -39.12 5.43
C VAL L 232 57.92 -37.66 5.16
N ASP L 233 58.42 -37.12 4.05
CA ASP L 233 58.16 -35.72 3.69
C ASP L 233 57.20 -35.67 2.51
N PRO L 234 55.93 -35.32 2.71
CA PRO L 234 54.96 -35.34 1.61
C PRO L 234 54.74 -34.01 0.90
N VAL L 235 55.47 -32.95 1.23
CA VAL L 235 55.28 -31.68 0.55
C VAL L 235 55.88 -31.68 -0.86
N PRO L 236 56.93 -32.46 -1.20
CA PRO L 236 57.35 -32.47 -2.61
C PRO L 236 56.39 -33.20 -3.52
N ASP L 237 55.56 -34.10 -2.98
CA ASP L 237 54.55 -34.76 -3.80
C ASP L 237 53.51 -33.78 -4.32
N VAL L 238 53.27 -32.70 -3.59
CA VAL L 238 52.29 -31.70 -4.02
C VAL L 238 52.83 -30.95 -5.24
N ARG L 239 54.09 -30.53 -5.18
CA ARG L 239 54.74 -29.94 -6.36
C ARG L 239 54.80 -30.96 -7.49
N ARG L 240 54.99 -32.24 -7.17
CA ARG L 240 55.03 -33.27 -8.19
C ARG L 240 53.66 -33.44 -8.85
N LEU L 241 52.60 -33.58 -8.05
CA LEU L 241 51.26 -33.76 -8.61
C LEU L 241 50.81 -32.53 -9.38
N ARG L 242 51.24 -31.34 -8.95
CA ARG L 242 50.92 -30.13 -9.71
C ARG L 242 51.62 -30.13 -11.07
N GLN L 243 52.87 -30.57 -11.12
CA GLN L 243 53.61 -30.56 -12.37
C GLN L 243 53.13 -31.65 -13.33
N LEU L 244 52.40 -32.64 -12.84
CA LEU L 244 51.78 -33.63 -13.72
C LEU L 244 50.39 -33.23 -14.18
N GLY L 245 49.73 -32.32 -13.45
CA GLY L 245 48.42 -31.83 -13.84
C GLY L 245 48.51 -30.83 -14.97
N CYS L 246 48.74 -29.56 -14.63
CA CYS L 246 48.97 -28.50 -15.61
C CYS L 246 47.82 -28.40 -16.62
N VAL L 251 46.85 -29.06 -25.86
CA VAL L 251 46.64 -30.41 -26.34
C VAL L 251 46.54 -31.37 -25.16
N GLY L 252 45.97 -30.89 -24.06
CA GLY L 252 45.90 -31.66 -22.83
C GLY L 252 44.78 -32.67 -22.78
N ARG L 253 43.56 -32.19 -22.53
CA ARG L 253 42.40 -33.05 -22.26
C ARG L 253 42.75 -34.05 -21.16
N ILE L 254 42.72 -33.60 -19.91
CA ILE L 254 43.15 -34.42 -18.79
C ILE L 254 41.92 -34.77 -17.95
N THR L 255 41.70 -36.06 -17.75
CA THR L 255 40.49 -36.57 -17.11
C THR L 255 40.83 -37.12 -15.73
N CYS L 256 39.95 -36.86 -14.77
CA CYS L 256 40.09 -37.35 -13.40
C CYS L 256 38.91 -38.26 -13.08
N ILE L 257 39.20 -39.49 -12.70
CA ILE L 257 38.19 -40.46 -12.28
C ILE L 257 38.27 -40.59 -10.77
N VAL L 258 37.26 -40.08 -10.07
CA VAL L 258 37.24 -40.06 -8.61
C VAL L 258 36.17 -41.05 -8.17
N LEU L 259 36.59 -42.24 -7.76
CA LEU L 259 35.71 -43.24 -7.20
C LEU L 259 35.82 -43.18 -5.68
N GLY L 260 34.76 -42.71 -5.02
CA GLY L 260 34.81 -42.47 -3.60
C GLY L 260 35.54 -41.19 -3.27
N ALA L 261 34.88 -40.28 -2.58
CA ALA L 261 35.40 -38.94 -2.32
C ALA L 261 35.95 -38.86 -0.90
N GLY L 262 37.25 -38.65 -0.79
CA GLY L 262 37.88 -38.41 0.50
C GLY L 262 39.09 -37.52 0.31
N LEU L 263 40.15 -37.83 1.04
CA LEU L 263 41.44 -37.20 0.76
C LEU L 263 41.87 -37.34 -0.70
N PRO L 264 41.64 -38.48 -1.37
CA PRO L 264 41.91 -38.53 -2.81
C PRO L 264 41.29 -37.40 -3.62
N LYS L 265 40.00 -37.12 -3.42
CA LYS L 265 39.30 -36.16 -4.26
C LYS L 265 39.90 -34.76 -4.13
N HIS L 266 39.96 -34.25 -2.89
CA HIS L 266 40.46 -32.89 -2.68
C HIS L 266 41.91 -32.78 -3.11
N HIS L 267 42.75 -33.75 -2.71
CA HIS L 267 44.17 -33.66 -3.02
C HIS L 267 44.44 -33.76 -4.51
N LEU L 268 43.59 -34.46 -5.26
CA LEU L 268 43.78 -34.57 -6.70
C LEU L 268 43.26 -33.33 -7.42
N LEU L 269 42.00 -32.97 -7.16
CA LEU L 269 41.36 -31.87 -7.89
C LEU L 269 41.84 -30.50 -7.45
N ARG L 270 42.53 -30.40 -6.30
CA ARG L 270 43.10 -29.11 -5.90
C ARG L 270 44.37 -28.80 -6.67
N ASN L 271 45.18 -29.83 -6.97
CA ASN L 271 46.46 -29.65 -7.61
C ASN L 271 46.44 -29.90 -9.11
N VAL L 272 45.49 -30.68 -9.60
CA VAL L 272 45.37 -31.01 -11.01
C VAL L 272 44.24 -30.18 -11.61
N GLN L 273 44.50 -29.55 -12.76
CA GLN L 273 43.51 -28.75 -13.47
C GLN L 273 42.88 -29.63 -14.53
N ALA L 274 41.75 -30.25 -14.20
CA ALA L 274 41.15 -31.27 -15.04
C ALA L 274 40.12 -30.67 -16.00
N ASP L 275 40.04 -31.27 -17.19
CA ASP L 275 39.02 -30.93 -18.16
C ASP L 275 37.79 -31.82 -18.06
N ALA L 276 37.91 -32.98 -17.42
CA ALA L 276 36.80 -33.90 -17.23
C ALA L 276 36.95 -34.60 -15.89
N VAL L 277 35.87 -34.63 -15.12
CA VAL L 277 35.88 -35.20 -13.77
C VAL L 277 34.64 -36.07 -13.60
N VAL L 278 34.78 -37.17 -12.87
CA VAL L 278 33.69 -38.09 -12.61
C VAL L 278 33.66 -38.40 -11.12
N TYR L 279 32.55 -38.08 -10.47
CA TYR L 279 32.36 -38.36 -9.05
C TYR L 279 31.52 -39.61 -8.87
N VAL L 280 31.95 -40.48 -7.95
CA VAL L 280 31.13 -41.60 -7.50
C VAL L 280 31.18 -41.63 -5.97
N THR L 281 30.25 -40.92 -5.34
CA THR L 281 30.29 -40.68 -3.90
C THR L 281 28.94 -41.04 -3.27
N THR L 282 28.89 -40.94 -1.94
CA THR L 282 27.65 -41.14 -1.20
C THR L 282 27.32 -40.01 -0.23
N GLY L 283 28.29 -39.15 0.11
CA GLY L 283 28.03 -38.12 1.09
C GLY L 283 26.99 -37.12 0.63
N SER L 284 26.25 -36.58 1.59
CA SER L 284 25.18 -35.63 1.33
C SER L 284 25.63 -34.21 1.65
N ASP L 285 25.07 -33.26 0.91
CA ASP L 285 25.49 -31.86 1.02
C ASP L 285 25.34 -31.32 2.45
N ALA L 286 24.44 -31.92 3.24
CA ALA L 286 24.19 -31.41 4.58
C ALA L 286 25.42 -31.49 5.47
N ASP L 287 26.34 -32.41 5.17
CA ASP L 287 27.56 -32.54 5.98
C ASP L 287 28.46 -31.32 5.86
N GLY L 288 28.37 -30.56 4.77
CA GLY L 288 29.21 -29.39 4.62
C GLY L 288 30.69 -29.70 4.53
N CYS L 289 31.04 -30.80 3.87
CA CYS L 289 32.41 -31.25 3.75
C CYS L 289 32.79 -31.39 2.29
N GLU L 290 34.07 -31.69 2.05
CA GLU L 290 34.55 -31.90 0.69
C GLU L 290 34.02 -33.19 0.10
N SER L 291 33.95 -34.26 0.92
CA SER L 291 33.56 -35.57 0.41
C SER L 291 32.16 -35.55 -0.20
N SER L 292 31.25 -34.76 0.36
CA SER L 292 29.91 -34.60 -0.22
C SER L 292 30.06 -33.76 -1.48
N CYS L 293 30.39 -34.44 -2.58
CA CYS L 293 30.68 -33.79 -3.86
C CYS L 293 29.56 -32.87 -4.30
N ASN L 294 29.73 -31.57 -4.08
CA ASN L 294 28.82 -30.56 -4.59
C ASN L 294 29.48 -29.87 -5.78
N VAL L 295 28.88 -30.02 -6.96
CA VAL L 295 29.52 -29.55 -8.18
C VAL L 295 29.67 -28.03 -8.15
N MET L 296 28.59 -27.32 -7.82
CA MET L 296 28.63 -25.86 -7.84
C MET L 296 29.60 -25.31 -6.80
N ALA L 297 29.61 -25.90 -5.60
CA ALA L 297 30.55 -25.48 -4.57
C ALA L 297 31.99 -25.83 -4.95
N ASP L 298 32.18 -26.92 -5.70
CA ASP L 298 33.52 -27.29 -6.15
C ASP L 298 34.06 -26.25 -7.14
N ARG L 299 33.20 -25.75 -8.02
CA ARG L 299 33.63 -24.72 -8.97
C ARG L 299 34.05 -23.46 -8.25
N ALA L 300 33.26 -23.03 -7.26
CA ALA L 300 33.55 -21.79 -6.55
C ALA L 300 34.88 -21.85 -5.82
N ASN L 301 35.28 -23.02 -5.36
CA ASN L 301 36.51 -23.18 -4.59
C ASN L 301 37.73 -23.45 -5.47
N GLY L 302 37.54 -23.59 -6.78
CA GLY L 302 38.65 -23.86 -7.67
C GLY L 302 38.98 -25.31 -7.89
N LEU L 303 38.21 -26.24 -7.29
CA LEU L 303 38.44 -27.65 -7.53
C LEU L 303 38.01 -28.05 -8.94
N LEU L 304 36.95 -27.44 -9.45
CA LEU L 304 36.51 -27.64 -10.82
C LEU L 304 36.62 -26.31 -11.57
N SER L 305 37.23 -26.35 -12.75
CA SER L 305 37.29 -25.15 -13.57
C SER L 305 35.88 -24.79 -14.04
N PRO L 306 35.62 -23.50 -14.30
CA PRO L 306 34.28 -23.10 -14.77
C PRO L 306 33.89 -23.71 -16.11
N ASN L 307 34.83 -24.30 -16.84
CA ASN L 307 34.58 -24.93 -18.12
C ASN L 307 34.61 -26.44 -18.05
N CYS L 308 34.80 -27.02 -16.86
CA CYS L 308 35.07 -28.45 -16.73
C CYS L 308 33.80 -29.27 -16.95
N ASP L 309 33.92 -30.32 -17.76
CA ASP L 309 32.86 -31.31 -17.89
C ASP L 309 32.91 -32.23 -16.68
N VAL L 310 31.77 -32.37 -16.00
CA VAL L 310 31.74 -33.09 -14.73
C VAL L 310 30.38 -33.78 -14.59
N VAL L 311 30.41 -34.99 -14.04
CA VAL L 311 29.20 -35.76 -13.72
C VAL L 311 29.39 -36.39 -12.36
N ARG L 312 28.33 -36.34 -11.54
CA ARG L 312 28.36 -36.92 -10.19
C ARG L 312 27.38 -38.09 -10.13
N VAL L 313 27.88 -39.25 -9.73
CA VAL L 313 27.05 -40.44 -9.53
C VAL L 313 26.96 -40.72 -8.03
N HIS L 314 25.74 -40.86 -7.53
CA HIS L 314 25.50 -41.13 -6.11
C HIS L 314 25.23 -42.62 -5.93
N GLY L 315 26.03 -43.26 -5.10
CA GLY L 315 25.86 -44.68 -4.82
C GLY L 315 27.19 -45.31 -4.46
N ASP L 316 27.12 -46.61 -4.17
CA ASP L 316 28.30 -47.38 -3.82
C ASP L 316 29.11 -47.69 -5.07
N ALA L 317 30.40 -47.33 -5.05
CA ALA L 317 31.25 -47.56 -6.21
C ALA L 317 31.42 -49.04 -6.53
N THR L 318 31.09 -49.93 -5.59
CA THR L 318 31.14 -51.36 -5.89
C THR L 318 30.15 -51.75 -6.98
N ILE L 319 29.07 -50.99 -7.11
CA ILE L 319 28.09 -51.22 -8.17
C ILE L 319 28.38 -50.35 -9.39
N ILE L 320 28.84 -49.12 -9.16
CA ILE L 320 29.00 -48.16 -10.25
C ILE L 320 30.27 -48.44 -11.05
N SER L 321 31.42 -48.50 -10.36
CA SER L 321 32.70 -48.60 -11.05
C SER L 321 32.79 -49.71 -12.08
N PRO L 322 32.33 -50.95 -11.81
CA PRO L 322 32.38 -51.96 -12.88
C PRO L 322 31.55 -51.61 -14.09
N LEU L 323 30.43 -50.89 -13.91
CA LEU L 323 29.62 -50.48 -15.04
C LEU L 323 30.28 -49.35 -15.82
N LEU L 324 31.07 -48.50 -15.14
CA LEU L 324 31.78 -47.43 -15.82
C LEU L 324 33.01 -47.95 -16.55
N LEU L 325 33.72 -48.90 -15.95
CA LEU L 325 34.95 -49.44 -16.51
C LEU L 325 34.73 -50.58 -17.50
N LEU L 326 33.49 -51.07 -17.60
CA LEU L 326 33.17 -52.16 -18.52
C LEU L 326 33.54 -51.78 -19.95
N ARG L 327 34.54 -52.45 -20.51
CA ARG L 327 34.99 -52.13 -21.86
C ARG L 327 33.94 -52.54 -22.88
N SER L 328 33.58 -51.61 -23.75
CA SER L 328 32.57 -51.86 -24.77
C SER L 328 33.20 -52.40 -26.06
NA NA M . -21.11 5.61 -46.89
PA NAD N . -30.70 1.60 -43.55
O1A NAD N . -30.12 2.98 -43.31
O2A NAD N . -31.95 1.72 -44.38
O5B NAD N . -31.11 0.86 -42.11
C5B NAD N . -31.47 -0.51 -42.25
C4B NAD N . -31.72 -1.09 -40.89
O4B NAD N . -30.98 -2.39 -40.81
C3B NAD N . -31.19 -0.20 -39.86
O3B NAD N . -32.23 0.63 -39.29
C2B NAD N . -30.60 -1.08 -38.84
O2B NAD N . -31.61 -1.39 -37.83
C1B NAD N . -30.16 -2.30 -39.55
N9A NAD N . -28.75 -2.22 -39.86
C8A NAD N . -28.26 -1.49 -40.77
N7A NAD N . -26.93 -1.68 -40.79
C5A NAD N . -26.63 -2.59 -39.80
C6A NAD N . -25.48 -3.18 -39.32
N6A NAD N . -24.21 -2.82 -39.93
N1A NAD N . -25.56 -4.04 -38.33
C2A NAD N . -26.74 -4.34 -37.79
N3A NAD N . -27.87 -3.80 -38.21
C4A NAD N . -27.87 -2.93 -39.20
O3 NAD N . -29.56 0.67 -44.35
PN NAD N . -29.17 0.88 -45.95
O1N NAD N . -29.93 -0.13 -46.77
O2N NAD N . -27.69 0.72 -46.19
O5D NAD N . -29.68 2.44 -46.38
C5D NAD N . -30.89 2.61 -47.15
C4D NAD N . -30.51 3.38 -48.37
O4D NAD N . -29.33 4.27 -48.01
C3D NAD N . -30.05 2.45 -49.42
O3D NAD N . -31.09 2.24 -50.42
C2D NAD N . -28.87 3.02 -50.04
O2D NAD N . -29.19 3.42 -51.40
C1D NAD N . -28.44 4.18 -49.22
N1N NAD N . -27.07 4.01 -48.85
C2N NAD N . -26.09 4.57 -49.61
C3N NAD N . -24.74 4.40 -49.25
C7N NAD N . -23.65 5.03 -50.13
O7N NAD N . -23.65 6.18 -50.37
N7N NAD N . -22.61 4.19 -50.71
C4N NAD N . -24.42 3.69 -48.14
C5N NAD N . -25.42 3.15 -47.38
C6N NAD N . -26.75 3.32 -47.74
PA NAD O . -36.67 0.86 -43.04
O1A NAD O . -37.94 0.24 -42.50
O2A NAD O . -35.60 -0.18 -43.13
O5B NAD O . -36.15 2.05 -41.98
C5B NAD O . -35.49 1.59 -40.79
C4B NAD O . -34.78 2.76 -40.17
O4B NAD O . -35.58 3.99 -40.48
C3B NAD O . -34.78 2.61 -38.70
O3B NAD O . -33.52 2.08 -38.19
C2B NAD O . -34.96 3.97 -38.18
O2B NAD O . -33.66 4.65 -38.10
C1B NAD O . -35.84 4.64 -39.15
N9A NAD O . -37.23 4.50 -38.78
C8A NAD O . -37.94 3.50 -39.08
N7A NAD O . -39.17 3.70 -38.60
C5A NAD O . -39.18 4.93 -37.99
C6A NAD O . -40.13 5.69 -37.32
N6A NAD O . -41.47 5.14 -37.18
N1A NAD O . -39.80 6.86 -36.84
C2A NAD O . -38.55 7.31 -36.98
N3A NAD O . -37.61 6.63 -37.61
C4A NAD O . -37.87 5.44 -38.12
O3 NAD O . -37.03 1.50 -44.55
PN NAD O . -38.58 1.69 -45.13
O1N NAD O . -38.64 2.86 -46.07
O2N NAD O . -39.50 1.96 -43.97
O5D NAD O . -39.07 0.28 -45.91
C5D NAD O . -38.09 -0.74 -46.22
C4D NAD O . -38.45 -1.34 -47.54
O4D NAD O . -39.79 -2.05 -47.40
C3D NAD O . -38.58 -0.28 -48.56
O3D NAD O . -37.64 -0.48 -49.66
C2D NAD O . -39.95 -0.33 -49.08
O2D NAD O . -39.91 -0.29 -50.52
C1D NAD O . -40.53 -1.62 -48.65
N1N NAD O . -41.92 -1.51 -48.37
C2N NAD O . -42.36 -1.34 -47.08
C3N NAD O . -43.75 -1.24 -46.83
C7N NAD O . -44.27 -1.04 -45.40
O7N NAD O . -45.42 -1.17 -45.16
N7N NAD O . -43.37 -0.69 -44.30
C4N NAD O . -44.62 -1.32 -47.86
C5N NAD O . -44.16 -1.50 -49.14
C6N NAD O . -42.79 -1.59 -49.39
PA NAD P . -29.28 3.73 -16.04
O1A NAD P . -28.64 5.07 -16.28
O2A NAD P . -28.22 2.68 -15.82
O5B NAD P . -30.30 3.32 -17.30
C5B NAD P . -31.65 3.08 -16.91
C4B NAD P . -32.49 2.64 -18.06
O4B NAD P . -33.68 3.53 -18.13
C3B NAD P . -31.75 2.77 -19.33
O3B NAD P . -31.51 1.46 -19.93
C2B NAD P . -32.58 3.55 -20.26
O2B NAD P . -33.13 2.64 -21.26
C1B NAD P . -33.66 4.16 -19.48
N9A NAD P . -33.41 5.57 -19.37
C8A NAD P . -32.52 6.06 -18.62
N7A NAD P . -32.57 7.40 -18.75
C5A NAD P . -33.56 7.69 -19.67
C6A NAD P . -34.10 8.85 -20.23
N6A NAD P . -33.58 10.16 -19.86
N1A NAD P . -35.08 8.74 -21.10
C2A NAD P . -35.55 7.54 -21.44
N3A NAD P . -35.08 6.41 -20.93
C4A NAD P . -34.10 6.45 -20.06
O3 NAD P . -30.22 3.80 -14.64
PN NAD P . -29.93 4.92 -13.47
O1N NAD P . -30.53 4.50 -12.15
O2N NAD P . -30.51 6.24 -13.91
O5D NAD P . -28.26 5.08 -13.34
C5D NAD P . -27.48 3.93 -12.94
C4D NAD P . -26.65 4.40 -11.78
O4D NAD P . -25.80 5.56 -12.27
C3D NAD P . -27.53 4.95 -10.74
O3D NAD P . -27.96 3.91 -9.81
C2D NAD P . -26.71 5.94 -10.05
O2D NAD P . -26.06 5.32 -8.91
C1D NAD P . -25.72 6.43 -11.03
N1N NAD P . -25.96 7.80 -11.34
C2N NAD P . -25.34 8.75 -10.59
C3N NAD P . -25.56 10.11 -10.86
C7N NAD P . -24.86 11.16 -10.00
O7N NAD P . -23.90 10.87 -9.38
N7N NAD P . -25.39 12.52 -9.90
C4N NAD P . -26.39 10.47 -11.88
C5N NAD P . -26.99 9.50 -12.63
C6N NAD P . -26.77 8.15 -12.35
PA NAD Q . -30.72 -3.23 -15.53
O1A NAD Q . -31.88 -4.19 -15.66
O2A NAD Q . -31.19 -1.99 -14.82
O5B NAD Q . -30.15 -2.77 -17.05
C5B NAD Q . -30.07 -1.37 -17.30
C4B NAD Q . -28.93 -1.13 -18.23
O4B NAD Q . -27.91 -2.21 -18.08
C3B NAD Q . -29.39 -1.17 -19.63
O3B NAD Q . -29.71 0.16 -20.10
C2B NAD Q . -28.25 -1.68 -20.40
O2B NAD Q . -27.42 -0.54 -20.83
C1B NAD Q . -27.50 -2.55 -19.48
N9A NAD Q . -27.84 -3.93 -19.78
C8A NAD Q . -28.83 -4.51 -19.27
N7A NAD Q . -28.87 -5.77 -19.73
C5A NAD Q . -27.80 -5.92 -20.58
C6A NAD Q . -27.27 -6.95 -21.36
N6A NAD Q . -27.94 -8.25 -21.37
N1A NAD Q . -26.19 -6.72 -22.07
C2A NAD Q . -25.60 -5.53 -22.06
N3A NAD Q . -26.05 -4.53 -21.33
C4A NAD Q . -27.13 -4.67 -20.59
O3 NAD Q . -29.50 -3.93 -14.63
PN NAD Q . -29.56 -3.97 -12.97
O1N NAD Q . -29.06 -2.66 -12.42
O2N NAD Q . -28.71 -5.10 -12.42
O5D NAD Q . -31.16 -4.22 -12.53
C5D NAD Q . -31.91 -3.14 -11.90
C4D NAD Q . -32.47 -3.68 -10.62
O4D NAD Q . -33.33 -4.89 -10.91
C3D NAD Q . -31.36 -4.09 -9.75
O3D NAD Q . -31.28 -3.27 -8.55
C2D NAD Q . -31.58 -5.50 -9.38
O2D NAD Q . -31.43 -5.63 -7.93
C1D NAD Q . -32.95 -5.83 -9.79
N1N NAD Q . -33.01 -7.18 -10.24
C2N NAD Q . -33.13 -7.46 -11.58
C3N NAD Q . -33.20 -8.79 -12.02
C7N NAD Q . -33.33 -9.12 -13.51
O7N NAD Q . -32.41 -9.52 -14.12
N7N NAD Q . -34.61 -8.91 -14.20
C4N NAD Q . -33.15 -9.80 -11.11
C5N NAD Q . -33.04 -9.51 -9.78
C6N NAD Q . -32.97 -8.18 -9.35
PA NAD R . 16.34 29.26 22.53
O1A NAD R . 17.31 30.01 21.64
O2A NAD R . 15.37 28.51 21.65
O5B NAD R . 15.50 30.34 23.50
C5B NAD R . 14.25 29.93 24.03
C4B NAD R . 13.96 30.76 25.24
O4B NAD R . 15.05 30.56 26.23
C3B NAD R . 13.95 32.18 24.85
O3B NAD R . 12.59 32.68 24.81
C2B NAD R . 14.71 32.91 25.88
O2B NAD R . 13.78 33.65 26.73
C1B NAD R . 15.45 31.93 26.67
N9A NAD R . 16.86 32.15 26.47
C8A NAD R . 17.51 31.66 25.50
N7A NAD R . 18.79 32.07 25.62
C5A NAD R . 18.87 32.85 26.74
C6A NAD R . 19.87 33.57 27.42
N6A NAD R . 21.24 33.57 26.90
N1A NAD R . 19.56 34.23 28.51
C2A NAD R . 18.33 34.24 28.98
N3A NAD R . 17.34 33.59 28.38
C4A NAD R . 17.57 32.89 27.29
O3 NAD R . 17.19 28.16 23.48
PN NAD R . 17.88 26.78 22.86
O1N NAD R . 16.79 25.80 22.51
O2N NAD R . 18.81 26.16 23.87
O5D NAD R . 18.74 27.15 21.44
C5D NAD R . 18.03 27.34 20.19
C4D NAD R . 18.10 26.11 19.32
O4D NAD R . 18.97 26.39 18.11
C3D NAD R . 18.67 24.98 20.06
O3D NAD R . 17.68 23.93 20.25
C2D NAD R . 19.82 24.46 19.31
O2D NAD R . 19.47 23.19 18.73
C1D NAD R . 20.12 25.43 18.23
N1N NAD R . 21.33 26.14 18.49
C2N NAD R . 22.34 26.11 17.57
C3N NAD R . 23.53 26.83 17.81
C7N NAD R . 24.67 26.80 16.79
O7N NAD R . 25.19 27.80 16.46
N7N NAD R . 25.10 25.52 16.22
C4N NAD R . 23.68 27.55 18.96
C5N NAD R . 22.67 27.58 19.87
C6N NAD R . 21.49 26.87 19.62
PA NAD S . 9.94 26.24 23.15
O1A NAD S . 9.28 26.37 24.50
O2A NAD S . 11.36 25.77 23.34
O5B NAD S . 9.95 27.72 22.36
C5B NAD S . 10.27 28.90 23.08
C4B NAD S . 10.53 29.98 22.08
O4B NAD S . 9.77 29.66 20.83
C3B NAD S . 10.05 31.26 22.58
O3B NAD S . 11.17 32.08 23.02
C2B NAD S . 9.38 31.94 21.47
O2B NAD S . 10.30 32.91 20.87
C1B NAD S . 9.04 30.92 20.48
N9A NAD S . 7.62 30.67 20.55
C8A NAD S . 7.13 29.73 21.24
N7A NAD S . 5.80 29.76 21.09
C5A NAD S . 5.50 30.81 20.24
C6A NAD S . 4.34 31.36 19.70
N6A NAD S . 3.03 30.80 20.02
N1A NAD S . 4.45 32.40 18.91
C2A NAD S . 5.63 32.92 18.61
N3A NAD S . 6.75 32.43 19.09
C4A NAD S . 6.74 31.40 19.90
O3 NAD S . 9.12 25.12 22.20
PN NAD S . 9.62 23.54 22.03
O1N NAD S . 11.03 23.52 21.51
O2N NAD S . 8.73 22.80 21.07
O5D NAD S . 9.58 22.80 23.55
C5D NAD S . 10.83 22.50 24.22
C4D NAD S . 10.85 21.04 24.59
O4D NAD S . 9.65 20.74 25.48
C3D NAD S . 10.72 20.24 23.37
O3D NAD S . 11.81 19.27 23.30
C2D NAD S . 9.44 19.52 23.44
O2D NAD S . 9.61 18.17 22.93
C1D NAD S . 9.07 19.49 24.86
N1N NAD S . 7.66 19.49 25.01
C2N NAD S . 6.95 20.67 25.02
C3N NAD S . 5.54 20.63 25.17
C7N NAD S . 4.74 21.94 25.17
O7N NAD S . 3.57 21.90 25.00
N7N NAD S . 5.40 23.21 25.40
C4N NAD S . 4.91 19.44 25.33
C5N NAD S . 5.63 18.28 25.32
C6N NAD S . 7.01 18.32 25.17
PA NAD T . 5.74 54.45 25.83
O1A NAD T . 7.08 54.35 25.13
O2A NAD T . 5.90 55.16 27.15
O5B NAD T . 5.13 52.91 26.13
C5B NAD T . 5.98 51.93 26.68
C4B NAD T . 5.14 50.73 26.99
O4B NAD T . 3.88 50.84 26.19
C3B NAD T . 5.88 49.54 26.55
O3B NAD T . 6.13 48.68 27.70
C2B NAD T . 5.07 48.84 25.52
O2B NAD T . 4.71 47.51 25.99
C1B NAD T . 3.85 49.62 25.31
N9A NAD T . 3.77 50.01 23.92
C8A NAD T . 4.19 51.11 23.48
N7A NAD T . 3.98 51.13 22.15
C5A NAD T . 3.39 49.93 21.80
C6A NAD T . 2.93 49.33 20.63
N6A NAD T . 3.03 50.05 19.36
N1A NAD T . 2.40 48.13 20.69
C2A NAD T . 2.32 47.47 21.84
N3A NAD T . 2.73 48.00 22.98
C4A NAD T . 3.27 49.20 23.01
O3 NAD T . 4.64 55.26 24.86
PN NAD T . 4.36 56.90 24.99
O1N NAD T . 3.77 57.20 26.34
O2N NAD T . 3.38 57.35 23.91
O5D NAD T . 5.82 57.72 24.82
C5D NAD T . 6.69 57.92 25.96
C4D NAD T . 6.94 59.40 26.15
O4D NAD T . 7.96 59.89 25.13
C3D NAD T . 5.68 60.10 25.91
O3D NAD T . 5.11 60.56 27.17
C2D NAD T . 5.94 61.22 25.01
O2D NAD T . 5.98 62.44 25.80
C1D NAD T . 7.26 60.99 24.37
N1N NAD T . 7.11 60.63 22.99
C2N NAD T . 7.26 61.57 22.02
C3N NAD T . 7.12 61.18 20.66
C7N NAD T . 7.27 62.21 19.54
O7N NAD T . 6.94 63.33 19.72
N7N NAD T . 7.83 61.79 18.26
C4N NAD T . 6.85 59.90 20.33
C5N NAD T . 6.71 58.97 21.32
C6N NAD T . 6.85 59.36 22.65
PA NAD U . 6.08 52.86 32.93
O1A NAD U . 5.32 52.23 34.08
O2A NAD U . 5.12 53.26 31.85
O5B NAD U . 7.16 51.75 32.27
C5B NAD U . 7.10 51.59 30.86
C4B NAD U . 8.47 51.24 30.36
O4B NAD U . 9.50 51.64 31.37
C3B NAD U . 8.57 49.79 30.21
O3B NAD U . 8.21 49.40 28.85
C2B NAD U . 9.97 49.46 30.51
O2B NAD U . 10.76 49.52 29.27
C1B NAD U . 10.45 50.48 31.45
N9A NAD U . 10.50 49.94 32.77
C8A NAD U . 9.49 49.88 33.53
N7A NAD U . 9.87 49.33 34.70
C5A NAD U . 11.22 49.05 34.59
C6A NAD U . 12.20 48.48 35.42
N6A NAD U . 11.86 48.03 36.76
N1A NAD U . 13.43 48.37 34.96
C2A NAD U . 13.74 48.76 33.74
N3A NAD U . 12.85 49.31 32.92
C4A NAD U . 11.60 49.46 33.29
O3 NAD U . 6.92 54.21 33.49
PN NAD U . 6.13 55.53 34.12
O1N NAD U . 6.03 56.60 33.07
O2N NAD U . 6.89 56.07 35.32
O5D NAD U . 4.57 55.07 34.58
C5D NAD U . 3.48 55.23 33.63
C4D NAD U . 2.54 56.28 34.14
O4D NAD U . 1.85 55.79 35.40
C3D NAD U . 3.31 57.50 34.48
O3D NAD U . 2.99 58.57 33.55
C2D NAD U . 2.95 57.89 35.85
O2D NAD U . 2.50 59.28 35.82
C1D NAD U . 1.85 57.01 36.27
N1N NAD U . 1.99 56.64 37.64
C2N NAD U . 2.38 55.37 37.99
C3N NAD U . 2.50 55.03 39.34
C7N NAD U . 2.93 53.62 39.75
O7N NAD U . 3.52 53.45 40.76
N7N NAD U . 2.59 52.47 38.91
C4N NAD U . 2.23 55.96 40.30
C5N NAD U . 1.85 57.22 39.94
C6N NAD U . 1.73 57.55 38.60
PA NAD V . 8.88 -41.33 0.11
O1A NAD V . 8.82 -39.97 -0.56
O2A NAD V . 8.73 -41.16 1.59
O5B NAD V . 10.34 -42.06 -0.25
C5B NAD V . 11.44 -41.63 0.55
C4B NAD V . 12.13 -42.83 1.12
O4B NAD V . 12.07 -43.96 0.15
C3B NAD V . 13.53 -42.43 1.30
O3B NAD V . 13.94 -42.74 2.66
C2B NAD V . 14.33 -43.13 0.27
O2B NAD V . 15.43 -43.87 0.89
C1B NAD V . 13.45 -44.08 -0.43
N9A NAD V . 13.42 -43.76 -1.85
C8A NAD V . 12.54 -43.01 -2.36
N7A NAD V . 12.79 -42.93 -3.67
C5A NAD V . 13.90 -43.70 -3.94
C6A NAD V . 14.66 -44.02 -5.07
N6A NAD V . 14.27 -43.47 -6.36
N1A NAD V . 15.70 -44.80 -4.95
C2A NAD V . 16.04 -45.29 -3.76
N3A NAD V . 15.36 -45.02 -2.65
C4A NAD V . 14.30 -44.24 -2.69
O3 NAD V . 7.63 -42.28 -0.50
PN NAD V . 6.41 -41.59 -1.40
O1N NAD V . 5.15 -42.41 -1.31
O2N NAD V . 6.85 -41.49 -2.85
O5D NAD V . 6.16 -40.03 -0.80
C5D NAD V . 5.18 -39.85 0.26
C4D NAD V . 3.97 -39.20 -0.36
O4D NAD V . 4.42 -38.26 -1.46
C3D NAD V . 3.13 -40.25 -0.95
O3D NAD V . 1.85 -40.32 -0.27
C2D NAD V . 2.92 -39.92 -2.37
O2D NAD V . 1.52 -40.02 -2.69
C1D NAD V . 3.38 -38.52 -2.53
N1N NAD V . 3.89 -38.31 -3.84
C2N NAD V . 3.14 -37.58 -4.72
C3N NAD V . 3.63 -37.36 -6.02
C7N NAD V . 2.79 -36.54 -7.01
O7N NAD V . 3.28 -36.06 -7.97
N7N NAD V . 1.36 -36.36 -6.76
C4N NAD V . 4.83 -37.87 -6.39
C5N NAD V . 5.57 -38.59 -5.49
C6N NAD V . 5.08 -38.81 -4.21
PA NAD W . 8.36 -43.29 6.64
O1A NAD W . 8.47 -44.52 7.51
O2A NAD W . 7.93 -43.70 5.25
O5B NAD W . 9.85 -42.52 6.54
C5B NAD W . 10.30 -42.14 5.25
C4B NAD W . 10.85 -40.76 5.30
O4B NAD W . 10.36 -40.05 6.52
C3B NAD W . 12.32 -40.82 5.43
O3B NAD W . 12.94 -40.89 4.12
C2B NAD W . 12.68 -39.58 6.15
O2B NAD W . 12.94 -38.51 5.19
C1B NAD W . 11.53 -39.23 6.99
N9A NAD W . 11.81 -39.50 8.37
C8A NAD W . 11.57 -40.60 8.92
N7A NAD W . 11.94 -40.52 10.21
C5A NAD W . 12.43 -39.24 10.43
C6A NAD W . 12.95 -38.53 11.51
N6A NAD W . 13.08 -39.17 12.81
N1A NAD W . 13.33 -37.29 11.33
C2A NAD W . 13.23 -36.71 10.15
N3A NAD W . 12.73 -37.34 9.09
C4A NAD W . 12.33 -38.58 9.17
O3 NAD W . 7.20 -42.25 7.28
PN NAD W . 5.62 -42.74 7.55
O1N NAD W . 4.81 -42.45 6.32
O2N NAD W . 5.03 -41.99 8.73
O5D NAD W . 5.60 -44.41 7.85
C5D NAD W . 5.55 -45.33 6.73
C4D NAD W . 4.29 -46.14 6.81
O4D NAD W . 4.42 -47.18 7.92
C3D NAD W . 3.17 -45.25 7.13
O3D NAD W . 2.15 -45.33 6.10
C2D NAD W . 2.62 -45.67 8.43
O2D NAD W . 1.18 -45.65 8.35
C1D NAD W . 3.11 -47.05 8.64
N1N NAD W . 3.26 -47.33 10.02
C2N NAD W . 4.46 -47.08 10.66
C3N NAD W . 4.60 -47.40 12.03
C7N NAD W . 5.91 -47.12 12.75
O7N NAD W . 6.80 -46.60 12.18
N7N NAD W . 6.06 -47.50 14.16
C4N NAD W . 3.55 -47.95 12.71
C5N NAD W . 2.38 -48.20 12.06
C6N NAD W . 2.25 -47.88 10.71
PA NAD X . 35.36 -35.94 4.79
O1A NAD X . 35.08 -34.76 3.88
O2A NAD X . 35.84 -37.12 3.97
O5B NAD X . 33.98 -36.39 5.62
C5B NAD X . 34.12 -37.26 6.73
C4B NAD X . 32.90 -38.13 6.86
O4B NAD X . 32.09 -37.67 8.02
C3B NAD X . 32.09 -37.99 5.64
O3B NAD X . 31.68 -39.30 5.16
C2B NAD X . 30.91 -37.17 5.97
O2B NAD X . 29.70 -37.91 5.58
C1B NAD X . 30.90 -36.96 7.42
N9A NAD X . 30.99 -35.55 7.71
C8A NAD X . 31.79 -34.77 7.12
N7A NAD X . 31.61 -33.54 7.63
C5A NAD X . 30.62 -33.62 8.59
C6A NAD X . 29.99 -32.74 9.46
N6A NAD X . 30.36 -31.31 9.47
N1A NAD X . 29.07 -33.19 10.27
C2A NAD X . 28.72 -34.46 10.27
N3A NAD X . 29.29 -35.35 9.47
C4A NAD X . 30.23 -34.98 8.62
O3 NAD X . 36.56 -35.50 5.90
PN NAD X . 37.58 -34.22 5.61
O1N NAD X . 38.86 -34.39 6.38
O2N NAD X . 36.91 -32.94 6.04
O5D NAD X . 37.92 -34.19 3.95
C5D NAD X . 38.85 -35.16 3.42
C4D NAD X . 40.02 -34.39 2.84
O4D NAD X . 39.49 -33.11 2.20
C3D NAD X . 40.93 -34.00 3.92
O3D NAD X . 42.10 -34.88 3.93
C2D NAD X . 41.35 -32.62 3.69
O2D NAD X . 42.75 -32.59 3.36
C1D NAD X . 40.55 -32.10 2.56
N1N NAD X . 39.96 -30.85 2.93
C2N NAD X . 40.65 -29.70 2.71
C3N NAD X . 40.07 -28.46 3.07
C7N NAD X . 40.86 -27.16 2.83
O7N NAD X . 41.58 -27.07 1.90
N7N NAD X . 40.72 -26.04 3.76
C4N NAD X . 38.83 -28.43 3.64
C5N NAD X . 38.15 -29.59 3.85
C6N NAD X . 38.73 -30.81 3.48
PA NAD Y . 36.57 -42.05 4.31
O1A NAD Y . 36.59 -42.52 5.76
O2A NAD Y . 37.11 -40.64 4.26
O5B NAD Y . 35.00 -42.08 3.71
C5B NAD Y . 34.22 -40.91 3.82
C4B NAD Y . 33.70 -40.53 2.46
O4B NAD Y . 34.40 -41.32 1.40
C3B NAD Y . 32.28 -40.87 2.38
O3B NAD Y . 31.47 -39.73 2.78
C2B NAD Y . 32.03 -41.22 0.97
O2B NAD Y . 31.60 -40.02 0.24
C1B NAD Y . 33.32 -41.68 0.42
N9A NAD Y . 33.28 -43.12 0.25
C8A NAD Y . 33.94 -43.90 0.99
N7A NAD Y . 33.71 -45.15 0.57
C5A NAD Y . 32.84 -45.09 -0.49
C6A NAD Y . 32.22 -46.00 -1.35
N6A NAD Y . 32.45 -47.44 -1.19
N1A NAD Y . 31.41 -45.55 -2.29
C2A NAD Y . 31.20 -44.25 -2.44
N3A NAD Y . 31.76 -43.34 -1.66
C4A NAD Y . 32.57 -43.70 -0.68
O3 NAD Y . 37.54 -43.07 3.38
PN NAD Y . 39.18 -43.17 3.60
O1N NAD Y . 39.78 -41.79 3.49
O2N NAD Y . 39.79 -44.05 2.53
O5D NAD Y . 39.51 -43.79 5.13
C5D NAD Y . 39.93 -42.89 6.18
C4D NAD Y . 41.34 -43.22 6.59
O4D NAD Y . 41.39 -44.64 7.16
C3D NAD Y . 42.22 -43.18 5.42
O3D NAD Y . 43.08 -42.01 5.49
C2D NAD Y . 43.05 -44.40 5.41
O2D NAD Y . 44.45 -44.03 5.41
C1D NAD Y . 42.72 -45.14 6.66
N1N NAD Y . 42.65 -46.54 6.39
C2N NAD Y . 41.45 -47.10 6.07
C3N NAD Y . 41.37 -48.49 5.81
C7N NAD Y . 40.03 -49.14 5.44
O7N NAD Y . 39.97 -50.30 5.24
N7N NAD Y . 38.82 -48.31 5.33
C4N NAD Y . 42.50 -49.25 5.88
C5N NAD Y . 43.69 -48.68 6.21
C6N NAD Y . 43.74 -47.31 6.47
#